data_3STJ
#
_entry.id   3STJ
#
_cell.length_a   115.316
_cell.length_b   115.316
_cell.length_c   287.419
_cell.angle_alpha   90.00
_cell.angle_beta   90.00
_cell.angle_gamma   120.00
#
_symmetry.space_group_name_H-M   'P 31'
#
loop_
_entity.id
_entity.type
_entity.pdbx_description
1 polymer 'Protease degQ'
2 polymer 'peptide (UNK)'
#
loop_
_entity_poly.entity_id
_entity_poly.type
_entity_poly.pdbx_seq_one_letter_code
_entity_poly.pdbx_strand_id
1 'polypeptide(L)'
;SIPGQVADQAPLPSLAPMLEKVLPAVVSVRVEGTASQGQKIPEEFKKFFGDDLPDQPAQPFEGLGSGVIINASKGYVLTN
NHVINQAQKISIQLNDGREFDAKLIGSDDQSDIALLQIQNPSKLTQIAIADSDKLRVGDFAVAVGNPFGLGQTATSGIVS
ALGRSGLNLEGLENFIQTDASINRGNSGGALLNLNGELIGINTAILAPGGGSVGIGFAIPSNMARTLAQQLIDFGEIKRG
LLGIKGTEMSADIAKAFNLDVQRGAFVSEVLPGSGSAKAGVKAGDIITSLNGKPLNSFAELRSRIATTEPGTKVKLGLLR
NGKPLEVEVTLDTSTSSLEHHHHHH
;
A,B,C,D,E,F,G,H,I,J,K,L
2 'polypeptide(L)' (UNK)(UNK)(UNK)(UNK)(UNK)(UNK)(UNK) M,N,O,P,Q,R,S,T,U,V,W,X,Z
#
# COMPACT_ATOMS: atom_id res chain seq x y z
N PRO A 11 -1.47 -14.81 -9.23
CA PRO A 11 -1.95 -14.02 -8.07
C PRO A 11 -2.47 -14.90 -6.93
N LEU A 12 -3.03 -16.11 -7.26
CA LEU A 12 -3.54 -17.02 -6.24
C LEU A 12 -2.41 -17.72 -5.51
N PRO A 13 -2.47 -17.82 -4.16
CA PRO A 13 -1.41 -18.56 -3.42
C PRO A 13 -1.36 -20.02 -3.87
N SER A 14 -0.14 -20.58 -3.94
CA SER A 14 0.12 -21.93 -4.42
C SER A 14 1.49 -22.42 -3.99
N LEU A 15 1.65 -23.77 -3.88
CA LEU A 15 2.93 -24.41 -3.55
C LEU A 15 3.66 -24.81 -4.84
N ALA A 16 2.96 -24.67 -5.98
CA ALA A 16 3.43 -25.03 -7.32
C ALA A 16 4.73 -24.30 -7.70
N PRO A 17 4.90 -22.95 -7.50
CA PRO A 17 6.19 -22.33 -7.90
C PRO A 17 7.41 -22.99 -7.21
N MET A 18 7.31 -23.34 -5.91
CA MET A 18 8.45 -23.99 -5.26
C MET A 18 8.53 -25.49 -5.62
N LEU A 19 7.40 -26.17 -5.78
CA LEU A 19 7.44 -27.60 -6.10
C LEU A 19 8.00 -27.89 -7.50
N GLU A 20 7.75 -26.97 -8.47
CA GLU A 20 8.22 -27.02 -9.86
C GLU A 20 9.74 -27.23 -9.91
N LYS A 21 10.48 -26.51 -9.05
CA LYS A 21 11.95 -26.50 -8.98
C LYS A 21 12.54 -27.72 -8.29
N VAL A 22 11.93 -28.11 -7.20
CA VAL A 22 12.37 -29.10 -6.23
C VAL A 22 11.85 -30.56 -6.46
N LEU A 23 10.66 -30.77 -7.10
CA LEU A 23 10.12 -32.13 -7.33
C LEU A 23 11.11 -33.08 -8.10
N PRO A 24 11.90 -32.62 -9.12
CA PRO A 24 12.82 -33.56 -9.82
C PRO A 24 13.83 -34.31 -8.94
N ALA A 25 14.15 -33.76 -7.75
CA ALA A 25 15.14 -34.27 -6.77
C ALA A 25 14.61 -35.46 -5.97
N VAL A 26 13.29 -35.57 -5.88
CA VAL A 26 12.64 -36.65 -5.13
C VAL A 26 12.38 -37.75 -6.15
N VAL A 27 12.86 -38.95 -5.81
CA VAL A 27 12.77 -40.11 -6.72
C VAL A 27 11.97 -41.28 -6.13
N SER A 28 11.60 -42.20 -6.99
CA SER A 28 10.92 -43.45 -6.70
C SER A 28 12.00 -44.54 -6.64
N VAL A 29 11.98 -45.38 -5.59
CA VAL A 29 12.99 -46.42 -5.41
C VAL A 29 12.30 -47.78 -5.58
N ARG A 30 12.65 -48.51 -6.63
CA ARG A 30 12.09 -49.84 -6.96
C ARG A 30 13.13 -50.88 -6.57
N VAL A 31 12.70 -51.88 -5.82
CA VAL A 31 13.58 -52.91 -5.30
C VAL A 31 13.07 -54.33 -5.67
N GLU A 32 14.03 -55.24 -5.99
CA GLU A 32 13.83 -56.67 -6.29
C GLU A 32 14.82 -57.48 -5.46
N GLY A 33 14.35 -58.55 -4.84
CA GLY A 33 15.24 -59.40 -4.04
C GLY A 33 14.73 -60.80 -3.81
N THR A 34 14.93 -61.32 -2.56
CA THR A 34 14.51 -62.66 -2.14
C THR A 34 13.67 -62.66 -0.84
N GLN A 59 12.16 -66.90 -2.21
CA GLN A 59 11.17 -66.47 -3.19
C GLN A 59 11.33 -64.97 -3.55
N PRO A 60 11.31 -64.61 -4.87
CA PRO A 60 11.48 -63.19 -5.24
C PRO A 60 10.32 -62.27 -4.81
N PHE A 61 10.68 -60.99 -4.51
CA PHE A 61 9.75 -59.91 -4.11
C PHE A 61 10.05 -58.59 -4.87
N GLU A 62 9.03 -57.73 -5.00
CA GLU A 62 9.13 -56.40 -5.62
C GLU A 62 8.60 -55.35 -4.62
N GLY A 63 9.51 -54.50 -4.14
CA GLY A 63 9.21 -53.43 -3.19
C GLY A 63 9.27 -52.05 -3.82
N LEU A 64 8.52 -51.09 -3.23
CA LEU A 64 8.50 -49.72 -3.74
C LEU A 64 8.49 -48.68 -2.61
N GLY A 65 9.36 -47.70 -2.76
CA GLY A 65 9.53 -46.60 -1.82
C GLY A 65 9.96 -45.34 -2.53
N SER A 66 10.63 -44.49 -1.81
CA SER A 66 11.09 -43.22 -2.35
C SER A 66 12.49 -42.94 -1.92
N GLY A 67 13.03 -41.87 -2.47
CA GLY A 67 14.36 -41.38 -2.18
C GLY A 67 14.52 -39.92 -2.53
N VAL A 68 15.61 -39.33 -2.10
CA VAL A 68 15.96 -37.92 -2.36
C VAL A 68 17.40 -37.80 -2.84
N ILE A 69 17.58 -37.11 -3.98
CA ILE A 69 18.88 -36.83 -4.53
C ILE A 69 19.52 -35.74 -3.67
N ILE A 70 20.55 -36.16 -2.95
CA ILE A 70 21.30 -35.36 -2.02
C ILE A 70 22.59 -34.77 -2.70
N ASN A 71 23.11 -35.47 -3.76
CA ASN A 71 24.26 -35.06 -4.58
C ASN A 71 24.02 -35.44 -6.02
N ALA A 72 23.68 -34.43 -6.86
CA ALA A 72 23.38 -34.59 -8.29
C ALA A 72 24.59 -35.12 -9.11
N SER A 73 25.83 -34.62 -8.81
CA SER A 73 27.07 -35.00 -9.53
C SER A 73 27.43 -36.49 -9.31
N LYS A 74 27.41 -36.94 -8.05
CA LYS A 74 27.75 -38.31 -7.70
C LYS A 74 26.54 -39.28 -7.78
N GLY A 75 25.33 -38.73 -7.85
CA GLY A 75 24.10 -39.51 -7.91
C GLY A 75 23.77 -40.15 -6.57
N TYR A 76 24.04 -39.41 -5.46
CA TYR A 76 23.79 -39.91 -4.10
C TYR A 76 22.30 -39.71 -3.70
N VAL A 77 21.61 -40.83 -3.40
CA VAL A 77 20.19 -40.89 -3.05
C VAL A 77 20.04 -41.39 -1.64
N LEU A 78 19.41 -40.54 -0.79
CA LEU A 78 19.04 -40.88 0.59
C LEU A 78 17.73 -41.66 0.56
N THR A 79 17.60 -42.70 1.39
CA THR A 79 16.36 -43.49 1.49
C THR A 79 16.28 -44.10 2.88
N ASN A 80 15.31 -44.97 3.12
CA ASN A 80 15.23 -45.70 4.38
C ASN A 80 15.87 -47.04 4.19
N ASN A 81 16.50 -47.54 5.27
CA ASN A 81 17.12 -48.86 5.26
C ASN A 81 16.05 -49.93 4.98
N HIS A 82 14.85 -49.82 5.60
CA HIS A 82 13.77 -50.82 5.42
C HIS A 82 13.24 -50.88 3.95
N VAL A 83 13.51 -49.85 3.14
CA VAL A 83 13.12 -49.82 1.73
C VAL A 83 14.06 -50.75 0.94
N ILE A 84 15.32 -50.77 1.34
CA ILE A 84 16.44 -51.41 0.68
C ILE A 84 16.91 -52.73 1.31
N ASN A 85 16.46 -53.03 2.53
CA ASN A 85 16.83 -54.14 3.39
C ASN A 85 17.22 -55.46 2.69
N GLN A 86 16.35 -56.04 1.86
CA GLN A 86 16.65 -57.35 1.26
C GLN A 86 16.91 -57.26 -0.26
N ALA A 87 17.20 -56.06 -0.77
CA ALA A 87 17.36 -55.78 -2.19
C ALA A 87 18.57 -56.45 -2.82
N GLN A 88 18.36 -57.00 -4.02
CA GLN A 88 19.36 -57.61 -4.89
C GLN A 88 19.55 -56.71 -6.09
N LYS A 89 18.44 -56.05 -6.51
CA LYS A 89 18.41 -55.08 -7.60
C LYS A 89 17.66 -53.83 -7.11
N ILE A 90 18.26 -52.65 -7.31
CA ILE A 90 17.69 -51.36 -6.94
C ILE A 90 17.66 -50.48 -8.18
N SER A 91 16.48 -49.95 -8.52
CA SER A 91 16.30 -49.00 -9.61
C SER A 91 15.65 -47.71 -9.08
N ILE A 92 16.04 -46.56 -9.67
CA ILE A 92 15.53 -45.25 -9.33
C ILE A 92 14.76 -44.71 -10.53
N GLN A 93 13.60 -44.08 -10.29
CA GLN A 93 12.84 -43.46 -11.37
C GLN A 93 12.63 -42.00 -11.05
N LEU A 94 12.97 -41.13 -12.01
CA LEU A 94 12.80 -39.69 -11.87
C LEU A 94 11.37 -39.31 -12.28
N ASN A 95 10.91 -38.12 -11.88
CA ASN A 95 9.54 -37.67 -12.22
C ASN A 95 9.38 -37.36 -13.74
N ASP A 96 10.47 -37.36 -14.52
CA ASP A 96 10.43 -37.15 -15.98
C ASP A 96 10.31 -38.49 -16.73
N GLY A 97 10.43 -39.59 -15.99
CA GLY A 97 10.33 -40.94 -16.51
C GLY A 97 11.64 -41.68 -16.67
N ARG A 98 12.78 -40.99 -16.50
CA ARG A 98 14.10 -41.63 -16.62
C ARG A 98 14.35 -42.61 -15.50
N GLU A 99 14.86 -43.78 -15.87
CA GLU A 99 15.18 -44.89 -14.98
C GLU A 99 16.70 -45.10 -14.93
N PHE A 100 17.20 -45.41 -13.74
CA PHE A 100 18.61 -45.63 -13.46
C PHE A 100 18.81 -46.81 -12.55
N ASP A 101 19.96 -47.46 -12.64
CA ASP A 101 20.30 -48.50 -11.69
C ASP A 101 20.97 -47.85 -10.50
N ALA A 102 20.91 -48.52 -9.34
CA ALA A 102 21.51 -47.96 -8.14
C ALA A 102 22.18 -49.05 -7.32
N LYS A 103 23.26 -48.67 -6.63
CA LYS A 103 24.00 -49.57 -5.76
C LYS A 103 23.97 -49.03 -4.34
N LEU A 104 23.90 -49.93 -3.36
CA LEU A 104 23.91 -49.55 -1.96
C LEU A 104 25.32 -49.14 -1.55
N ILE A 105 25.49 -47.88 -1.10
CA ILE A 105 26.77 -47.37 -0.62
C ILE A 105 26.96 -47.81 0.85
N GLY A 106 25.92 -47.66 1.63
CA GLY A 106 25.92 -48.02 3.04
C GLY A 106 24.57 -47.79 3.65
N SER A 107 24.38 -48.32 4.87
CA SER A 107 23.12 -48.19 5.61
C SER A 107 23.35 -48.24 7.12
N ASP A 108 22.37 -47.76 7.88
CA ASP A 108 22.32 -47.80 9.34
C ASP A 108 20.98 -48.37 9.76
N ASP A 109 20.99 -49.59 10.32
CA ASP A 109 19.83 -50.33 10.82
C ASP A 109 19.15 -49.59 11.97
N GLN A 110 19.94 -49.03 12.90
CA GLN A 110 19.47 -48.36 14.12
C GLN A 110 18.68 -47.07 13.85
N SER A 111 19.14 -46.23 12.91
CA SER A 111 18.45 -44.98 12.61
C SER A 111 17.50 -45.11 11.38
N ASP A 112 17.64 -46.19 10.57
CA ASP A 112 16.86 -46.52 9.36
C ASP A 112 17.22 -45.58 8.17
N ILE A 113 18.53 -45.32 7.98
CA ILE A 113 18.97 -44.51 6.86
C ILE A 113 19.88 -45.36 5.97
N ALA A 114 19.69 -45.24 4.66
CA ALA A 114 20.48 -45.92 3.65
C ALA A 114 20.90 -44.92 2.62
N LEU A 115 22.09 -45.12 2.04
CA LEU A 115 22.58 -44.24 0.98
C LEU A 115 22.85 -45.06 -0.25
N LEU A 116 22.29 -44.58 -1.36
CA LEU A 116 22.40 -45.19 -2.67
C LEU A 116 23.23 -44.35 -3.61
N GLN A 117 23.82 -45.00 -4.63
CA GLN A 117 24.49 -44.28 -5.69
C GLN A 117 23.91 -44.71 -7.02
N ILE A 118 23.41 -43.72 -7.77
CA ILE A 118 22.88 -43.92 -9.12
C ILE A 118 24.06 -44.28 -10.03
N GLN A 119 23.90 -45.36 -10.82
CA GLN A 119 24.88 -45.82 -11.81
C GLN A 119 24.69 -45.00 -13.07
N ASN A 120 25.77 -44.34 -13.48
CA ASN A 120 25.86 -43.44 -14.64
C ASN A 120 24.81 -42.31 -14.50
N PRO A 121 24.93 -41.46 -13.42
CA PRO A 121 23.98 -40.34 -13.28
C PRO A 121 24.16 -39.30 -14.39
N SER A 122 23.10 -38.59 -14.73
CA SER A 122 23.11 -37.58 -15.80
C SER A 122 21.94 -36.62 -15.60
N LYS A 123 22.20 -35.29 -15.74
CA LYS A 123 21.23 -34.20 -15.65
C LYS A 123 20.24 -34.38 -14.46
N LEU A 124 20.79 -34.58 -13.26
CA LEU A 124 20.10 -34.76 -12.00
C LEU A 124 19.94 -33.42 -11.27
N THR A 125 18.91 -33.30 -10.40
CA THR A 125 18.60 -32.14 -9.60
C THR A 125 18.77 -32.56 -8.14
N GLN A 126 19.51 -31.80 -7.35
CA GLN A 126 19.69 -32.18 -5.96
C GLN A 126 18.91 -31.27 -5.05
N ILE A 127 18.67 -31.74 -3.84
CA ILE A 127 17.90 -31.01 -2.87
C ILE A 127 18.81 -30.16 -1.97
N ALA A 128 18.28 -29.02 -1.53
CA ALA A 128 18.90 -28.16 -0.54
C ALA A 128 18.46 -28.72 0.81
N ILE A 129 19.39 -28.76 1.78
CA ILE A 129 19.05 -29.29 3.11
C ILE A 129 18.96 -28.14 4.10
N ALA A 130 17.85 -28.07 4.85
CA ALA A 130 17.59 -27.07 5.89
C ALA A 130 18.09 -27.56 7.25
N ASP A 131 18.23 -26.61 8.22
CA ASP A 131 18.61 -26.93 9.58
C ASP A 131 17.33 -27.33 10.33
N SER A 132 17.19 -28.66 10.58
CA SER A 132 16.02 -29.23 11.24
C SER A 132 15.93 -28.80 12.72
N ASP A 133 17.05 -28.34 13.31
CA ASP A 133 17.04 -27.86 14.69
C ASP A 133 16.36 -26.48 14.80
N LYS A 134 16.14 -25.79 13.65
CA LYS A 134 15.48 -24.49 13.61
C LYS A 134 13.94 -24.63 13.42
N LEU A 135 13.46 -25.88 13.33
CA LEU A 135 12.03 -26.15 13.14
C LEU A 135 11.22 -25.87 14.42
N ARG A 136 9.94 -25.52 14.22
CA ARG A 136 8.99 -25.29 15.29
C ARG A 136 7.64 -25.89 14.95
N VAL A 137 6.86 -26.29 16.01
CA VAL A 137 5.49 -26.81 15.86
C VAL A 137 4.63 -25.71 15.19
N GLY A 138 3.96 -26.06 14.07
CA GLY A 138 3.12 -25.17 13.27
C GLY A 138 3.75 -24.71 11.97
N ASP A 139 5.01 -25.07 11.74
CA ASP A 139 5.70 -24.77 10.48
C ASP A 139 5.03 -25.59 9.37
N PHE A 140 5.01 -25.09 8.16
CA PHE A 140 4.38 -25.81 7.06
C PHE A 140 5.34 -26.83 6.47
N ALA A 141 4.81 -28.00 6.11
CA ALA A 141 5.60 -29.09 5.54
C ALA A 141 4.89 -29.72 4.35
N VAL A 142 5.69 -30.12 3.33
CA VAL A 142 5.24 -30.81 2.11
C VAL A 142 5.97 -32.15 2.07
N ALA A 143 5.20 -33.24 2.11
CA ALA A 143 5.67 -34.61 2.03
C ALA A 143 5.63 -35.07 0.54
N VAL A 144 6.75 -35.56 0.01
CA VAL A 144 6.84 -35.96 -1.41
C VAL A 144 7.36 -37.42 -1.47
N GLY A 145 6.62 -38.25 -2.17
CA GLY A 145 6.91 -39.67 -2.30
C GLY A 145 5.97 -40.42 -3.23
N ASN A 146 5.98 -41.74 -3.10
CA ASN A 146 5.28 -42.70 -3.93
C ASN A 146 4.31 -43.60 -3.17
N PRO A 147 3.22 -43.07 -2.57
CA PRO A 147 2.33 -43.97 -1.83
C PRO A 147 1.60 -44.88 -2.78
N PHE A 148 1.54 -46.18 -2.43
CA PHE A 148 0.84 -47.26 -3.16
C PHE A 148 1.33 -47.40 -4.63
N GLY A 149 2.57 -46.98 -4.86
CA GLY A 149 3.23 -46.97 -6.16
C GLY A 149 2.53 -46.18 -7.23
N LEU A 150 1.90 -45.07 -6.86
CA LEU A 150 1.10 -44.29 -7.83
C LEU A 150 1.93 -43.44 -8.76
N GLY A 151 3.07 -43.02 -8.26
CA GLY A 151 3.94 -42.08 -8.94
C GLY A 151 4.13 -40.96 -7.92
N GLN A 152 4.88 -39.93 -8.31
CA GLN A 152 5.17 -38.79 -7.42
C GLN A 152 3.87 -38.08 -6.98
N THR A 153 3.71 -38.04 -5.66
CA THR A 153 2.60 -37.46 -4.94
C THR A 153 3.14 -36.48 -3.92
N ALA A 154 2.55 -35.28 -3.90
CA ALA A 154 2.87 -34.23 -2.93
C ALA A 154 1.72 -34.07 -1.94
N THR A 155 1.99 -34.08 -0.62
CA THR A 155 0.91 -33.88 0.35
C THR A 155 1.35 -32.80 1.29
N SER A 156 0.38 -32.09 1.90
CA SER A 156 0.60 -30.91 2.73
C SER A 156 0.09 -31.02 4.17
N GLY A 157 0.85 -30.42 5.07
CA GLY A 157 0.58 -30.38 6.50
C GLY A 157 1.48 -29.43 7.25
N ILE A 158 1.41 -29.48 8.55
CA ILE A 158 2.25 -28.69 9.43
C ILE A 158 3.18 -29.63 10.12
N VAL A 159 4.20 -29.07 10.83
CA VAL A 159 5.04 -29.83 11.75
C VAL A 159 4.18 -29.91 13.03
N SER A 160 3.79 -31.13 13.46
CA SER A 160 2.88 -31.43 14.59
C SER A 160 3.60 -31.53 15.92
N ALA A 161 4.83 -32.08 15.90
CA ALA A 161 5.67 -32.30 17.07
C ALA A 161 7.11 -32.51 16.65
N LEU A 162 8.04 -32.40 17.61
CA LEU A 162 9.48 -32.55 17.37
C LEU A 162 10.13 -33.38 18.46
N GLY A 163 11.26 -34.01 18.16
CA GLY A 163 12.00 -34.83 19.12
C GLY A 163 11.25 -36.02 19.66
N ARG A 164 10.45 -36.68 18.80
CA ARG A 164 9.62 -37.83 19.17
C ARG A 164 10.42 -39.12 19.26
N SER A 165 10.40 -39.71 20.47
CA SER A 165 11.10 -40.96 20.82
C SER A 165 10.15 -41.96 21.50
N GLY A 166 10.67 -43.14 21.85
CA GLY A 166 9.96 -44.20 22.56
C GLY A 166 8.76 -44.76 21.83
N LEU A 167 8.84 -44.79 20.50
CA LEU A 167 7.74 -45.31 19.67
C LEU A 167 8.02 -46.76 19.29
N ASN A 168 9.23 -47.26 19.67
CA ASN A 168 9.72 -48.62 19.40
C ASN A 168 9.61 -48.97 17.91
N LEU A 169 9.97 -48.01 17.06
CA LEU A 169 9.96 -48.14 15.60
C LEU A 169 11.39 -48.41 15.14
N GLU A 170 12.32 -47.60 15.69
CA GLU A 170 13.73 -47.60 15.40
C GLU A 170 14.56 -47.73 16.69
N GLY A 171 15.83 -48.09 16.52
CA GLY A 171 16.79 -48.15 17.61
C GLY A 171 17.11 -46.76 18.09
N LEU A 172 17.26 -45.81 17.15
CA LEU A 172 17.52 -44.40 17.40
C LEU A 172 16.42 -43.56 16.76
N GLU A 173 15.70 -42.81 17.59
CA GLU A 173 14.58 -41.96 17.18
C GLU A 173 14.70 -40.55 17.70
N ASN A 174 14.43 -39.59 16.83
CA ASN A 174 14.35 -38.17 17.13
C ASN A 174 13.45 -37.52 16.06
N PHE A 175 12.34 -38.18 15.83
CA PHE A 175 11.38 -37.91 14.78
C PHE A 175 10.67 -36.58 14.83
N ILE A 176 10.46 -36.04 13.62
CA ILE A 176 9.58 -34.92 13.34
C ILE A 176 8.21 -35.58 13.13
N GLN A 177 7.16 -35.04 13.76
CA GLN A 177 5.84 -35.57 13.56
C GLN A 177 5.07 -34.62 12.63
N THR A 178 4.38 -35.15 11.62
CA THR A 178 3.65 -34.30 10.69
C THR A 178 2.24 -34.85 10.43
N ASP A 179 1.31 -33.97 10.06
CA ASP A 179 -0.04 -34.36 9.68
C ASP A 179 -0.16 -34.40 8.14
N ALA A 180 0.94 -34.22 7.40
CA ALA A 180 0.91 -34.39 5.95
C ALA A 180 0.65 -35.89 5.68
N SER A 181 -0.30 -36.23 4.77
CA SER A 181 -0.63 -37.61 4.47
C SER A 181 0.58 -38.39 4.00
N ILE A 182 0.96 -39.38 4.80
CA ILE A 182 2.09 -40.27 4.57
C ILE A 182 1.53 -41.69 4.66
N ASN A 183 1.73 -42.46 3.63
CA ASN A 183 1.21 -43.81 3.48
C ASN A 183 2.32 -44.75 3.03
N ARG A 184 2.03 -46.05 2.93
CA ARG A 184 2.96 -47.06 2.44
C ARG A 184 3.45 -46.64 1.04
N GLY A 185 4.78 -46.58 0.88
CA GLY A 185 5.45 -46.18 -0.35
C GLY A 185 6.10 -44.81 -0.27
N ASN A 186 5.79 -44.08 0.81
CA ASN A 186 6.32 -42.74 1.08
C ASN A 186 7.71 -42.80 1.73
N SER A 187 8.07 -43.96 2.35
CA SER A 187 9.35 -44.17 3.02
C SER A 187 10.55 -43.79 2.18
N GLY A 188 11.46 -43.05 2.79
CA GLY A 188 12.66 -42.56 2.15
C GLY A 188 12.43 -41.28 1.37
N GLY A 189 11.17 -40.89 1.20
CA GLY A 189 10.81 -39.66 0.50
C GLY A 189 11.11 -38.40 1.29
N ALA A 190 10.81 -37.25 0.67
CA ALA A 190 11.11 -35.93 1.23
C ALA A 190 10.02 -35.28 2.06
N LEU A 191 10.45 -34.67 3.16
CA LEU A 191 9.64 -33.77 3.97
C LEU A 191 10.28 -32.41 3.78
N LEU A 192 9.60 -31.52 3.02
CA LEU A 192 10.09 -30.21 2.62
C LEU A 192 9.48 -29.05 3.36
N ASN A 193 10.20 -27.94 3.40
CA ASN A 193 9.65 -26.70 3.94
C ASN A 193 9.01 -25.93 2.76
N LEU A 194 8.54 -24.70 3.00
CA LEU A 194 7.96 -23.85 1.95
C LEU A 194 9.01 -23.33 0.95
N ASN A 195 10.32 -23.48 1.24
CA ASN A 195 11.40 -23.11 0.31
C ASN A 195 11.85 -24.32 -0.50
N GLY A 196 11.24 -25.47 -0.24
CA GLY A 196 11.56 -26.71 -0.93
C GLY A 196 12.83 -27.35 -0.42
N GLU A 197 13.25 -27.00 0.79
CA GLU A 197 14.44 -27.52 1.44
C GLU A 197 14.08 -28.74 2.27
N LEU A 198 15.00 -29.73 2.33
CA LEU A 198 14.75 -30.96 3.07
C LEU A 198 14.72 -30.70 4.56
N ILE A 199 13.61 -31.05 5.27
CA ILE A 199 13.58 -30.94 6.72
C ILE A 199 13.59 -32.36 7.38
N GLY A 200 13.29 -33.40 6.60
CA GLY A 200 13.32 -34.78 7.09
C GLY A 200 13.16 -35.83 6.01
N ILE A 201 13.37 -37.08 6.39
CA ILE A 201 13.16 -38.25 5.49
C ILE A 201 11.97 -39.06 6.06
N ASN A 202 10.82 -39.07 5.36
CA ASN A 202 9.59 -39.76 5.80
C ASN A 202 9.89 -41.23 6.06
N THR A 203 9.61 -41.73 7.26
CA THR A 203 10.03 -43.07 7.65
C THR A 203 8.91 -44.00 8.14
N ALA A 204 8.04 -43.51 9.04
CA ALA A 204 7.03 -44.35 9.66
C ALA A 204 5.75 -43.59 9.92
N ILE A 205 4.68 -44.32 10.22
CA ILE A 205 3.38 -43.73 10.57
C ILE A 205 2.70 -44.51 11.74
N LEU A 206 1.76 -43.86 12.44
CA LEU A 206 0.87 -44.49 13.41
C LEU A 206 -0.45 -44.59 12.70
N ALA A 207 -0.90 -45.81 12.43
CA ALA A 207 -2.12 -46.04 11.66
C ALA A 207 -2.82 -47.29 12.13
N PRO A 208 -3.98 -47.16 12.85
CA PRO A 208 -4.72 -48.36 13.28
C PRO A 208 -5.08 -49.33 12.13
N GLY A 209 -5.46 -48.79 10.96
CA GLY A 209 -5.84 -49.61 9.81
C GLY A 209 -4.97 -49.54 8.57
N GLY A 210 -3.66 -49.42 8.75
CA GLY A 210 -2.71 -49.41 7.64
C GLY A 210 -2.65 -48.18 6.74
N GLY A 211 -3.53 -47.22 6.99
CA GLY A 211 -3.56 -45.97 6.25
C GLY A 211 -3.42 -44.76 7.15
N SER A 212 -2.91 -43.67 6.58
CA SER A 212 -2.71 -42.37 7.23
C SER A 212 -3.93 -41.87 7.97
N VAL A 213 -3.69 -41.41 9.21
CA VAL A 213 -4.66 -40.81 10.12
C VAL A 213 -4.10 -39.46 10.56
N GLY A 214 -3.06 -38.99 9.84
CA GLY A 214 -2.37 -37.71 10.08
C GLY A 214 -1.34 -37.69 11.20
N ILE A 215 -0.76 -38.86 11.52
CA ILE A 215 0.34 -39.08 12.49
C ILE A 215 1.54 -39.74 11.74
N GLY A 216 2.37 -38.92 11.10
CA GLY A 216 3.53 -39.37 10.34
C GLY A 216 4.87 -38.97 10.94
N PHE A 217 5.90 -39.80 10.74
CA PHE A 217 7.22 -39.53 11.33
C PHE A 217 8.31 -39.48 10.28
N ALA A 218 9.21 -38.50 10.44
CA ALA A 218 10.34 -38.27 9.57
C ALA A 218 11.64 -38.17 10.37
N ILE A 219 12.71 -38.80 9.87
CA ILE A 219 14.03 -38.64 10.45
C ILE A 219 14.46 -37.18 10.13
N PRO A 220 14.84 -36.36 11.13
CA PRO A 220 15.24 -34.97 10.80
C PRO A 220 16.46 -34.92 9.84
N SER A 221 16.48 -33.89 8.97
CA SER A 221 17.48 -33.63 7.96
C SER A 221 18.91 -33.55 8.53
N ASN A 222 19.08 -32.95 9.71
CA ASN A 222 20.41 -32.85 10.33
C ASN A 222 20.97 -34.24 10.65
N MET A 223 20.14 -35.11 11.20
CA MET A 223 20.48 -36.49 11.50
C MET A 223 20.74 -37.27 10.21
N ALA A 224 19.85 -37.13 9.19
CA ALA A 224 19.99 -37.79 7.90
C ALA A 224 21.26 -37.34 7.17
N ARG A 225 21.57 -36.01 7.17
CA ARG A 225 22.74 -35.41 6.51
C ARG A 225 24.05 -35.97 7.12
N THR A 226 24.17 -35.91 8.45
CA THR A 226 25.33 -36.42 9.20
C THR A 226 25.57 -37.92 8.92
N LEU A 227 24.52 -38.75 9.03
CA LEU A 227 24.63 -40.18 8.77
C LEU A 227 25.02 -40.45 7.32
N ALA A 228 24.44 -39.69 6.35
CA ALA A 228 24.77 -39.79 4.92
C ALA A 228 26.28 -39.51 4.70
N GLN A 229 26.84 -38.47 5.38
CA GLN A 229 28.27 -38.12 5.28
C GLN A 229 29.17 -39.26 5.73
N GLN A 230 28.82 -39.89 6.86
CA GLN A 230 29.54 -41.02 7.39
C GLN A 230 29.53 -42.19 6.41
N LEU A 231 28.44 -42.38 5.66
CA LEU A 231 28.36 -43.46 4.69
C LEU A 231 29.13 -43.11 3.40
N ILE A 232 29.18 -41.82 2.99
CA ILE A 232 29.96 -41.48 1.78
C ILE A 232 31.48 -41.60 2.12
N ASP A 233 31.87 -41.18 3.35
CA ASP A 233 33.25 -41.18 3.85
C ASP A 233 33.79 -42.56 4.27
N PHE A 234 32.97 -43.43 4.90
CA PHE A 234 33.48 -44.70 5.43
C PHE A 234 32.72 -45.95 4.98
N GLY A 235 31.59 -45.79 4.30
CA GLY A 235 30.76 -46.92 3.87
C GLY A 235 30.01 -47.56 5.02
N GLU A 236 30.17 -46.99 6.22
CA GLU A 236 29.53 -47.40 7.48
C GLU A 236 29.45 -46.20 8.43
N ILE A 237 28.63 -46.31 9.45
CA ILE A 237 28.46 -45.25 10.45
C ILE A 237 29.49 -45.41 11.57
N LYS A 238 29.79 -44.29 12.23
CA LYS A 238 30.68 -44.21 13.37
C LYS A 238 29.85 -43.70 14.55
N ARG A 239 29.51 -44.63 15.45
CA ARG A 239 28.68 -44.41 16.62
C ARG A 239 29.48 -43.80 17.76
N GLY A 240 29.10 -42.60 18.17
CA GLY A 240 29.75 -41.88 19.25
C GLY A 240 29.07 -42.11 20.58
N LEU A 241 29.81 -41.94 21.71
CA LEU A 241 29.23 -42.09 23.04
C LEU A 241 29.85 -41.12 24.02
N LEU A 242 29.04 -40.67 24.99
CA LEU A 242 29.43 -39.78 26.06
C LEU A 242 30.21 -40.52 27.18
N GLY A 243 29.74 -41.71 27.53
CA GLY A 243 30.25 -42.53 28.62
C GLY A 243 29.42 -42.27 29.86
N ILE A 244 28.11 -42.15 29.65
CA ILE A 244 27.09 -41.83 30.62
C ILE A 244 26.06 -42.96 30.71
N LYS A 245 25.55 -43.21 31.91
CA LYS A 245 24.48 -44.13 32.19
C LYS A 245 23.46 -43.34 32.94
N GLY A 246 22.23 -43.38 32.47
CA GLY A 246 21.17 -42.61 33.10
C GLY A 246 19.76 -42.99 32.74
N THR A 247 18.83 -42.29 33.36
CA THR A 247 17.41 -42.45 33.18
C THR A 247 16.80 -41.14 32.72
N GLU A 248 15.50 -41.17 32.46
CA GLU A 248 14.75 -40.00 32.08
C GLU A 248 14.56 -39.11 33.28
N MET A 249 14.75 -37.81 33.08
CA MET A 249 14.47 -36.80 34.07
C MET A 249 12.94 -36.72 34.18
N SER A 250 12.39 -36.65 35.40
CA SER A 250 10.95 -36.58 35.61
C SER A 250 10.56 -35.43 36.51
N ALA A 251 9.26 -35.12 36.56
CA ALA A 251 8.66 -34.10 37.44
C ALA A 251 8.87 -34.49 38.90
N ASP A 252 8.98 -35.81 39.17
CA ASP A 252 9.16 -36.41 40.47
C ASP A 252 10.55 -36.12 41.01
N ILE A 253 11.59 -36.32 40.17
CA ILE A 253 12.98 -35.98 40.55
C ILE A 253 13.04 -34.47 40.83
N ALA A 254 12.47 -33.64 39.92
CA ALA A 254 12.42 -32.19 40.00
C ALA A 254 11.79 -31.70 41.30
N LYS A 255 10.64 -32.27 41.71
CA LYS A 255 9.94 -31.89 42.94
C LYS A 255 10.79 -32.21 44.18
N ALA A 256 11.40 -33.40 44.19
CA ALA A 256 12.26 -33.88 45.27
C ALA A 256 13.47 -32.97 45.52
N PHE A 257 14.04 -32.35 44.46
CA PHE A 257 15.23 -31.50 44.57
C PHE A 257 14.97 -30.02 44.27
N ASN A 258 13.68 -29.61 44.31
CA ASN A 258 13.18 -28.24 44.10
C ASN A 258 13.77 -27.60 42.82
N LEU A 259 13.73 -28.36 41.69
CA LEU A 259 14.25 -27.91 40.39
C LEU A 259 13.13 -27.43 39.48
N ASP A 260 13.46 -26.47 38.55
CA ASP A 260 12.48 -25.88 37.64
C ASP A 260 12.56 -26.45 36.20
N VAL A 261 13.23 -27.61 36.05
CA VAL A 261 13.32 -28.36 34.79
C VAL A 261 12.86 -29.80 35.09
N GLN A 262 12.06 -30.41 34.19
CA GLN A 262 11.54 -31.77 34.42
C GLN A 262 11.79 -32.70 33.23
N ARG A 263 12.51 -32.21 32.19
CA ARG A 263 12.84 -33.00 31.00
C ARG A 263 14.33 -32.95 30.76
N GLY A 264 14.89 -34.11 30.38
CA GLY A 264 16.31 -34.27 30.11
C GLY A 264 16.84 -35.60 30.58
N ALA A 265 18.16 -35.66 30.87
CA ALA A 265 18.82 -36.88 31.31
C ALA A 265 19.30 -36.79 32.75
N PHE A 266 18.95 -37.77 33.56
CA PHE A 266 19.40 -37.88 34.93
C PHE A 266 20.59 -38.84 34.92
N VAL A 267 21.79 -38.35 35.23
CA VAL A 267 23.02 -39.16 35.19
C VAL A 267 23.15 -39.96 36.48
N SER A 268 23.27 -41.28 36.35
CA SER A 268 23.42 -42.17 37.49
C SER A 268 24.87 -42.66 37.56
N GLU A 269 25.54 -42.74 36.42
CA GLU A 269 26.91 -43.22 36.34
C GLU A 269 27.69 -42.49 35.27
N VAL A 270 28.96 -42.26 35.54
CA VAL A 270 29.90 -41.71 34.58
C VAL A 270 31.00 -42.77 34.43
N LEU A 271 31.14 -43.36 33.25
CA LEU A 271 32.12 -44.42 33.02
C LEU A 271 33.56 -43.86 33.09
N PRO A 272 34.46 -44.49 33.87
CA PRO A 272 35.83 -43.95 34.00
C PRO A 272 36.62 -44.09 32.70
N GLY A 273 37.36 -43.04 32.37
CA GLY A 273 38.18 -42.97 31.16
C GLY A 273 37.44 -42.42 29.95
N SER A 274 36.14 -42.15 30.11
CA SER A 274 35.30 -41.60 29.07
C SER A 274 35.49 -40.08 28.96
N GLY A 275 35.01 -39.51 27.85
CA GLY A 275 35.06 -38.08 27.59
C GLY A 275 34.26 -37.29 28.62
N SER A 276 33.23 -37.91 29.21
CA SER A 276 32.37 -37.32 30.24
C SER A 276 33.09 -37.27 31.58
N ALA A 277 33.91 -38.32 31.88
CA ALA A 277 34.73 -38.43 33.09
C ALA A 277 35.79 -37.30 33.08
N LYS A 278 36.54 -37.22 31.96
CA LYS A 278 37.59 -36.23 31.70
C LYS A 278 37.05 -34.79 31.76
N ALA A 279 35.82 -34.58 31.26
CA ALA A 279 35.17 -33.26 31.22
C ALA A 279 34.64 -32.82 32.59
N GLY A 280 34.50 -33.78 33.50
CA GLY A 280 34.00 -33.50 34.84
C GLY A 280 32.51 -33.71 35.04
N VAL A 281 31.89 -34.59 34.24
CA VAL A 281 30.46 -34.93 34.42
C VAL A 281 30.40 -35.86 35.67
N LYS A 282 29.41 -35.62 36.55
CA LYS A 282 29.26 -36.36 37.80
C LYS A 282 27.83 -36.95 38.02
N ALA A 283 27.76 -38.22 38.44
CA ALA A 283 26.51 -38.90 38.80
C ALA A 283 25.65 -37.97 39.67
N GLY A 284 24.39 -37.83 39.29
CA GLY A 284 23.42 -36.94 39.93
C GLY A 284 23.16 -35.69 39.11
N ASP A 285 23.98 -35.48 38.05
CA ASP A 285 23.81 -34.32 37.17
C ASP A 285 22.58 -34.49 36.28
N ILE A 286 22.00 -33.36 35.86
CA ILE A 286 20.83 -33.38 35.00
C ILE A 286 21.22 -32.64 33.71
N ILE A 287 21.44 -33.40 32.63
CA ILE A 287 21.75 -32.85 31.32
C ILE A 287 20.45 -32.27 30.75
N THR A 288 20.44 -30.95 30.56
CA THR A 288 19.31 -30.12 30.14
C THR A 288 19.44 -29.73 28.64
N SER A 289 20.68 -29.54 28.15
CA SER A 289 20.94 -29.09 26.81
C SER A 289 22.06 -29.85 26.13
N LEU A 290 22.02 -29.83 24.80
CA LEU A 290 23.05 -30.33 23.93
C LEU A 290 23.31 -29.25 22.91
N ASN A 291 24.54 -28.68 22.92
CA ASN A 291 24.98 -27.59 22.03
C ASN A 291 24.00 -26.40 22.06
N GLY A 292 23.58 -26.02 23.26
CA GLY A 292 22.67 -24.92 23.48
C GLY A 292 21.20 -25.19 23.23
N LYS A 293 20.87 -26.35 22.63
CA LYS A 293 19.49 -26.71 22.35
C LYS A 293 18.92 -27.56 23.49
N PRO A 294 17.79 -27.13 24.13
CA PRO A 294 17.20 -27.94 25.21
C PRO A 294 16.78 -29.35 24.75
N LEU A 295 16.99 -30.32 25.64
CA LEU A 295 16.62 -31.72 25.45
C LEU A 295 15.23 -31.99 26.04
N ASN A 296 14.36 -32.66 25.26
CA ASN A 296 13.02 -32.99 25.78
C ASN A 296 13.04 -34.37 26.44
N SER A 297 14.16 -35.13 26.27
CA SER A 297 14.32 -36.46 26.85
C SER A 297 15.77 -36.96 26.81
N PHE A 298 16.04 -38.03 27.56
CA PHE A 298 17.28 -38.76 27.58
C PHE A 298 17.40 -39.54 26.25
N ALA A 299 16.25 -40.02 25.72
CA ALA A 299 16.14 -40.74 24.46
C ALA A 299 16.60 -39.88 23.28
N GLU A 300 16.30 -38.56 23.33
CA GLU A 300 16.71 -37.57 22.35
C GLU A 300 18.23 -37.42 22.42
N LEU A 301 18.78 -37.28 23.65
CA LEU A 301 20.20 -37.18 23.92
C LEU A 301 20.93 -38.42 23.38
N ARG A 302 20.41 -39.62 23.70
CA ARG A 302 20.93 -40.90 23.24
C ARG A 302 21.03 -40.93 21.68
N SER A 303 19.93 -40.58 20.97
CA SER A 303 19.86 -40.58 19.50
C SER A 303 20.77 -39.51 18.87
N ARG A 304 20.88 -38.32 19.50
CA ARG A 304 21.71 -37.23 18.97
C ARG A 304 23.19 -37.53 19.13
N ILE A 305 23.58 -38.04 20.32
CA ILE A 305 24.96 -38.39 20.62
C ILE A 305 25.42 -39.56 19.69
N ALA A 306 24.61 -40.64 19.49
CA ALA A 306 24.98 -41.83 18.67
C ALA A 306 25.17 -41.52 17.21
N THR A 307 24.47 -40.49 16.71
CA THR A 307 24.47 -40.04 15.34
C THR A 307 25.61 -39.05 15.12
N THR A 308 26.29 -38.65 16.20
CA THR A 308 27.45 -37.77 16.11
C THR A 308 28.71 -38.67 16.08
N GLU A 309 29.68 -38.30 15.23
CA GLU A 309 30.93 -39.02 15.00
C GLU A 309 31.87 -39.02 16.23
N PRO A 310 32.52 -40.16 16.59
CA PRO A 310 33.49 -40.13 17.71
C PRO A 310 34.61 -39.13 17.45
N GLY A 311 35.02 -38.42 18.49
CA GLY A 311 36.05 -37.40 18.38
C GLY A 311 35.47 -35.99 18.36
N THR A 312 34.16 -35.89 18.02
CA THR A 312 33.44 -34.61 17.98
C THR A 312 33.28 -34.08 19.39
N LYS A 313 33.43 -32.76 19.56
CA LYS A 313 33.25 -32.08 20.82
C LYS A 313 31.83 -31.54 20.90
N VAL A 314 31.15 -31.79 22.03
CA VAL A 314 29.77 -31.34 22.25
C VAL A 314 29.72 -30.53 23.53
N LYS A 315 28.77 -29.59 23.63
CA LYS A 315 28.57 -28.79 24.82
C LYS A 315 27.33 -29.29 25.53
N LEU A 316 27.48 -29.63 26.81
CA LEU A 316 26.44 -30.18 27.67
C LEU A 316 25.90 -29.18 28.67
N GLY A 317 24.62 -28.83 28.52
CA GLY A 317 23.88 -28.00 29.45
C GLY A 317 23.55 -28.89 30.62
N LEU A 318 24.12 -28.60 31.77
CA LEU A 318 24.08 -29.43 32.97
C LEU A 318 23.48 -28.71 34.17
N LEU A 319 23.12 -29.47 35.22
CA LEU A 319 22.52 -28.91 36.45
C LEU A 319 22.93 -29.74 37.67
N ARG A 320 23.93 -29.26 38.47
CA ARG A 320 24.31 -30.00 39.68
C ARG A 320 24.06 -29.16 40.92
N ASN A 321 23.34 -29.79 41.87
CA ASN A 321 22.86 -29.24 43.13
C ASN A 321 22.00 -27.96 42.88
N GLY A 322 21.27 -28.00 41.76
CA GLY A 322 20.37 -26.94 41.31
C GLY A 322 21.07 -25.78 40.63
N LYS A 323 22.38 -25.90 40.41
CA LYS A 323 23.19 -24.83 39.80
C LYS A 323 23.57 -25.18 38.36
N PRO A 324 23.39 -24.22 37.42
CA PRO A 324 23.74 -24.49 36.00
C PRO A 324 25.24 -24.53 35.73
N LEU A 325 25.65 -25.39 34.78
CA LEU A 325 27.02 -25.59 34.28
C LEU A 325 27.00 -25.96 32.81
N GLU A 326 28.06 -25.61 32.08
CA GLU A 326 28.26 -25.99 30.69
C GLU A 326 29.55 -26.81 30.65
N VAL A 327 29.51 -27.97 30.02
CA VAL A 327 30.67 -28.86 29.97
C VAL A 327 30.94 -29.29 28.51
N GLU A 328 32.20 -29.19 28.05
CA GLU A 328 32.58 -29.61 26.70
C GLU A 328 33.12 -31.04 26.79
N VAL A 329 32.52 -31.97 26.02
CA VAL A 329 32.85 -33.40 26.06
C VAL A 329 33.30 -33.84 24.68
N THR A 330 34.40 -34.62 24.62
CA THR A 330 34.89 -35.22 23.38
C THR A 330 34.30 -36.63 23.35
N LEU A 331 33.61 -36.95 22.26
CA LEU A 331 32.93 -38.22 22.13
C LEU A 331 33.88 -39.36 21.88
N ASP A 332 33.59 -40.49 22.55
CA ASP A 332 34.32 -41.74 22.40
C ASP A 332 33.64 -42.58 21.33
N THR A 333 34.12 -43.81 21.10
CA THR A 333 33.50 -44.71 20.14
C THR A 333 32.66 -45.74 20.92
N SER A 334 31.55 -46.23 20.30
CA SER A 334 30.66 -47.22 20.89
C SER A 334 31.00 -48.63 20.38
N PRO B 11 -9.90 -9.85 8.48
CA PRO B 11 -8.44 -9.67 8.56
C PRO B 11 -7.71 -11.02 8.63
N LEU B 12 -8.29 -12.03 9.31
CA LEU B 12 -7.67 -13.36 9.39
C LEU B 12 -7.84 -14.12 8.06
N PRO B 13 -6.78 -14.79 7.55
CA PRO B 13 -6.94 -15.60 6.32
C PRO B 13 -8.03 -16.66 6.49
N SER B 14 -8.86 -16.84 5.45
CA SER B 14 -9.99 -17.76 5.45
C SER B 14 -10.46 -18.09 4.06
N LEU B 15 -11.08 -19.27 3.92
CA LEU B 15 -11.71 -19.71 2.66
C LEU B 15 -13.19 -19.32 2.65
N ALA B 16 -13.71 -18.88 3.83
CA ALA B 16 -15.13 -18.47 4.06
C ALA B 16 -15.62 -17.41 3.08
N PRO B 17 -14.89 -16.28 2.79
CA PRO B 17 -15.42 -15.31 1.79
C PRO B 17 -15.71 -15.95 0.42
N MET B 18 -14.82 -16.84 -0.11
CA MET B 18 -15.22 -17.47 -1.38
C MET B 18 -16.18 -18.69 -1.19
N LEU B 19 -16.15 -19.39 -0.05
CA LEU B 19 -17.03 -20.54 0.10
C LEU B 19 -18.46 -20.13 0.19
N GLU B 20 -18.72 -19.02 0.87
CA GLU B 20 -20.01 -18.37 1.07
C GLU B 20 -20.81 -18.30 -0.27
N LYS B 21 -20.14 -17.76 -1.31
CA LYS B 21 -20.75 -17.50 -2.60
C LYS B 21 -20.99 -18.74 -3.42
N VAL B 22 -20.14 -19.72 -3.28
CA VAL B 22 -20.04 -20.91 -4.12
C VAL B 22 -20.72 -22.19 -3.55
N LEU B 23 -20.69 -22.42 -2.21
CA LEU B 23 -21.30 -23.61 -1.59
C LEU B 23 -22.77 -23.91 -2.06
N PRO B 24 -23.68 -22.91 -2.25
CA PRO B 24 -25.04 -23.23 -2.73
C PRO B 24 -25.09 -23.99 -4.08
N ALA B 25 -24.02 -23.93 -4.90
CA ALA B 25 -23.93 -24.61 -6.20
C ALA B 25 -23.72 -26.13 -6.07
N VAL B 26 -23.20 -26.60 -4.92
CA VAL B 26 -22.91 -28.00 -4.70
C VAL B 26 -24.07 -28.62 -3.91
N VAL B 27 -24.65 -29.66 -4.49
CA VAL B 27 -25.86 -30.29 -3.99
C VAL B 27 -25.64 -31.70 -3.55
N SER B 28 -26.59 -32.22 -2.77
CA SER B 28 -26.67 -33.59 -2.28
C SER B 28 -27.59 -34.36 -3.24
N VAL B 29 -27.19 -35.55 -3.66
CA VAL B 29 -27.95 -36.34 -4.64
C VAL B 29 -28.47 -37.60 -3.94
N ARG B 30 -29.79 -37.70 -3.80
CA ARG B 30 -30.44 -38.83 -3.14
C ARG B 30 -31.08 -39.69 -4.21
N VAL B 31 -30.84 -40.98 -4.13
CA VAL B 31 -31.26 -41.94 -5.15
C VAL B 31 -32.02 -43.12 -4.50
N GLU B 32 -33.06 -43.60 -5.20
CA GLU B 32 -33.88 -44.77 -4.85
C GLU B 32 -34.06 -45.68 -6.06
N GLY B 33 -33.96 -46.99 -5.87
CA GLY B 33 -34.18 -47.91 -6.99
C GLY B 33 -34.27 -49.37 -6.65
N THR B 34 -33.82 -50.23 -7.60
CA THR B 34 -33.71 -51.69 -7.55
C THR B 34 -32.54 -52.09 -6.61
N GLN B 59 -34.03 -55.73 -5.18
CA GLN B 59 -34.30 -55.32 -3.81
C GLN B 59 -34.29 -53.78 -3.68
N PRO B 60 -35.27 -53.14 -2.99
CA PRO B 60 -35.26 -51.66 -2.83
C PRO B 60 -34.04 -51.14 -2.04
N PHE B 61 -33.43 -50.03 -2.51
CA PHE B 61 -32.26 -49.43 -1.88
C PHE B 61 -32.28 -47.88 -1.95
N GLU B 62 -31.51 -47.24 -1.05
CA GLU B 62 -31.34 -45.79 -0.95
C GLU B 62 -29.86 -45.45 -1.00
N GLY B 63 -29.47 -44.67 -2.01
CA GLY B 63 -28.10 -44.22 -2.21
C GLY B 63 -27.92 -42.72 -1.99
N LEU B 64 -26.71 -42.32 -1.61
CA LEU B 64 -26.41 -40.92 -1.38
C LEU B 64 -25.04 -40.52 -1.91
N GLY B 65 -25.01 -39.43 -2.67
CA GLY B 65 -23.81 -38.83 -3.21
C GLY B 65 -23.90 -37.32 -3.25
N SER B 66 -23.08 -36.69 -4.11
CA SER B 66 -23.13 -35.25 -4.26
C SER B 66 -23.24 -34.91 -5.75
N GLY B 67 -23.44 -33.64 -6.06
CA GLY B 67 -23.53 -33.08 -7.40
C GLY B 67 -23.14 -31.63 -7.45
N VAL B 68 -22.96 -31.10 -8.67
CA VAL B 68 -22.58 -29.69 -8.88
C VAL B 68 -23.51 -29.05 -9.93
N ILE B 69 -24.14 -27.88 -9.56
CA ILE B 69 -25.02 -27.14 -10.48
C ILE B 69 -24.13 -26.42 -11.47
N ILE B 70 -24.24 -26.83 -12.71
CA ILE B 70 -23.42 -26.40 -13.82
C ILE B 70 -24.18 -25.32 -14.65
N ASN B 71 -25.53 -25.36 -14.63
CA ASN B 71 -26.44 -24.40 -15.29
C ASN B 71 -27.68 -24.17 -14.38
N ALA B 72 -27.72 -23.01 -13.71
CA ALA B 72 -28.79 -22.58 -12.80
C ALA B 72 -30.17 -22.43 -13.51
N SER B 73 -30.22 -21.87 -14.74
CA SER B 73 -31.46 -21.67 -15.53
C SER B 73 -32.10 -23.00 -15.95
N LYS B 74 -31.30 -23.93 -16.49
CA LYS B 74 -31.82 -25.21 -16.96
C LYS B 74 -31.86 -26.27 -15.85
N GLY B 75 -31.20 -26.00 -14.73
CA GLY B 75 -31.12 -26.92 -13.61
C GLY B 75 -30.24 -28.11 -13.89
N TYR B 76 -29.13 -27.90 -14.64
CA TYR B 76 -28.19 -28.97 -15.02
C TYR B 76 -27.21 -29.26 -13.88
N VAL B 77 -27.23 -30.51 -13.38
CA VAL B 77 -26.37 -30.99 -12.31
C VAL B 77 -25.42 -32.10 -12.81
N LEU B 78 -24.11 -31.88 -12.57
CA LEU B 78 -23.05 -32.85 -12.87
C LEU B 78 -22.86 -33.76 -11.68
N THR B 79 -22.78 -35.06 -11.94
CA THR B 79 -22.52 -36.05 -10.89
C THR B 79 -21.76 -37.24 -11.50
N ASN B 80 -21.59 -38.31 -10.72
CA ASN B 80 -20.97 -39.54 -11.18
C ASN B 80 -22.04 -40.50 -11.64
N ASN B 81 -21.67 -41.32 -12.61
CA ASN B 81 -22.55 -42.34 -13.10
C ASN B 81 -22.75 -43.42 -12.02
N HIS B 82 -21.72 -43.77 -11.23
CA HIS B 82 -21.86 -44.79 -10.20
C HIS B 82 -22.81 -44.34 -9.05
N VAL B 83 -23.25 -43.08 -9.07
CA VAL B 83 -24.14 -42.51 -8.05
C VAL B 83 -25.63 -42.72 -8.46
N ILE B 84 -25.93 -42.59 -9.75
CA ILE B 84 -27.28 -42.67 -10.31
C ILE B 84 -27.53 -43.99 -11.10
N ASN B 85 -26.53 -44.92 -11.08
CA ASN B 85 -26.47 -46.15 -11.86
C ASN B 85 -27.76 -47.00 -11.81
N GLN B 86 -28.28 -47.32 -10.62
CA GLN B 86 -29.49 -48.17 -10.57
C GLN B 86 -30.76 -47.38 -10.18
N ALA B 87 -30.69 -46.04 -10.24
CA ALA B 87 -31.74 -45.11 -9.82
C ALA B 87 -33.02 -45.18 -10.64
N GLN B 88 -34.14 -45.16 -9.90
CA GLN B 88 -35.51 -45.12 -10.40
C GLN B 88 -36.09 -43.77 -10.05
N LYS B 89 -35.66 -43.23 -8.90
CA LYS B 89 -36.03 -41.91 -8.38
C LYS B 89 -34.76 -41.16 -7.96
N ILE B 90 -34.61 -39.91 -8.42
CA ILE B 90 -33.46 -39.04 -8.09
C ILE B 90 -33.99 -37.72 -7.54
N SER B 91 -33.49 -37.33 -6.37
CA SER B 91 -33.81 -36.07 -5.74
C SER B 91 -32.52 -35.31 -5.41
N ILE B 92 -32.58 -33.98 -5.49
CA ILE B 92 -31.46 -33.09 -5.21
C ILE B 92 -31.82 -32.29 -3.98
N GLN B 93 -30.86 -32.11 -3.05
CA GLN B 93 -31.10 -31.27 -1.88
C GLN B 93 -30.07 -30.15 -1.84
N LEU B 94 -30.53 -28.90 -1.72
CA LEU B 94 -29.68 -27.72 -1.63
C LEU B 94 -29.27 -27.53 -0.18
N ASN B 95 -28.19 -26.75 0.05
CA ASN B 95 -27.67 -26.54 1.40
C ASN B 95 -28.63 -25.66 2.26
N ASP B 96 -29.69 -25.08 1.66
CA ASP B 96 -30.71 -24.28 2.37
C ASP B 96 -31.92 -25.17 2.80
N GLY B 97 -31.91 -26.42 2.35
CA GLY B 97 -32.94 -27.41 2.66
C GLY B 97 -33.92 -27.71 1.53
N ARG B 98 -33.89 -26.91 0.44
CA ARG B 98 -34.79 -27.10 -0.69
C ARG B 98 -34.52 -28.40 -1.41
N GLU B 99 -35.58 -29.16 -1.68
CA GLU B 99 -35.56 -30.44 -2.37
C GLU B 99 -36.22 -30.30 -3.73
N PHE B 100 -35.63 -30.95 -4.72
CA PHE B 100 -36.11 -30.96 -6.09
C PHE B 100 -36.03 -32.34 -6.67
N ASP B 101 -36.91 -32.64 -7.61
CA ASP B 101 -36.82 -33.89 -8.33
C ASP B 101 -35.86 -33.70 -9.48
N ALA B 102 -35.22 -34.78 -9.92
CA ALA B 102 -34.27 -34.71 -11.02
C ALA B 102 -34.44 -35.86 -11.97
N LYS B 103 -34.16 -35.60 -13.24
CA LYS B 103 -34.23 -36.61 -14.30
C LYS B 103 -32.85 -36.78 -14.91
N LEU B 104 -32.48 -38.02 -15.23
CA LEU B 104 -31.21 -38.32 -15.86
C LEU B 104 -31.27 -37.87 -17.32
N ILE B 105 -30.39 -36.91 -17.70
CA ILE B 105 -30.29 -36.43 -19.07
C ILE B 105 -29.47 -37.44 -19.89
N GLY B 106 -28.36 -37.89 -19.31
CA GLY B 106 -27.46 -38.85 -19.92
C GLY B 106 -26.31 -39.17 -19.01
N SER B 107 -25.55 -40.21 -19.36
CA SER B 107 -24.41 -40.65 -18.59
C SER B 107 -23.37 -41.33 -19.46
N ASP B 108 -22.13 -41.43 -18.96
CA ASP B 108 -21.03 -42.13 -19.58
C ASP B 108 -20.42 -43.09 -18.55
N ASP B 109 -20.57 -44.38 -18.81
CA ASP B 109 -20.06 -45.49 -17.98
C ASP B 109 -18.54 -45.49 -17.92
N GLN B 110 -17.88 -45.21 -19.05
CA GLN B 110 -16.42 -45.27 -19.19
C GLN B 110 -15.69 -44.18 -18.40
N SER B 111 -16.20 -42.94 -18.43
CA SER B 111 -15.55 -41.84 -17.72
C SER B 111 -16.16 -41.59 -16.33
N ASP B 112 -17.36 -42.15 -16.06
CA ASP B 112 -18.12 -42.05 -14.80
C ASP B 112 -18.75 -40.64 -14.60
N ILE B 113 -19.31 -40.08 -15.68
CA ILE B 113 -19.97 -38.80 -15.56
C ILE B 113 -21.44 -38.94 -15.99
N ALA B 114 -22.34 -38.44 -15.15
CA ALA B 114 -23.76 -38.40 -15.43
C ALA B 114 -24.22 -36.98 -15.30
N LEU B 115 -25.21 -36.59 -16.14
CA LEU B 115 -25.81 -35.27 -16.12
C LEU B 115 -27.29 -35.40 -15.78
N LEU B 116 -27.74 -34.60 -14.81
CA LEU B 116 -29.11 -34.55 -14.33
C LEU B 116 -29.74 -33.21 -14.61
N GLN B 117 -31.07 -33.18 -14.68
CA GLN B 117 -31.82 -31.94 -14.83
C GLN B 117 -32.83 -31.84 -13.73
N ILE B 118 -32.74 -30.77 -12.94
CA ILE B 118 -33.65 -30.45 -11.84
C ILE B 118 -35.01 -30.11 -12.46
N GLN B 119 -36.08 -30.76 -11.96
CA GLN B 119 -37.45 -30.51 -12.40
C GLN B 119 -37.97 -29.25 -11.69
N ASN B 120 -38.37 -28.27 -12.50
CA ASN B 120 -38.87 -26.95 -12.09
C ASN B 120 -37.83 -26.23 -11.20
N PRO B 121 -36.63 -25.93 -11.79
CA PRO B 121 -35.58 -25.22 -11.02
C PRO B 121 -35.98 -23.79 -10.70
N SER B 122 -35.50 -23.26 -9.57
CA SER B 122 -35.83 -21.91 -9.12
C SER B 122 -34.76 -21.39 -8.16
N LYS B 123 -34.30 -20.13 -8.36
CA LYS B 123 -33.31 -19.40 -7.53
C LYS B 123 -32.07 -20.27 -7.21
N LEU B 124 -31.52 -20.89 -8.26
CA LEU B 124 -30.36 -21.77 -8.17
C LEU B 124 -29.06 -21.00 -8.38
N THR B 125 -27.96 -21.51 -7.80
CA THR B 125 -26.60 -20.96 -7.92
C THR B 125 -25.81 -21.94 -8.76
N GLN B 126 -25.08 -21.44 -9.76
CA GLN B 126 -24.27 -22.30 -10.60
C GLN B 126 -22.79 -22.04 -10.35
N ILE B 127 -21.97 -23.01 -10.68
CA ILE B 127 -20.55 -22.94 -10.48
C ILE B 127 -19.85 -22.42 -11.74
N ALA B 128 -18.75 -21.68 -11.53
CA ALA B 128 -17.87 -21.25 -12.60
C ALA B 128 -16.87 -22.38 -12.83
N ILE B 129 -16.57 -22.69 -14.09
CA ILE B 129 -15.64 -23.79 -14.40
C ILE B 129 -14.27 -23.22 -14.83
N ALA B 130 -13.19 -23.68 -14.16
CA ALA B 130 -11.80 -23.29 -14.45
C ALA B 130 -11.18 -24.23 -15.47
N ASP B 131 -10.04 -23.77 -16.04
CA ASP B 131 -9.28 -24.56 -16.99
C ASP B 131 -8.37 -25.50 -16.17
N SER B 132 -8.77 -26.77 -16.03
CA SER B 132 -7.99 -27.79 -15.32
C SER B 132 -6.61 -28.07 -15.99
N ASP B 133 -6.41 -27.71 -17.29
CA ASP B 133 -5.10 -27.87 -17.96
C ASP B 133 -4.09 -26.83 -17.44
N LYS B 134 -4.56 -25.79 -16.75
CA LYS B 134 -3.70 -24.76 -16.16
C LYS B 134 -3.29 -25.13 -14.70
N LEU B 135 -3.78 -26.29 -14.18
CA LEU B 135 -3.47 -26.78 -12.83
C LEU B 135 -2.07 -27.27 -12.71
N ARG B 136 -1.52 -27.14 -11.48
CA ARG B 136 -0.17 -27.60 -11.14
C ARG B 136 -0.15 -28.22 -9.78
N VAL B 137 0.77 -29.17 -9.58
CA VAL B 137 0.99 -29.84 -8.29
C VAL B 137 1.41 -28.75 -7.29
N GLY B 138 0.65 -28.61 -6.23
CA GLY B 138 0.91 -27.59 -5.23
C GLY B 138 -0.22 -26.61 -5.08
N ASP B 139 -1.06 -26.49 -6.13
CA ASP B 139 -2.25 -25.61 -6.14
C ASP B 139 -3.21 -26.07 -5.07
N PHE B 140 -3.82 -25.12 -4.37
CA PHE B 140 -4.76 -25.42 -3.27
C PHE B 140 -6.11 -25.82 -3.81
N ALA B 141 -6.74 -26.79 -3.17
CA ALA B 141 -8.04 -27.34 -3.60
C ALA B 141 -8.94 -27.55 -2.43
N VAL B 142 -10.25 -27.31 -2.66
CA VAL B 142 -11.30 -27.50 -1.65
C VAL B 142 -12.30 -28.49 -2.21
N ALA B 143 -12.52 -29.59 -1.48
CA ALA B 143 -13.51 -30.63 -1.82
C ALA B 143 -14.81 -30.32 -1.11
N VAL B 144 -15.91 -30.33 -1.86
CA VAL B 144 -17.25 -30.07 -1.35
C VAL B 144 -18.09 -31.20 -1.79
N GLY B 145 -18.66 -31.89 -0.80
CA GLY B 145 -19.51 -33.04 -1.02
C GLY B 145 -20.30 -33.37 0.23
N ASN B 146 -20.93 -34.57 0.23
CA ASN B 146 -21.77 -35.08 1.31
C ASN B 146 -21.23 -36.39 1.89
N PRO B 147 -20.05 -36.39 2.60
CA PRO B 147 -19.51 -37.67 3.08
C PRO B 147 -20.35 -38.25 4.21
N PHE B 148 -20.64 -39.58 4.12
CA PHE B 148 -21.42 -40.40 5.04
C PHE B 148 -22.83 -39.83 5.31
N GLY B 149 -23.39 -39.13 4.33
CA GLY B 149 -24.69 -38.48 4.37
C GLY B 149 -24.85 -37.48 5.49
N LEU B 150 -23.75 -36.78 5.86
CA LEU B 150 -23.78 -35.85 7.00
C LEU B 150 -24.40 -34.49 6.68
N GLY B 151 -24.39 -34.14 5.41
CA GLY B 151 -24.77 -32.82 4.97
C GLY B 151 -23.53 -32.22 4.33
N GLN B 152 -23.67 -31.08 3.67
CA GLN B 152 -22.60 -30.38 2.97
C GLN B 152 -21.37 -30.20 3.87
N THR B 153 -20.25 -30.72 3.37
CA THR B 153 -18.95 -30.71 4.03
C THR B 153 -17.91 -30.20 3.06
N ALA B 154 -17.08 -29.24 3.53
CA ALA B 154 -15.96 -28.71 2.80
C ALA B 154 -14.64 -29.19 3.45
N THR B 155 -13.72 -29.72 2.65
CA THR B 155 -12.41 -30.18 3.14
C THR B 155 -11.36 -29.54 2.26
N SER B 156 -10.21 -29.24 2.80
CA SER B 156 -9.13 -28.54 2.12
C SER B 156 -7.84 -29.38 1.96
N GLY B 157 -7.12 -29.14 0.88
CA GLY B 157 -5.87 -29.81 0.60
C GLY B 157 -5.15 -29.17 -0.57
N ILE B 158 -4.27 -29.94 -1.23
CA ILE B 158 -3.52 -29.47 -2.41
C ILE B 158 -3.75 -30.41 -3.57
N VAL B 159 -3.31 -29.99 -4.79
CA VAL B 159 -3.26 -30.83 -5.97
C VAL B 159 -1.98 -31.63 -5.80
N SER B 160 -2.13 -32.94 -5.52
CA SER B 160 -1.05 -33.88 -5.21
C SER B 160 -0.36 -34.42 -6.47
N ALA B 161 -1.14 -34.63 -7.55
CA ALA B 161 -0.69 -35.17 -8.83
C ALA B 161 -1.72 -34.88 -9.89
N LEU B 162 -1.32 -35.02 -11.15
CA LEU B 162 -2.17 -34.74 -12.33
C LEU B 162 -1.99 -35.80 -13.40
N GLY B 163 -3.01 -35.99 -14.24
CA GLY B 163 -2.98 -36.97 -15.33
C GLY B 163 -2.81 -38.40 -14.88
N ARG B 164 -3.45 -38.76 -13.74
CA ARG B 164 -3.36 -40.08 -13.15
C ARG B 164 -4.23 -41.11 -13.84
N SER B 165 -3.60 -42.21 -14.27
CA SER B 165 -4.21 -43.31 -15.00
C SER B 165 -3.77 -44.70 -14.44
N GLY B 166 -4.24 -45.78 -15.10
CA GLY B 166 -3.91 -47.16 -14.74
C GLY B 166 -4.23 -47.55 -13.31
N LEU B 167 -5.30 -46.97 -12.76
CA LEU B 167 -5.75 -47.26 -11.41
C LEU B 167 -6.86 -48.32 -11.43
N ASN B 168 -7.30 -48.69 -12.66
CA ASN B 168 -8.37 -49.68 -12.91
C ASN B 168 -9.64 -49.34 -12.09
N LEU B 169 -9.98 -48.05 -12.09
CA LEU B 169 -11.17 -47.52 -11.42
C LEU B 169 -12.23 -47.27 -12.47
N GLU B 170 -11.82 -46.65 -13.57
CA GLU B 170 -12.63 -46.26 -14.69
C GLU B 170 -12.05 -46.78 -16.00
N GLY B 171 -12.87 -46.76 -17.04
CA GLY B 171 -12.43 -47.11 -18.38
C GLY B 171 -11.55 -46.02 -18.94
N LEU B 172 -11.93 -44.74 -18.67
CA LEU B 172 -11.17 -43.55 -19.08
C LEU B 172 -10.81 -42.75 -17.85
N GLU B 173 -9.50 -42.60 -17.62
CA GLU B 173 -8.92 -41.92 -16.48
C GLU B 173 -7.89 -40.88 -16.88
N ASN B 174 -8.02 -39.70 -16.29
CA ASN B 174 -7.08 -38.59 -16.40
C ASN B 174 -7.21 -37.75 -15.12
N PHE B 175 -7.23 -38.46 -14.01
CA PHE B 175 -7.51 -37.95 -12.68
C PHE B 175 -6.54 -36.91 -12.11
N ILE B 176 -7.12 -35.95 -11.39
CA ILE B 176 -6.46 -35.03 -10.50
C ILE B 176 -6.38 -35.78 -9.17
N GLN B 177 -5.20 -35.79 -8.55
CA GLN B 177 -5.06 -36.43 -7.24
C GLN B 177 -4.99 -35.33 -6.18
N THR B 178 -5.69 -35.50 -5.04
CA THR B 178 -5.71 -34.48 -4.00
C THR B 178 -5.64 -35.10 -2.63
N ASP B 179 -5.13 -34.37 -1.64
CA ASP B 179 -5.05 -34.87 -0.26
C ASP B 179 -6.18 -34.28 0.61
N ALA B 180 -7.11 -33.53 -0.02
CA ALA B 180 -8.33 -33.07 0.63
C ALA B 180 -9.15 -34.31 1.02
N SER B 181 -9.61 -34.42 2.26
CA SER B 181 -10.36 -35.60 2.71
C SER B 181 -11.61 -35.82 1.86
N ILE B 182 -11.63 -36.96 1.18
CA ILE B 182 -12.68 -37.40 0.30
C ILE B 182 -13.07 -38.79 0.79
N ASN B 183 -14.35 -38.95 1.12
CA ASN B 183 -14.89 -40.19 1.68
C ASN B 183 -16.13 -40.58 0.92
N ARG B 184 -16.70 -41.75 1.22
CA ARG B 184 -17.94 -42.23 0.60
C ARG B 184 -19.04 -41.19 0.85
N GLY B 185 -19.73 -40.84 -0.23
CA GLY B 185 -20.76 -39.81 -0.25
C GLY B 185 -20.21 -38.53 -0.85
N ASN B 186 -18.86 -38.46 -1.07
CA ASN B 186 -18.22 -37.30 -1.69
C ASN B 186 -18.35 -37.35 -3.21
N SER B 187 -18.74 -38.53 -3.73
CA SER B 187 -18.92 -38.81 -5.17
C SER B 187 -19.88 -37.84 -5.90
N GLY B 188 -19.40 -37.30 -7.00
CA GLY B 188 -20.15 -36.36 -7.82
C GLY B 188 -19.96 -34.93 -7.40
N GLY B 189 -19.40 -34.74 -6.21
CA GLY B 189 -19.11 -33.42 -5.67
C GLY B 189 -18.00 -32.67 -6.38
N ALA B 190 -17.80 -31.45 -5.90
CA ALA B 190 -16.89 -30.44 -6.43
C ALA B 190 -15.52 -30.45 -5.81
N LEU B 191 -14.52 -30.30 -6.69
CA LEU B 191 -13.15 -30.00 -6.35
C LEU B 191 -12.96 -28.58 -6.88
N LEU B 192 -12.69 -27.63 -5.99
CA LEU B 192 -12.59 -26.22 -6.33
C LEU B 192 -11.21 -25.62 -6.12
N ASN B 193 -10.91 -24.52 -6.82
CA ASN B 193 -9.70 -23.77 -6.58
C ASN B 193 -10.00 -22.68 -5.53
N LEU B 194 -9.02 -21.81 -5.25
CA LEU B 194 -9.17 -20.72 -4.28
C LEU B 194 -10.09 -19.58 -4.78
N ASN B 195 -10.51 -19.58 -6.05
CA ASN B 195 -11.48 -18.63 -6.58
C ASN B 195 -12.91 -19.22 -6.54
N GLY B 196 -13.02 -20.47 -6.08
CA GLY B 196 -14.29 -21.18 -5.99
C GLY B 196 -14.77 -21.69 -7.32
N GLU B 197 -13.84 -21.86 -8.25
CA GLU B 197 -14.14 -22.36 -9.60
C GLU B 197 -13.90 -23.86 -9.61
N LEU B 198 -14.72 -24.58 -10.38
CA LEU B 198 -14.63 -26.03 -10.49
C LEU B 198 -13.37 -26.45 -11.23
N ILE B 199 -12.55 -27.29 -10.58
CA ILE B 199 -11.35 -27.85 -11.20
C ILE B 199 -11.56 -29.37 -11.40
N GLY B 200 -12.61 -29.95 -10.79
CA GLY B 200 -12.88 -31.36 -10.95
C GLY B 200 -14.07 -31.91 -10.21
N ILE B 201 -14.48 -33.12 -10.61
CA ILE B 201 -15.62 -33.87 -10.02
C ILE B 201 -15.06 -35.00 -9.15
N ASN B 202 -15.19 -34.89 -7.81
CA ASN B 202 -14.65 -35.91 -6.92
C ASN B 202 -15.29 -37.28 -7.27
N THR B 203 -14.45 -38.31 -7.53
CA THR B 203 -14.95 -39.58 -8.05
C THR B 203 -14.51 -40.82 -7.28
N ALA B 204 -13.24 -40.95 -6.91
CA ALA B 204 -12.75 -42.16 -6.27
C ALA B 204 -11.68 -41.88 -5.27
N ILE B 205 -11.32 -42.89 -4.46
CA ILE B 205 -10.24 -42.79 -3.46
C ILE B 205 -9.46 -44.12 -3.37
N LEU B 206 -8.21 -44.04 -2.87
CA LEU B 206 -7.38 -45.19 -2.51
C LEU B 206 -7.41 -45.24 -1.02
N ALA B 207 -8.03 -46.28 -0.45
CA ALA B 207 -8.21 -46.38 0.99
C ALA B 207 -8.15 -47.82 1.46
N PRO B 208 -7.09 -48.20 2.21
CA PRO B 208 -7.00 -49.59 2.73
C PRO B 208 -8.25 -50.06 3.48
N GLY B 209 -8.81 -49.21 4.35
CA GLY B 209 -9.97 -49.57 5.15
C GLY B 209 -11.25 -48.79 4.93
N GLY B 210 -11.51 -48.43 3.67
CA GLY B 210 -12.73 -47.72 3.30
C GLY B 210 -12.85 -46.25 3.67
N GLY B 211 -11.86 -45.71 4.37
CA GLY B 211 -11.83 -44.31 4.73
C GLY B 211 -10.62 -43.58 4.19
N SER B 212 -10.75 -42.25 3.99
CA SER B 212 -9.70 -41.36 3.50
C SER B 212 -8.40 -41.44 4.27
N VAL B 213 -7.33 -41.56 3.47
CA VAL B 213 -5.92 -41.60 3.89
C VAL B 213 -5.17 -40.45 3.15
N GLY B 214 -5.91 -39.58 2.45
CA GLY B 214 -5.38 -38.46 1.67
C GLY B 214 -4.98 -38.76 0.23
N ILE B 215 -5.56 -39.82 -0.39
CA ILE B 215 -5.33 -40.17 -1.79
C ILE B 215 -6.69 -40.21 -2.46
N GLY B 216 -7.10 -39.06 -3.00
CA GLY B 216 -8.40 -38.90 -3.64
C GLY B 216 -8.25 -38.52 -5.08
N PHE B 217 -9.23 -38.89 -5.89
CA PHE B 217 -9.23 -38.66 -7.34
C PHE B 217 -10.45 -37.92 -7.83
N ALA B 218 -10.23 -36.96 -8.75
CA ALA B 218 -11.26 -36.12 -9.36
C ALA B 218 -11.15 -36.12 -10.88
N ILE B 219 -12.29 -36.30 -11.57
CA ILE B 219 -12.33 -36.17 -13.03
C ILE B 219 -12.06 -34.68 -13.31
N PRO B 220 -11.06 -34.32 -14.13
CA PRO B 220 -10.79 -32.87 -14.37
C PRO B 220 -11.96 -32.13 -15.01
N SER B 221 -12.08 -30.81 -14.67
CA SER B 221 -13.16 -29.93 -15.09
C SER B 221 -13.31 -29.85 -16.59
N ASN B 222 -12.22 -29.83 -17.34
CA ASN B 222 -12.27 -29.75 -18.80
C ASN B 222 -12.92 -31.01 -19.40
N MET B 223 -12.57 -32.18 -18.87
CA MET B 223 -13.16 -33.45 -19.26
C MET B 223 -14.65 -33.51 -18.91
N ALA B 224 -15.02 -33.17 -17.65
CA ALA B 224 -16.41 -33.16 -17.20
C ALA B 224 -17.26 -32.15 -18.00
N ARG B 225 -16.73 -30.93 -18.29
CA ARG B 225 -17.42 -29.88 -19.07
C ARG B 225 -17.74 -30.37 -20.51
N THR B 226 -16.73 -30.90 -21.22
CA THR B 226 -16.88 -31.44 -22.57
C THR B 226 -17.91 -32.59 -22.62
N LEU B 227 -17.81 -33.56 -21.69
CA LEU B 227 -18.74 -34.68 -21.65
C LEU B 227 -20.15 -34.18 -21.32
N ALA B 228 -20.28 -33.18 -20.42
CA ALA B 228 -21.57 -32.57 -20.05
C ALA B 228 -22.23 -31.94 -21.29
N GLN B 229 -21.43 -31.22 -22.14
CA GLN B 229 -21.92 -30.59 -23.37
C GLN B 229 -22.48 -31.62 -24.33
N GLN B 230 -21.78 -32.77 -24.48
CA GLN B 230 -22.23 -33.89 -25.32
C GLN B 230 -23.57 -34.46 -24.83
N LEU B 231 -23.76 -34.50 -23.52
CA LEU B 231 -25.01 -35.01 -22.95
C LEU B 231 -26.12 -33.97 -23.05
N ILE B 232 -25.83 -32.65 -22.98
CA ILE B 232 -26.90 -31.65 -23.13
C ILE B 232 -27.31 -31.61 -24.63
N ASP B 233 -26.34 -31.82 -25.56
CA ASP B 233 -26.59 -31.80 -27.00
C ASP B 233 -27.19 -33.08 -27.57
N PHE B 234 -26.85 -34.25 -27.03
CA PHE B 234 -27.30 -35.49 -27.65
C PHE B 234 -27.90 -36.55 -26.71
N GLY B 235 -27.82 -36.34 -25.39
CA GLY B 235 -28.29 -37.34 -24.42
C GLY B 235 -27.37 -38.54 -24.28
N GLU B 236 -26.29 -38.53 -25.05
CA GLU B 236 -25.28 -39.54 -25.07
C GLU B 236 -23.97 -38.92 -25.50
N ILE B 237 -22.88 -39.63 -25.23
CA ILE B 237 -21.54 -39.20 -25.60
C ILE B 237 -21.25 -39.69 -27.01
N LYS B 238 -20.40 -38.93 -27.72
CA LYS B 238 -19.90 -39.31 -29.02
C LYS B 238 -18.38 -39.49 -28.82
N ARG B 239 -17.95 -40.76 -28.84
CA ARG B 239 -16.58 -41.23 -28.62
C ARG B 239 -15.68 -41.00 -29.86
N GLY B 240 -14.67 -40.17 -29.68
CA GLY B 240 -13.72 -39.88 -30.76
C GLY B 240 -12.54 -40.84 -30.78
N LEU B 241 -11.96 -41.07 -31.98
CA LEU B 241 -10.77 -41.89 -32.09
C LEU B 241 -9.80 -41.30 -33.12
N LEU B 242 -8.50 -41.47 -32.84
CA LEU B 242 -7.41 -41.04 -33.73
C LEU B 242 -7.22 -42.00 -34.92
N GLY B 243 -7.31 -43.30 -34.66
CA GLY B 243 -7.07 -44.38 -35.61
C GLY B 243 -5.64 -44.83 -35.47
N ILE B 244 -5.17 -44.90 -34.23
CA ILE B 244 -3.82 -45.21 -33.79
C ILE B 244 -3.87 -46.44 -32.88
N LYS B 245 -2.82 -47.28 -32.97
CA LYS B 245 -2.58 -48.41 -32.10
C LYS B 245 -1.19 -48.22 -31.56
N GLY B 246 -1.06 -48.28 -30.26
CA GLY B 246 0.24 -48.08 -29.64
C GLY B 246 0.38 -48.53 -28.21
N THR B 247 1.59 -48.36 -27.70
CA THR B 247 2.01 -48.70 -26.35
C THR B 247 2.52 -47.43 -25.67
N GLU B 248 2.79 -47.55 -24.38
CA GLU B 248 3.39 -46.51 -23.57
C GLU B 248 4.82 -46.31 -23.97
N MET B 249 5.20 -45.05 -24.10
CA MET B 249 6.56 -44.65 -24.35
C MET B 249 7.32 -44.90 -23.04
N SER B 250 8.53 -45.46 -23.14
CA SER B 250 9.35 -45.78 -21.98
C SER B 250 10.73 -45.19 -22.09
N ALA B 251 11.47 -45.20 -20.97
CA ALA B 251 12.86 -44.76 -20.87
C ALA B 251 13.75 -45.65 -21.73
N ASP B 252 13.33 -46.91 -21.92
CA ASP B 252 14.02 -47.95 -22.69
C ASP B 252 13.95 -47.63 -24.18
N ILE B 253 12.76 -47.26 -24.71
CA ILE B 253 12.64 -46.83 -26.11
C ILE B 253 13.46 -45.55 -26.30
N ALA B 254 13.32 -44.58 -25.37
CA ALA B 254 14.05 -43.31 -25.41
C ALA B 254 15.57 -43.53 -25.46
N LYS B 255 16.16 -44.41 -24.60
CA LYS B 255 17.59 -44.71 -24.59
C LYS B 255 18.05 -45.34 -25.92
N ALA B 256 17.29 -46.31 -26.44
CA ALA B 256 17.55 -47.00 -27.70
C ALA B 256 17.64 -46.06 -28.90
N PHE B 257 16.86 -44.96 -28.90
CA PHE B 257 16.83 -43.99 -30.02
C PHE B 257 17.40 -42.61 -29.67
N ASN B 258 18.16 -42.52 -28.57
CA ASN B 258 18.82 -41.31 -28.07
C ASN B 258 17.87 -40.09 -27.99
N LEU B 259 16.67 -40.30 -27.40
CA LEU B 259 15.63 -39.28 -27.27
C LEU B 259 15.63 -38.67 -25.88
N ASP B 260 15.17 -37.41 -25.78
CA ASP B 260 15.12 -36.65 -24.52
C ASP B 260 13.70 -36.62 -23.88
N VAL B 261 12.80 -37.47 -24.36
CA VAL B 261 11.44 -37.62 -23.85
C VAL B 261 11.22 -39.12 -23.57
N GLN B 262 10.58 -39.47 -22.46
CA GLN B 262 10.37 -40.88 -22.10
C GLN B 262 8.92 -41.16 -21.74
N ARG B 263 8.05 -40.16 -21.89
CA ARG B 263 6.63 -40.28 -21.60
C ARG B 263 5.82 -39.87 -22.84
N GLY B 264 4.77 -40.61 -23.12
CA GLY B 264 3.92 -40.37 -24.28
C GLY B 264 3.41 -41.65 -24.90
N ALA B 265 3.05 -41.56 -26.19
CA ALA B 265 2.54 -42.70 -26.94
C ALA B 265 3.51 -43.15 -28.03
N PHE B 266 3.81 -44.44 -28.05
CA PHE B 266 4.64 -45.03 -29.09
C PHE B 266 3.67 -45.64 -30.10
N VAL B 267 3.64 -45.11 -31.35
CA VAL B 267 2.71 -45.58 -32.37
C VAL B 267 3.26 -46.81 -33.06
N SER B 268 2.50 -47.89 -33.04
CA SER B 268 2.90 -49.13 -33.69
C SER B 268 2.10 -49.33 -35.00
N GLU B 269 0.90 -48.78 -35.07
CA GLU B 269 0.02 -48.97 -36.21
C GLU B 269 -0.91 -47.78 -36.43
N VAL B 270 -1.03 -47.32 -37.67
CA VAL B 270 -1.92 -46.24 -38.09
C VAL B 270 -3.00 -46.89 -38.98
N LEU B 271 -4.25 -46.87 -38.55
CA LEU B 271 -5.33 -47.53 -39.27
C LEU B 271 -5.62 -46.82 -40.59
N PRO B 272 -5.72 -47.54 -41.72
CA PRO B 272 -5.93 -46.86 -43.02
C PRO B 272 -7.33 -46.26 -43.12
N GLY B 273 -7.39 -45.02 -43.64
CA GLY B 273 -8.63 -44.29 -43.80
C GLY B 273 -9.01 -43.45 -42.60
N SER B 274 -8.19 -43.52 -41.54
CA SER B 274 -8.39 -42.78 -40.30
C SER B 274 -7.85 -41.36 -40.45
N GLY B 275 -8.26 -40.46 -39.53
CA GLY B 275 -7.83 -39.09 -39.49
C GLY B 275 -6.33 -38.99 -39.36
N SER B 276 -5.72 -39.94 -38.59
CA SER B 276 -4.28 -40.02 -38.36
C SER B 276 -3.51 -40.41 -39.62
N ALA B 277 -4.03 -41.35 -40.43
CA ALA B 277 -3.44 -41.72 -41.72
C ALA B 277 -3.50 -40.49 -42.69
N LYS B 278 -4.70 -39.82 -42.79
CA LYS B 278 -4.91 -38.64 -43.64
C LYS B 278 -3.99 -37.49 -43.25
N ALA B 279 -3.74 -37.31 -41.96
CA ALA B 279 -2.87 -36.25 -41.42
C ALA B 279 -1.39 -36.55 -41.59
N GLY B 280 -1.04 -37.81 -41.88
CA GLY B 280 0.35 -38.23 -42.07
C GLY B 280 1.06 -38.79 -40.85
N VAL B 281 0.28 -39.36 -39.87
CA VAL B 281 0.88 -40.01 -38.69
C VAL B 281 1.44 -41.36 -39.18
N LYS B 282 2.65 -41.71 -38.74
CA LYS B 282 3.29 -42.94 -39.18
C LYS B 282 3.70 -43.82 -38.02
N ALA B 283 3.68 -45.16 -38.24
CA ALA B 283 4.13 -46.13 -37.23
C ALA B 283 5.59 -45.82 -36.88
N GLY B 284 5.89 -45.86 -35.58
CA GLY B 284 7.21 -45.55 -35.04
C GLY B 284 7.28 -44.15 -34.47
N ASP B 285 6.25 -43.35 -34.69
CA ASP B 285 6.18 -41.97 -34.17
C ASP B 285 5.94 -42.01 -32.68
N ILE B 286 6.39 -40.95 -32.00
CA ILE B 286 6.19 -40.80 -30.57
C ILE B 286 5.36 -39.56 -30.35
N ILE B 287 4.07 -39.74 -29.99
CA ILE B 287 3.18 -38.63 -29.69
C ILE B 287 3.56 -38.10 -28.30
N THR B 288 4.04 -36.86 -28.27
CA THR B 288 4.58 -36.15 -27.13
C THR B 288 3.56 -35.15 -26.55
N SER B 289 2.74 -34.55 -27.41
CA SER B 289 1.80 -33.51 -27.06
C SER B 289 0.46 -33.68 -27.69
N LEU B 290 -0.53 -33.05 -27.03
CA LEU B 290 -1.88 -32.92 -27.52
C LEU B 290 -2.25 -31.46 -27.29
N ASN B 291 -2.52 -30.74 -28.37
CA ASN B 291 -2.90 -29.32 -28.40
C ASN B 291 -1.88 -28.47 -27.60
N GLY B 292 -0.60 -28.73 -27.83
CA GLY B 292 0.53 -28.04 -27.20
C GLY B 292 0.86 -28.46 -25.80
N LYS B 293 0.01 -29.28 -25.15
CA LYS B 293 0.25 -29.72 -23.79
C LYS B 293 0.94 -31.09 -23.79
N PRO B 294 2.10 -31.22 -23.10
CA PRO B 294 2.79 -32.53 -23.04
C PRO B 294 1.94 -33.64 -22.41
N LEU B 295 2.06 -34.85 -22.96
CA LEU B 295 1.39 -36.05 -22.48
C LEU B 295 2.27 -36.81 -21.52
N ASN B 296 1.72 -37.21 -20.35
CA ASN B 296 2.54 -37.97 -19.41
C ASN B 296 2.38 -39.49 -19.66
N SER B 297 1.42 -39.86 -20.54
CA SER B 297 1.16 -41.26 -20.90
C SER B 297 0.29 -41.41 -22.16
N PHE B 298 0.27 -42.64 -22.70
CA PHE B 298 -0.60 -43.04 -23.79
C PHE B 298 -2.04 -43.13 -23.25
N ALA B 299 -2.19 -43.55 -21.99
CA ALA B 299 -3.45 -43.67 -21.28
C ALA B 299 -4.14 -42.31 -21.15
N GLU B 300 -3.36 -41.23 -20.95
CA GLU B 300 -3.82 -39.83 -20.90
C GLU B 300 -4.33 -39.44 -22.27
N LEU B 301 -3.56 -39.76 -23.33
CA LEU B 301 -3.92 -39.50 -24.71
C LEU B 301 -5.23 -40.20 -25.05
N ARG B 302 -5.35 -41.50 -24.70
CA ARG B 302 -6.53 -42.32 -24.91
C ARG B 302 -7.78 -41.67 -24.25
N SER B 303 -7.70 -41.29 -22.98
CA SER B 303 -8.84 -40.66 -22.27
C SER B 303 -9.17 -39.25 -22.82
N ARG B 304 -8.15 -38.45 -23.18
CA ARG B 304 -8.40 -37.13 -23.73
C ARG B 304 -9.07 -37.22 -25.11
N ILE B 305 -8.65 -38.16 -25.97
CA ILE B 305 -9.22 -38.34 -27.31
C ILE B 305 -10.64 -38.93 -27.24
N ALA B 306 -10.93 -39.88 -26.34
CA ALA B 306 -12.25 -40.50 -26.25
C ALA B 306 -13.34 -39.56 -25.68
N THR B 307 -12.92 -38.54 -24.95
CA THR B 307 -13.71 -37.47 -24.31
C THR B 307 -14.01 -36.40 -25.38
N THR B 308 -13.18 -36.34 -26.43
CA THR B 308 -13.35 -35.37 -27.49
C THR B 308 -14.31 -35.94 -28.55
N GLU B 309 -15.24 -35.08 -29.02
CA GLU B 309 -16.28 -35.36 -30.01
C GLU B 309 -15.71 -35.70 -31.40
N PRO B 310 -16.24 -36.74 -32.10
CA PRO B 310 -15.77 -37.03 -33.46
C PRO B 310 -15.98 -35.83 -34.39
N GLY B 311 -15.02 -35.57 -35.26
CA GLY B 311 -15.07 -34.44 -36.17
C GLY B 311 -14.21 -33.29 -35.69
N THR B 312 -13.88 -33.27 -34.37
CA THR B 312 -13.01 -32.26 -33.77
C THR B 312 -11.58 -32.44 -34.27
N LYS B 313 -10.92 -31.32 -34.55
CA LYS B 313 -9.55 -31.28 -34.99
C LYS B 313 -8.63 -31.07 -33.79
N VAL B 314 -7.58 -31.89 -33.67
CA VAL B 314 -6.60 -31.82 -32.57
C VAL B 314 -5.21 -31.64 -33.15
N LYS B 315 -4.31 -31.02 -32.39
CA LYS B 315 -2.92 -30.83 -32.81
C LYS B 315 -2.06 -31.83 -32.05
N LEU B 316 -1.38 -32.70 -32.78
CA LEU B 316 -0.56 -33.75 -32.22
C LEU B 316 0.90 -33.38 -32.29
N GLY B 317 1.56 -33.37 -31.15
CA GLY B 317 2.99 -33.18 -31.04
C GLY B 317 3.63 -34.55 -31.20
N LEU B 318 4.49 -34.65 -32.18
CA LEU B 318 5.12 -35.88 -32.65
C LEU B 318 6.64 -35.84 -32.68
N LEU B 319 7.26 -37.01 -32.70
CA LEU B 319 8.71 -37.15 -32.79
C LEU B 319 8.97 -38.28 -33.81
N ARG B 320 9.54 -37.92 -34.97
CA ARG B 320 9.79 -38.87 -36.07
C ARG B 320 11.30 -38.88 -36.40
N ASN B 321 11.97 -40.00 -36.03
CA ASN B 321 13.42 -40.20 -36.17
C ASN B 321 14.17 -39.12 -35.41
N GLY B 322 13.64 -38.76 -34.24
CA GLY B 322 14.22 -37.77 -33.34
C GLY B 322 13.96 -36.33 -33.73
N LYS B 323 13.12 -36.11 -34.76
CA LYS B 323 12.77 -34.79 -35.25
C LYS B 323 11.32 -34.42 -34.86
N PRO B 324 11.13 -33.19 -34.33
CA PRO B 324 9.76 -32.77 -33.94
C PRO B 324 8.87 -32.40 -35.14
N LEU B 325 7.56 -32.70 -35.02
CA LEU B 325 6.51 -32.40 -36.02
C LEU B 325 5.22 -32.06 -35.31
N GLU B 326 4.40 -31.20 -35.92
CA GLU B 326 3.05 -30.86 -35.40
C GLU B 326 2.09 -31.28 -36.49
N VAL B 327 1.06 -32.04 -36.15
CA VAL B 327 0.11 -32.59 -37.13
C VAL B 327 -1.32 -32.34 -36.64
N GLU B 328 -2.19 -31.87 -37.52
CA GLU B 328 -3.59 -31.61 -37.20
C GLU B 328 -4.39 -32.82 -37.66
N VAL B 329 -5.13 -33.46 -36.74
CA VAL B 329 -5.89 -34.69 -36.99
C VAL B 329 -7.37 -34.43 -36.72
N THR B 330 -8.24 -34.93 -37.62
CA THR B 330 -9.68 -34.86 -37.46
C THR B 330 -10.11 -36.20 -36.85
N LEU B 331 -10.81 -36.14 -35.72
CA LEU B 331 -11.21 -37.35 -35.03
C LEU B 331 -12.35 -38.08 -35.71
N ASP B 332 -12.23 -39.41 -35.74
CA ASP B 332 -13.24 -40.31 -36.30
C ASP B 332 -14.17 -40.72 -35.16
N THR B 333 -15.14 -41.60 -35.44
CA THR B 333 -16.05 -42.11 -34.44
C THR B 333 -15.57 -43.52 -34.03
N SER B 334 -15.81 -43.90 -32.76
CA SER B 334 -15.43 -45.21 -32.22
C SER B 334 -16.61 -46.21 -32.26
N PRO C 11 10.72 -15.17 7.97
CA PRO C 11 10.17 -14.71 6.69
C PRO C 11 9.10 -15.66 6.15
N LEU C 12 9.26 -16.98 6.38
CA LEU C 12 8.32 -18.00 5.90
C LEU C 12 7.02 -17.99 6.70
N PRO C 13 5.85 -18.09 6.03
CA PRO C 13 4.58 -18.21 6.77
C PRO C 13 4.55 -19.47 7.63
N SER C 14 4.00 -19.36 8.85
CA SER C 14 3.97 -20.44 9.83
C SER C 14 2.89 -20.23 10.91
N LEU C 15 2.46 -21.33 11.56
CA LEU C 15 1.52 -21.29 12.69
C LEU C 15 2.28 -21.24 14.02
N ALA C 16 3.61 -21.46 13.94
CA ALA C 16 4.56 -21.47 15.07
C ALA C 16 4.53 -20.18 15.91
N PRO C 17 4.58 -18.94 15.36
CA PRO C 17 4.53 -17.74 16.21
C PRO C 17 3.32 -17.70 17.16
N MET C 18 2.11 -17.98 16.65
CA MET C 18 0.93 -18.01 17.52
C MET C 18 0.90 -19.31 18.39
N LEU C 19 1.37 -20.49 17.91
CA LEU C 19 1.27 -21.70 18.75
C LEU C 19 2.21 -21.65 19.94
N GLU C 20 3.36 -20.96 19.78
CA GLU C 20 4.39 -20.78 20.80
C GLU C 20 3.78 -20.21 22.10
N LYS C 21 2.88 -19.22 21.96
CA LYS C 21 2.25 -18.52 23.09
C LYS C 21 1.10 -19.29 23.70
N VAL C 22 0.43 -20.11 22.90
CA VAL C 22 -0.83 -20.78 23.22
C VAL C 22 -0.71 -22.27 23.61
N LEU C 23 0.21 -23.03 22.99
CA LEU C 23 0.36 -24.46 23.30
C LEU C 23 0.44 -24.76 24.82
N PRO C 24 1.14 -23.93 25.66
CA PRO C 24 1.22 -24.25 27.09
C PRO C 24 -0.15 -24.42 27.78
N ALA C 25 -1.23 -23.75 27.24
CA ALA C 25 -2.62 -23.80 27.76
C ALA C 25 -3.31 -25.15 27.53
N VAL C 26 -2.80 -25.98 26.60
CA VAL C 26 -3.43 -27.27 26.29
C VAL C 26 -2.67 -28.35 26.99
N VAL C 27 -3.36 -29.08 27.85
CA VAL C 27 -2.76 -30.10 28.70
C VAL C 27 -3.18 -31.53 28.32
N SER C 28 -2.48 -32.49 28.89
CA SER C 28 -2.69 -33.92 28.79
C SER C 28 -3.42 -34.34 30.06
N VAL C 29 -4.52 -35.10 29.94
CA VAL C 29 -5.31 -35.53 31.10
C VAL C 29 -5.14 -37.05 31.26
N ARG C 30 -4.51 -37.44 32.37
CA ARG C 30 -4.24 -38.84 32.69
C ARG C 30 -5.20 -39.25 33.81
N VAL C 31 -5.85 -40.38 33.60
CA VAL C 31 -6.89 -40.86 34.49
C VAL C 31 -6.60 -42.31 34.94
N GLU C 32 -6.91 -42.60 36.21
CA GLU C 32 -6.78 -43.93 36.85
C GLU C 32 -8.09 -44.25 37.56
N GLY C 33 -8.60 -45.44 37.33
CA GLY C 33 -9.85 -45.85 37.96
C GLY C 33 -10.03 -47.34 38.08
N THR C 34 -11.29 -47.80 37.95
CA THR C 34 -11.69 -49.21 38.03
C THR C 34 -12.41 -49.63 36.73
N GLN C 59 -11.38 -54.01 38.06
CA GLN C 59 -9.98 -54.08 37.66
C GLN C 59 -9.43 -52.67 37.36
N PRO C 60 -8.21 -52.30 37.86
CA PRO C 60 -7.66 -50.95 37.57
C PRO C 60 -7.33 -50.70 36.09
N PHE C 61 -7.51 -49.44 35.65
CA PHE C 61 -7.25 -48.99 34.28
C PHE C 61 -6.54 -47.63 34.26
N GLU C 62 -5.87 -47.32 33.13
CA GLU C 62 -5.20 -46.05 32.88
C GLU C 62 -5.67 -45.48 31.55
N GLY C 63 -6.36 -44.34 31.63
CA GLY C 63 -6.93 -43.66 30.47
C GLY C 63 -6.24 -42.36 30.14
N LEU C 64 -6.32 -41.95 28.86
CA LEU C 64 -5.66 -40.73 28.44
C LEU C 64 -6.49 -39.92 27.49
N GLY C 65 -6.55 -38.61 27.76
CA GLY C 65 -7.23 -37.61 26.96
C GLY C 65 -6.49 -36.29 27.04
N SER C 66 -7.11 -35.21 26.55
CA SER C 66 -6.50 -33.90 26.61
C SER C 66 -7.38 -32.93 27.39
N GLY C 67 -6.88 -31.73 27.64
CA GLY C 67 -7.65 -30.69 28.32
C GLY C 67 -7.18 -29.31 27.91
N VAL C 68 -7.95 -28.29 28.28
CA VAL C 68 -7.63 -26.89 28.01
C VAL C 68 -7.72 -26.06 29.31
N ILE C 69 -6.67 -25.26 29.64
CA ILE C 69 -6.67 -24.38 30.80
C ILE C 69 -7.49 -23.16 30.42
N ILE C 70 -8.63 -23.01 31.09
CA ILE C 70 -9.61 -21.98 30.85
C ILE C 70 -9.42 -20.80 31.86
N ASN C 71 -8.86 -21.08 33.06
CA ASN C 71 -8.53 -20.11 34.11
C ASN C 71 -7.20 -20.51 34.79
N ALA C 72 -6.11 -19.79 34.45
CA ALA C 72 -4.74 -20.02 34.96
C ALA C 72 -4.64 -19.83 36.49
N SER C 73 -5.31 -18.79 37.06
CA SER C 73 -5.29 -18.46 38.51
C SER C 73 -5.94 -19.56 39.36
N LYS C 74 -7.15 -20.01 38.97
CA LYS C 74 -7.91 -21.04 39.70
C LYS C 74 -7.52 -22.47 39.27
N GLY C 75 -6.80 -22.59 38.15
CA GLY C 75 -6.40 -23.88 37.59
C GLY C 75 -7.57 -24.66 37.01
N TYR C 76 -8.54 -23.95 36.38
CA TYR C 76 -9.73 -24.56 35.78
C TYR C 76 -9.39 -25.12 34.38
N VAL C 77 -9.62 -26.42 34.21
CA VAL C 77 -9.36 -27.11 32.96
C VAL C 77 -10.65 -27.65 32.43
N LEU C 78 -10.96 -27.29 31.19
CA LEU C 78 -12.11 -27.83 30.45
C LEU C 78 -11.70 -29.14 29.78
N THR C 79 -12.59 -30.14 29.78
CA THR C 79 -12.37 -31.45 29.13
C THR C 79 -13.74 -32.08 28.79
N ASN C 80 -13.70 -33.35 28.37
CA ASN C 80 -14.85 -34.17 28.00
C ASN C 80 -15.20 -35.08 29.14
N ASN C 81 -16.48 -35.21 29.40
CA ASN C 81 -16.98 -36.08 30.46
C ASN C 81 -16.51 -37.52 30.24
N HIS C 82 -16.55 -37.99 28.98
CA HIS C 82 -16.15 -39.34 28.62
C HIS C 82 -14.66 -39.63 28.94
N VAL C 83 -13.82 -38.60 29.08
CA VAL C 83 -12.39 -38.76 29.44
C VAL C 83 -12.27 -39.10 30.94
N ILE C 84 -13.13 -38.47 31.75
CA ILE C 84 -13.15 -38.46 33.22
C ILE C 84 -14.18 -39.43 33.86
N ASN C 85 -15.16 -39.93 33.09
CA ASN C 85 -16.26 -40.80 33.49
C ASN C 85 -16.01 -41.79 34.65
N GLN C 86 -14.97 -42.65 34.56
CA GLN C 86 -14.75 -43.67 35.61
C GLN C 86 -13.51 -43.39 36.49
N ALA C 87 -12.98 -42.16 36.43
CA ALA C 87 -11.78 -41.74 37.13
C ALA C 87 -11.91 -41.69 38.65
N GLN C 88 -10.88 -42.21 39.32
CA GLN C 88 -10.67 -42.22 40.76
C GLN C 88 -9.53 -41.27 41.07
N LYS C 89 -8.55 -41.17 40.15
CA LYS C 89 -7.41 -40.26 40.22
C LYS C 89 -7.25 -39.57 38.87
N ILE C 90 -7.09 -38.25 38.88
CA ILE C 90 -6.92 -37.42 37.69
C ILE C 90 -5.63 -36.60 37.84
N SER C 91 -4.75 -36.69 36.82
CA SER C 91 -3.52 -35.92 36.76
C SER C 91 -3.45 -35.16 35.45
N ILE C 92 -2.84 -33.97 35.49
CA ILE C 92 -2.67 -33.10 34.33
C ILE C 92 -1.17 -32.99 34.05
N GLN C 93 -0.78 -33.04 32.78
CA GLN C 93 0.62 -32.85 32.41
C GLN C 93 0.73 -31.70 31.44
N LEU C 94 1.62 -30.74 31.74
CA LEU C 94 1.86 -29.58 30.88
C LEU C 94 2.88 -29.97 29.83
N ASN C 95 2.97 -29.20 28.73
CA ASN C 95 3.91 -29.53 27.64
C ASN C 95 5.41 -29.30 28.05
N ASP C 96 5.66 -28.70 29.23
CA ASP C 96 7.02 -28.48 29.77
C ASP C 96 7.45 -29.66 30.69
N GLY C 97 6.52 -30.58 30.93
CA GLY C 97 6.75 -31.77 31.75
C GLY C 97 6.18 -31.72 33.15
N ARG C 98 5.69 -30.53 33.61
CA ARG C 98 5.12 -30.40 34.95
C ARG C 98 3.82 -31.17 35.08
N GLU C 99 3.71 -31.92 36.19
CA GLU C 99 2.55 -32.74 36.54
C GLU C 99 1.82 -32.14 37.73
N PHE C 100 0.48 -32.17 37.70
CA PHE C 100 -0.39 -31.67 38.75
C PHE C 100 -1.52 -32.62 39.01
N ASP C 101 -2.05 -32.60 40.23
CA ASP C 101 -3.22 -33.39 40.53
C ASP C 101 -4.42 -32.55 40.21
N ALA C 102 -5.55 -33.21 39.91
CA ALA C 102 -6.76 -32.49 39.56
C ALA C 102 -7.97 -33.12 40.22
N LYS C 103 -8.96 -32.29 40.53
CA LYS C 103 -10.22 -32.75 41.12
C LYS C 103 -11.37 -32.37 40.21
N LEU C 104 -12.37 -33.25 40.11
CA LEU C 104 -13.55 -32.98 39.28
C LEU C 104 -14.44 -31.94 39.96
N ILE C 105 -14.67 -30.80 39.29
CA ILE C 105 -15.53 -29.73 39.80
C ILE C 105 -17.00 -30.08 39.48
N GLY C 106 -17.22 -30.53 38.26
CA GLY C 106 -18.54 -30.93 37.79
C GLY C 106 -18.49 -31.42 36.36
N SER C 107 -19.59 -32.01 35.90
CA SER C 107 -19.69 -32.57 34.55
C SER C 107 -21.14 -32.58 34.06
N ASP C 108 -21.30 -32.67 32.72
CA ASP C 108 -22.58 -32.80 32.04
C ASP C 108 -22.49 -33.97 31.07
N ASP C 109 -23.24 -35.04 31.36
CA ASP C 109 -23.34 -36.27 30.57
C ASP C 109 -23.91 -36.01 29.18
N GLN C 110 -24.95 -35.16 29.10
CA GLN C 110 -25.69 -34.87 27.89
C GLN C 110 -24.87 -34.11 26.82
N SER C 111 -24.08 -33.13 27.25
CA SER C 111 -23.28 -32.36 26.29
C SER C 111 -21.84 -32.88 26.18
N ASP C 112 -21.37 -33.69 27.15
CA ASP C 112 -20.03 -34.29 27.24
C ASP C 112 -18.99 -33.24 27.63
N ILE C 113 -19.31 -32.42 28.64
CA ILE C 113 -18.37 -31.44 29.15
C ILE C 113 -18.13 -31.71 30.64
N ALA C 114 -16.86 -31.66 31.05
CA ALA C 114 -16.43 -31.86 32.42
C ALA C 114 -15.49 -30.75 32.74
N LEU C 115 -15.49 -30.28 34.00
CA LEU C 115 -14.58 -29.21 34.44
C LEU C 115 -13.74 -29.73 35.62
N LEU C 116 -12.44 -29.53 35.51
CA LEU C 116 -11.48 -29.95 36.51
C LEU C 116 -10.77 -28.76 37.12
N GLN C 117 -10.24 -28.96 38.35
CA GLN C 117 -9.45 -27.94 39.01
C GLN C 117 -8.11 -28.52 39.40
N ILE C 118 -7.05 -27.89 38.92
CA ILE C 118 -5.67 -28.25 39.24
C ILE C 118 -5.41 -27.92 40.72
N GLN C 119 -4.87 -28.90 41.45
CA GLN C 119 -4.51 -28.75 42.85
C GLN C 119 -3.16 -28.05 42.91
N ASN C 120 -3.15 -26.90 43.62
CA ASN C 120 -2.00 -25.99 43.82
C ASN C 120 -1.41 -25.56 42.44
N PRO C 121 -2.22 -24.83 41.64
CA PRO C 121 -1.72 -24.36 40.33
C PRO C 121 -0.61 -23.33 40.50
N SER C 122 0.31 -23.28 39.52
CA SER C 122 1.45 -22.37 39.53
C SER C 122 1.97 -22.14 38.11
N LYS C 123 2.22 -20.86 37.74
CA LYS C 123 2.77 -20.38 36.46
C LYS C 123 2.08 -21.09 35.25
N LEU C 124 0.74 -21.05 35.26
CA LEU C 124 -0.11 -21.65 34.23
C LEU C 124 -0.45 -20.64 33.14
N THR C 125 -0.72 -21.15 31.93
CA THR C 125 -1.13 -20.35 30.78
C THR C 125 -2.58 -20.70 30.50
N GLN C 126 -3.41 -19.67 30.27
CA GLN C 126 -4.81 -19.92 29.95
C GLN C 126 -5.11 -19.54 28.51
N ILE C 127 -6.18 -20.11 27.99
CA ILE C 127 -6.62 -19.87 26.64
C ILE C 127 -7.61 -18.71 26.57
N ALA C 128 -7.56 -17.98 25.47
CA ALA C 128 -8.55 -16.95 25.16
C ALA C 128 -9.71 -17.65 24.43
N ILE C 129 -10.96 -17.28 24.71
CA ILE C 129 -12.11 -17.95 24.09
C ILE C 129 -12.76 -17.04 23.04
N ALA C 130 -12.93 -17.55 21.82
CA ALA C 130 -13.56 -16.84 20.70
C ALA C 130 -15.08 -17.09 20.65
N ASP C 131 -15.81 -16.24 19.91
CA ASP C 131 -17.25 -16.40 19.71
C ASP C 131 -17.45 -17.38 18.57
N SER C 132 -17.85 -18.63 18.94
CA SER C 132 -18.08 -19.72 17.99
C SER C 132 -19.26 -19.44 17.05
N ASP C 133 -20.19 -18.53 17.42
CA ASP C 133 -21.32 -18.16 16.56
C ASP C 133 -20.86 -17.29 15.40
N LYS C 134 -19.62 -16.76 15.47
CA LYS C 134 -19.06 -15.92 14.40
C LYS C 134 -18.23 -16.75 13.38
N LEU C 135 -18.18 -18.11 13.58
CA LEU C 135 -17.46 -19.03 12.72
C LEU C 135 -18.17 -19.25 11.41
N ARG C 136 -17.38 -19.53 10.38
CA ARG C 136 -17.88 -19.83 9.03
C ARG C 136 -17.13 -20.98 8.43
N VAL C 137 -17.80 -21.74 7.57
CA VAL C 137 -17.22 -22.85 6.82
C VAL C 137 -16.11 -22.25 5.93
N GLY C 138 -14.89 -22.74 6.10
CA GLY C 138 -13.72 -22.25 5.38
C GLY C 138 -12.69 -21.63 6.31
N ASP C 139 -13.10 -21.26 7.53
CA ASP C 139 -12.20 -20.70 8.53
C ASP C 139 -11.15 -21.74 8.90
N PHE C 140 -9.91 -21.31 9.12
CA PHE C 140 -8.82 -22.24 9.46
C PHE C 140 -8.88 -22.62 10.92
N ALA C 141 -8.56 -23.88 11.22
CA ALA C 141 -8.59 -24.41 12.58
C ALA C 141 -7.38 -25.25 12.87
N VAL C 142 -6.90 -25.21 14.12
CA VAL C 142 -5.77 -26.01 14.60
C VAL C 142 -6.26 -26.83 15.79
N ALA C 143 -6.12 -28.18 15.69
CA ALA C 143 -6.47 -29.09 16.77
C ALA C 143 -5.21 -29.36 17.60
N VAL C 144 -5.29 -29.18 18.93
CA VAL C 144 -4.15 -29.43 19.83
C VAL C 144 -4.62 -30.46 20.84
N GLY C 145 -3.99 -31.63 20.85
CA GLY C 145 -4.34 -32.71 21.76
C GLY C 145 -3.22 -33.70 21.93
N ASN C 146 -3.56 -34.86 22.51
CA ASN C 146 -2.63 -35.93 22.84
C ASN C 146 -3.02 -37.26 22.16
N PRO C 147 -3.02 -37.35 20.80
CA PRO C 147 -3.43 -38.61 20.14
C PRO C 147 -2.51 -39.79 20.43
N PHE C 148 -3.12 -40.96 20.74
CA PHE C 148 -2.45 -42.22 21.06
C PHE C 148 -1.40 -42.08 22.17
N GLY C 149 -1.61 -41.09 23.04
CA GLY C 149 -0.75 -40.74 24.18
C GLY C 149 0.68 -40.41 23.80
N LEU C 150 0.89 -39.80 22.62
CA LEU C 150 2.24 -39.51 22.10
C LEU C 150 2.94 -38.33 22.77
N GLY C 151 2.14 -37.42 23.27
CA GLY C 151 2.57 -36.12 23.80
C GLY C 151 1.83 -35.05 23.01
N GLN C 152 1.91 -33.79 23.42
CA GLN C 152 1.20 -32.75 22.69
C GLN C 152 1.46 -32.80 21.17
N THR C 153 0.39 -32.66 20.39
CA THR C 153 0.38 -32.70 18.93
C THR C 153 -0.57 -31.64 18.41
N ALA C 154 -0.13 -30.89 17.40
CA ALA C 154 -0.96 -29.90 16.71
C ALA C 154 -1.26 -30.38 15.28
N THR C 155 -2.52 -30.32 14.86
CA THR C 155 -2.91 -30.70 13.50
C THR C 155 -3.72 -29.55 12.93
N SER C 156 -3.65 -29.32 11.65
CA SER C 156 -4.30 -28.17 10.98
C SER C 156 -5.34 -28.62 9.94
N GLY C 157 -6.35 -27.79 9.76
CA GLY C 157 -7.42 -28.00 8.80
C GLY C 157 -8.33 -26.80 8.71
N ILE C 158 -9.56 -27.01 8.24
CA ILE C 158 -10.58 -25.95 8.10
C ILE C 158 -11.84 -26.30 8.89
N VAL C 159 -12.77 -25.33 9.00
CA VAL C 159 -14.10 -25.55 9.54
C VAL C 159 -14.86 -26.08 8.37
N SER C 160 -15.22 -27.37 8.43
CA SER C 160 -15.89 -28.13 7.37
C SER C 160 -17.40 -27.92 7.34
N ALA C 161 -18.01 -27.80 8.53
CA ALA C 161 -19.45 -27.62 8.74
C ALA C 161 -19.72 -27.12 10.15
N LEU C 162 -20.93 -26.61 10.38
CA LEU C 162 -21.35 -26.04 11.67
C LEU C 162 -22.76 -26.48 12.03
N GLY C 163 -23.07 -26.49 13.32
CA GLY C 163 -24.39 -26.89 13.80
C GLY C 163 -24.77 -28.34 13.50
N ARG C 164 -23.80 -29.24 13.59
CA ARG C 164 -24.01 -30.66 13.30
C ARG C 164 -24.68 -31.40 14.44
N SER C 165 -25.82 -32.02 14.13
CA SER C 165 -26.64 -32.81 15.03
C SER C 165 -27.04 -34.15 14.42
N GLY C 166 -27.81 -34.94 15.18
CA GLY C 166 -28.35 -36.24 14.79
C GLY C 166 -27.33 -37.31 14.51
N LEU C 167 -26.17 -37.23 15.17
CA LEU C 167 -25.09 -38.18 14.97
C LEU C 167 -25.16 -39.28 16.04
N ASN C 168 -26.09 -39.13 17.02
CA ASN C 168 -26.31 -40.03 18.14
C ASN C 168 -24.98 -40.35 18.88
N LEU C 169 -24.19 -39.30 19.11
CA LEU C 169 -22.91 -39.36 19.81
C LEU C 169 -23.12 -38.87 21.22
N GLU C 170 -23.88 -37.76 21.33
CA GLU C 170 -24.22 -37.06 22.55
C GLU C 170 -25.71 -36.83 22.66
N GLY C 171 -26.18 -36.51 23.86
CA GLY C 171 -27.55 -36.15 24.11
C GLY C 171 -27.86 -34.80 23.50
N LEU C 172 -26.91 -33.86 23.63
CA LEU C 172 -26.99 -32.49 23.08
C LEU C 172 -25.80 -32.26 22.17
N GLU C 173 -26.12 -32.03 20.89
CA GLU C 173 -25.12 -31.82 19.85
C GLU C 173 -25.37 -30.56 19.05
N ASN C 174 -24.32 -29.79 18.84
CA ASN C 174 -24.29 -28.60 18.01
C ASN C 174 -22.83 -28.44 17.54
N PHE C 175 -22.29 -29.55 17.06
CA PHE C 175 -20.90 -29.72 16.69
C PHE C 175 -20.39 -28.88 15.52
N ILE C 176 -19.12 -28.44 15.68
CA ILE C 176 -18.29 -27.89 14.63
C ILE C 176 -17.66 -29.12 13.97
N GLN C 177 -17.67 -29.20 12.63
CA GLN C 177 -17.01 -30.28 11.93
C GLN C 177 -15.68 -29.76 11.33
N THR C 178 -14.59 -30.50 11.48
CA THR C 178 -13.28 -30.07 10.98
C THR C 178 -12.53 -31.21 10.30
N ASP C 179 -11.65 -30.87 9.36
CA ASP C 179 -10.84 -31.89 8.66
C ASP C 179 -9.42 -31.98 9.26
N ALA C 180 -9.17 -31.24 10.38
CA ALA C 180 -7.93 -31.36 11.14
C ALA C 180 -7.88 -32.77 11.72
N SER C 181 -6.76 -33.49 11.59
CA SER C 181 -6.65 -34.87 12.08
C SER C 181 -6.90 -34.92 13.57
N ILE C 182 -7.96 -35.62 13.97
CA ILE C 182 -8.40 -35.84 15.34
C ILE C 182 -8.49 -37.34 15.50
N ASN C 183 -7.81 -37.88 16.49
CA ASN C 183 -7.73 -39.30 16.75
C ASN C 183 -8.01 -39.60 18.21
N ARG C 184 -8.08 -40.87 18.60
CA ARG C 184 -8.24 -41.29 20.00
C ARG C 184 -7.12 -40.68 20.83
N GLY C 185 -7.50 -39.93 21.87
CA GLY C 185 -6.55 -39.20 22.72
C GLY C 185 -6.64 -37.69 22.54
N ASN C 186 -7.26 -37.24 21.44
CA ASN C 186 -7.44 -35.83 21.13
C ASN C 186 -8.58 -35.22 21.89
N SER C 187 -9.58 -36.04 22.24
CA SER C 187 -10.82 -35.61 22.89
C SER C 187 -10.57 -34.86 24.20
N GLY C 188 -11.31 -33.78 24.38
CA GLY C 188 -11.21 -32.90 25.54
C GLY C 188 -10.22 -31.78 25.29
N GLY C 189 -9.53 -31.88 24.15
CA GLY C 189 -8.51 -30.93 23.73
C GLY C 189 -9.05 -29.80 22.90
N ALA C 190 -8.13 -28.92 22.48
CA ALA C 190 -8.43 -27.67 21.83
C ALA C 190 -8.54 -27.66 20.32
N LEU C 191 -9.59 -26.91 19.87
CA LEU C 191 -9.79 -26.51 18.50
C LEU C 191 -9.63 -24.99 18.53
N LEU C 192 -8.59 -24.49 17.84
CA LEU C 192 -8.22 -23.07 17.85
C LEU C 192 -8.32 -22.40 16.52
N ASN C 193 -8.48 -21.06 16.52
CA ASN C 193 -8.45 -20.29 15.28
C ASN C 193 -7.01 -19.84 15.05
N LEU C 194 -6.78 -19.00 14.01
CA LEU C 194 -5.43 -18.53 13.67
C LEU C 194 -4.85 -17.52 14.69
N ASN C 195 -5.66 -17.03 15.64
CA ASN C 195 -5.23 -16.14 16.73
C ASN C 195 -4.93 -16.96 17.99
N GLY C 196 -5.11 -18.27 17.91
CA GLY C 196 -4.88 -19.18 19.02
C GLY C 196 -5.97 -19.10 20.08
N GLU C 197 -7.18 -18.67 19.68
CA GLU C 197 -8.34 -18.57 20.54
C GLU C 197 -9.16 -19.83 20.40
N LEU C 198 -9.74 -20.29 21.50
CA LEU C 198 -10.58 -21.50 21.54
C LEU C 198 -11.87 -21.31 20.75
N ILE C 199 -12.11 -22.19 19.79
CA ILE C 199 -13.34 -22.16 18.99
C ILE C 199 -14.17 -23.42 19.28
N GLY C 200 -13.58 -24.41 19.91
CA GLY C 200 -14.31 -25.62 20.26
C GLY C 200 -13.51 -26.59 21.10
N ILE C 201 -14.14 -27.66 21.59
CA ILE C 201 -13.46 -28.70 22.38
C ILE C 201 -13.54 -30.02 21.57
N ASN C 202 -12.41 -30.51 20.99
CA ASN C 202 -12.40 -31.75 20.18
C ASN C 202 -13.06 -32.89 20.99
N THR C 203 -14.10 -33.52 20.43
CA THR C 203 -14.87 -34.49 21.19
C THR C 203 -15.00 -35.86 20.51
N ALA C 204 -15.45 -35.91 19.26
CA ALA C 204 -15.71 -37.18 18.59
C ALA C 204 -15.23 -37.18 17.14
N ILE C 205 -15.19 -38.36 16.52
CA ILE C 205 -14.87 -38.50 15.09
C ILE C 205 -15.78 -39.53 14.40
N LEU C 206 -15.90 -39.44 13.06
CA LEU C 206 -16.51 -40.44 12.18
C LEU C 206 -15.36 -41.14 11.52
N ALA C 207 -15.17 -42.43 11.83
CA ALA C 207 -14.05 -43.19 11.34
C ALA C 207 -14.44 -44.65 11.12
N PRO C 208 -14.50 -45.12 9.85
CA PRO C 208 -14.85 -46.53 9.60
C PRO C 208 -13.94 -47.54 10.35
N GLY C 209 -12.63 -47.27 10.41
CA GLY C 209 -11.72 -48.17 11.09
C GLY C 209 -10.96 -47.62 12.27
N GLY C 210 -11.62 -46.80 13.09
CA GLY C 210 -11.04 -46.22 14.31
C GLY C 210 -9.93 -45.19 14.17
N GLY C 211 -9.65 -44.76 12.94
CA GLY C 211 -8.64 -43.76 12.65
C GLY C 211 -9.20 -42.60 11.85
N SER C 212 -8.69 -41.37 12.11
CA SER C 212 -9.11 -40.14 11.40
C SER C 212 -9.13 -40.32 9.88
N VAL C 213 -10.23 -39.85 9.27
CA VAL C 213 -10.51 -39.81 7.84
C VAL C 213 -10.83 -38.35 7.47
N GLY C 214 -10.58 -37.46 8.44
CA GLY C 214 -10.85 -36.04 8.29
C GLY C 214 -12.29 -35.57 8.53
N ILE C 215 -13.06 -36.28 9.39
CA ILE C 215 -14.44 -35.95 9.83
C ILE C 215 -14.40 -35.95 11.37
N GLY C 216 -14.09 -34.79 11.93
CA GLY C 216 -13.94 -34.60 13.38
C GLY C 216 -14.94 -33.61 13.93
N PHE C 217 -15.36 -33.82 15.19
CA PHE C 217 -16.37 -32.97 15.80
C PHE C 217 -15.90 -32.35 17.11
N ALA C 218 -16.22 -31.08 17.25
CA ALA C 218 -15.90 -30.32 18.43
C ALA C 218 -17.18 -29.68 19.03
N ILE C 219 -17.27 -29.62 20.36
CA ILE C 219 -18.33 -28.87 21.03
C ILE C 219 -17.97 -27.39 20.83
N PRO C 220 -18.85 -26.52 20.30
CA PRO C 220 -18.44 -25.10 20.12
C PRO C 220 -18.10 -24.39 21.45
N SER C 221 -17.11 -23.48 21.40
CA SER C 221 -16.57 -22.72 22.56
C SER C 221 -17.66 -21.99 23.35
N ASN C 222 -18.69 -21.41 22.69
CA ASN C 222 -19.78 -20.72 23.38
C ASN C 222 -20.54 -21.68 24.27
N MET C 223 -20.84 -22.88 23.76
CA MET C 223 -21.53 -23.93 24.50
C MET C 223 -20.63 -24.42 25.65
N ALA C 224 -19.35 -24.68 25.36
CA ALA C 224 -18.38 -25.14 26.36
C ALA C 224 -18.17 -24.09 27.46
N ARG C 225 -18.05 -22.79 27.10
CA ARG C 225 -17.84 -21.67 28.05
C ARG C 225 -19.02 -21.53 29.02
N THR C 226 -20.27 -21.50 28.48
CA THR C 226 -21.53 -21.40 29.23
C THR C 226 -21.67 -22.56 30.22
N LEU C 227 -21.45 -23.81 29.73
CA LEU C 227 -21.54 -24.99 30.59
C LEU C 227 -20.49 -24.95 31.69
N ALA C 228 -19.24 -24.52 31.36
CA ALA C 228 -18.15 -24.38 32.31
C ALA C 228 -18.52 -23.38 33.41
N GLN C 229 -19.14 -22.24 33.05
CA GLN C 229 -19.58 -21.22 34.02
C GLN C 229 -20.59 -21.79 34.99
N GLN C 230 -21.57 -22.56 34.49
CA GLN C 230 -22.59 -23.23 35.32
C GLN C 230 -21.95 -24.19 36.32
N LEU C 231 -20.85 -24.86 35.92
CA LEU C 231 -20.15 -25.79 36.81
C LEU C 231 -19.27 -25.04 37.82
N ILE C 232 -18.68 -23.87 37.45
CA ILE C 232 -17.87 -23.12 38.42
C ILE C 232 -18.84 -22.48 39.47
N ASP C 233 -20.02 -22.00 39.01
CA ASP C 233 -21.03 -21.32 39.81
C ASP C 233 -21.90 -22.24 40.67
N PHE C 234 -22.31 -23.42 40.15
CA PHE C 234 -23.26 -24.32 40.81
C PHE C 234 -22.78 -25.76 41.03
N GLY C 235 -21.61 -26.13 40.48
CA GLY C 235 -21.09 -27.50 40.59
C GLY C 235 -21.90 -28.50 39.79
N GLU C 236 -22.93 -28.01 39.09
CA GLU C 236 -23.88 -28.75 38.27
C GLU C 236 -24.45 -27.83 37.19
N ILE C 237 -25.03 -28.42 36.15
CA ILE C 237 -25.63 -27.63 35.07
C ILE C 237 -27.09 -27.35 35.41
N LYS C 238 -27.63 -26.34 34.72
CA LYS C 238 -29.00 -25.92 34.81
C LYS C 238 -29.59 -25.98 33.40
N ARG C 239 -30.47 -26.99 33.16
CA ARG C 239 -31.08 -27.29 31.87
C ARG C 239 -32.35 -26.49 31.63
N GLY C 240 -32.29 -25.64 30.62
CA GLY C 240 -33.43 -24.80 30.23
C GLY C 240 -34.36 -25.49 29.25
N LEU C 241 -35.65 -25.14 29.29
CA LEU C 241 -36.61 -25.66 28.31
C LEU C 241 -37.61 -24.60 27.90
N LEU C 242 -38.03 -24.65 26.63
CA LEU C 242 -39.01 -23.77 26.03
C LEU C 242 -40.45 -24.13 26.44
N GLY C 243 -40.74 -25.43 26.45
CA GLY C 243 -42.06 -26.01 26.70
C GLY C 243 -42.74 -26.25 25.38
N ILE C 244 -41.95 -26.75 24.42
CA ILE C 244 -42.31 -27.00 23.03
C ILE C 244 -42.10 -28.47 22.71
N LYS C 245 -42.98 -29.01 21.87
CA LYS C 245 -42.89 -30.34 21.30
C LYS C 245 -42.98 -30.15 19.82
N GLY C 246 -42.03 -30.70 19.11
CA GLY C 246 -42.01 -30.55 17.67
C GLY C 246 -41.16 -31.53 16.92
N THR C 247 -41.19 -31.36 15.60
CA THR C 247 -40.44 -32.13 14.63
C THR C 247 -39.56 -31.20 13.82
N GLU C 248 -38.74 -31.78 12.96
CA GLU C 248 -37.87 -31.05 12.05
C GLU C 248 -38.71 -30.44 10.96
N MET C 249 -38.42 -29.18 10.65
CA MET C 249 -39.04 -28.49 9.54
C MET C 249 -38.43 -29.11 8.25
N SER C 250 -39.25 -29.35 7.24
CA SER C 250 -38.82 -29.96 6.00
C SER C 250 -39.28 -29.15 4.80
N ALA C 251 -38.72 -29.48 3.62
CA ALA C 251 -39.08 -28.91 2.33
C ALA C 251 -40.53 -29.27 1.99
N ASP C 252 -41.01 -30.39 2.52
CA ASP C 252 -42.35 -30.95 2.31
C ASP C 252 -43.38 -30.09 3.01
N ILE C 253 -43.14 -29.72 4.29
CA ILE C 253 -44.01 -28.81 5.04
C ILE C 253 -44.00 -27.46 4.32
N ALA C 254 -42.80 -26.95 3.98
CA ALA C 254 -42.60 -25.68 3.29
C ALA C 254 -43.38 -25.61 1.97
N LYS C 255 -43.32 -26.64 1.11
CA LYS C 255 -44.05 -26.69 -0.16
C LYS C 255 -45.58 -26.67 0.06
N ALA C 256 -46.07 -27.47 1.03
CA ALA C 256 -47.49 -27.58 1.39
C ALA C 256 -48.09 -26.22 1.81
N PHE C 257 -47.29 -25.34 2.46
CA PHE C 257 -47.77 -24.06 2.97
C PHE C 257 -47.16 -22.84 2.24
N ASN C 258 -46.57 -23.07 1.06
CA ASN C 258 -45.95 -22.05 0.20
C ASN C 258 -44.98 -21.13 1.00
N LEU C 259 -44.07 -21.75 1.79
CA LEU C 259 -43.09 -21.04 2.61
C LEU C 259 -41.71 -21.03 1.97
N ASP C 260 -40.89 -20.00 2.30
CA ASP C 260 -39.55 -19.85 1.70
C ASP C 260 -38.42 -20.29 2.64
N VAL C 261 -38.76 -21.01 3.71
CA VAL C 261 -37.82 -21.56 4.68
C VAL C 261 -38.12 -23.08 4.82
N GLN C 262 -37.07 -23.93 4.90
CA GLN C 262 -37.26 -25.37 4.98
C GLN C 262 -36.44 -26.00 6.10
N ARG C 263 -35.76 -25.18 6.90
CA ARG C 263 -34.98 -25.68 8.04
C ARG C 263 -35.40 -24.95 9.30
N GLY C 264 -35.58 -25.70 10.38
CA GLY C 264 -35.99 -25.17 11.66
C GLY C 264 -36.78 -26.15 12.50
N ALA C 265 -37.67 -25.61 13.35
CA ALA C 265 -38.54 -26.43 14.20
C ALA C 265 -40.01 -26.21 13.87
N PHE C 266 -40.70 -27.31 13.64
CA PHE C 266 -42.14 -27.29 13.39
C PHE C 266 -42.80 -27.61 14.74
N VAL C 267 -43.56 -26.66 15.31
CA VAL C 267 -44.18 -26.81 16.64
C VAL C 267 -45.49 -27.56 16.49
N SER C 268 -45.62 -28.66 17.21
CA SER C 268 -46.83 -29.47 17.20
C SER C 268 -47.60 -29.27 18.49
N GLU C 269 -46.90 -28.96 19.58
CA GLU C 269 -47.52 -28.80 20.88
C GLU C 269 -46.78 -27.78 21.73
N VAL C 270 -47.54 -26.90 22.39
CA VAL C 270 -47.02 -25.90 23.33
C VAL C 270 -47.55 -26.33 24.69
N LEU C 271 -46.64 -26.68 25.61
CA LEU C 271 -47.04 -27.17 26.93
C LEU C 271 -47.66 -26.03 27.77
N PRO C 272 -48.85 -26.25 28.38
CA PRO C 272 -49.48 -25.16 29.14
C PRO C 272 -48.72 -24.85 30.42
N GLY C 273 -48.58 -23.55 30.71
CA GLY C 273 -47.87 -23.06 31.89
C GLY C 273 -46.40 -22.79 31.64
N SER C 274 -45.92 -23.14 30.43
CA SER C 274 -44.54 -22.95 30.02
C SER C 274 -44.32 -21.50 29.56
N GLY C 275 -43.05 -21.10 29.45
CA GLY C 275 -42.65 -19.80 28.96
C GLY C 275 -43.19 -19.53 27.56
N SER C 276 -43.27 -20.60 26.72
CA SER C 276 -43.75 -20.54 25.32
C SER C 276 -45.23 -20.27 25.27
N ALA C 277 -45.96 -20.85 26.24
CA ALA C 277 -47.43 -20.67 26.36
C ALA C 277 -47.69 -19.20 26.72
N LYS C 278 -47.03 -18.72 27.81
CA LYS C 278 -47.08 -17.34 28.31
C LYS C 278 -46.68 -16.28 27.26
N ALA C 279 -45.81 -16.63 26.26
CA ALA C 279 -45.33 -15.70 25.22
C ALA C 279 -46.17 -15.71 23.94
N GLY C 280 -47.09 -16.69 23.85
CA GLY C 280 -47.95 -16.83 22.69
C GLY C 280 -47.42 -17.72 21.59
N VAL C 281 -46.50 -18.67 21.91
CA VAL C 281 -46.06 -19.64 20.88
C VAL C 281 -47.24 -20.58 20.69
N LYS C 282 -47.72 -20.75 19.45
CA LYS C 282 -48.85 -21.62 19.13
C LYS C 282 -48.39 -22.83 18.33
N ALA C 283 -49.13 -23.93 18.42
CA ALA C 283 -48.90 -25.13 17.60
C ALA C 283 -49.09 -24.79 16.11
N GLY C 284 -48.21 -25.28 15.26
CA GLY C 284 -48.19 -24.99 13.83
C GLY C 284 -47.17 -23.92 13.47
N ASP C 285 -46.54 -23.29 14.48
CA ASP C 285 -45.53 -22.27 14.25
C ASP C 285 -44.24 -22.92 13.77
N ILE C 286 -43.43 -22.15 13.01
CA ILE C 286 -42.15 -22.64 12.51
C ILE C 286 -41.05 -21.74 13.04
N ILE C 287 -40.30 -22.24 14.04
CA ILE C 287 -39.17 -21.52 14.63
C ILE C 287 -38.00 -21.58 13.62
N THR C 288 -37.62 -20.41 13.13
CA THR C 288 -36.61 -20.15 12.10
C THR C 288 -35.28 -19.63 12.69
N SER C 289 -35.35 -18.89 13.78
CA SER C 289 -34.20 -18.24 14.40
C SER C 289 -34.23 -18.34 15.90
N LEU C 290 -33.05 -18.22 16.48
CA LEU C 290 -32.83 -18.13 17.91
C LEU C 290 -31.86 -16.96 18.10
N ASN C 291 -32.33 -15.90 18.79
CA ASN C 291 -31.56 -14.68 19.08
C ASN C 291 -30.94 -14.09 17.80
N GLY C 292 -31.76 -14.03 16.73
CA GLY C 292 -31.41 -13.49 15.42
C GLY C 292 -30.56 -14.39 14.54
N LYS C 293 -30.08 -15.54 15.10
CA LYS C 293 -29.25 -16.46 14.33
C LYS C 293 -30.12 -17.58 13.75
N PRO C 294 -30.10 -17.76 12.40
CA PRO C 294 -30.90 -18.83 11.79
C PRO C 294 -30.57 -20.23 12.30
N LEU C 295 -31.60 -21.06 12.45
CA LEU C 295 -31.48 -22.44 12.91
C LEU C 295 -31.42 -23.36 11.73
N ASN C 296 -30.47 -24.31 11.73
CA ASN C 296 -30.42 -25.26 10.62
C ASN C 296 -31.25 -26.52 10.96
N SER C 297 -31.70 -26.66 12.22
CA SER C 297 -32.50 -27.79 12.67
C SER C 297 -33.19 -27.55 14.01
N PHE C 298 -34.14 -28.43 14.33
CA PHE C 298 -34.84 -28.50 15.60
C PHE C 298 -33.84 -29.01 16.67
N ALA C 299 -32.96 -29.91 16.25
CA ALA C 299 -31.93 -30.50 17.12
C ALA C 299 -30.94 -29.44 17.62
N GLU C 300 -30.63 -28.45 16.76
CA GLU C 300 -29.78 -27.30 17.09
C GLU C 300 -30.47 -26.45 18.15
N LEU C 301 -31.78 -26.17 17.92
CA LEU C 301 -32.66 -25.43 18.83
C LEU C 301 -32.66 -26.11 20.18
N ARG C 302 -32.91 -27.41 20.20
CA ARG C 302 -32.96 -28.23 21.40
C ARG C 302 -31.66 -28.09 22.22
N SER C 303 -30.48 -28.31 21.60
CA SER C 303 -29.16 -28.23 22.27
C SER C 303 -28.82 -26.80 22.72
N ARG C 304 -29.17 -25.77 21.93
CA ARG C 304 -28.92 -24.37 22.30
C ARG C 304 -29.79 -23.94 23.50
N ILE C 305 -31.08 -24.38 23.55
CA ILE C 305 -32.02 -24.09 24.66
C ILE C 305 -31.60 -24.84 25.97
N ALA C 306 -31.26 -26.15 25.89
CA ALA C 306 -30.88 -26.95 27.05
C ALA C 306 -29.56 -26.50 27.69
N THR C 307 -28.66 -25.89 26.91
CA THR C 307 -27.35 -25.35 27.32
C THR C 307 -27.52 -23.92 27.96
N THR C 308 -28.66 -23.27 27.68
CA THR C 308 -29.00 -21.97 28.23
C THR C 308 -29.69 -22.21 29.58
N GLU C 309 -29.29 -21.38 30.56
CA GLU C 309 -29.77 -21.40 31.94
C GLU C 309 -31.28 -21.06 32.09
N PRO C 310 -32.07 -21.81 32.90
CA PRO C 310 -33.49 -21.45 33.12
C PRO C 310 -33.63 -20.02 33.66
N GLY C 311 -34.65 -19.32 33.21
CA GLY C 311 -34.89 -17.93 33.57
C GLY C 311 -34.43 -16.95 32.51
N THR C 312 -33.52 -17.39 31.62
CA THR C 312 -32.99 -16.59 30.53
C THR C 312 -34.09 -16.36 29.49
N LYS C 313 -34.15 -15.13 28.95
CA LYS C 313 -35.08 -14.76 27.89
C LYS C 313 -34.40 -14.94 26.56
N VAL C 314 -35.08 -15.59 25.62
CA VAL C 314 -34.56 -15.86 24.27
C VAL C 314 -35.53 -15.28 23.28
N LYS C 315 -35.01 -14.87 22.11
CA LYS C 315 -35.82 -14.34 21.04
C LYS C 315 -35.97 -15.41 19.97
N LEU C 316 -37.22 -15.74 19.65
CA LEU C 316 -37.59 -16.77 18.70
C LEU C 316 -38.09 -16.20 17.39
N GLY C 317 -37.35 -16.46 16.33
CA GLY C 317 -37.71 -16.13 14.96
C GLY C 317 -38.73 -17.16 14.56
N LEU C 318 -39.94 -16.70 14.34
CA LEU C 318 -41.12 -17.53 14.14
C LEU C 318 -41.80 -17.25 12.80
N LEU C 319 -42.71 -18.14 12.40
CA LEU C 319 -43.47 -18.01 11.16
C LEU C 319 -44.85 -18.63 11.30
N ARG C 320 -45.90 -17.79 11.53
CA ARG C 320 -47.25 -18.30 11.62
C ARG C 320 -48.12 -17.74 10.49
N ASN C 321 -48.76 -18.68 9.80
CA ASN C 321 -49.60 -18.49 8.61
C ASN C 321 -48.81 -17.75 7.52
N GLY C 322 -47.51 -18.07 7.43
CA GLY C 322 -46.57 -17.51 6.47
C GLY C 322 -46.07 -16.11 6.80
N LYS C 323 -46.44 -15.60 7.98
CA LYS C 323 -46.08 -14.25 8.41
C LYS C 323 -45.01 -14.29 9.51
N PRO C 324 -43.95 -13.47 9.37
CA PRO C 324 -42.88 -13.47 10.38
C PRO C 324 -43.29 -12.78 11.69
N LEU C 325 -42.76 -13.30 12.80
CA LEU C 325 -42.94 -12.82 14.16
C LEU C 325 -41.67 -13.08 14.97
N GLU C 326 -41.42 -12.23 15.96
CA GLU C 326 -40.34 -12.39 16.93
C GLU C 326 -41.00 -12.53 18.27
N VAL C 327 -40.67 -13.59 19.00
CA VAL C 327 -41.31 -13.86 20.28
C VAL C 327 -40.23 -14.05 21.34
N GLU C 328 -40.39 -13.35 22.45
CA GLU C 328 -39.45 -13.43 23.55
C GLU C 328 -40.00 -14.42 24.56
N VAL C 329 -39.22 -15.47 24.86
CA VAL C 329 -39.64 -16.57 25.75
C VAL C 329 -38.70 -16.66 26.93
N THR C 330 -39.26 -16.85 28.14
CA THR C 330 -38.47 -17.06 29.38
C THR C 330 -38.37 -18.56 29.57
N LEU C 331 -37.14 -19.04 29.70
CA LEU C 331 -36.89 -20.47 29.82
C LEU C 331 -37.25 -21.02 31.18
N ASP C 332 -37.88 -22.19 31.17
CA ASP C 332 -38.24 -22.95 32.35
C ASP C 332 -37.10 -23.91 32.68
N THR C 333 -37.26 -24.74 33.72
CA THR C 333 -36.26 -25.74 34.08
C THR C 333 -36.74 -27.09 33.55
N SER C 334 -35.81 -28.00 33.21
CA SER C 334 -36.14 -29.33 32.70
C SER C 334 -36.13 -30.39 33.82
N PRO D 11 -13.62 -7.10 -12.86
CA PRO D 11 -12.18 -7.15 -13.14
C PRO D 11 -11.81 -6.37 -14.41
N LEU D 12 -12.71 -6.37 -15.43
CA LEU D 12 -12.48 -5.65 -16.68
C LEU D 12 -12.71 -4.14 -16.49
N PRO D 13 -11.80 -3.27 -17.02
CA PRO D 13 -12.06 -1.82 -16.98
C PRO D 13 -13.34 -1.46 -17.76
N SER D 14 -14.15 -0.53 -17.22
CA SER D 14 -15.43 -0.13 -17.78
C SER D 14 -15.92 1.21 -17.23
N LEU D 15 -16.76 1.91 -18.02
CA LEU D 15 -17.38 3.18 -17.61
C LEU D 15 -18.78 2.90 -17.07
N ALA D 16 -19.24 1.63 -17.18
CA ALA D 16 -20.56 1.14 -16.73
C ALA D 16 -20.79 1.35 -15.20
N PRO D 17 -19.82 1.09 -14.26
CA PRO D 17 -20.07 1.41 -12.83
C PRO D 17 -20.39 2.89 -12.59
N MET D 18 -19.65 3.82 -13.25
CA MET D 18 -19.93 5.23 -13.03
C MET D 18 -21.20 5.67 -13.79
N LEU D 19 -21.45 5.16 -15.01
CA LEU D 19 -22.63 5.60 -15.78
C LEU D 19 -23.96 5.09 -15.18
N GLU D 20 -23.94 3.91 -14.51
CA GLU D 20 -25.09 3.30 -13.80
C GLU D 20 -25.76 4.31 -12.83
N LYS D 21 -24.93 5.06 -12.07
CA LYS D 21 -25.33 6.08 -11.08
C LYS D 21 -25.82 7.38 -11.70
N VAL D 22 -25.10 7.86 -12.72
CA VAL D 22 -25.21 9.16 -13.40
C VAL D 22 -26.25 9.25 -14.55
N LEU D 23 -26.35 8.23 -15.46
CA LEU D 23 -27.28 8.23 -16.63
C LEU D 23 -28.74 8.71 -16.31
N PRO D 24 -29.41 8.34 -15.18
CA PRO D 24 -30.80 8.79 -14.97
C PRO D 24 -30.96 10.32 -14.86
N ALA D 25 -29.86 11.06 -14.62
CA ALA D 25 -29.86 12.52 -14.56
C ALA D 25 -29.94 13.14 -15.97
N VAL D 26 -29.56 12.40 -17.03
CA VAL D 26 -29.61 12.91 -18.42
C VAL D 26 -30.94 12.49 -19.00
N VAL D 27 -31.70 13.48 -19.48
CA VAL D 27 -33.06 13.28 -20.00
C VAL D 27 -33.19 13.62 -21.50
N SER D 28 -34.32 13.18 -22.08
CA SER D 28 -34.75 13.42 -23.44
C SER D 28 -35.76 14.57 -23.40
N VAL D 29 -35.59 15.57 -24.27
CA VAL D 29 -36.47 16.73 -24.29
C VAL D 29 -37.28 16.69 -25.59
N ARG D 30 -38.58 16.53 -25.47
CA ARG D 30 -39.53 16.46 -26.59
C ARG D 30 -40.29 17.76 -26.61
N VAL D 31 -40.33 18.36 -27.80
CA VAL D 31 -40.91 19.68 -27.99
C VAL D 31 -41.96 19.66 -29.13
N GLU D 32 -43.06 20.41 -28.93
CA GLU D 32 -44.15 20.59 -29.87
C GLU D 32 -44.44 22.07 -30.00
N GLY D 33 -44.58 22.56 -31.22
CA GLY D 33 -44.88 23.96 -31.46
C GLY D 33 -45.48 24.28 -32.81
N THR D 34 -45.12 25.47 -33.35
CA THR D 34 -45.58 25.98 -34.65
C THR D 34 -44.36 26.29 -35.55
N GLN D 59 -47.47 26.16 -39.09
CA GLN D 59 -47.55 24.70 -39.26
C GLN D 59 -46.94 23.97 -38.03
N PRO D 60 -47.66 22.94 -37.49
CA PRO D 60 -47.12 22.21 -36.31
C PRO D 60 -45.85 21.40 -36.60
N PHE D 61 -44.99 21.29 -35.56
CA PHE D 61 -43.74 20.54 -35.62
C PHE D 61 -43.47 19.77 -34.30
N GLU D 62 -42.61 18.75 -34.38
CA GLU D 62 -42.14 17.93 -33.28
C GLU D 62 -40.62 17.88 -33.31
N GLY D 63 -39.99 18.44 -32.27
CA GLY D 63 -38.55 18.48 -32.11
C GLY D 63 -38.04 17.57 -31.00
N LEU D 64 -36.80 17.10 -31.12
CA LEU D 64 -36.22 16.24 -30.10
C LEU D 64 -34.77 16.62 -29.79
N GLY D 65 -34.48 16.70 -28.49
CA GLY D 65 -33.15 17.00 -27.98
C GLY D 65 -32.90 16.28 -26.67
N SER D 66 -31.98 16.83 -25.88
CA SER D 66 -31.56 16.31 -24.59
C SER D 66 -31.58 17.40 -23.51
N GLY D 67 -31.43 16.97 -22.26
CA GLY D 67 -31.36 17.82 -21.08
C GLY D 67 -30.62 17.18 -19.92
N VAL D 68 -30.26 18.00 -18.92
CA VAL D 68 -29.55 17.55 -17.72
C VAL D 68 -30.28 18.06 -16.46
N ILE D 69 -30.64 17.12 -15.54
CA ILE D 69 -31.29 17.46 -14.26
C ILE D 69 -30.20 18.02 -13.36
N ILE D 70 -30.33 19.31 -13.07
CA ILE D 70 -29.38 20.09 -12.30
C ILE D 70 -29.84 20.18 -10.83
N ASN D 71 -31.16 20.09 -10.58
CA ASN D 71 -31.80 20.10 -9.25
C ASN D 71 -32.97 19.11 -9.23
N ALA D 72 -32.76 17.94 -8.61
CA ALA D 72 -33.75 16.86 -8.48
C ALA D 72 -35.00 17.28 -7.69
N SER D 73 -34.83 18.07 -6.59
CA SER D 73 -35.92 18.53 -5.71
C SER D 73 -36.89 19.47 -6.44
N LYS D 74 -36.34 20.49 -7.14
CA LYS D 74 -37.13 21.50 -7.85
C LYS D 74 -37.48 21.07 -9.29
N GLY D 75 -36.80 20.02 -9.78
CA GLY D 75 -36.97 19.51 -11.13
C GLY D 75 -36.40 20.45 -12.18
N TYR D 76 -35.25 21.09 -11.88
CA TYR D 76 -34.59 22.03 -12.78
C TYR D 76 -33.73 21.27 -13.84
N VAL D 77 -34.09 21.49 -15.13
CA VAL D 77 -33.44 20.88 -16.29
C VAL D 77 -32.70 21.94 -17.13
N LEU D 78 -31.38 21.74 -17.33
CA LEU D 78 -30.53 22.55 -18.22
C LEU D 78 -30.58 21.96 -19.65
N THR D 79 -30.86 22.82 -20.64
CA THR D 79 -30.93 22.41 -22.04
C THR D 79 -30.40 23.57 -22.90
N ASN D 80 -30.44 23.44 -24.23
CA ASN D 80 -29.99 24.50 -25.12
C ASN D 80 -31.19 25.29 -25.50
N ASN D 81 -31.03 26.60 -25.74
CA ASN D 81 -32.13 27.47 -26.14
C ASN D 81 -32.71 27.04 -27.50
N HIS D 82 -31.85 26.65 -28.46
CA HIS D 82 -32.29 26.26 -29.81
C HIS D 82 -33.18 24.99 -29.82
N VAL D 83 -33.14 24.19 -28.73
CA VAL D 83 -33.97 22.98 -28.54
C VAL D 83 -35.40 23.42 -28.25
N ILE D 84 -35.53 24.47 -27.47
CA ILE D 84 -36.75 24.99 -26.89
C ILE D 84 -37.35 26.22 -27.60
N ASN D 85 -36.56 26.88 -28.46
CA ASN D 85 -36.86 28.12 -29.19
C ASN D 85 -38.34 28.35 -29.59
N GLN D 86 -38.98 27.42 -30.31
CA GLN D 86 -40.35 27.66 -30.79
C GLN D 86 -41.41 26.78 -30.08
N ALA D 87 -41.02 26.17 -28.94
CA ALA D 87 -41.85 25.25 -28.16
C ALA D 87 -43.09 25.88 -27.53
N GLN D 88 -44.21 25.15 -27.65
CA GLN D 88 -45.51 25.47 -27.08
C GLN D 88 -45.80 24.45 -25.99
N LYS D 89 -45.30 23.22 -26.19
CA LYS D 89 -45.38 22.10 -25.24
C LYS D 89 -43.99 21.45 -25.13
N ILE D 90 -43.52 21.26 -23.88
CA ILE D 90 -42.23 20.65 -23.57
C ILE D 90 -42.46 19.48 -22.63
N SER D 91 -41.96 18.30 -23.03
CA SER D 91 -42.02 17.08 -22.22
C SER D 91 -40.62 16.52 -22.03
N ILE D 92 -40.38 15.93 -20.86
CA ILE D 92 -39.11 15.33 -20.49
C ILE D 92 -39.33 13.83 -20.35
N GLN D 93 -38.40 13.02 -20.87
CA GLN D 93 -38.50 11.57 -20.71
C GLN D 93 -37.24 11.05 -20.05
N LEU D 94 -37.42 10.28 -18.97
CA LEU D 94 -36.31 9.70 -18.22
C LEU D 94 -35.92 8.38 -18.89
N ASN D 95 -34.71 7.87 -18.60
CA ASN D 95 -34.21 6.63 -19.20
C ASN D 95 -34.99 5.38 -18.68
N ASP D 96 -35.87 5.53 -17.67
CA ASP D 96 -36.70 4.46 -17.13
C ASP D 96 -38.09 4.42 -17.81
N GLY D 97 -38.36 5.43 -18.64
CA GLY D 97 -39.60 5.57 -19.38
C GLY D 97 -40.58 6.60 -18.85
N ARG D 98 -40.32 7.16 -17.64
CA ARG D 98 -41.22 8.15 -17.04
C ARG D 98 -41.21 9.47 -17.83
N GLU D 99 -42.41 9.99 -18.08
CA GLU D 99 -42.64 11.24 -18.80
C GLU D 99 -43.18 12.31 -17.85
N PHE D 100 -42.71 13.54 -18.03
CA PHE D 100 -43.08 14.70 -17.24
C PHE D 100 -43.31 15.89 -18.13
N ASP D 101 -44.17 16.80 -17.71
CA ASP D 101 -44.33 18.04 -18.42
C ASP D 101 -43.30 19.02 -17.88
N ALA D 102 -42.91 19.99 -18.70
CA ALA D 102 -41.91 20.96 -18.29
C ALA D 102 -42.30 22.34 -18.75
N LYS D 103 -41.89 23.34 -17.96
CA LYS D 103 -42.16 24.74 -18.27
C LYS D 103 -40.83 25.47 -18.39
N LEU D 104 -40.75 26.40 -19.34
CA LEU D 104 -39.55 27.20 -19.53
C LEU D 104 -39.45 28.23 -18.41
N ILE D 105 -38.36 28.16 -17.63
CA ILE D 105 -38.10 29.10 -16.55
C ILE D 105 -37.48 30.38 -17.16
N GLY D 106 -36.50 30.20 -18.04
CA GLY D 106 -35.83 31.28 -18.72
C GLY D 106 -34.80 30.75 -19.70
N SER D 107 -34.30 31.64 -20.56
CA SER D 107 -33.31 31.29 -21.58
C SER D 107 -32.41 32.47 -21.94
N ASP D 108 -31.25 32.17 -22.56
CA ASP D 108 -30.30 33.14 -23.08
C ASP D 108 -29.97 32.77 -24.52
N ASP D 109 -30.40 33.63 -25.45
CA ASP D 109 -30.18 33.49 -26.91
C ASP D 109 -28.70 33.55 -27.26
N GLN D 110 -27.95 34.47 -26.63
CA GLN D 110 -26.54 34.72 -26.90
C GLN D 110 -25.61 33.56 -26.51
N SER D 111 -25.84 32.90 -25.38
CA SER D 111 -25.00 31.79 -24.95
C SER D 111 -25.59 30.41 -25.31
N ASP D 112 -26.91 30.36 -25.66
CA ASP D 112 -27.70 29.18 -26.04
C ASP D 112 -27.99 28.26 -24.83
N ILE D 113 -28.36 28.88 -23.69
CA ILE D 113 -28.71 28.12 -22.51
C ILE D 113 -30.16 28.41 -22.15
N ALA D 114 -30.90 27.36 -21.81
CA ALA D 114 -32.28 27.43 -21.38
C ALA D 114 -32.43 26.62 -20.11
N LEU D 115 -33.33 27.06 -19.23
CA LEU D 115 -33.61 26.32 -18.01
C LEU D 115 -35.09 25.99 -17.96
N LEU D 116 -35.38 24.72 -17.68
CA LEU D 116 -36.75 24.24 -17.56
C LEU D 116 -37.04 23.73 -16.15
N GLN D 117 -38.32 23.64 -15.82
CA GLN D 117 -38.76 23.07 -14.56
C GLN D 117 -39.79 22.00 -14.81
N ILE D 118 -39.47 20.79 -14.34
CA ILE D 118 -40.35 19.63 -14.42
C ILE D 118 -41.58 19.88 -13.53
N GLN D 119 -42.78 19.67 -14.11
CA GLN D 119 -44.06 19.80 -13.40
C GLN D 119 -44.30 18.51 -12.61
N ASN D 120 -44.47 18.66 -11.29
CA ASN D 120 -44.65 17.57 -10.30
C ASN D 120 -43.47 16.57 -10.36
N PRO D 121 -42.22 17.03 -10.08
CA PRO D 121 -41.08 16.11 -10.09
C PRO D 121 -41.16 15.08 -8.97
N SER D 122 -40.59 13.89 -9.21
CA SER D 122 -40.63 12.76 -8.26
C SER D 122 -39.49 11.77 -8.56
N LYS D 123 -38.78 11.33 -7.51
CA LYS D 123 -37.68 10.34 -7.54
C LYS D 123 -36.69 10.61 -8.71
N LEU D 124 -36.22 11.86 -8.79
CA LEU D 124 -35.31 12.35 -9.82
C LEU D 124 -33.86 12.23 -9.37
N THR D 125 -32.95 12.07 -10.35
CA THR D 125 -31.52 12.00 -10.12
C THR D 125 -30.93 13.29 -10.65
N GLN D 126 -30.05 13.94 -9.88
CA GLN D 126 -29.42 15.16 -10.34
C GLN D 126 -27.95 14.91 -10.56
N ILE D 127 -27.36 15.78 -11.39
CA ILE D 127 -25.97 15.71 -11.75
C ILE D 127 -25.10 16.55 -10.81
N ALA D 128 -23.87 16.07 -10.57
CA ALA D 128 -22.85 16.80 -9.85
C ALA D 128 -22.12 17.65 -10.89
N ILE D 129 -21.81 18.92 -10.58
CA ILE D 129 -21.16 19.81 -11.54
C ILE D 129 -19.68 19.99 -11.15
N ALA D 130 -18.78 19.73 -12.13
CA ALA D 130 -17.34 19.87 -11.95
C ALA D 130 -16.88 21.29 -12.34
N ASP D 131 -15.67 21.67 -11.93
CA ASP D 131 -15.07 22.94 -12.28
C ASP D 131 -14.44 22.78 -13.65
N SER D 132 -15.11 23.36 -14.69
CA SER D 132 -14.67 23.27 -16.09
C SER D 132 -13.35 24.04 -16.32
N ASP D 133 -12.99 24.99 -15.43
CA ASP D 133 -11.73 25.71 -15.54
C ASP D 133 -10.53 24.81 -15.15
N LYS D 134 -10.80 23.66 -14.53
CA LYS D 134 -9.76 22.69 -14.14
C LYS D 134 -9.54 21.61 -15.23
N LEU D 135 -10.27 21.73 -16.36
CA LEU D 135 -10.15 20.81 -17.50
C LEU D 135 -8.86 21.03 -18.27
N ARG D 136 -8.35 19.97 -18.88
CA ARG D 136 -7.15 19.99 -19.71
C ARG D 136 -7.34 19.12 -20.92
N VAL D 137 -6.67 19.49 -22.00
CA VAL D 137 -6.68 18.76 -23.26
C VAL D 137 -6.08 17.38 -22.95
N GLY D 138 -6.84 16.32 -23.21
CA GLY D 138 -6.43 14.95 -22.94
C GLY D 138 -7.31 14.26 -21.91
N ASP D 139 -8.05 15.07 -21.12
CA ASP D 139 -8.98 14.53 -20.12
C ASP D 139 -10.07 13.74 -20.83
N PHE D 140 -10.51 12.65 -20.23
CA PHE D 140 -11.55 11.81 -20.83
C PHE D 140 -12.92 12.40 -20.60
N ALA D 141 -13.80 12.29 -21.61
CA ALA D 141 -15.17 12.83 -21.56
C ALA D 141 -16.16 11.82 -22.11
N VAL D 142 -17.36 11.80 -21.53
CA VAL D 142 -18.47 10.94 -21.95
C VAL D 142 -19.66 11.84 -22.29
N ALA D 143 -20.14 11.75 -23.54
CA ALA D 143 -21.28 12.52 -24.02
C ALA D 143 -22.53 11.66 -23.87
N VAL D 144 -23.57 12.20 -23.26
CA VAL D 144 -24.84 11.52 -23.04
C VAL D 144 -25.92 12.40 -23.62
N GLY D 145 -26.71 11.82 -24.49
CA GLY D 145 -27.78 12.53 -25.17
C GLY D 145 -28.71 11.61 -25.93
N ASN D 146 -29.57 12.22 -26.77
CA ASN D 146 -30.59 11.51 -27.56
C ASN D 146 -30.41 11.70 -29.11
N PRO D 147 -29.25 11.28 -29.69
CA PRO D 147 -29.04 11.46 -31.15
C PRO D 147 -30.05 10.75 -32.04
N PHE D 148 -30.54 11.50 -33.07
CA PHE D 148 -31.50 11.06 -34.08
C PHE D 148 -32.81 10.46 -33.47
N GLY D 149 -33.11 10.80 -32.22
CA GLY D 149 -34.31 10.35 -31.51
C GLY D 149 -34.32 8.89 -31.14
N LEU D 150 -33.15 8.30 -30.91
CA LEU D 150 -33.07 6.86 -30.66
C LEU D 150 -33.35 6.46 -29.23
N GLY D 151 -33.01 7.35 -28.32
CA GLY D 151 -33.06 7.05 -26.91
C GLY D 151 -31.70 7.38 -26.35
N GLN D 152 -31.58 7.40 -25.03
CA GLN D 152 -30.34 7.75 -24.36
C GLN D 152 -29.15 6.94 -24.92
N THR D 153 -28.14 7.70 -25.38
CA THR D 153 -26.92 7.20 -25.97
C THR D 153 -25.73 7.82 -25.28
N ALA D 154 -24.73 6.99 -24.94
CA ALA D 154 -23.49 7.43 -24.34
C ALA D 154 -22.33 7.20 -25.33
N THR D 155 -21.50 8.23 -25.54
CA THR D 155 -20.34 8.11 -26.42
C THR D 155 -19.14 8.63 -25.64
N SER D 156 -17.96 8.09 -25.92
CA SER D 156 -16.74 8.41 -25.21
C SER D 156 -15.68 9.05 -26.13
N GLY D 157 -14.86 9.90 -25.54
CA GLY D 157 -13.77 10.59 -26.22
C GLY D 157 -12.89 11.34 -25.24
N ILE D 158 -12.17 12.33 -25.75
CA ILE D 158 -11.28 13.16 -24.94
C ILE D 158 -11.66 14.64 -25.09
N VAL D 159 -11.07 15.49 -24.23
CA VAL D 159 -11.17 16.94 -24.36
C VAL D 159 -10.09 17.27 -25.39
N SER D 160 -10.55 17.69 -26.58
CA SER D 160 -9.70 17.98 -27.74
C SER D 160 -9.10 19.37 -27.69
N ALA D 161 -9.86 20.36 -27.16
CA ALA D 161 -9.48 21.77 -27.06
C ALA D 161 -10.39 22.47 -26.07
N LEU D 162 -9.98 23.67 -25.61
CA LEU D 162 -10.70 24.49 -24.64
C LEU D 162 -10.69 25.95 -25.04
N GLY D 163 -11.68 26.70 -24.56
CA GLY D 163 -11.81 28.12 -24.86
C GLY D 163 -11.99 28.46 -26.33
N ARG D 164 -12.78 27.62 -27.05
CA ARG D 164 -13.02 27.76 -28.49
C ARG D 164 -14.06 28.80 -28.79
N SER D 165 -13.66 29.81 -29.57
CA SER D 165 -14.53 30.92 -29.96
C SER D 165 -14.38 31.21 -31.46
N GLY D 166 -15.02 32.28 -31.93
CA GLY D 166 -14.98 32.72 -33.32
C GLY D 166 -15.47 31.70 -34.32
N LEU D 167 -16.43 30.85 -33.91
CA LEU D 167 -16.99 29.80 -34.76
C LEU D 167 -18.31 30.28 -35.39
N ASN D 168 -18.76 31.47 -34.98
CA ASN D 168 -20.00 32.13 -35.42
C ASN D 168 -21.20 31.17 -35.30
N LEU D 169 -21.25 30.46 -34.16
CA LEU D 169 -22.33 29.53 -33.81
C LEU D 169 -23.27 30.22 -32.85
N GLU D 170 -22.67 30.89 -31.87
CA GLU D 170 -23.32 31.60 -30.78
C GLU D 170 -22.80 33.02 -30.67
N GLY D 171 -23.56 33.88 -29.99
CA GLY D 171 -23.14 35.24 -29.70
C GLY D 171 -21.98 35.24 -28.71
N LEU D 172 -22.06 34.35 -27.70
CA LEU D 172 -21.03 34.16 -26.67
C LEU D 172 -20.58 32.71 -26.68
N GLU D 173 -19.30 32.50 -26.93
CA GLU D 173 -18.69 31.17 -27.06
C GLU D 173 -17.42 31.05 -26.24
N ASN D 174 -17.30 29.92 -25.54
CA ASN D 174 -16.11 29.54 -24.77
C ASN D 174 -16.12 28.02 -24.68
N PHE D 175 -16.36 27.40 -25.84
CA PHE D 175 -16.58 25.99 -26.01
C PHE D 175 -15.44 25.06 -25.66
N ILE D 176 -15.83 23.91 -25.09
CA ILE D 176 -15.01 22.73 -24.91
C ILE D 176 -15.14 21.96 -26.22
N GLN D 177 -14.04 21.50 -26.79
CA GLN D 177 -14.09 20.72 -28.00
C GLN D 177 -13.82 19.25 -27.65
N THR D 178 -14.61 18.32 -28.16
CA THR D 178 -14.44 16.90 -27.84
C THR D 178 -14.58 16.04 -29.10
N ASP D 179 -13.95 14.85 -29.07
CA ASP D 179 -14.04 13.91 -30.19
C ASP D 179 -15.06 12.80 -29.89
N ALA D 180 -15.80 12.93 -28.77
CA ALA D 180 -16.91 12.03 -28.44
C ALA D 180 -17.99 12.26 -29.50
N SER D 181 -18.52 11.19 -30.11
CA SER D 181 -19.53 11.33 -31.17
C SER D 181 -20.73 12.07 -30.67
N ILE D 182 -20.96 13.24 -31.25
CA ILE D 182 -22.07 14.16 -30.96
C ILE D 182 -22.77 14.39 -32.30
N ASN D 183 -24.05 14.09 -32.34
CA ASN D 183 -24.88 14.15 -33.52
C ASN D 183 -26.15 14.92 -33.21
N ARG D 184 -27.01 15.15 -34.23
CA ARG D 184 -28.32 15.79 -34.09
C ARG D 184 -29.11 15.02 -33.05
N GLY D 185 -29.55 15.74 -32.02
CA GLY D 185 -30.30 15.20 -30.89
C GLY D 185 -29.53 15.28 -29.58
N ASN D 186 -28.20 15.33 -29.64
CA ASN D 186 -27.34 15.39 -28.47
C ASN D 186 -27.42 16.76 -27.75
N SER D 187 -27.98 17.78 -28.42
CA SER D 187 -28.19 19.15 -27.96
C SER D 187 -28.91 19.28 -26.61
N GLY D 188 -28.24 19.91 -25.65
CA GLY D 188 -28.77 20.13 -24.31
C GLY D 188 -28.32 19.04 -23.35
N GLY D 189 -27.74 17.99 -23.92
CA GLY D 189 -27.23 16.85 -23.19
C GLY D 189 -25.94 17.12 -22.48
N ALA D 190 -25.52 16.10 -21.74
CA ALA D 190 -24.38 16.12 -20.85
C ALA D 190 -23.08 15.69 -21.44
N LEU D 191 -22.04 16.46 -21.10
CA LEU D 191 -20.65 16.13 -21.30
C LEU D 191 -20.11 15.88 -19.88
N LEU D 192 -19.66 14.67 -19.59
CA LEU D 192 -19.22 14.26 -18.26
C LEU D 192 -17.76 13.84 -18.18
N ASN D 193 -17.17 13.93 -16.97
CA ASN D 193 -15.82 13.40 -16.74
C ASN D 193 -15.94 11.94 -16.28
N LEU D 194 -14.81 11.29 -15.91
CA LEU D 194 -14.80 9.89 -15.47
C LEU D 194 -15.47 9.67 -14.09
N ASN D 195 -15.80 10.76 -13.35
CA ASN D 195 -16.51 10.69 -12.08
C ASN D 195 -18.00 10.89 -12.28
N GLY D 196 -18.40 11.10 -13.54
CA GLY D 196 -19.80 11.33 -13.91
C GLY D 196 -20.29 12.70 -13.54
N GLU D 197 -19.36 13.65 -13.41
CA GLU D 197 -19.65 15.05 -13.09
C GLU D 197 -19.76 15.83 -14.38
N LEU D 198 -20.70 16.80 -14.44
CA LEU D 198 -20.92 17.65 -15.59
C LEU D 198 -19.72 18.56 -15.85
N ILE D 199 -19.17 18.48 -17.05
CA ILE D 199 -18.08 19.36 -17.47
C ILE D 199 -18.60 20.29 -18.59
N GLY D 200 -19.73 19.95 -19.18
CA GLY D 200 -20.33 20.79 -20.20
C GLY D 200 -21.66 20.34 -20.72
N ILE D 201 -22.31 21.24 -21.47
CA ILE D 201 -23.56 20.97 -22.17
C ILE D 201 -23.28 20.94 -23.68
N ASN D 202 -23.48 19.76 -24.31
CA ASN D 202 -23.32 19.53 -25.75
C ASN D 202 -24.26 20.44 -26.54
N THR D 203 -23.69 21.29 -27.42
CA THR D 203 -24.44 22.33 -28.11
C THR D 203 -24.38 22.32 -29.64
N ALA D 204 -23.17 22.13 -30.22
CA ALA D 204 -22.96 22.25 -31.67
C ALA D 204 -21.87 21.30 -32.16
N ILE D 205 -21.78 21.12 -33.47
CA ILE D 205 -20.74 20.30 -34.11
C ILE D 205 -20.26 20.94 -35.43
N LEU D 206 -19.05 20.57 -35.88
CA LEU D 206 -18.51 20.89 -37.20
C LEU D 206 -18.62 19.61 -37.98
N ALA D 207 -19.49 19.59 -39.00
CA ALA D 207 -19.77 18.39 -39.78
C ALA D 207 -20.07 18.74 -41.23
N PRO D 208 -19.15 18.41 -42.17
CA PRO D 208 -19.43 18.71 -43.59
C PRO D 208 -20.76 18.11 -44.10
N GLY D 209 -21.08 16.88 -43.70
CA GLY D 209 -22.28 16.19 -44.15
C GLY D 209 -23.34 15.88 -43.11
N GLY D 210 -23.53 16.80 -42.16
CA GLY D 210 -24.55 16.68 -41.13
C GLY D 210 -24.36 15.63 -40.05
N GLY D 211 -23.27 14.86 -40.13
CA GLY D 211 -22.94 13.84 -39.14
C GLY D 211 -21.57 14.06 -38.52
N SER D 212 -21.40 13.57 -37.28
CA SER D 212 -20.16 13.65 -36.50
C SER D 212 -18.93 13.15 -37.25
N VAL D 213 -17.87 13.96 -37.17
CA VAL D 213 -16.53 13.72 -37.74
C VAL D 213 -15.49 13.83 -36.60
N GLY D 214 -15.97 13.89 -35.36
CA GLY D 214 -15.17 14.04 -34.14
C GLY D 214 -14.84 15.47 -33.73
N ILE D 215 -15.62 16.48 -34.19
CA ILE D 215 -15.43 17.91 -33.82
C ILE D 215 -16.75 18.41 -33.19
N GLY D 216 -16.89 18.20 -31.89
CA GLY D 216 -18.08 18.58 -31.13
C GLY D 216 -17.81 19.65 -30.11
N PHE D 217 -18.83 20.51 -29.84
CA PHE D 217 -18.69 21.64 -28.93
C PHE D 217 -19.70 21.64 -27.81
N ALA D 218 -19.21 21.93 -26.61
CA ALA D 218 -20.01 21.99 -25.41
C ALA D 218 -19.82 23.31 -24.68
N ILE D 219 -20.91 23.88 -24.15
CA ILE D 219 -20.85 25.07 -23.30
C ILE D 219 -20.23 24.59 -21.97
N PRO D 220 -19.12 25.18 -21.47
CA PRO D 220 -18.54 24.68 -20.20
C PRO D 220 -19.49 24.79 -19.01
N SER D 221 -19.42 23.81 -18.09
CA SER D 221 -20.28 23.67 -16.89
C SER D 221 -20.31 24.94 -16.03
N ASN D 222 -19.15 25.63 -15.85
CA ASN D 222 -19.08 26.86 -15.04
C ASN D 222 -19.95 27.94 -15.65
N MET D 223 -19.90 28.10 -16.98
CA MET D 223 -20.71 29.05 -17.73
C MET D 223 -22.18 28.66 -17.64
N ALA D 224 -22.49 27.38 -17.86
CA ALA D 224 -23.84 26.86 -17.78
C ALA D 224 -24.44 27.01 -16.36
N ARG D 225 -23.65 26.70 -15.29
CA ARG D 225 -24.06 26.81 -13.88
C ARG D 225 -24.44 28.26 -13.52
N THR D 226 -23.55 29.21 -13.82
CA THR D 226 -23.74 30.64 -13.57
C THR D 226 -25.01 31.17 -14.26
N LEU D 227 -25.17 30.86 -15.57
CA LEU D 227 -26.33 31.30 -16.34
C LEU D 227 -27.61 30.68 -15.77
N ALA D 228 -27.56 29.39 -15.37
CA ALA D 228 -28.69 28.69 -14.76
C ALA D 228 -29.13 29.39 -13.46
N GLN D 229 -28.15 29.80 -12.60
CA GLN D 229 -28.42 30.51 -11.35
C GLN D 229 -29.14 31.81 -11.61
N GLN D 230 -28.71 32.58 -12.63
CA GLN D 230 -29.34 33.84 -13.01
C GLN D 230 -30.79 33.63 -13.44
N LEU D 231 -31.08 32.49 -14.09
CA LEU D 231 -32.43 32.18 -14.55
C LEU D 231 -33.31 31.67 -13.38
N ILE D 232 -32.74 30.95 -12.39
CA ILE D 232 -33.54 30.51 -11.23
C ILE D 232 -33.86 31.75 -10.36
N ASP D 233 -32.89 32.67 -10.21
CA ASP D 233 -32.99 33.88 -9.40
C ASP D 233 -33.82 35.02 -10.04
N PHE D 234 -33.59 35.36 -11.33
CA PHE D 234 -34.23 36.53 -11.94
C PHE D 234 -35.10 36.23 -13.17
N GLY D 235 -35.20 34.97 -13.57
CA GLY D 235 -36.01 34.57 -14.73
C GLY D 235 -35.53 35.10 -16.07
N GLU D 236 -34.31 35.68 -16.05
CA GLU D 236 -33.57 36.28 -17.16
C GLU D 236 -32.11 36.42 -16.74
N ILE D 237 -31.22 36.60 -17.73
CA ILE D 237 -29.80 36.77 -17.45
C ILE D 237 -29.51 38.25 -17.17
N LYS D 238 -28.41 38.49 -16.46
CA LYS D 238 -27.90 39.81 -16.14
C LYS D 238 -26.50 39.93 -16.77
N ARG D 239 -26.44 40.70 -17.86
CA ARG D 239 -25.25 40.88 -18.68
C ARG D 239 -24.28 41.89 -18.07
N GLY D 240 -23.10 41.42 -17.71
CA GLY D 240 -22.06 42.28 -17.15
C GLY D 240 -21.14 42.84 -18.22
N LEU D 241 -20.56 44.02 -17.96
CA LEU D 241 -19.58 44.60 -18.90
C LEU D 241 -18.45 45.31 -18.17
N LEU D 242 -17.25 45.27 -18.77
CA LEU D 242 -16.04 45.93 -18.28
C LEU D 242 -16.04 47.43 -18.59
N GLY D 243 -16.48 47.78 -19.80
CA GLY D 243 -16.47 49.14 -20.33
C GLY D 243 -15.20 49.34 -21.14
N ILE D 244 -14.84 48.29 -21.90
CA ILE D 244 -13.65 48.17 -22.71
C ILE D 244 -14.04 47.95 -24.17
N LYS D 245 -13.25 48.52 -25.08
CA LYS D 245 -13.36 48.31 -26.52
C LYS D 245 -12.01 47.87 -26.97
N GLY D 246 -11.96 46.74 -27.67
CA GLY D 246 -10.69 46.19 -28.11
C GLY D 246 -10.75 45.18 -29.24
N THR D 247 -9.55 44.74 -29.62
CA THR D 247 -9.32 43.74 -30.65
C THR D 247 -8.54 42.58 -30.07
N GLU D 248 -8.32 41.55 -30.88
CA GLU D 248 -7.53 40.39 -30.50
C GLU D 248 -6.07 40.76 -30.45
N MET D 249 -5.40 40.29 -29.43
CA MET D 249 -3.97 40.42 -29.27
C MET D 249 -3.33 39.47 -30.28
N SER D 250 -2.28 39.91 -30.99
CA SER D 250 -1.63 39.10 -32.00
C SER D 250 -0.13 39.01 -31.78
N ALA D 251 0.53 38.09 -32.51
CA ALA D 251 1.98 37.90 -32.52
C ALA D 251 2.65 39.15 -33.10
N ASP D 252 1.93 39.88 -33.96
CA ASP D 252 2.36 41.09 -34.64
C ASP D 252 2.48 42.25 -33.65
N ILE D 253 1.44 42.45 -32.79
CA ILE D 253 1.50 43.47 -31.74
C ILE D 253 2.65 43.12 -30.79
N ALA D 254 2.71 41.84 -30.37
CA ALA D 254 3.74 41.29 -29.47
C ALA D 254 5.16 41.56 -29.99
N LYS D 255 5.43 41.29 -31.28
CA LYS D 255 6.77 41.49 -31.89
C LYS D 255 7.14 42.97 -31.90
N ALA D 256 6.17 43.84 -32.27
CA ALA D 256 6.34 45.29 -32.35
C ALA D 256 6.74 45.91 -31.01
N PHE D 257 6.24 45.37 -29.89
CA PHE D 257 6.50 45.92 -28.56
C PHE D 257 7.35 45.00 -27.66
N ASN D 258 8.07 44.02 -28.28
CA ASN D 258 8.96 43.06 -27.64
C ASN D 258 8.31 42.39 -26.42
N LEU D 259 7.07 41.88 -26.59
CA LEU D 259 6.28 41.24 -25.53
C LEU D 259 6.36 39.72 -25.63
N ASP D 260 6.20 39.03 -24.49
CA ASP D 260 6.30 37.58 -24.37
C ASP D 260 4.93 36.88 -24.37
N VAL D 261 3.85 37.64 -24.66
CA VAL D 261 2.48 37.13 -24.73
C VAL D 261 1.89 37.54 -26.09
N GLN D 262 1.13 36.64 -26.75
CA GLN D 262 0.56 36.93 -28.07
C GLN D 262 -0.94 36.64 -28.14
N ARG D 263 -1.53 36.24 -27.02
CA ARG D 263 -2.96 35.95 -26.93
C ARG D 263 -3.59 36.74 -25.80
N GLY D 264 -4.77 37.28 -26.04
CA GLY D 264 -5.49 38.09 -25.08
C GLY D 264 -6.27 39.21 -25.74
N ALA D 265 -6.53 40.28 -24.99
CA ALA D 265 -7.26 41.45 -25.48
C ALA D 265 -6.38 42.69 -25.54
N PHE D 266 -6.39 43.36 -26.69
CA PHE D 266 -5.71 44.61 -26.90
C PHE D 266 -6.74 45.72 -26.70
N VAL D 267 -6.57 46.56 -25.67
CA VAL D 267 -7.53 47.63 -25.35
C VAL D 267 -7.26 48.85 -26.19
N SER D 268 -8.28 49.29 -26.93
CA SER D 268 -8.18 50.47 -27.78
C SER D 268 -8.92 51.65 -27.15
N GLU D 269 -9.95 51.37 -26.33
CA GLU D 269 -10.78 52.40 -25.73
C GLU D 269 -11.35 51.94 -24.39
N VAL D 270 -11.27 52.83 -23.39
CA VAL D 270 -11.85 52.61 -22.06
C VAL D 270 -13.00 53.62 -21.93
N LEU D 271 -14.23 53.11 -21.78
CA LEU D 271 -15.42 53.97 -21.72
C LEU D 271 -15.44 54.75 -20.39
N PRO D 272 -15.64 56.09 -20.45
CA PRO D 272 -15.62 56.89 -19.21
C PRO D 272 -16.82 56.58 -18.30
N GLY D 273 -16.55 56.48 -17.00
CA GLY D 273 -17.57 56.18 -16.00
C GLY D 273 -17.76 54.70 -15.73
N SER D 274 -17.06 53.86 -16.52
CA SER D 274 -17.11 52.41 -16.39
C SER D 274 -16.23 51.93 -15.25
N GLY D 275 -16.44 50.68 -14.83
CA GLY D 275 -15.65 50.02 -13.79
C GLY D 275 -14.18 49.98 -14.15
N SER D 276 -13.88 49.82 -15.47
CA SER D 276 -12.52 49.76 -16.03
C SER D 276 -11.84 51.13 -15.96
N ALA D 277 -12.61 52.23 -16.11
CA ALA D 277 -12.08 53.60 -15.99
C ALA D 277 -11.69 53.82 -14.54
N LYS D 278 -12.66 53.61 -13.63
CA LYS D 278 -12.48 53.73 -12.19
C LYS D 278 -11.31 52.87 -11.68
N ALA D 279 -11.14 51.67 -12.25
CA ALA D 279 -10.08 50.73 -11.89
C ALA D 279 -8.70 51.13 -12.47
N GLY D 280 -8.67 52.10 -13.37
CA GLY D 280 -7.45 52.59 -13.99
C GLY D 280 -6.97 51.81 -15.20
N VAL D 281 -7.90 51.15 -15.95
CA VAL D 281 -7.54 50.45 -17.18
C VAL D 281 -7.31 51.54 -18.25
N LYS D 282 -6.24 51.41 -19.03
CA LYS D 282 -5.92 52.43 -20.02
C LYS D 282 -5.84 51.87 -21.43
N ALA D 283 -6.18 52.68 -22.46
CA ALA D 283 -6.04 52.29 -23.86
C ALA D 283 -4.58 51.92 -24.14
N GLY D 284 -4.36 50.82 -24.85
CA GLY D 284 -3.03 50.28 -25.14
C GLY D 284 -2.65 49.13 -24.25
N ASP D 285 -3.46 48.87 -23.20
CA ASP D 285 -3.22 47.75 -22.28
C ASP D 285 -3.54 46.40 -22.95
N ILE D 286 -2.87 45.34 -22.48
CA ILE D 286 -3.08 44.00 -23.01
C ILE D 286 -3.56 43.11 -21.86
N ILE D 287 -4.88 42.81 -21.86
CA ILE D 287 -5.47 41.93 -20.85
C ILE D 287 -5.05 40.49 -21.17
N THR D 288 -4.27 39.89 -20.27
CA THR D 288 -3.63 38.57 -20.34
C THR D 288 -4.39 37.51 -19.51
N SER D 289 -5.00 37.92 -18.39
CA SER D 289 -5.68 37.03 -17.48
C SER D 289 -6.98 37.57 -16.98
N LEU D 290 -7.84 36.65 -16.56
CA LEU D 290 -9.10 36.93 -15.89
C LEU D 290 -9.15 36.00 -14.69
N ASN D 291 -9.15 36.61 -13.47
CA ASN D 291 -9.15 35.93 -12.16
C ASN D 291 -8.00 34.90 -12.07
N GLY D 292 -6.81 35.31 -12.52
CA GLY D 292 -5.62 34.47 -12.50
C GLY D 292 -5.51 33.43 -13.60
N LYS D 293 -6.60 33.21 -14.37
CA LYS D 293 -6.60 32.23 -15.46
C LYS D 293 -6.23 32.93 -16.79
N PRO D 294 -5.17 32.45 -17.48
CA PRO D 294 -4.78 33.07 -18.76
C PRO D 294 -5.90 33.02 -19.81
N LEU D 295 -6.00 34.11 -20.59
CA LEU D 295 -6.97 34.24 -21.68
C LEU D 295 -6.33 33.82 -23.00
N ASN D 296 -7.01 32.96 -23.77
CA ASN D 296 -6.46 32.57 -25.08
C ASN D 296 -6.99 33.51 -26.18
N SER D 297 -7.96 34.39 -25.85
CA SER D 297 -8.52 35.36 -26.79
C SER D 297 -9.33 36.47 -26.11
N PHE D 298 -9.64 37.53 -26.88
CA PHE D 298 -10.52 38.63 -26.49
C PHE D 298 -11.95 38.10 -26.45
N ALA D 299 -12.28 37.19 -27.38
CA ALA D 299 -13.59 36.55 -27.49
C ALA D 299 -13.91 35.76 -26.24
N GLU D 300 -12.89 35.09 -25.64
CA GLU D 300 -13.01 34.35 -24.38
C GLU D 300 -13.34 35.34 -23.25
N LEU D 301 -12.59 36.46 -23.17
CA LEU D 301 -12.77 37.56 -22.24
C LEU D 301 -14.17 38.12 -22.38
N ARG D 302 -14.53 38.51 -23.60
CA ARG D 302 -15.85 39.03 -23.95
C ARG D 302 -16.97 38.06 -23.49
N SER D 303 -16.78 36.75 -23.65
CA SER D 303 -17.81 35.75 -23.31
C SER D 303 -17.94 35.56 -21.79
N ARG D 304 -16.82 35.29 -21.08
CA ARG D 304 -16.75 35.11 -19.63
C ARG D 304 -17.30 36.33 -18.87
N ILE D 305 -17.10 37.56 -19.42
CA ILE D 305 -17.56 38.80 -18.80
C ILE D 305 -19.06 38.93 -18.89
N ALA D 306 -19.63 38.70 -20.07
CA ALA D 306 -21.08 38.82 -20.29
C ALA D 306 -21.88 37.75 -19.54
N THR D 307 -21.20 36.63 -19.22
CA THR D 307 -21.68 35.48 -18.43
C THR D 307 -21.86 35.93 -16.98
N THR D 308 -20.80 36.55 -16.41
CA THR D 308 -20.73 37.09 -15.05
C THR D 308 -21.77 38.24 -14.86
N GLU D 309 -22.36 38.28 -13.66
CA GLU D 309 -23.40 39.21 -13.19
C GLU D 309 -22.86 40.64 -12.91
N PRO D 310 -23.60 41.71 -13.31
CA PRO D 310 -23.14 43.09 -12.98
C PRO D 310 -22.99 43.27 -11.47
N GLY D 311 -21.95 44.00 -11.07
CA GLY D 311 -21.65 44.25 -9.67
C GLY D 311 -20.54 43.35 -9.14
N THR D 312 -20.29 42.23 -9.85
CA THR D 312 -19.23 41.28 -9.52
C THR D 312 -17.86 41.92 -9.76
N LYS D 313 -16.92 41.65 -8.85
CA LYS D 313 -15.55 42.13 -8.96
C LYS D 313 -14.70 41.05 -9.61
N VAL D 314 -13.90 41.44 -10.62
CA VAL D 314 -13.02 40.53 -11.36
C VAL D 314 -11.59 41.07 -11.31
N LYS D 315 -10.60 40.15 -11.38
CA LYS D 315 -9.20 40.53 -11.39
C LYS D 315 -8.65 40.38 -12.82
N LEU D 316 -8.07 41.48 -13.33
CA LEU D 316 -7.56 41.58 -14.68
C LEU D 316 -6.03 41.54 -14.74
N GLY D 317 -5.50 40.48 -15.35
CA GLY D 317 -4.08 40.31 -15.62
C GLY D 317 -3.81 41.21 -16.81
N LEU D 318 -3.00 42.23 -16.60
CA LEU D 318 -2.77 43.31 -17.56
C LEU D 318 -1.30 43.46 -17.91
N LEU D 319 -1.01 44.22 -18.98
CA LEU D 319 0.37 44.46 -19.42
C LEU D 319 0.49 45.84 -20.08
N ARG D 320 1.02 46.84 -19.34
CA ARG D 320 1.20 48.17 -19.92
C ARG D 320 2.67 48.54 -19.96
N ASN D 321 3.11 48.97 -21.16
CA ASN D 321 4.48 49.32 -21.54
C ASN D 321 5.45 48.17 -21.20
N GLY D 322 4.95 46.94 -21.38
CA GLY D 322 5.66 45.69 -21.17
C GLY D 322 5.75 45.25 -19.72
N LYS D 323 5.08 45.99 -18.82
CA LYS D 323 5.13 45.71 -17.38
C LYS D 323 3.82 45.10 -16.87
N PRO D 324 3.91 43.98 -16.09
CA PRO D 324 2.69 43.35 -15.56
C PRO D 324 2.01 44.14 -14.45
N LEU D 325 0.66 44.08 -14.41
CA LEU D 325 -0.22 44.71 -13.43
C LEU D 325 -1.46 43.85 -13.21
N GLU D 326 -2.04 43.93 -12.01
CA GLU D 326 -3.28 43.26 -11.66
C GLU D 326 -4.26 44.35 -11.26
N VAL D 327 -5.45 44.34 -11.85
CA VAL D 327 -6.45 45.38 -11.60
C VAL D 327 -7.79 44.72 -11.25
N GLU D 328 -8.43 45.17 -10.15
CA GLU D 328 -9.74 44.67 -9.73
C GLU D 328 -10.81 45.61 -10.30
N VAL D 329 -11.73 45.05 -11.10
CA VAL D 329 -12.78 45.82 -11.79
C VAL D 329 -14.16 45.36 -11.31
N THR D 330 -15.06 46.31 -11.06
CA THR D 330 -16.45 46.04 -10.70
C THR D 330 -17.23 46.14 -12.00
N LEU D 331 -17.97 45.07 -12.33
CA LEU D 331 -18.71 45.00 -13.57
C LEU D 331 -19.95 45.87 -13.56
N ASP D 332 -20.18 46.55 -14.68
CA ASP D 332 -21.35 47.38 -14.93
C ASP D 332 -22.43 46.51 -15.60
N THR D 333 -23.56 47.09 -15.96
CA THR D 333 -24.64 46.40 -16.68
C THR D 333 -24.54 46.75 -18.17
N SER D 334 -24.95 45.81 -19.05
CA SER D 334 -24.93 45.99 -20.51
C SER D 334 -26.29 46.45 -21.05
N PRO E 11 4.93 -1.90 -21.06
CA PRO E 11 4.50 -1.12 -19.90
C PRO E 11 3.29 -0.24 -20.19
N LEU E 12 3.16 0.23 -21.47
CA LEU E 12 2.03 1.09 -21.89
C LEU E 12 0.73 0.27 -22.01
N PRO E 13 -0.42 0.77 -21.51
CA PRO E 13 -1.68 0.04 -21.74
C PRO E 13 -2.00 -0.09 -23.25
N SER E 14 -2.46 -1.28 -23.68
CA SER E 14 -2.68 -1.57 -25.10
C SER E 14 -3.68 -2.71 -25.29
N LEU E 15 -4.38 -2.71 -26.45
CA LEU E 15 -5.32 -3.75 -26.82
C LEU E 15 -4.61 -4.83 -27.65
N ALA E 16 -3.37 -4.53 -28.07
CA ALA E 16 -2.52 -5.41 -28.88
C ALA E 16 -2.34 -6.83 -28.30
N PRO E 17 -2.10 -7.02 -26.96
CA PRO E 17 -1.90 -8.40 -26.47
C PRO E 17 -3.13 -9.27 -26.68
N MET E 18 -4.35 -8.74 -26.41
CA MET E 18 -5.55 -9.54 -26.61
C MET E 18 -5.87 -9.70 -28.12
N LEU E 19 -5.65 -8.63 -28.92
CA LEU E 19 -5.96 -8.69 -30.34
C LEU E 19 -5.06 -9.63 -31.10
N GLU E 20 -3.81 -9.80 -30.66
CA GLU E 20 -2.83 -10.75 -31.22
C GLU E 20 -3.42 -12.16 -31.28
N LYS E 21 -4.09 -12.58 -30.16
CA LYS E 21 -4.71 -13.89 -29.98
C LYS E 21 -6.00 -14.11 -30.75
N VAL E 22 -6.81 -13.05 -30.85
CA VAL E 22 -8.19 -13.06 -31.31
C VAL E 22 -8.40 -12.65 -32.80
N LEU E 23 -7.62 -11.69 -33.34
CA LEU E 23 -7.81 -11.24 -34.72
C LEU E 23 -7.86 -12.38 -35.77
N PRO E 24 -7.07 -13.49 -35.67
CA PRO E 24 -7.17 -14.55 -36.71
C PRO E 24 -8.57 -15.20 -36.85
N ALA E 25 -9.46 -15.03 -35.83
CA ALA E 25 -10.83 -15.57 -35.80
C ALA E 25 -11.83 -14.75 -36.67
N VAL E 26 -11.46 -13.50 -36.99
CA VAL E 26 -12.27 -12.60 -37.79
C VAL E 26 -11.71 -12.67 -39.21
N VAL E 27 -12.62 -12.89 -40.17
CA VAL E 27 -12.29 -13.09 -41.59
C VAL E 27 -13.00 -12.05 -42.49
N SER E 28 -12.53 -11.97 -43.72
CA SER E 28 -13.04 -11.16 -44.81
C SER E 28 -13.91 -12.07 -45.68
N VAL E 29 -15.11 -11.62 -46.03
CA VAL E 29 -16.05 -12.44 -46.81
C VAL E 29 -16.22 -11.81 -48.20
N ARG E 30 -15.75 -12.47 -49.24
CA ARG E 30 -15.82 -11.99 -50.62
C ARG E 30 -16.92 -12.76 -51.34
N VAL E 31 -17.80 -12.02 -52.00
CA VAL E 31 -18.98 -12.57 -52.65
C VAL E 31 -19.05 -12.13 -54.13
N GLU E 32 -19.49 -13.07 -55.00
CA GLU E 32 -19.73 -12.86 -56.43
C GLU E 32 -21.11 -13.38 -56.78
N GLY E 33 -21.84 -12.58 -57.54
CA GLY E 33 -23.18 -12.95 -57.99
C GLY E 33 -23.75 -12.11 -59.12
N THR E 34 -25.12 -12.02 -59.15
CA THR E 34 -25.91 -11.28 -60.14
C THR E 34 -26.70 -10.12 -59.50
N GLN E 59 -27.13 -8.28 -63.74
CA GLN E 59 -25.83 -7.63 -63.84
C GLN E 59 -24.85 -8.24 -62.81
N PRO E 60 -23.61 -8.61 -63.21
CA PRO E 60 -22.66 -9.20 -62.22
C PRO E 60 -22.13 -8.20 -61.20
N PHE E 61 -21.86 -8.69 -59.97
CA PHE E 61 -21.36 -7.88 -58.87
C PHE E 61 -20.32 -8.62 -58.01
N GLU E 62 -19.54 -7.83 -57.26
CA GLU E 62 -18.54 -8.26 -56.29
C GLU E 62 -18.80 -7.50 -54.99
N GLY E 63 -19.16 -8.25 -53.95
CA GLY E 63 -19.45 -7.71 -52.62
C GLY E 63 -18.42 -8.08 -51.59
N LEU E 64 -18.27 -7.25 -50.56
CA LEU E 64 -17.28 -7.51 -49.52
C LEU E 64 -17.81 -7.16 -48.13
N GLY E 65 -17.75 -8.13 -47.24
CA GLY E 65 -18.09 -8.00 -45.82
C GLY E 65 -17.05 -8.65 -44.93
N SER E 66 -17.49 -9.07 -43.79
CA SER E 66 -16.64 -9.75 -42.84
C SER E 66 -17.39 -10.96 -42.29
N GLY E 67 -16.71 -11.75 -41.49
CA GLY E 67 -17.25 -12.94 -40.85
C GLY E 67 -16.44 -13.32 -39.63
N VAL E 68 -17.02 -14.14 -38.74
CA VAL E 68 -16.38 -14.62 -37.52
C VAL E 68 -16.38 -16.16 -37.45
N ILE E 69 -15.18 -16.78 -37.25
CA ILE E 69 -15.05 -18.23 -37.12
C ILE E 69 -15.56 -18.61 -35.73
N ILE E 70 -16.68 -19.34 -35.74
CA ILE E 70 -17.40 -19.75 -34.57
C ILE E 70 -17.03 -21.21 -34.20
N ASN E 71 -16.59 -22.03 -35.21
CA ASN E 71 -16.14 -23.42 -35.05
C ASN E 71 -14.94 -23.75 -35.98
N ALA E 72 -13.73 -23.71 -35.40
CA ALA E 72 -12.47 -23.94 -36.12
C ALA E 72 -12.42 -25.32 -36.81
N SER E 73 -12.85 -26.40 -36.12
CA SER E 73 -12.83 -27.79 -36.66
C SER E 73 -13.71 -27.95 -37.92
N LYS E 74 -14.98 -27.49 -37.84
CA LYS E 74 -15.97 -27.58 -38.91
C LYS E 74 -15.88 -26.42 -39.93
N GLY E 75 -15.17 -25.34 -39.57
CA GLY E 75 -15.02 -24.18 -40.42
C GLY E 75 -16.31 -23.36 -40.52
N TYR E 76 -17.06 -23.26 -39.40
CA TYR E 76 -18.32 -22.52 -39.31
C TYR E 76 -18.05 -21.01 -39.11
N VAL E 77 -18.50 -20.20 -40.07
CA VAL E 77 -18.35 -18.76 -40.07
C VAL E 77 -19.73 -18.07 -39.98
N LEU E 78 -19.88 -17.22 -38.95
CA LEU E 78 -21.03 -16.33 -38.75
C LEU E 78 -20.81 -15.04 -39.54
N THR E 79 -21.84 -14.57 -40.24
CA THR E 79 -21.80 -13.31 -41.01
C THR E 79 -23.24 -12.75 -41.07
N ASN E 80 -23.49 -11.68 -41.84
CA ASN E 80 -24.84 -11.18 -42.06
C ASN E 80 -25.44 -11.78 -43.29
N ASN E 81 -26.77 -11.94 -43.29
CA ASN E 81 -27.50 -12.43 -44.44
C ASN E 81 -27.36 -11.47 -45.63
N HIS E 82 -27.44 -10.13 -45.40
CA HIS E 82 -27.35 -9.14 -46.48
C HIS E 82 -25.96 -9.15 -47.18
N VAL E 83 -24.92 -9.73 -46.53
CA VAL E 83 -23.59 -9.87 -47.11
C VAL E 83 -23.62 -10.95 -48.19
N ILE E 84 -24.37 -12.01 -47.92
CA ILE E 84 -24.47 -13.24 -48.68
C ILE E 84 -25.72 -13.37 -49.60
N ASN E 85 -26.72 -12.50 -49.40
CA ASN E 85 -28.03 -12.49 -50.05
C ASN E 85 -28.08 -12.99 -51.52
N GLN E 86 -27.30 -12.40 -52.43
CA GLN E 86 -27.38 -12.77 -53.85
C GLN E 86 -26.14 -13.51 -54.36
N ALA E 87 -25.34 -14.09 -53.43
CA ALA E 87 -24.08 -14.77 -53.73
C ALA E 87 -24.26 -16.09 -54.46
N GLN E 88 -23.41 -16.29 -55.47
CA GLN E 88 -23.27 -17.52 -56.23
C GLN E 88 -21.94 -18.14 -55.78
N LYS E 89 -20.92 -17.30 -55.61
CA LYS E 89 -19.61 -17.70 -55.14
C LYS E 89 -19.26 -16.94 -53.88
N ILE E 90 -18.82 -17.68 -52.82
CA ILE E 90 -18.41 -17.11 -51.53
C ILE E 90 -17.01 -17.59 -51.21
N SER E 91 -16.10 -16.64 -50.92
CA SER E 91 -14.72 -16.91 -50.50
C SER E 91 -14.43 -16.19 -49.18
N ILE E 92 -13.60 -16.83 -48.33
CA ILE E 92 -13.17 -16.30 -47.03
C ILE E 92 -11.68 -16.02 -47.10
N GLN E 93 -11.23 -14.91 -46.52
CA GLN E 93 -9.80 -14.60 -46.46
C GLN E 93 -9.38 -14.38 -45.03
N LEU E 94 -8.34 -15.11 -44.57
CA LEU E 94 -7.80 -14.99 -43.22
C LEU E 94 -6.81 -13.84 -43.18
N ASN E 95 -6.52 -13.31 -41.98
CA ASN E 95 -5.60 -12.18 -41.86
C ASN E 95 -4.12 -12.55 -42.20
N ASP E 96 -3.81 -13.86 -42.38
CA ASP E 96 -2.48 -14.35 -42.77
C ASP E 96 -2.35 -14.45 -44.31
N GLY E 97 -3.48 -14.24 -45.01
CA GLY E 97 -3.54 -14.27 -46.46
C GLY E 97 -4.16 -15.50 -47.05
N ARG E 98 -4.41 -16.55 -46.24
CA ARG E 98 -5.03 -17.78 -46.74
C ARG E 98 -6.48 -17.56 -47.18
N GLU E 99 -6.80 -18.10 -48.37
CA GLU E 99 -8.11 -18.02 -49.00
C GLU E 99 -8.77 -19.38 -49.03
N PHE E 100 -10.08 -19.42 -48.76
CA PHE E 100 -10.89 -20.62 -48.73
C PHE E 100 -12.21 -20.41 -49.41
N ASP E 101 -12.79 -21.48 -49.94
CA ASP E 101 -14.13 -21.39 -50.50
C ASP E 101 -15.11 -21.65 -49.38
N ALA E 102 -16.33 -21.13 -49.53
CA ALA E 102 -17.34 -21.29 -48.50
C ALA E 102 -18.69 -21.58 -49.10
N LYS E 103 -19.48 -22.34 -48.36
CA LYS E 103 -20.84 -22.70 -48.76
C LYS E 103 -21.81 -22.19 -47.71
N LEU E 104 -22.96 -21.70 -48.16
CA LEU E 104 -23.99 -21.26 -47.25
C LEU E 104 -24.66 -22.46 -46.59
N ILE E 105 -24.60 -22.54 -45.25
CA ILE E 105 -25.25 -23.60 -44.48
C ILE E 105 -26.75 -23.25 -44.32
N GLY E 106 -27.01 -22.00 -43.97
CA GLY E 106 -28.35 -21.48 -43.76
C GLY E 106 -28.32 -20.02 -43.42
N SER E 107 -29.49 -19.37 -43.45
CA SER E 107 -29.62 -17.96 -43.14
C SER E 107 -31.01 -17.63 -42.58
N ASP E 108 -31.12 -16.47 -41.92
CA ASP E 108 -32.35 -15.92 -41.41
C ASP E 108 -32.46 -14.47 -41.89
N ASP E 109 -33.43 -14.22 -42.78
CA ASP E 109 -33.75 -12.91 -43.36
C ASP E 109 -34.21 -11.90 -42.29
N GLN E 110 -35.01 -12.37 -41.33
CA GLN E 110 -35.64 -11.56 -40.30
C GLN E 110 -34.65 -10.99 -39.30
N SER E 111 -33.67 -11.80 -38.86
CA SER E 111 -32.69 -11.34 -37.88
C SER E 111 -31.37 -10.87 -38.54
N ASP E 112 -31.15 -11.22 -39.84
CA ASP E 112 -29.97 -10.89 -40.68
C ASP E 112 -28.70 -11.70 -40.27
N ILE E 113 -28.90 -12.99 -39.99
CA ILE E 113 -27.79 -13.87 -39.65
C ILE E 113 -27.68 -14.97 -40.70
N ALA E 114 -26.44 -15.22 -41.17
CA ALA E 114 -26.07 -16.28 -42.12
C ALA E 114 -24.96 -17.12 -41.52
N LEU E 115 -25.00 -18.42 -41.80
CA LEU E 115 -23.95 -19.31 -41.37
C LEU E 115 -23.32 -19.94 -42.59
N LEU E 116 -21.99 -19.85 -42.66
CA LEU E 116 -21.18 -20.41 -43.74
C LEU E 116 -20.29 -21.52 -43.24
N GLN E 117 -19.88 -22.39 -44.18
CA GLN E 117 -18.93 -23.45 -43.88
C GLN E 117 -17.79 -23.36 -44.84
N ILE E 118 -16.57 -23.23 -44.29
CA ILE E 118 -15.33 -23.20 -45.07
C ILE E 118 -15.10 -24.59 -45.66
N GLN E 119 -14.84 -24.64 -46.97
CA GLN E 119 -14.53 -25.88 -47.68
C GLN E 119 -13.06 -26.20 -47.45
N ASN E 120 -12.80 -27.41 -46.93
CA ASN E 120 -11.47 -27.93 -46.57
C ASN E 120 -10.79 -26.98 -45.55
N PRO E 121 -11.38 -26.80 -44.34
CA PRO E 121 -10.74 -25.93 -43.33
C PRO E 121 -9.44 -26.56 -42.83
N SER E 122 -8.51 -25.72 -42.37
CA SER E 122 -7.20 -26.16 -41.88
C SER E 122 -6.58 -25.06 -41.01
N LYS E 123 -6.05 -25.44 -39.83
CA LYS E 123 -5.33 -24.57 -38.87
C LYS E 123 -6.07 -23.23 -38.63
N LEU E 124 -7.36 -23.34 -38.28
CA LEU E 124 -8.25 -22.21 -38.04
C LEU E 124 -8.32 -21.86 -36.56
N THR E 125 -8.55 -20.58 -36.24
CA THR E 125 -8.75 -20.08 -34.88
C THR E 125 -10.22 -19.74 -34.79
N GLN E 126 -10.84 -20.04 -33.64
CA GLN E 126 -12.24 -19.73 -33.40
C GLN E 126 -12.36 -18.71 -32.27
N ILE E 127 -13.50 -18.04 -32.25
CA ILE E 127 -13.75 -17.01 -31.27
C ILE E 127 -14.47 -17.62 -30.06
N ALA E 128 -14.21 -17.03 -28.88
CA ALA E 128 -14.94 -17.35 -27.66
C ALA E 128 -16.16 -16.44 -27.65
N ILE E 129 -17.33 -16.96 -27.26
CA ILE E 129 -18.55 -16.16 -27.22
C ILE E 129 -18.89 -15.81 -25.77
N ALA E 130 -19.10 -14.50 -25.50
CA ALA E 130 -19.50 -13.97 -24.21
C ALA E 130 -21.03 -13.91 -24.08
N ASP E 131 -21.53 -13.77 -22.82
CA ASP E 131 -22.94 -13.61 -22.54
C ASP E 131 -23.29 -12.10 -22.74
N SER E 132 -23.95 -11.79 -23.86
CA SER E 132 -24.34 -10.44 -24.23
C SER E 132 -25.40 -9.85 -23.25
N ASP E 133 -26.12 -10.71 -22.51
CA ASP E 133 -27.10 -10.23 -21.53
C ASP E 133 -26.41 -9.65 -20.29
N LYS E 134 -25.10 -9.90 -20.14
CA LYS E 134 -24.30 -9.38 -19.02
C LYS E 134 -23.63 -8.01 -19.37
N LEU E 135 -23.89 -7.50 -20.60
CA LEU E 135 -23.38 -6.21 -21.07
C LEU E 135 -24.07 -5.04 -20.40
N ARG E 136 -23.33 -3.93 -20.27
CA ARG E 136 -23.81 -2.67 -19.72
C ARG E 136 -23.29 -1.51 -20.52
N VAL E 137 -24.07 -0.42 -20.56
CA VAL E 137 -23.71 0.83 -21.23
C VAL E 137 -22.47 1.35 -20.51
N GLY E 138 -21.38 1.54 -21.26
CA GLY E 138 -20.10 1.98 -20.72
C GLY E 138 -19.00 0.97 -20.91
N ASP E 139 -19.39 -0.31 -21.11
CA ASP E 139 -18.43 -1.39 -21.35
C ASP E 139 -17.67 -1.12 -22.65
N PHE E 140 -16.39 -1.43 -22.68
CA PHE E 140 -15.56 -1.20 -23.85
C PHE E 140 -15.76 -2.26 -24.89
N ALA E 141 -15.76 -1.86 -26.15
CA ALA E 141 -15.97 -2.73 -27.29
C ALA E 141 -14.97 -2.45 -28.40
N VAL E 142 -14.55 -3.50 -29.11
CA VAL E 142 -13.63 -3.42 -30.25
C VAL E 142 -14.34 -4.05 -31.44
N ALA E 143 -14.46 -3.29 -32.54
CA ALA E 143 -15.07 -3.75 -33.80
C ALA E 143 -13.97 -4.19 -34.70
N VAL E 144 -14.11 -5.40 -35.25
CA VAL E 144 -13.14 -6.00 -36.17
C VAL E 144 -13.87 -6.37 -37.43
N GLY E 145 -13.35 -5.89 -38.54
CA GLY E 145 -13.93 -6.12 -39.84
C GLY E 145 -13.12 -5.57 -40.99
N ASN E 146 -13.76 -5.54 -42.16
CA ASN E 146 -13.18 -5.14 -43.43
C ASN E 146 -13.86 -3.92 -44.07
N PRO E 147 -13.86 -2.71 -43.42
CA PRO E 147 -14.47 -1.54 -44.08
C PRO E 147 -13.77 -1.19 -45.38
N PHE E 148 -14.58 -0.81 -46.39
CA PHE E 148 -14.16 -0.35 -47.71
C PHE E 148 -13.14 -1.31 -48.38
N GLY E 149 -13.19 -2.59 -47.99
CA GLY E 149 -12.31 -3.65 -48.48
C GLY E 149 -10.84 -3.42 -48.22
N LEU E 150 -10.49 -2.71 -47.13
CA LEU E 150 -9.09 -2.36 -46.84
C LEU E 150 -8.24 -3.50 -46.31
N GLY E 151 -8.91 -4.47 -45.74
CA GLY E 151 -8.30 -5.59 -45.03
C GLY E 151 -8.79 -5.46 -43.61
N GLN E 152 -8.40 -6.40 -42.75
CA GLN E 152 -8.77 -6.41 -41.34
C GLN E 152 -8.43 -5.08 -40.66
N THR E 153 -9.44 -4.51 -40.03
CA THR E 153 -9.39 -3.23 -39.33
C THR E 153 -10.03 -3.40 -38.00
N ALA E 154 -9.35 -2.91 -36.94
CA ALA E 154 -9.88 -2.90 -35.58
C ALA E 154 -10.16 -1.47 -35.16
N THR E 155 -11.37 -1.21 -34.63
CA THR E 155 -11.74 0.14 -34.13
C THR E 155 -12.28 -0.05 -32.74
N SER E 156 -12.12 0.97 -31.90
CA SER E 156 -12.47 0.89 -30.50
C SER E 156 -13.57 1.91 -30.11
N GLY E 157 -14.39 1.54 -29.15
CA GLY E 157 -15.44 2.39 -28.62
C GLY E 157 -16.04 1.81 -27.35
N ILE E 158 -17.26 2.26 -27.02
CA ILE E 158 -18.00 1.77 -25.86
C ILE E 158 -19.34 1.19 -26.30
N VAL E 159 -20.03 0.52 -25.35
CA VAL E 159 -21.40 0.08 -25.52
C VAL E 159 -22.22 1.34 -25.20
N SER E 160 -22.86 1.91 -26.23
CA SER E 160 -23.62 3.16 -26.18
C SER E 160 -25.03 2.98 -25.68
N ALA E 161 -25.66 1.85 -26.03
CA ALA E 161 -27.03 1.46 -25.70
C ALA E 161 -27.24 -0.01 -25.93
N LEU E 162 -28.31 -0.58 -25.35
CA LEU E 162 -28.67 -1.99 -25.45
C LEU E 162 -30.16 -2.15 -25.70
N GLY E 163 -30.54 -3.28 -26.30
CA GLY E 163 -31.94 -3.61 -26.59
C GLY E 163 -32.61 -2.64 -27.53
N ARG E 164 -31.88 -2.15 -28.56
CA ARG E 164 -32.35 -1.17 -29.53
C ARG E 164 -33.21 -1.81 -30.61
N SER E 165 -34.46 -1.31 -30.72
CA SER E 165 -35.51 -1.73 -31.65
C SER E 165 -36.10 -0.53 -32.38
N GLY E 166 -37.14 -0.78 -33.19
CA GLY E 166 -37.88 0.21 -33.95
C GLY E 166 -37.05 1.07 -34.88
N LEU E 167 -35.96 0.51 -35.41
CA LEU E 167 -35.07 1.21 -36.32
C LEU E 167 -35.44 0.89 -37.77
N ASN E 168 -36.39 -0.05 -37.96
CA ASN E 168 -36.87 -0.51 -39.27
C ASN E 168 -35.71 -0.93 -40.19
N LEU E 169 -34.75 -1.65 -39.60
CA LEU E 169 -33.57 -2.16 -40.29
C LEU E 169 -33.78 -3.61 -40.58
N GLU E 170 -34.25 -4.34 -39.55
CA GLU E 170 -34.49 -5.77 -39.55
C GLU E 170 -35.90 -6.09 -39.11
N GLY E 171 -36.33 -7.32 -39.39
CA GLY E 171 -37.62 -7.84 -38.96
C GLY E 171 -37.59 -8.06 -37.46
N LEU E 172 -36.46 -8.61 -36.96
CA LEU E 172 -36.21 -8.86 -35.53
C LEU E 172 -34.96 -8.12 -35.11
N GLU E 173 -35.12 -7.21 -34.15
CA GLU E 173 -34.04 -6.35 -33.68
C GLU E 173 -33.95 -6.32 -32.17
N ASN E 174 -32.72 -6.38 -31.66
CA ASN E 174 -32.41 -6.29 -30.23
C ASN E 174 -30.93 -5.86 -30.14
N PHE E 175 -30.63 -4.84 -30.94
CA PHE E 175 -29.29 -4.33 -31.18
C PHE E 175 -28.54 -3.74 -30.00
N ILE E 176 -27.23 -4.00 -30.02
CA ILE E 176 -26.23 -3.36 -29.18
C ILE E 176 -25.84 -2.12 -30.00
N GLN E 177 -25.79 -0.95 -29.35
CA GLN E 177 -25.36 0.24 -30.06
C GLN E 177 -23.94 0.59 -29.60
N THR E 178 -23.05 0.92 -30.53
CA THR E 178 -21.66 1.21 -30.19
C THR E 178 -21.17 2.42 -30.96
N ASP E 179 -20.17 3.14 -30.39
CA ASP E 179 -19.57 4.30 -31.06
C ASP E 179 -18.24 3.93 -31.73
N ALA E 180 -17.89 2.63 -31.74
CA ALA E 180 -16.72 2.12 -32.47
C ALA E 180 -17.00 2.34 -33.96
N SER E 181 -16.05 2.94 -34.71
CA SER E 181 -16.24 3.23 -36.12
C SER E 181 -16.56 1.97 -36.90
N ILE E 182 -17.78 1.91 -37.43
CA ILE E 182 -18.33 0.81 -38.22
C ILE E 182 -18.78 1.45 -39.52
N ASN E 183 -18.28 0.92 -40.63
CA ASN E 183 -18.53 1.44 -41.96
C ASN E 183 -18.91 0.32 -42.89
N ARG E 184 -19.26 0.63 -44.15
CA ARG E 184 -19.57 -0.41 -45.15
C ARG E 184 -18.37 -1.32 -45.29
N GLY E 185 -18.58 -2.63 -45.20
CA GLY E 185 -17.55 -3.65 -45.29
C GLY E 185 -17.37 -4.30 -43.94
N ASN E 186 -17.86 -3.65 -42.87
CA ASN E 186 -17.80 -4.14 -41.50
C ASN E 186 -18.78 -5.23 -41.24
N SER E 187 -19.91 -5.24 -41.99
CA SER E 187 -21.03 -6.15 -41.82
C SER E 187 -20.60 -7.60 -41.72
N GLY E 188 -21.07 -8.27 -40.68
CA GLY E 188 -20.80 -9.67 -40.45
C GLY E 188 -19.64 -9.90 -39.52
N GLY E 189 -18.87 -8.84 -39.29
CA GLY E 189 -17.70 -8.82 -38.43
C GLY E 189 -18.01 -8.83 -36.96
N ALA E 190 -16.95 -8.89 -36.18
CA ALA E 190 -16.98 -9.02 -34.75
C ALA E 190 -17.00 -7.74 -33.96
N LEU E 191 -17.84 -7.74 -32.92
CA LEU E 191 -17.87 -6.78 -31.84
C LEU E 191 -17.39 -7.59 -30.64
N LEU E 192 -16.24 -7.18 -30.06
CA LEU E 192 -15.57 -7.89 -28.97
C LEU E 192 -15.47 -7.08 -27.69
N ASN E 193 -15.36 -7.78 -26.56
CA ASN E 193 -15.10 -7.14 -25.28
C ASN E 193 -13.58 -7.05 -25.09
N LEU E 194 -13.13 -6.58 -23.92
CA LEU E 194 -11.70 -6.44 -23.63
C LEU E 194 -10.96 -7.77 -23.47
N ASN E 195 -11.71 -8.90 -23.34
CA ASN E 195 -11.14 -10.25 -23.26
C ASN E 195 -11.04 -10.90 -24.65
N GLY E 196 -11.54 -10.18 -25.66
CA GLY E 196 -11.54 -10.65 -27.04
C GLY E 196 -12.62 -11.65 -27.33
N GLU E 197 -13.67 -11.64 -26.50
CA GLU E 197 -14.82 -12.53 -26.65
C GLU E 197 -15.89 -11.82 -27.44
N LEU E 198 -16.61 -12.57 -28.30
CA LEU E 198 -17.68 -12.03 -29.13
C LEU E 198 -18.87 -11.56 -28.29
N ILE E 199 -19.23 -10.28 -28.45
CA ILE E 199 -20.39 -9.72 -27.77
C ILE E 199 -21.49 -9.39 -28.81
N GLY E 200 -21.13 -9.40 -30.09
CA GLY E 200 -22.08 -9.11 -31.15
C GLY E 200 -21.52 -9.16 -32.55
N ILE E 201 -22.43 -9.30 -33.54
CA ILE E 201 -22.10 -9.32 -34.97
C ILE E 201 -22.54 -7.96 -35.56
N ASN E 202 -21.57 -7.06 -35.92
CA ASN E 202 -21.85 -5.73 -36.51
C ASN E 202 -22.68 -5.88 -37.77
N THR E 203 -23.83 -5.19 -37.80
CA THR E 203 -24.82 -5.35 -38.85
C THR E 203 -25.20 -4.09 -39.61
N ALA E 204 -25.41 -2.98 -38.89
CA ALA E 204 -25.94 -1.77 -39.52
C ALA E 204 -25.43 -0.50 -38.85
N ILE E 205 -25.61 0.64 -39.52
CA ILE E 205 -25.23 1.94 -38.94
C ILE E 205 -26.29 3.02 -39.27
N LEU E 206 -26.30 4.09 -38.48
CA LEU E 206 -27.06 5.31 -38.74
C LEU E 206 -26.04 6.31 -39.22
N ALA E 207 -26.17 6.73 -40.46
CA ALA E 207 -25.22 7.68 -41.04
C ALA E 207 -25.92 8.60 -41.99
N PRO E 208 -25.95 9.92 -41.69
CA PRO E 208 -26.55 10.87 -42.65
C PRO E 208 -25.96 10.71 -44.07
N GLY E 209 -24.64 10.49 -44.18
CA GLY E 209 -24.04 10.36 -45.50
C GLY E 209 -23.09 9.23 -45.79
N GLY E 210 -23.51 7.98 -45.58
CA GLY E 210 -22.72 6.78 -45.89
C GLY E 210 -21.47 6.48 -45.07
N GLY E 211 -21.13 7.37 -44.14
CA GLY E 211 -19.98 7.13 -43.29
C GLY E 211 -20.32 7.19 -41.82
N SER E 212 -19.57 6.40 -41.01
CA SER E 212 -19.68 6.31 -39.56
C SER E 212 -19.68 7.71 -38.87
N VAL E 213 -20.74 7.95 -38.09
CA VAL E 213 -20.93 9.14 -37.25
C VAL E 213 -20.94 8.70 -35.74
N GLY E 214 -20.50 7.46 -35.47
CA GLY E 214 -20.49 6.83 -34.16
C GLY E 214 -21.79 6.18 -33.68
N ILE E 215 -22.72 5.85 -34.59
CA ILE E 215 -23.97 5.17 -34.26
C ILE E 215 -24.01 3.83 -35.03
N GLY E 216 -23.53 2.76 -34.39
CA GLY E 216 -23.43 1.44 -35.00
C GLY E 216 -24.26 0.40 -34.31
N PHE E 217 -24.70 -0.60 -35.03
CA PHE E 217 -25.54 -1.62 -34.42
C PHE E 217 -25.00 -3.02 -34.68
N ALA E 218 -25.05 -3.84 -33.63
CA ALA E 218 -24.60 -5.23 -33.63
C ALA E 218 -25.71 -6.14 -33.11
N ILE E 219 -25.91 -7.28 -33.79
CA ILE E 219 -26.82 -8.32 -33.30
C ILE E 219 -26.14 -8.92 -32.07
N PRO E 220 -26.77 -8.96 -30.88
CA PRO E 220 -26.07 -9.53 -29.71
C PRO E 220 -25.64 -11.00 -29.91
N SER E 221 -24.46 -11.36 -29.34
CA SER E 221 -23.84 -12.69 -29.43
C SER E 221 -24.78 -13.83 -29.01
N ASN E 222 -25.60 -13.64 -27.96
CA ASN E 222 -26.55 -14.67 -27.51
C ASN E 222 -27.56 -14.98 -28.60
N MET E 223 -28.09 -13.94 -29.26
CA MET E 223 -29.03 -14.09 -30.37
C MET E 223 -28.32 -14.76 -31.56
N ALA E 224 -27.11 -14.29 -31.91
CA ALA E 224 -26.31 -14.83 -33.00
C ALA E 224 -25.94 -16.31 -32.77
N ARG E 225 -25.53 -16.67 -31.53
CA ARG E 225 -25.14 -18.03 -31.12
C ARG E 225 -26.33 -19.01 -31.29
N THR E 226 -27.49 -18.66 -30.72
CA THR E 226 -28.72 -19.46 -30.77
C THR E 226 -29.16 -19.69 -32.23
N LEU E 227 -29.19 -18.62 -33.03
CA LEU E 227 -29.60 -18.74 -34.42
C LEU E 227 -28.63 -19.63 -35.20
N ALA E 228 -27.30 -19.48 -34.93
CA ALA E 228 -26.24 -20.29 -35.55
C ALA E 228 -26.44 -21.77 -35.24
N GLN E 229 -26.79 -22.13 -33.96
CA GLN E 229 -27.08 -23.50 -33.54
C GLN E 229 -28.24 -24.11 -34.33
N GLN E 230 -29.33 -23.35 -34.50
CA GLN E 230 -30.50 -23.76 -35.28
C GLN E 230 -30.14 -24.04 -36.73
N LEU E 231 -29.19 -23.28 -37.31
CA LEU E 231 -28.78 -23.47 -38.69
C LEU E 231 -27.85 -24.67 -38.83
N ILE E 232 -27.03 -24.98 -37.81
CA ILE E 232 -26.15 -26.14 -37.96
C ILE E 232 -27.01 -27.39 -37.75
N ASP E 233 -28.00 -27.33 -36.83
CA ASP E 233 -28.88 -28.44 -36.52
C ASP E 233 -29.95 -28.73 -37.58
N PHE E 234 -30.55 -27.69 -38.21
CA PHE E 234 -31.68 -27.90 -39.11
C PHE E 234 -31.55 -27.27 -40.50
N GLY E 235 -30.51 -26.44 -40.72
CA GLY E 235 -30.31 -25.77 -41.99
C GLY E 235 -31.29 -24.61 -42.19
N GLU E 236 -32.14 -24.38 -41.16
CA GLU E 236 -33.15 -23.33 -41.09
C GLU E 236 -33.42 -23.00 -39.63
N ILE E 237 -34.03 -21.84 -39.40
CA ILE E 237 -34.40 -21.39 -38.06
C ILE E 237 -35.80 -21.90 -37.70
N LYS E 238 -36.03 -22.04 -36.39
CA LYS E 238 -37.29 -22.46 -35.79
C LYS E 238 -37.76 -21.31 -34.90
N ARG E 239 -38.82 -20.64 -35.36
CA ARG E 239 -39.45 -19.48 -34.72
C ARG E 239 -40.43 -19.88 -33.63
N GLY E 240 -40.16 -19.42 -32.41
CA GLY E 240 -41.01 -19.66 -31.25
C GLY E 240 -42.03 -18.56 -31.02
N LEU E 241 -43.21 -18.91 -30.45
CA LEU E 241 -44.21 -17.92 -30.11
C LEU E 241 -44.86 -18.22 -28.76
N LEU E 242 -45.22 -17.15 -28.03
CA LEU E 242 -45.90 -17.20 -26.74
C LEU E 242 -47.39 -17.45 -26.91
N GLY E 243 -48.00 -16.81 -27.91
CA GLY E 243 -49.43 -16.83 -28.18
C GLY E 243 -50.08 -15.65 -27.48
N ILE E 244 -49.39 -14.50 -27.57
CA ILE E 244 -49.73 -13.22 -26.95
C ILE E 244 -49.91 -12.15 -28.03
N LYS E 245 -50.88 -11.26 -27.84
CA LYS E 245 -51.13 -10.08 -28.66
C LYS E 245 -51.08 -8.91 -27.72
N GLY E 246 -50.25 -7.95 -28.05
CA GLY E 246 -50.09 -6.80 -27.19
C GLY E 246 -49.48 -5.57 -27.83
N THR E 247 -49.38 -4.53 -27.00
CA THR E 247 -48.83 -3.23 -27.34
C THR E 247 -47.70 -2.93 -26.39
N GLU E 248 -47.02 -1.82 -26.64
CA GLU E 248 -45.96 -1.33 -25.79
C GLU E 248 -46.55 -0.77 -24.50
N MET E 249 -45.89 -1.10 -23.38
CA MET E 249 -46.20 -0.56 -22.07
C MET E 249 -45.67 0.89 -22.07
N SER E 250 -46.53 1.85 -21.64
CA SER E 250 -46.19 3.28 -21.64
C SER E 250 -46.35 3.91 -20.27
N ALA E 251 -45.84 5.15 -20.15
CA ALA E 251 -45.95 5.99 -18.95
C ALA E 251 -47.41 6.34 -18.69
N ASP E 252 -48.22 6.35 -19.76
CA ASP E 252 -49.64 6.66 -19.76
C ASP E 252 -50.43 5.54 -19.12
N ILE E 253 -50.17 4.27 -19.49
CA ILE E 253 -50.80 3.11 -18.86
C ILE E 253 -50.40 3.09 -17.38
N ALA E 254 -49.08 3.21 -17.06
CA ALA E 254 -48.57 3.23 -15.68
C ALA E 254 -49.22 4.31 -14.81
N LYS E 255 -49.39 5.57 -15.32
CA LYS E 255 -50.02 6.67 -14.56
C LYS E 255 -51.49 6.33 -14.25
N ALA E 256 -52.22 5.82 -15.27
CA ALA E 256 -53.63 5.45 -15.15
C ALA E 256 -53.89 4.38 -14.08
N PHE E 257 -52.93 3.44 -13.88
CA PHE E 257 -53.09 2.33 -12.92
C PHE E 257 -52.12 2.40 -11.75
N ASN E 258 -51.53 3.58 -11.51
CA ASN E 258 -50.59 3.87 -10.42
C ASN E 258 -49.46 2.80 -10.31
N LEU E 259 -48.80 2.49 -11.44
CA LEU E 259 -47.73 1.50 -11.55
C LEU E 259 -46.34 2.16 -11.58
N ASP E 260 -45.32 1.45 -11.04
CA ASP E 260 -43.92 1.91 -10.94
C ASP E 260 -43.01 1.32 -12.07
N VAL E 261 -43.64 0.78 -13.13
CA VAL E 261 -43.06 0.22 -14.35
C VAL E 261 -43.78 0.86 -15.57
N GLN E 262 -43.04 1.23 -16.62
CA GLN E 262 -43.66 1.87 -17.79
C GLN E 262 -43.00 1.39 -19.11
N ARG E 263 -42.35 0.23 -19.04
CA ARG E 263 -41.66 -0.43 -20.13
C ARG E 263 -41.91 -1.91 -20.06
N GLY E 264 -42.16 -2.49 -21.22
CA GLY E 264 -42.45 -3.90 -21.34
C GLY E 264 -43.63 -4.11 -22.26
N ALA E 265 -44.34 -5.22 -22.09
CA ALA E 265 -45.46 -5.57 -22.94
C ALA E 265 -46.80 -5.52 -22.22
N PHE E 266 -47.76 -4.82 -22.80
CA PHE E 266 -49.12 -4.77 -22.30
C PHE E 266 -49.92 -5.82 -23.08
N VAL E 267 -50.41 -6.87 -22.40
CA VAL E 267 -51.13 -7.97 -23.06
C VAL E 267 -52.58 -7.59 -23.25
N SER E 268 -53.05 -7.65 -24.50
CA SER E 268 -54.44 -7.35 -24.83
C SER E 268 -55.22 -8.65 -25.12
N GLU E 269 -54.51 -9.69 -25.57
CA GLU E 269 -55.14 -10.96 -25.96
C GLU E 269 -54.19 -12.13 -25.78
N VAL E 270 -54.72 -13.21 -25.21
CA VAL E 270 -53.99 -14.48 -25.02
C VAL E 270 -54.69 -15.50 -25.94
N LEU E 271 -53.98 -16.00 -26.93
CA LEU E 271 -54.55 -16.90 -27.92
C LEU E 271 -54.88 -18.26 -27.30
N PRO E 272 -56.12 -18.79 -27.53
CA PRO E 272 -56.49 -20.06 -26.89
C PRO E 272 -55.72 -21.25 -27.50
N GLY E 273 -55.27 -22.14 -26.61
CA GLY E 273 -54.52 -23.33 -26.97
C GLY E 273 -53.01 -23.12 -27.01
N SER E 274 -52.58 -21.86 -26.78
CA SER E 274 -51.18 -21.48 -26.77
C SER E 274 -50.55 -21.82 -25.42
N GLY E 275 -49.22 -21.80 -25.36
CA GLY E 275 -48.44 -22.04 -24.15
C GLY E 275 -48.78 -21.04 -23.07
N SER E 276 -49.08 -19.78 -23.48
CA SER E 276 -49.45 -18.66 -22.61
C SER E 276 -50.83 -18.88 -22.00
N ALA E 277 -51.75 -19.48 -22.80
CA ALA E 277 -53.11 -19.83 -22.39
C ALA E 277 -53.03 -20.87 -21.27
N LYS E 278 -52.30 -21.97 -21.55
CA LYS E 278 -52.05 -23.10 -20.66
C LYS E 278 -51.33 -22.65 -19.37
N ALA E 279 -50.32 -21.78 -19.51
CA ALA E 279 -49.52 -21.22 -18.42
C ALA E 279 -50.37 -20.37 -17.44
N GLY E 280 -51.33 -19.62 -17.96
CA GLY E 280 -52.21 -18.77 -17.14
C GLY E 280 -52.05 -17.26 -17.32
N VAL E 281 -51.26 -16.81 -18.33
CA VAL E 281 -51.10 -15.37 -18.59
C VAL E 281 -52.46 -14.89 -19.14
N LYS E 282 -52.92 -13.73 -18.64
CA LYS E 282 -54.24 -13.17 -18.92
C LYS E 282 -54.18 -11.79 -19.56
N ALA E 283 -55.19 -11.43 -20.38
CA ALA E 283 -55.29 -10.09 -20.98
C ALA E 283 -55.28 -9.02 -19.86
N GLY E 284 -54.52 -7.96 -20.06
CA GLY E 284 -54.35 -6.88 -19.08
C GLY E 284 -53.06 -7.02 -18.29
N ASP E 285 -52.35 -8.15 -18.45
CA ASP E 285 -51.07 -8.38 -17.78
C ASP E 285 -49.97 -7.53 -18.40
N ILE E 286 -48.94 -7.21 -17.61
CA ILE E 286 -47.82 -6.42 -18.08
C ILE E 286 -46.57 -7.26 -17.91
N ILE E 287 -46.04 -7.78 -19.03
CA ILE E 287 -44.81 -8.57 -19.04
C ILE E 287 -43.65 -7.59 -18.85
N THR E 288 -42.94 -7.71 -17.72
CA THR E 288 -41.85 -6.87 -17.23
C THR E 288 -40.47 -7.54 -17.48
N SER E 289 -40.42 -8.88 -17.42
CA SER E 289 -39.18 -9.63 -17.53
C SER E 289 -39.31 -10.87 -18.38
N LEU E 290 -38.18 -11.29 -18.90
CA LEU E 290 -38.01 -12.54 -19.62
C LEU E 290 -36.77 -13.20 -19.00
N ASN E 291 -36.97 -14.39 -18.39
CA ASN E 291 -35.94 -15.19 -17.72
C ASN E 291 -35.17 -14.35 -16.68
N GLY E 292 -35.90 -13.54 -15.91
CA GLY E 292 -35.32 -12.68 -14.88
C GLY E 292 -34.69 -11.39 -15.36
N LYS E 293 -34.55 -11.22 -16.70
CA LYS E 293 -33.97 -10.00 -17.26
C LYS E 293 -35.06 -9.01 -17.64
N PRO E 294 -35.01 -7.75 -17.09
CA PRO E 294 -36.04 -6.75 -17.44
C PRO E 294 -36.10 -6.42 -18.93
N LEU E 295 -37.33 -6.24 -19.44
CA LEU E 295 -37.61 -5.88 -20.82
C LEU E 295 -37.73 -4.36 -20.97
N ASN E 296 -37.06 -3.77 -21.98
CA ASN E 296 -37.19 -2.33 -22.19
C ASN E 296 -38.32 -2.04 -23.21
N SER E 297 -38.89 -3.11 -23.81
CA SER E 297 -39.95 -2.98 -24.82
C SER E 297 -40.61 -4.31 -25.20
N PHE E 298 -41.81 -4.22 -25.78
CA PHE E 298 -42.55 -5.33 -26.33
C PHE E 298 -41.80 -5.85 -27.58
N ALA E 299 -41.17 -4.94 -28.33
CA ALA E 299 -40.35 -5.21 -29.50
C ALA E 299 -39.15 -6.10 -29.13
N GLU E 300 -38.56 -5.87 -27.94
CA GLU E 300 -37.44 -6.68 -27.41
C GLU E 300 -37.96 -8.07 -27.12
N LEU E 301 -39.14 -8.15 -26.44
CA LEU E 301 -39.80 -9.40 -26.10
C LEU E 301 -40.08 -10.20 -27.37
N ARG E 302 -40.68 -9.53 -28.38
CA ARG E 302 -41.00 -10.13 -29.67
C ARG E 302 -39.76 -10.80 -30.33
N SER E 303 -38.65 -10.06 -30.46
CA SER E 303 -37.40 -10.55 -31.06
C SER E 303 -36.68 -11.58 -30.20
N ARG E 304 -36.80 -11.52 -28.89
CA ARG E 304 -36.16 -12.53 -28.05
C ARG E 304 -36.91 -13.87 -28.14
N ILE E 305 -38.27 -13.87 -28.15
CA ILE E 305 -38.97 -15.15 -28.17
C ILE E 305 -39.03 -15.77 -29.58
N ALA E 306 -38.99 -14.95 -30.66
CA ALA E 306 -39.03 -15.46 -32.05
C ALA E 306 -37.70 -16.11 -32.44
N THR E 307 -36.65 -15.73 -31.68
CA THR E 307 -35.25 -16.13 -31.77
C THR E 307 -34.98 -17.42 -30.95
N THR E 308 -35.88 -17.71 -29.96
CA THR E 308 -35.87 -18.89 -29.12
C THR E 308 -36.67 -20.03 -29.83
N GLU E 309 -36.14 -21.25 -29.74
CA GLU E 309 -36.68 -22.46 -30.37
C GLU E 309 -38.04 -22.89 -29.79
N PRO E 310 -39.03 -23.30 -30.63
CA PRO E 310 -40.30 -23.82 -30.07
C PRO E 310 -40.05 -25.02 -29.17
N GLY E 311 -40.79 -25.12 -28.07
CA GLY E 311 -40.65 -26.18 -27.10
C GLY E 311 -39.86 -25.73 -25.88
N THR E 312 -39.08 -24.65 -26.02
CA THR E 312 -38.28 -24.07 -24.93
C THR E 312 -39.22 -23.45 -23.90
N LYS E 313 -38.86 -23.62 -22.62
CA LYS E 313 -39.60 -23.04 -21.52
C LYS E 313 -38.96 -21.72 -21.12
N VAL E 314 -39.78 -20.68 -20.95
CA VAL E 314 -39.31 -19.33 -20.60
C VAL E 314 -40.05 -18.86 -19.36
N LYS E 315 -39.39 -18.03 -18.55
CA LYS E 315 -40.01 -17.48 -17.35
C LYS E 315 -40.38 -16.02 -17.62
N LEU E 316 -41.66 -15.71 -17.38
CA LEU E 316 -42.24 -14.42 -17.64
C LEU E 316 -42.50 -13.61 -16.36
N GLY E 317 -41.78 -12.49 -16.23
CA GLY E 317 -41.98 -11.51 -15.17
C GLY E 317 -43.23 -10.74 -15.54
N LEU E 318 -44.26 -10.88 -14.76
CA LEU E 318 -45.60 -10.39 -15.04
C LEU E 318 -46.10 -9.43 -13.93
N LEU E 319 -47.18 -8.69 -14.22
CA LEU E 319 -47.78 -7.76 -13.27
C LEU E 319 -49.28 -7.65 -13.49
N ARG E 320 -50.09 -8.34 -12.64
CA ARG E 320 -51.55 -8.26 -12.80
C ARG E 320 -52.17 -7.62 -11.57
N ASN E 321 -52.98 -6.59 -11.84
CA ASN E 321 -53.67 -5.72 -10.89
C ASN E 321 -52.66 -5.10 -9.90
N GLY E 322 -51.47 -4.80 -10.42
CA GLY E 322 -50.35 -4.20 -9.69
C GLY E 322 -49.54 -5.15 -8.83
N LYS E 323 -49.84 -6.46 -8.93
CA LYS E 323 -49.17 -7.49 -8.14
C LYS E 323 -48.22 -8.33 -9.00
N PRO E 324 -46.96 -8.52 -8.53
CA PRO E 324 -46.00 -9.32 -9.29
C PRO E 324 -46.28 -10.83 -9.32
N LEU E 325 -45.97 -11.47 -10.46
CA LEU E 325 -46.10 -12.92 -10.71
C LEU E 325 -45.01 -13.39 -11.65
N GLU E 326 -44.61 -14.67 -11.52
CA GLU E 326 -43.65 -15.33 -12.42
C GLU E 326 -44.38 -16.50 -13.03
N VAL E 327 -44.34 -16.61 -14.36
CA VAL E 327 -45.08 -17.66 -15.08
C VAL E 327 -44.12 -18.37 -16.04
N GLU E 328 -44.13 -19.72 -16.04
CA GLU E 328 -43.31 -20.52 -16.96
C GLU E 328 -44.16 -20.88 -18.18
N VAL E 329 -43.70 -20.51 -19.39
CA VAL E 329 -44.42 -20.72 -20.63
C VAL E 329 -43.60 -21.61 -21.56
N THR E 330 -44.23 -22.61 -22.19
CA THR E 330 -43.61 -23.47 -23.20
C THR E 330 -43.94 -22.85 -24.54
N LEU E 331 -42.91 -22.56 -25.33
CA LEU E 331 -43.09 -21.90 -26.62
C LEU E 331 -43.66 -22.81 -27.68
N ASP E 332 -44.60 -22.25 -28.46
CA ASP E 332 -45.22 -22.91 -29.59
C ASP E 332 -44.41 -22.58 -30.85
N THR E 333 -44.87 -23.05 -32.01
CA THR E 333 -44.22 -22.76 -33.30
C THR E 333 -45.04 -21.65 -33.98
N SER E 334 -44.35 -20.81 -34.78
CA SER E 334 -44.95 -19.70 -35.52
C SER E 334 -45.29 -20.09 -36.97
N PRO F 11 -6.33 12.75 -9.75
CA PRO F 11 -6.59 11.34 -9.41
C PRO F 11 -7.22 10.56 -10.57
N LEU F 12 -8.02 11.25 -11.42
CA LEU F 12 -8.69 10.65 -12.58
C LEU F 12 -7.71 10.34 -13.70
N PRO F 13 -7.82 9.16 -14.35
CA PRO F 13 -6.97 8.86 -15.54
C PRO F 13 -7.19 9.89 -16.66
N SER F 14 -6.11 10.27 -17.34
CA SER F 14 -6.12 11.33 -18.35
C SER F 14 -4.88 11.28 -19.27
N LEU F 15 -5.01 11.85 -20.48
CA LEU F 15 -3.88 11.97 -21.42
C LEU F 15 -3.20 13.35 -21.26
N ALA F 16 -3.86 14.24 -20.47
CA ALA F 16 -3.43 15.61 -20.18
C ALA F 16 -1.99 15.69 -19.63
N PRO F 17 -1.56 14.86 -18.62
CA PRO F 17 -0.18 14.98 -18.12
C PRO F 17 0.86 14.84 -19.24
N MET F 18 0.65 13.91 -20.21
CA MET F 18 1.60 13.73 -21.31
C MET F 18 1.36 14.73 -22.47
N LEU F 19 0.16 15.29 -22.60
CA LEU F 19 -0.04 16.20 -23.74
C LEU F 19 0.50 17.56 -23.38
N GLU F 20 0.43 17.91 -22.08
CA GLU F 20 0.96 19.16 -21.49
C GLU F 20 2.41 19.41 -21.93
N LYS F 21 3.24 18.35 -21.91
CA LYS F 21 4.66 18.35 -22.28
C LYS F 21 4.90 18.41 -23.75
N VAL F 22 4.09 17.69 -24.53
CA VAL F 22 4.28 17.38 -25.94
C VAL F 22 3.54 18.30 -26.95
N LEU F 23 2.33 18.80 -26.62
CA LEU F 23 1.56 19.63 -27.55
C LEU F 23 2.36 20.84 -28.16
N PRO F 24 3.23 21.59 -27.40
CA PRO F 24 4.02 22.68 -28.02
C PRO F 24 4.82 22.31 -29.28
N ALA F 25 5.31 21.06 -29.41
CA ALA F 25 6.06 20.52 -30.56
C ALA F 25 5.23 20.40 -31.88
N VAL F 26 3.89 20.37 -31.79
CA VAL F 26 2.97 20.26 -32.92
C VAL F 26 2.53 21.64 -33.28
N VAL F 27 2.79 22.01 -34.53
CA VAL F 27 2.51 23.34 -35.04
C VAL F 27 1.46 23.35 -36.16
N SER F 28 0.95 24.55 -36.42
CA SER F 28 0.01 24.87 -37.49
C SER F 28 0.85 25.41 -38.66
N VAL F 29 0.60 24.91 -39.89
CA VAL F 29 1.35 25.35 -41.06
C VAL F 29 0.40 26.15 -41.97
N ARG F 30 0.68 27.44 -42.12
CA ARG F 30 -0.10 28.37 -42.96
C ARG F 30 0.70 28.62 -44.23
N VAL F 31 0.04 28.46 -45.37
CA VAL F 31 0.67 28.55 -46.67
C VAL F 31 -0.08 29.56 -47.57
N GLU F 32 0.68 30.32 -48.35
CA GLU F 32 0.20 31.29 -49.35
C GLU F 32 0.90 31.05 -50.67
N GLY F 33 0.14 31.00 -51.76
CA GLY F 33 0.73 30.77 -53.07
C GLY F 33 -0.12 31.24 -54.23
N THR F 34 -0.02 30.50 -55.35
CA THR F 34 -0.75 30.74 -56.60
C THR F 34 -1.58 29.50 -56.97
N GLN F 59 -4.06 32.38 -59.68
CA GLN F 59 -4.93 32.99 -58.67
C GLN F 59 -4.36 32.73 -57.24
N PRO F 60 -4.30 33.75 -56.35
CA PRO F 60 -3.76 33.52 -54.99
C PRO F 60 -4.65 32.63 -54.10
N PHE F 61 -4.02 31.84 -53.24
CA PHE F 61 -4.70 30.93 -52.31
C PHE F 61 -4.04 30.94 -50.91
N GLU F 62 -4.81 30.49 -49.91
CA GLU F 62 -4.39 30.34 -48.53
C GLU F 62 -4.74 28.94 -48.07
N GLY F 63 -3.71 28.16 -47.75
CA GLY F 63 -3.84 26.78 -47.28
C GLY F 63 -3.48 26.61 -45.82
N LEU F 64 -4.11 25.61 -45.17
CA LEU F 64 -3.83 25.37 -43.76
C LEU F 64 -3.70 23.87 -43.46
N GLY F 65 -2.62 23.53 -42.76
CA GLY F 65 -2.30 22.18 -42.33
C GLY F 65 -1.61 22.17 -40.98
N SER F 66 -0.87 21.08 -40.70
CA SER F 66 -0.11 20.97 -39.47
C SER F 66 1.35 20.50 -39.76
N GLY F 67 2.17 20.57 -38.71
CA GLY F 67 3.56 20.16 -38.74
C GLY F 67 4.03 19.70 -37.38
N VAL F 68 5.22 19.07 -37.34
CA VAL F 68 5.80 18.55 -36.10
C VAL F 68 7.24 19.01 -35.99
N ILE F 69 7.57 19.67 -34.85
CA ILE F 69 8.93 20.12 -34.58
C ILE F 69 9.76 18.87 -34.25
N ILE F 70 10.71 18.59 -35.11
CA ILE F 70 11.57 17.44 -35.03
C ILE F 70 12.92 17.82 -34.40
N ASN F 71 13.36 19.10 -34.56
CA ASN F 71 14.60 19.66 -33.99
C ASN F 71 14.37 21.09 -33.53
N ALA F 72 14.24 21.30 -32.20
CA ALA F 72 13.99 22.59 -31.57
C ALA F 72 15.12 23.63 -31.81
N SER F 73 16.39 23.20 -31.73
CA SER F 73 17.58 24.06 -31.93
C SER F 73 17.66 24.64 -33.36
N LYS F 74 17.51 23.77 -34.38
CA LYS F 74 17.57 24.15 -35.79
C LYS F 74 16.22 24.65 -36.36
N GLY F 75 15.14 24.42 -35.59
CA GLY F 75 13.77 24.78 -35.97
C GLY F 75 13.22 23.93 -37.11
N TYR F 76 13.64 22.62 -37.19
CA TYR F 76 13.23 21.67 -38.24
C TYR F 76 11.79 21.13 -37.99
N VAL F 77 10.90 21.37 -38.98
CA VAL F 77 9.51 20.97 -38.93
C VAL F 77 9.19 19.97 -40.05
N LEU F 78 8.66 18.79 -39.65
CA LEU F 78 8.19 17.76 -40.55
C LEU F 78 6.72 18.03 -40.92
N THR F 79 6.39 17.90 -42.19
CA THR F 79 5.02 18.05 -42.67
C THR F 79 4.85 17.18 -43.93
N ASN F 80 3.66 17.30 -44.55
CA ASN F 80 3.35 16.62 -45.79
C ASN F 80 3.74 17.52 -46.95
N ASN F 81 4.17 16.91 -48.07
CA ASN F 81 4.53 17.64 -49.28
C ASN F 81 3.27 18.35 -49.85
N HIS F 82 2.08 17.68 -49.84
CA HIS F 82 0.84 18.25 -50.38
C HIS F 82 0.37 19.53 -49.61
N VAL F 83 0.84 19.75 -48.39
CA VAL F 83 0.53 20.94 -47.59
C VAL F 83 1.32 22.13 -48.16
N ILE F 84 2.53 21.87 -48.62
CA ILE F 84 3.54 22.84 -49.05
C ILE F 84 3.70 22.97 -50.58
N ASN F 85 3.13 22.01 -51.33
CA ASN F 85 3.22 21.87 -52.79
C ASN F 85 3.31 23.17 -53.62
N GLN F 86 2.35 24.09 -53.49
CA GLN F 86 2.34 25.31 -54.33
C GLN F 86 2.67 26.59 -53.54
N ALA F 87 3.24 26.44 -52.33
CA ALA F 87 3.57 27.54 -51.42
C ALA F 87 4.64 28.48 -51.94
N GLN F 88 4.40 29.78 -51.74
CA GLN F 88 5.28 30.90 -52.05
C GLN F 88 5.74 31.51 -50.72
N LYS F 89 4.84 31.47 -49.71
CA LYS F 89 5.07 31.91 -48.34
C LYS F 89 4.56 30.83 -47.38
N ILE F 90 5.40 30.46 -46.41
CA ILE F 90 5.09 29.45 -45.38
C ILE F 90 5.32 30.06 -44.01
N SER F 91 4.30 29.99 -43.15
CA SER F 91 4.36 30.46 -41.77
C SER F 91 3.94 29.34 -40.83
N ILE F 92 4.57 29.29 -39.65
CA ILE F 92 4.32 28.31 -38.62
C ILE F 92 3.71 29.02 -37.41
N GLN F 93 2.68 28.42 -36.80
CA GLN F 93 2.09 29.02 -35.60
C GLN F 93 2.15 28.01 -34.48
N LEU F 94 2.66 28.44 -33.33
CA LEU F 94 2.76 27.59 -32.14
C LEU F 94 1.46 27.68 -31.37
N ASN F 95 1.20 26.72 -30.48
CA ASN F 95 -0.06 26.68 -29.71
C ASN F 95 -0.15 27.84 -28.67
N ASP F 96 0.96 28.60 -28.45
CA ASP F 96 1.01 29.75 -27.55
C ASP F 96 0.69 31.07 -28.29
N GLY F 97 0.60 30.98 -29.62
CA GLY F 97 0.29 32.11 -30.48
C GLY F 97 1.44 32.67 -31.28
N ARG F 98 2.68 32.24 -30.97
CA ARG F 98 3.88 32.73 -31.66
C ARG F 98 3.91 32.28 -33.10
N GLU F 99 4.19 33.25 -34.01
CA GLU F 99 4.27 33.04 -35.46
C GLU F 99 5.71 33.16 -35.92
N PHE F 100 6.11 32.31 -36.86
CA PHE F 100 7.45 32.26 -37.45
C PHE F 100 7.37 32.07 -38.93
N ASP F 101 8.37 32.55 -39.65
CA ASP F 101 8.45 32.26 -41.08
C ASP F 101 9.20 30.94 -41.25
N ALA F 102 8.94 30.25 -42.37
CA ALA F 102 9.59 28.97 -42.62
C ALA F 102 10.01 28.85 -44.06
N LYS F 103 11.10 28.14 -44.27
CA LYS F 103 11.64 27.89 -45.60
C LYS F 103 11.69 26.39 -45.86
N LEU F 104 11.37 25.99 -47.10
CA LEU F 104 11.40 24.59 -47.46
C LEU F 104 12.85 24.12 -47.60
N ILE F 105 13.24 23.11 -46.80
CA ILE F 105 14.58 22.52 -46.85
C ILE F 105 14.62 21.50 -47.98
N GLY F 106 13.59 20.67 -48.07
CA GLY F 106 13.47 19.64 -49.09
C GLY F 106 12.15 18.91 -48.97
N SER F 107 11.80 18.12 -50.00
CA SER F 107 10.57 17.37 -50.02
C SER F 107 10.70 16.11 -50.86
N ASP F 108 9.78 15.14 -50.64
CA ASP F 108 9.67 13.91 -51.40
C ASP F 108 8.22 13.74 -51.86
N ASP F 109 8.00 13.85 -53.18
CA ASP F 109 6.70 13.70 -53.83
C ASP F 109 6.11 12.29 -53.65
N GLN F 110 6.97 11.26 -53.76
CA GLN F 110 6.60 9.86 -53.71
C GLN F 110 6.08 9.40 -52.33
N SER F 111 6.72 9.83 -51.25
CA SER F 111 6.30 9.43 -49.93
C SER F 111 5.40 10.49 -49.24
N ASP F 112 5.36 11.74 -49.78
CA ASP F 112 4.59 12.90 -49.30
C ASP F 112 5.16 13.48 -48.00
N ILE F 113 6.49 13.60 -47.93
CA ILE F 113 7.13 14.19 -46.77
C ILE F 113 7.89 15.44 -47.20
N ALA F 114 7.77 16.49 -46.41
CA ALA F 114 8.47 17.74 -46.62
C ALA F 114 9.14 18.16 -45.32
N LEU F 115 10.30 18.82 -45.42
CA LEU F 115 10.99 19.32 -44.24
C LEU F 115 11.16 20.83 -44.38
N LEU F 116 10.76 21.54 -43.32
CA LEU F 116 10.81 22.99 -43.24
C LEU F 116 11.76 23.42 -42.15
N GLN F 117 12.30 24.64 -42.28
CA GLN F 117 13.15 25.23 -41.26
C GLN F 117 12.58 26.56 -40.86
N ILE F 118 12.29 26.70 -39.56
CA ILE F 118 11.78 27.91 -38.96
C ILE F 118 12.89 28.96 -39.02
N GLN F 119 12.55 30.15 -39.52
CA GLN F 119 13.47 31.29 -39.59
C GLN F 119 13.51 31.94 -38.22
N ASN F 120 14.74 32.02 -37.65
CA ASN F 120 15.07 32.56 -36.33
C ASN F 120 14.25 31.82 -35.23
N PRO F 121 14.47 30.49 -35.08
CA PRO F 121 13.74 29.73 -34.03
C PRO F 121 14.14 30.16 -32.63
N SER F 122 13.22 30.04 -31.66
CA SER F 122 13.45 30.44 -30.27
C SER F 122 12.46 29.75 -29.33
N LYS F 123 12.96 29.21 -28.18
CA LYS F 123 12.19 28.55 -27.12
C LYS F 123 11.16 27.53 -27.71
N LEU F 124 11.64 26.66 -28.58
CA LEU F 124 10.87 25.64 -29.26
C LEU F 124 10.90 24.31 -28.51
N THR F 125 9.83 23.51 -28.65
CA THR F 125 9.71 22.18 -28.06
C THR F 125 9.79 21.19 -29.19
N GLN F 126 10.57 20.13 -29.03
CA GLN F 126 10.67 19.12 -30.08
C GLN F 126 10.04 17.81 -29.63
N ILE F 127 9.70 16.99 -30.60
CA ILE F 127 9.07 15.71 -30.36
C ILE F 127 10.12 14.61 -30.29
N ALA F 128 9.84 13.63 -29.43
CA ALA F 128 10.63 12.39 -29.35
C ALA F 128 10.06 11.43 -30.38
N ILE F 129 10.91 10.70 -31.10
CA ILE F 129 10.43 9.78 -32.13
C ILE F 129 10.55 8.31 -31.64
N ALA F 130 9.43 7.57 -31.73
CA ALA F 130 9.33 6.15 -31.35
C ALA F 130 9.64 5.24 -32.53
N ASP F 131 9.94 3.96 -32.24
CA ASP F 131 10.20 2.94 -33.27
C ASP F 131 8.84 2.43 -33.74
N SER F 132 8.42 2.88 -34.96
CA SER F 132 7.14 2.50 -35.54
C SER F 132 7.08 1.01 -35.90
N ASP F 133 8.25 0.34 -36.03
CA ASP F 133 8.30 -1.10 -36.32
C ASP F 133 7.90 -1.92 -35.08
N LYS F 134 7.86 -1.30 -33.90
CA LYS F 134 7.47 -1.97 -32.67
C LYS F 134 5.95 -1.82 -32.39
N LEU F 135 5.22 -1.14 -33.29
CA LEU F 135 3.78 -0.91 -33.18
C LEU F 135 2.98 -2.18 -33.45
N ARG F 136 1.82 -2.26 -32.80
CA ARG F 136 0.89 -3.37 -32.97
C ARG F 136 -0.53 -2.85 -33.02
N VAL F 137 -1.41 -3.58 -33.74
CA VAL F 137 -2.83 -3.27 -33.87
C VAL F 137 -3.40 -3.39 -32.45
N GLY F 138 -4.00 -2.32 -31.98
CA GLY F 138 -4.57 -2.23 -30.65
C GLY F 138 -3.91 -1.19 -29.78
N ASP F 139 -2.66 -0.79 -30.15
CA ASP F 139 -1.90 0.24 -29.42
C ASP F 139 -2.67 1.56 -29.51
N PHE F 140 -2.68 2.33 -28.43
CA PHE F 140 -3.39 3.60 -28.37
C PHE F 140 -2.59 4.70 -29.08
N ALA F 141 -3.32 5.57 -29.78
CA ALA F 141 -2.75 6.67 -30.55
C ALA F 141 -3.52 7.96 -30.32
N VAL F 142 -2.80 9.09 -30.33
CA VAL F 142 -3.36 10.42 -30.21
C VAL F 142 -2.94 11.22 -31.42
N ALA F 143 -3.93 11.76 -32.16
CA ALA F 143 -3.71 12.60 -33.34
C ALA F 143 -3.76 14.06 -32.92
N VAL F 144 -2.74 14.83 -33.27
CA VAL F 144 -2.63 16.27 -32.96
C VAL F 144 -2.43 16.99 -34.28
N GLY F 145 -3.30 17.96 -34.52
CA GLY F 145 -3.31 18.72 -35.76
C GLY F 145 -4.21 19.92 -35.73
N ASN F 146 -4.38 20.56 -36.89
CA ASN F 146 -5.21 21.75 -37.03
C ASN F 146 -6.44 21.53 -37.99
N PRO F 147 -7.47 20.71 -37.60
CA PRO F 147 -8.61 20.49 -38.52
C PRO F 147 -9.49 21.72 -38.70
N PHE F 148 -9.88 21.98 -39.97
CA PHE F 148 -10.75 23.08 -40.39
C PHE F 148 -10.28 24.47 -39.89
N GLY F 149 -8.97 24.59 -39.65
CA GLY F 149 -8.32 25.82 -39.17
C GLY F 149 -8.82 26.31 -37.83
N LEU F 150 -9.24 25.38 -36.95
CA LEU F 150 -9.81 25.70 -35.64
C LEU F 150 -8.78 26.09 -34.60
N GLY F 151 -7.57 25.57 -34.77
CA GLY F 151 -6.47 25.69 -33.83
C GLY F 151 -5.99 24.29 -33.49
N GLN F 152 -5.09 24.16 -32.51
CA GLN F 152 -4.59 22.83 -32.12
C GLN F 152 -5.74 21.99 -31.59
N THR F 153 -5.86 20.74 -32.08
CA THR F 153 -6.89 19.76 -31.71
C THR F 153 -6.22 18.42 -31.48
N ALA F 154 -6.56 17.75 -30.38
CA ALA F 154 -6.09 16.41 -30.04
C ALA F 154 -7.27 15.42 -30.10
N THR F 155 -7.10 14.31 -30.80
CA THR F 155 -8.14 13.28 -30.89
C THR F 155 -7.49 11.95 -30.56
N SER F 156 -8.25 11.02 -29.99
CA SER F 156 -7.74 9.73 -29.51
C SER F 156 -8.37 8.55 -30.24
N GLY F 157 -7.61 7.49 -30.39
CA GLY F 157 -8.02 6.25 -31.02
C GLY F 157 -7.00 5.14 -30.85
N ILE F 158 -7.07 4.13 -31.71
CA ILE F 158 -6.14 2.99 -31.67
C ILE F 158 -5.43 2.83 -33.01
N VAL F 159 -4.38 1.98 -33.03
CA VAL F 159 -3.73 1.58 -34.25
C VAL F 159 -4.65 0.48 -34.80
N SER F 160 -5.32 0.79 -35.93
CA SER F 160 -6.33 -0.06 -36.56
C SER F 160 -5.73 -1.10 -37.46
N ALA F 161 -4.62 -0.75 -38.14
CA ALA F 161 -3.90 -1.59 -39.09
C ALA F 161 -2.52 -1.01 -39.33
N LEU F 162 -1.62 -1.80 -39.92
CA LEU F 162 -0.23 -1.40 -40.20
C LEU F 162 0.19 -1.91 -41.55
N GLY F 163 1.17 -1.26 -42.15
CA GLY F 163 1.69 -1.62 -43.46
C GLY F 163 0.68 -1.56 -44.59
N ARG F 164 -0.22 -0.55 -44.55
CA ARG F 164 -1.28 -0.36 -45.53
C ARG F 164 -0.75 0.27 -46.82
N SER F 165 -0.97 -0.42 -47.95
CA SER F 165 -0.55 0.01 -49.28
C SER F 165 -1.70 -0.14 -50.25
N GLY F 166 -1.42 0.09 -51.54
CA GLY F 166 -2.39 -0.04 -52.63
C GLY F 166 -3.64 0.79 -52.48
N LEU F 167 -3.51 1.97 -51.86
CA LEU F 167 -4.63 2.89 -51.68
C LEU F 167 -4.61 3.97 -52.77
N ASN F 168 -3.55 3.95 -53.62
CA ASN F 168 -3.30 4.89 -54.72
C ASN F 168 -3.41 6.36 -54.23
N LEU F 169 -2.85 6.63 -53.05
CA LEU F 169 -2.80 7.93 -52.41
C LEU F 169 -1.44 8.53 -52.64
N GLU F 170 -0.41 7.70 -52.45
CA GLU F 170 1.00 8.03 -52.57
C GLU F 170 1.74 7.06 -53.48
N GLY F 171 2.93 7.46 -53.93
CA GLY F 171 3.81 6.63 -54.73
C GLY F 171 4.37 5.51 -53.88
N LEU F 172 4.76 5.86 -52.64
CA LEU F 172 5.27 4.94 -51.63
C LEU F 172 4.38 4.99 -50.39
N GLU F 173 3.78 3.85 -50.07
CA GLU F 173 2.85 3.72 -48.96
C GLU F 173 3.22 2.57 -48.04
N ASN F 174 3.21 2.84 -46.75
CA ASN F 174 3.42 1.85 -45.70
C ASN F 174 2.70 2.39 -44.45
N PHE F 175 1.48 2.88 -44.69
CA PHE F 175 0.62 3.57 -43.75
C PHE F 175 0.20 2.79 -42.52
N ILE F 176 0.14 3.52 -41.41
CA ILE F 176 -0.50 3.11 -40.19
C ILE F 176 -1.93 3.58 -40.37
N GLN F 177 -2.89 2.74 -40.03
CA GLN F 177 -4.28 3.12 -40.07
C GLN F 177 -4.76 3.37 -38.64
N THR F 178 -5.52 4.45 -38.41
CA THR F 178 -5.99 4.78 -37.06
C THR F 178 -7.43 5.23 -37.11
N ASP F 179 -8.17 5.05 -36.01
CA ASP F 179 -9.56 5.48 -35.90
C ASP F 179 -9.67 6.81 -35.13
N ALA F 180 -8.50 7.43 -34.79
CA ALA F 180 -8.47 8.77 -34.21
C ALA F 180 -8.99 9.74 -35.26
N SER F 181 -9.94 10.62 -34.89
CA SER F 181 -10.57 11.57 -35.84
C SER F 181 -9.52 12.46 -36.48
N ILE F 182 -9.36 12.29 -37.80
CA ILE F 182 -8.42 13.02 -38.64
C ILE F 182 -9.28 13.64 -39.75
N ASN F 183 -9.22 14.95 -39.89
CA ASN F 183 -10.00 15.73 -40.82
C ASN F 183 -9.11 16.66 -41.61
N ARG F 184 -9.66 17.35 -42.63
CA ARG F 184 -8.92 18.33 -43.43
C ARG F 184 -8.30 19.34 -42.51
N GLY F 185 -6.99 19.48 -42.63
CA GLY F 185 -6.18 20.37 -41.81
C GLY F 185 -5.25 19.62 -40.87
N ASN F 186 -5.62 18.37 -40.51
CA ASN F 186 -4.86 17.49 -39.61
C ASN F 186 -3.54 17.00 -40.26
N SER F 187 -3.46 17.12 -41.62
CA SER F 187 -2.37 16.64 -42.47
C SER F 187 -1.03 17.32 -42.15
N GLY F 188 -0.02 16.49 -41.97
CA GLY F 188 1.35 16.87 -41.63
C GLY F 188 1.56 16.84 -40.13
N GLY F 189 0.46 16.76 -39.40
CA GLY F 189 0.42 16.70 -37.96
C GLY F 189 0.91 15.39 -37.40
N ALA F 190 0.82 15.27 -36.08
CA ALA F 190 1.37 14.17 -35.33
C ALA F 190 0.40 13.10 -34.94
N LEU F 191 0.89 11.84 -35.05
CA LEU F 191 0.28 10.65 -34.50
C LEU F 191 1.24 10.21 -33.41
N LEU F 192 0.77 10.21 -32.16
CA LEU F 192 1.58 9.92 -30.98
C LEU F 192 1.14 8.70 -30.20
N ASN F 193 2.08 8.10 -29.43
CA ASN F 193 1.74 7.03 -28.50
C ASN F 193 1.39 7.65 -27.13
N LEU F 194 1.16 6.81 -26.12
CA LEU F 194 0.79 7.28 -24.78
C LEU F 194 1.98 7.93 -24.02
N ASN F 195 3.22 7.86 -24.55
CA ASN F 195 4.39 8.54 -23.99
C ASN F 195 4.60 9.89 -24.68
N GLY F 196 3.75 10.19 -25.67
CA GLY F 196 3.82 11.43 -26.43
C GLY F 196 4.93 11.42 -27.45
N GLU F 197 5.34 10.22 -27.86
CA GLU F 197 6.38 10.03 -28.86
C GLU F 197 5.72 9.86 -30.23
N LEU F 198 6.36 10.38 -31.28
CA LEU F 198 5.88 10.32 -32.64
C LEU F 198 5.90 8.89 -33.16
N ILE F 199 4.73 8.39 -33.60
CA ILE F 199 4.63 7.08 -34.21
C ILE F 199 4.30 7.27 -35.70
N GLY F 200 3.87 8.47 -36.09
CA GLY F 200 3.59 8.76 -37.50
C GLY F 200 3.14 10.17 -37.80
N ILE F 201 3.13 10.50 -39.09
CA ILE F 201 2.71 11.79 -39.60
C ILE F 201 1.39 11.57 -40.30
N ASN F 202 0.33 12.22 -39.82
CA ASN F 202 -1.02 12.09 -40.41
C ASN F 202 -1.00 12.63 -41.83
N THR F 203 -1.47 11.83 -42.80
CA THR F 203 -1.34 12.20 -44.19
C THR F 203 -2.63 12.19 -45.02
N ALA F 204 -3.48 11.16 -44.85
CA ALA F 204 -4.67 11.01 -45.67
C ALA F 204 -5.80 10.37 -44.90
N ILE F 205 -7.02 10.41 -45.46
CA ILE F 205 -8.19 9.74 -44.87
C ILE F 205 -9.09 9.07 -45.95
N LEU F 206 -9.90 8.08 -45.53
CA LEU F 206 -10.97 7.50 -46.33
C LEU F 206 -12.23 8.08 -45.78
N ALA F 207 -12.93 8.89 -46.58
CA ALA F 207 -14.13 9.59 -46.14
C ALA F 207 -15.12 9.76 -47.27
N PRO F 208 -16.26 9.01 -47.26
CA PRO F 208 -17.27 9.18 -48.32
C PRO F 208 -17.72 10.65 -48.53
N GLY F 209 -17.92 11.39 -47.44
CA GLY F 209 -18.38 12.78 -47.52
C GLY F 209 -17.44 13.87 -47.03
N GLY F 210 -16.14 13.67 -47.22
CA GLY F 210 -15.15 14.67 -46.86
C GLY F 210 -14.85 14.87 -45.38
N GLY F 211 -15.51 14.10 -44.53
CA GLY F 211 -15.28 14.13 -43.10
C GLY F 211 -14.91 12.76 -42.55
N SER F 212 -14.14 12.74 -41.44
CA SER F 212 -13.71 11.51 -40.76
C SER F 212 -14.87 10.55 -40.41
N VAL F 213 -14.62 9.26 -40.73
CA VAL F 213 -15.48 8.10 -40.46
C VAL F 213 -14.64 7.05 -39.68
N GLY F 214 -13.47 7.46 -39.21
CA GLY F 214 -12.55 6.61 -38.47
C GLY F 214 -11.55 5.78 -39.27
N ILE F 215 -11.20 6.21 -40.50
CA ILE F 215 -10.20 5.58 -41.36
C ILE F 215 -9.11 6.64 -41.70
N GLY F 216 -8.10 6.76 -40.83
CA GLY F 216 -7.01 7.73 -41.00
C GLY F 216 -5.70 7.07 -41.35
N PHE F 217 -4.90 7.69 -42.16
CA PHE F 217 -3.61 7.12 -42.53
C PHE F 217 -2.50 8.04 -42.18
N ALA F 218 -1.43 7.46 -41.60
CA ALA F 218 -0.23 8.15 -41.17
C ALA F 218 1.01 7.49 -41.73
N ILE F 219 1.98 8.31 -42.23
CA ILE F 219 3.29 7.80 -42.68
C ILE F 219 4.02 7.38 -41.40
N PRO F 220 4.51 6.13 -41.27
CA PRO F 220 5.17 5.74 -40.00
C PRO F 220 6.43 6.56 -39.69
N SER F 221 6.67 6.83 -38.38
CA SER F 221 7.78 7.64 -37.86
C SER F 221 9.17 7.20 -38.36
N ASN F 222 9.42 5.89 -38.48
CA ASN F 222 10.71 5.40 -38.98
C ASN F 222 10.95 5.85 -40.41
N MET F 223 9.90 5.79 -41.25
CA MET F 223 9.95 6.24 -42.64
C MET F 223 10.13 7.77 -42.67
N ALA F 224 9.33 8.50 -41.86
CA ALA F 224 9.38 9.95 -41.79
C ALA F 224 10.75 10.44 -41.28
N ARG F 225 11.31 9.80 -40.21
CA ARG F 225 12.62 10.12 -39.61
C ARG F 225 13.75 9.98 -40.63
N THR F 226 13.82 8.81 -41.30
CA THR F 226 14.83 8.49 -42.31
C THR F 226 14.80 9.49 -43.45
N LEU F 227 13.61 9.76 -44.00
CA LEU F 227 13.46 10.71 -45.10
C LEU F 227 13.86 12.11 -44.67
N ALA F 228 13.47 12.53 -43.44
CA ALA F 228 13.85 13.83 -42.87
C ALA F 228 15.36 13.96 -42.77
N GLN F 229 16.08 12.90 -42.30
CA GLN F 229 17.54 12.90 -42.19
C GLN F 229 18.20 13.09 -43.54
N GLN F 230 17.69 12.42 -44.58
CA GLN F 230 18.20 12.57 -45.95
C GLN F 230 18.03 14.01 -46.45
N LEU F 231 16.93 14.69 -46.03
CA LEU F 231 16.69 16.06 -46.46
C LEU F 231 17.55 17.05 -45.64
N ILE F 232 17.85 16.76 -44.35
CA ILE F 232 18.71 17.67 -43.57
C ILE F 232 20.17 17.53 -44.08
N ASP F 233 20.61 16.28 -44.39
CA ASP F 233 21.94 15.93 -44.85
C ASP F 233 22.19 16.20 -46.36
N PHE F 234 21.19 16.16 -47.25
CA PHE F 234 21.48 16.37 -48.69
C PHE F 234 20.53 17.33 -49.42
N GLY F 235 19.46 17.78 -48.76
CA GLY F 235 18.45 18.65 -49.37
C GLY F 235 17.55 17.94 -50.38
N GLU F 236 17.78 16.63 -50.54
CA GLU F 236 17.07 15.71 -51.42
C GLU F 236 17.18 14.31 -50.85
N ILE F 237 16.26 13.44 -51.25
CA ILE F 237 16.31 12.08 -50.78
C ILE F 237 17.28 11.29 -51.67
N LYS F 238 17.58 10.07 -51.25
CA LYS F 238 18.44 9.11 -51.93
C LYS F 238 17.67 7.78 -51.97
N ARG F 239 17.20 7.41 -53.18
CA ARG F 239 16.35 6.24 -53.45
C ARG F 239 17.11 4.92 -53.64
N GLY F 240 17.06 4.06 -52.63
CA GLY F 240 17.70 2.75 -52.69
C GLY F 240 16.91 1.73 -53.48
N LEU F 241 17.61 0.82 -54.20
CA LEU F 241 16.94 -0.26 -54.90
C LEU F 241 17.69 -1.58 -54.74
N LEU F 242 16.92 -2.69 -54.72
CA LEU F 242 17.41 -4.05 -54.61
C LEU F 242 17.93 -4.57 -55.96
N GLY F 243 17.19 -4.25 -57.03
CA GLY F 243 17.48 -4.73 -58.39
C GLY F 243 16.64 -5.96 -58.64
N ILE F 244 15.41 -5.92 -58.15
CA ILE F 244 14.41 -6.99 -58.18
C ILE F 244 13.17 -6.53 -58.96
N LYS F 245 12.57 -7.45 -59.72
CA LYS F 245 11.31 -7.27 -60.39
C LYS F 245 10.41 -8.37 -59.90
N GLY F 246 9.24 -8.00 -59.39
CA GLY F 246 8.31 -8.98 -58.86
C GLY F 246 6.87 -8.56 -58.74
N THR F 247 6.06 -9.52 -58.29
CA THR F 247 4.64 -9.37 -58.05
C THR F 247 4.35 -9.68 -56.60
N GLU F 248 3.09 -9.50 -56.20
CA GLU F 248 2.63 -9.84 -54.87
C GLU F 248 2.53 -11.34 -54.72
N MET F 249 3.00 -11.82 -53.58
CA MET F 249 2.89 -13.21 -53.19
C MET F 249 1.43 -13.43 -52.85
N SER F 250 0.85 -14.56 -53.31
CA SER F 250 -0.54 -14.88 -53.06
C SER F 250 -0.71 -16.26 -52.45
N ALA F 251 -1.95 -16.53 -51.97
CA ALA F 251 -2.37 -17.81 -51.42
C ALA F 251 -2.30 -18.90 -52.50
N ASP F 252 -2.47 -18.49 -53.78
CA ASP F 252 -2.46 -19.33 -54.96
C ASP F 252 -1.04 -19.84 -55.24
N ILE F 253 -0.02 -18.96 -55.21
CA ILE F 253 1.38 -19.37 -55.36
C ILE F 253 1.74 -20.30 -54.20
N ALA F 254 1.38 -19.90 -52.94
CA ALA F 254 1.63 -20.66 -51.73
C ALA F 254 1.06 -22.06 -51.79
N LYS F 255 -0.22 -22.23 -52.23
CA LYS F 255 -0.88 -23.54 -52.34
C LYS F 255 -0.16 -24.42 -53.37
N ALA F 256 0.16 -23.86 -54.56
CA ALA F 256 0.83 -24.56 -55.65
C ALA F 256 2.18 -25.15 -55.24
N PHE F 257 2.92 -24.49 -54.32
CA PHE F 257 4.25 -24.92 -53.90
C PHE F 257 4.31 -25.39 -52.44
N ASN F 258 3.16 -25.69 -51.84
CA ASN F 258 3.01 -26.21 -50.47
C ASN F 258 3.80 -25.34 -49.46
N LEU F 259 3.64 -24.01 -49.54
CA LEU F 259 4.31 -23.05 -48.66
C LEU F 259 3.38 -22.60 -47.53
N ASP F 260 3.97 -22.21 -46.38
CA ASP F 260 3.25 -21.79 -45.17
C ASP F 260 3.13 -20.25 -45.03
N VAL F 261 3.53 -19.52 -46.09
CA VAL F 261 3.49 -18.05 -46.14
C VAL F 261 2.74 -17.66 -47.43
N GLN F 262 1.88 -16.64 -47.35
CA GLN F 262 1.10 -16.22 -48.52
C GLN F 262 1.19 -14.71 -48.77
N ARG F 263 2.02 -14.03 -47.99
CA ARG F 263 2.27 -12.58 -48.10
C ARG F 263 3.77 -12.32 -48.25
N GLY F 264 4.10 -11.41 -49.14
CA GLY F 264 5.46 -11.03 -49.43
C GLY F 264 5.66 -10.71 -50.90
N ALA F 265 6.91 -10.86 -51.37
CA ALA F 265 7.26 -10.57 -52.75
C ALA F 265 7.67 -11.84 -53.50
N PHE F 266 7.06 -12.03 -54.66
CA PHE F 266 7.41 -13.12 -55.55
C PHE F 266 8.38 -12.53 -56.59
N VAL F 267 9.64 -13.00 -56.61
CA VAL F 267 10.67 -12.48 -57.52
C VAL F 267 10.55 -13.15 -58.87
N SER F 268 10.38 -12.35 -59.92
CA SER F 268 10.27 -12.84 -61.29
C SER F 268 11.57 -12.59 -62.06
N GLU F 269 12.33 -11.55 -61.66
CA GLU F 269 13.55 -11.15 -62.35
C GLU F 269 14.52 -10.46 -61.41
N VAL F 270 15.80 -10.85 -61.51
CA VAL F 270 16.91 -10.25 -60.74
C VAL F 270 17.77 -9.52 -61.76
N LEU F 271 17.88 -8.19 -61.65
CA LEU F 271 18.62 -7.40 -62.62
C LEU F 271 20.14 -7.67 -62.49
N PRO F 272 20.83 -7.96 -63.62
CA PRO F 272 22.27 -8.27 -63.53
C PRO F 272 23.11 -7.06 -63.13
N GLY F 273 24.07 -7.29 -62.24
CA GLY F 273 24.96 -6.26 -61.72
C GLY F 273 24.45 -5.58 -60.47
N SER F 274 23.20 -5.87 -60.08
CA SER F 274 22.56 -5.31 -58.90
C SER F 274 23.06 -6.01 -57.62
N GLY F 275 22.81 -5.36 -56.48
CA GLY F 275 23.17 -5.88 -55.16
C GLY F 275 22.55 -7.25 -54.92
N SER F 276 21.32 -7.46 -55.41
CA SER F 276 20.56 -8.69 -55.28
C SER F 276 21.18 -9.80 -56.12
N ALA F 277 21.65 -9.49 -57.35
CA ALA F 277 22.38 -10.44 -58.23
C ALA F 277 23.66 -10.91 -57.50
N LYS F 278 24.45 -9.91 -57.00
CA LYS F 278 25.69 -10.10 -56.24
C LYS F 278 25.45 -11.00 -55.01
N ALA F 279 24.37 -10.73 -54.25
CA ALA F 279 24.00 -11.45 -53.03
C ALA F 279 23.48 -12.87 -53.28
N GLY F 280 23.11 -13.14 -54.53
CA GLY F 280 22.61 -14.46 -54.91
C GLY F 280 21.10 -14.64 -54.87
N VAL F 281 20.33 -13.53 -55.02
CA VAL F 281 18.87 -13.60 -55.11
C VAL F 281 18.54 -14.16 -56.49
N LYS F 282 17.58 -15.10 -56.55
CA LYS F 282 17.24 -15.74 -57.81
C LYS F 282 15.76 -15.61 -58.14
N ALA F 283 15.41 -15.56 -59.43
CA ALA F 283 14.02 -15.54 -59.90
C ALA F 283 13.30 -16.79 -59.36
N GLY F 284 12.07 -16.59 -58.86
CA GLY F 284 11.27 -17.64 -58.24
C GLY F 284 11.32 -17.61 -56.72
N ASP F 285 12.22 -16.77 -56.15
CA ASP F 285 12.34 -16.64 -54.70
C ASP F 285 11.15 -15.87 -54.13
N ILE F 286 10.85 -16.12 -52.84
CA ILE F 286 9.78 -15.43 -52.16
C ILE F 286 10.36 -14.68 -50.98
N ILE F 287 10.45 -13.35 -51.10
CA ILE F 287 10.95 -12.50 -50.02
C ILE F 287 9.84 -12.39 -48.97
N THR F 288 10.13 -12.91 -47.77
CA THR F 288 9.23 -13.02 -46.62
C THR F 288 9.52 -11.95 -45.55
N SER F 289 10.80 -11.56 -45.42
CA SER F 289 11.24 -10.63 -44.39
C SER F 289 12.21 -9.60 -44.89
N LEU F 290 12.25 -8.49 -44.19
CA LEU F 290 13.22 -7.43 -44.37
C LEU F 290 13.73 -7.07 -42.98
N ASN F 291 15.04 -7.28 -42.76
CA ASN F 291 15.75 -7.05 -41.50
C ASN F 291 15.04 -7.75 -40.32
N GLY F 292 14.64 -8.99 -40.54
CA GLY F 292 13.99 -9.81 -39.53
C GLY F 292 12.51 -9.56 -39.32
N LYS F 293 11.99 -8.47 -39.93
CA LYS F 293 10.58 -8.12 -39.80
C LYS F 293 9.78 -8.70 -40.97
N PRO F 294 8.73 -9.51 -40.71
CA PRO F 294 7.91 -10.06 -41.82
C PRO F 294 7.24 -8.97 -42.67
N LEU F 295 7.18 -9.22 -43.98
CA LEU F 295 6.55 -8.34 -44.96
C LEU F 295 5.11 -8.76 -45.20
N ASN F 296 4.15 -7.81 -45.15
CA ASN F 296 2.76 -8.18 -45.44
C ASN F 296 2.44 -8.01 -46.95
N SER F 297 3.38 -7.41 -47.72
CA SER F 297 3.24 -7.22 -49.16
C SER F 297 4.55 -6.87 -49.86
N PHE F 298 4.55 -6.94 -51.20
CA PHE F 298 5.63 -6.50 -52.07
C PHE F 298 5.68 -4.98 -52.05
N ALA F 299 4.52 -4.33 -51.96
CA ALA F 299 4.34 -2.89 -51.90
C ALA F 299 5.03 -2.31 -50.66
N GLU F 300 4.98 -3.06 -49.53
CA GLU F 300 5.65 -2.70 -48.28
C GLU F 300 7.16 -2.77 -48.49
N LEU F 301 7.64 -3.84 -49.15
CA LEU F 301 9.04 -4.07 -49.50
C LEU F 301 9.54 -2.94 -50.39
N ARG F 302 8.77 -2.61 -51.43
CA ARG F 302 9.06 -1.54 -52.38
C ARG F 302 9.25 -0.18 -51.63
N SER F 303 8.29 0.23 -50.77
CA SER F 303 8.41 1.51 -50.05
C SER F 303 9.52 1.48 -49.01
N ARG F 304 9.71 0.36 -48.30
CA ARG F 304 10.78 0.28 -47.30
C ARG F 304 12.19 0.37 -47.93
N ILE F 305 12.41 -0.25 -49.11
CA ILE F 305 13.69 -0.24 -49.83
C ILE F 305 13.99 1.16 -50.36
N ALA F 306 13.04 1.78 -51.11
CA ALA F 306 13.15 3.13 -51.68
C ALA F 306 13.40 4.23 -50.62
N THR F 307 12.92 4.01 -49.39
CA THR F 307 13.07 4.93 -48.27
C THR F 307 14.48 4.75 -47.64
N THR F 308 15.10 3.59 -47.85
CA THR F 308 16.43 3.30 -47.33
C THR F 308 17.48 3.85 -48.32
N GLU F 309 18.54 4.45 -47.77
CA GLU F 309 19.65 5.09 -48.49
C GLU F 309 20.50 4.09 -49.30
N PRO F 310 20.88 4.41 -50.57
CA PRO F 310 21.76 3.49 -51.33
C PRO F 310 23.09 3.26 -50.60
N GLY F 311 23.57 2.04 -50.65
CA GLY F 311 24.79 1.64 -49.95
C GLY F 311 24.50 0.89 -48.67
N THR F 312 23.28 1.05 -48.12
CA THR F 312 22.84 0.38 -46.90
C THR F 312 22.71 -1.11 -47.16
N LYS F 313 23.12 -1.92 -46.18
CA LYS F 313 23.01 -3.37 -46.24
C LYS F 313 21.75 -3.79 -45.54
N VAL F 314 20.95 -4.64 -46.19
CA VAL F 314 19.68 -5.13 -45.66
C VAL F 314 19.71 -6.64 -45.65
N LYS F 315 18.97 -7.24 -44.71
CA LYS F 315 18.85 -8.69 -44.62
C LYS F 315 17.49 -9.10 -45.17
N LEU F 316 17.50 -10.01 -46.15
CA LEU F 316 16.32 -10.50 -46.84
C LEU F 316 15.93 -11.92 -46.43
N GLY F 317 14.77 -12.03 -45.80
CA GLY F 317 14.16 -13.31 -45.45
C GLY F 317 13.58 -13.86 -46.73
N LEU F 318 14.14 -14.95 -47.21
CA LEU F 318 13.85 -15.53 -48.51
C LEU F 318 13.33 -16.96 -48.39
N LEU F 319 12.79 -17.51 -49.49
CA LEU F 319 12.24 -18.88 -49.52
C LEU F 319 12.39 -19.47 -50.92
N ARG F 320 13.40 -20.34 -51.12
CA ARG F 320 13.57 -20.98 -52.42
C ARG F 320 13.46 -22.49 -52.28
N ASN F 321 12.57 -23.04 -53.13
CA ASN F 321 12.16 -24.43 -53.20
C ASN F 321 11.62 -24.91 -51.84
N GLY F 322 10.94 -23.98 -51.16
CA GLY F 322 10.33 -24.20 -49.85
C GLY F 322 11.28 -24.15 -48.68
N LYS F 323 12.56 -23.81 -48.94
CA LYS F 323 13.58 -23.77 -47.90
C LYS F 323 13.97 -22.33 -47.54
N PRO F 324 14.02 -22.01 -46.22
CA PRO F 324 14.41 -20.65 -45.81
C PRO F 324 15.89 -20.33 -46.03
N LEU F 325 16.17 -19.06 -46.38
CA LEU F 325 17.49 -18.47 -46.58
C LEU F 325 17.47 -17.03 -46.15
N GLU F 326 18.60 -16.54 -45.65
CA GLU F 326 18.79 -15.14 -45.26
C GLU F 326 19.90 -14.62 -46.15
N VAL F 327 19.64 -13.50 -46.84
CA VAL F 327 20.60 -12.94 -47.78
C VAL F 327 20.83 -11.46 -47.45
N GLU F 328 22.11 -11.06 -47.37
CA GLU F 328 22.50 -9.67 -47.11
C GLU F 328 22.71 -8.98 -48.46
N VAL F 329 21.96 -7.89 -48.71
CA VAL F 329 22.00 -7.16 -49.98
C VAL F 329 22.45 -5.73 -49.74
N THR F 330 23.35 -5.23 -50.57
CA THR F 330 23.80 -3.84 -50.53
C THR F 330 22.95 -3.10 -51.57
N LEU F 331 22.28 -2.04 -51.12
CA LEU F 331 21.37 -1.29 -51.97
C LEU F 331 22.09 -0.43 -52.98
N ASP F 332 21.55 -0.44 -54.20
CA ASP F 332 22.02 0.38 -55.32
C ASP F 332 21.24 1.69 -55.31
N THR F 333 21.47 2.56 -56.29
CA THR F 333 20.74 3.82 -56.42
C THR F 333 19.68 3.64 -57.52
N SER F 334 18.54 4.36 -57.40
CA SER F 334 17.45 4.30 -58.38
C SER F 334 17.54 5.44 -59.39
N PRO G 11 2.20 12.86 10.61
CA PRO G 11 1.98 11.48 11.09
C PRO G 11 1.15 11.42 12.37
N LEU G 12 1.31 12.40 13.30
CA LEU G 12 0.48 12.50 14.52
C LEU G 12 -0.94 12.98 14.16
N PRO G 13 -2.01 12.34 14.72
CA PRO G 13 -3.37 12.82 14.43
C PRO G 13 -3.55 14.25 14.90
N SER G 14 -4.26 15.03 14.10
CA SER G 14 -4.56 16.42 14.38
C SER G 14 -5.77 16.91 13.57
N LEU G 15 -6.48 17.91 14.10
CA LEU G 15 -7.60 18.54 13.39
C LEU G 15 -7.11 19.78 12.65
N ALA G 16 -5.83 20.16 12.88
CA ALA G 16 -5.14 21.33 12.29
C ALA G 16 -5.13 21.31 10.73
N PRO G 17 -4.81 20.19 10.02
CA PRO G 17 -4.87 20.23 8.55
C PRO G 17 -6.25 20.66 8.01
N MET G 18 -7.36 20.12 8.55
CA MET G 18 -8.68 20.56 8.05
C MET G 18 -9.07 21.96 8.59
N LEU G 19 -8.68 22.32 9.82
CA LEU G 19 -9.08 23.61 10.36
C LEU G 19 -8.42 24.74 9.65
N GLU G 20 -7.17 24.56 9.23
CA GLU G 20 -6.36 25.52 8.43
C GLU G 20 -7.16 26.08 7.22
N LYS G 21 -7.86 25.19 6.51
CA LYS G 21 -8.67 25.48 5.33
C LYS G 21 -9.99 26.18 5.62
N VAL G 22 -10.62 25.81 6.73
CA VAL G 22 -12.00 26.13 7.09
C VAL G 22 -12.16 27.34 8.04
N LEU G 23 -11.30 27.48 9.08
CA LEU G 23 -11.41 28.61 10.03
C LEU G 23 -11.62 29.98 9.37
N PRO G 24 -10.95 30.37 8.25
CA PRO G 24 -11.23 31.72 7.68
C PRO G 24 -12.71 31.97 7.34
N ALA G 25 -13.54 30.89 7.20
CA ALA G 25 -14.98 30.96 6.93
C ALA G 25 -15.80 31.34 8.18
N VAL G 26 -15.25 31.13 9.40
CA VAL G 26 -15.91 31.47 10.67
C VAL G 26 -15.38 32.82 11.09
N VAL G 27 -16.29 33.80 11.18
CA VAL G 27 -16.03 35.22 11.52
C VAL G 27 -16.59 35.56 12.88
N SER G 28 -16.36 36.78 13.33
CA SER G 28 -16.86 37.28 14.59
C SER G 28 -17.76 38.47 14.27
N VAL G 29 -18.94 38.52 14.91
CA VAL G 29 -19.97 39.52 14.65
C VAL G 29 -19.97 40.53 15.78
N ARG G 30 -19.71 41.82 15.44
CA ARG G 30 -19.68 42.93 16.39
C ARG G 30 -20.88 43.79 16.10
N VAL G 31 -21.62 44.11 17.16
CA VAL G 31 -22.88 44.84 17.05
C VAL G 31 -22.90 46.04 18.00
N GLU G 32 -23.48 47.15 17.52
CA GLU G 32 -23.71 48.40 18.25
C GLU G 32 -25.16 48.82 18.10
N GLY G 33 -25.79 49.19 19.20
CA GLY G 33 -27.19 49.62 19.16
C GLY G 33 -27.62 50.46 20.34
N THR G 34 -28.90 50.32 20.73
CA THR G 34 -29.54 51.02 21.84
C THR G 34 -30.08 50.00 22.87
N GLN G 59 -30.12 53.61 25.84
CA GLN G 59 -28.70 53.67 26.19
C GLN G 59 -27.86 52.81 25.21
N PRO G 60 -26.69 53.33 24.70
CA PRO G 60 -25.87 52.53 23.76
C PRO G 60 -25.23 51.27 24.37
N PHE G 61 -25.10 50.22 23.54
CA PHE G 61 -24.50 48.93 23.90
C PHE G 61 -23.60 48.38 22.80
N GLU G 62 -22.69 47.47 23.17
CA GLU G 62 -21.78 46.76 22.28
C GLU G 62 -21.90 45.26 22.56
N GLY G 63 -22.36 44.52 21.55
CA GLY G 63 -22.53 43.09 21.60
C GLY G 63 -21.52 42.33 20.76
N LEU G 64 -21.15 41.12 21.19
CA LEU G 64 -20.19 40.34 20.43
C LEU G 64 -20.63 38.89 20.30
N GLY G 65 -20.63 38.41 19.06
CA GLY G 65 -21.01 37.05 18.69
C GLY G 65 -20.12 36.47 17.62
N SER G 66 -20.67 35.52 16.85
CA SER G 66 -19.96 34.83 15.78
C SER G 66 -20.84 34.68 14.55
N GLY G 67 -20.25 34.25 13.45
CA GLY G 67 -20.94 34.03 12.19
C GLY G 67 -20.23 33.05 11.30
N VAL G 68 -20.91 32.61 10.24
CA VAL G 68 -20.37 31.65 9.28
C VAL G 68 -20.60 32.19 7.87
N ILE G 69 -19.52 32.29 7.05
CA ILE G 69 -19.62 32.72 5.66
C ILE G 69 -20.15 31.53 4.89
N ILE G 70 -21.36 31.72 4.36
CA ILE G 70 -22.12 30.71 3.66
C ILE G 70 -21.96 30.89 2.13
N ASN G 71 -21.71 32.15 1.67
CA ASN G 71 -21.46 32.55 0.28
C ASN G 71 -20.37 33.64 0.23
N ALA G 72 -19.15 33.23 -0.16
CA ALA G 72 -17.96 34.08 -0.29
C ALA G 72 -18.15 35.22 -1.34
N SER G 73 -18.77 34.92 -2.51
CA SER G 73 -19.02 35.86 -3.62
C SER G 73 -19.97 36.99 -3.21
N LYS G 74 -21.12 36.64 -2.61
CA LYS G 74 -22.13 37.62 -2.19
C LYS G 74 -21.87 38.20 -0.77
N GLY G 75 -20.99 37.54 -0.02
CA GLY G 75 -20.67 37.93 1.35
C GLY G 75 -21.81 37.62 2.32
N TYR G 76 -22.48 36.48 2.11
CA TYR G 76 -23.59 36.05 2.96
C TYR G 76 -23.07 35.33 4.23
N VAL G 77 -23.44 35.90 5.40
CA VAL G 77 -23.05 35.40 6.71
C VAL G 77 -24.28 34.98 7.52
N LEU G 78 -24.25 33.70 7.96
CA LEU G 78 -25.25 33.11 8.84
C LEU G 78 -24.84 33.36 10.30
N THR G 79 -25.76 33.85 11.14
CA THR G 79 -25.54 34.07 12.57
C THR G 79 -26.86 33.78 13.26
N ASN G 80 -26.98 34.16 14.54
CA ASN G 80 -28.22 34.00 15.30
C ASN G 80 -28.95 35.33 15.30
N ASN G 81 -30.28 35.29 15.36
CA ASN G 81 -31.09 36.48 15.43
C ASN G 81 -30.80 37.26 16.74
N HIS G 82 -30.65 36.55 17.89
CA HIS G 82 -30.41 37.20 19.19
C HIS G 82 -29.07 37.98 19.26
N VAL G 83 -28.11 37.69 18.34
CA VAL G 83 -26.84 38.40 18.25
C VAL G 83 -27.10 39.79 17.65
N ILE G 84 -28.01 39.86 16.69
CA ILE G 84 -28.33 40.98 15.83
C ILE G 84 -29.59 41.76 16.21
N ASN G 85 -30.43 41.20 17.10
CA ASN G 85 -31.73 41.70 17.56
C ASN G 85 -31.89 43.24 17.65
N GLN G 86 -31.04 43.94 18.41
CA GLN G 86 -31.22 45.39 18.60
C GLN G 86 -30.13 46.23 17.88
N ALA G 87 -29.39 45.62 16.93
CA ALA G 87 -28.28 46.24 16.20
C ALA G 87 -28.69 47.40 15.30
N GLN G 88 -27.88 48.47 15.37
CA GLN G 88 -27.97 49.69 14.57
C GLN G 88 -26.77 49.71 13.61
N LYS G 89 -25.63 49.14 14.07
CA LYS G 89 -24.40 48.95 13.31
C LYS G 89 -23.91 47.53 13.51
N ILE G 90 -23.59 46.84 12.39
CA ILE G 90 -23.07 45.47 12.37
C ILE G 90 -21.76 45.45 11.61
N SER G 91 -20.71 44.91 12.26
CA SER G 91 -19.39 44.73 11.66
C SER G 91 -18.97 43.27 11.78
N ILE G 92 -18.23 42.79 10.78
CA ILE G 92 -17.72 41.43 10.74
C ILE G 92 -16.20 41.50 10.81
N GLN G 93 -15.57 40.63 11.61
CA GLN G 93 -14.13 40.58 11.64
C GLN G 93 -13.65 39.18 11.26
N LEU G 94 -12.72 39.11 10.30
CA LEU G 94 -12.13 37.86 9.83
C LEU G 94 -10.97 37.50 10.74
N ASN G 95 -10.54 36.22 10.70
CA ASN G 95 -9.48 35.75 11.59
C ASN G 95 -8.10 36.34 11.20
N ASP G 96 -7.98 37.05 10.04
CA ASP G 96 -6.76 37.72 9.57
C ASP G 96 -6.70 39.19 10.05
N GLY G 97 -7.79 39.66 10.64
CA GLY G 97 -7.92 41.01 11.18
C GLY G 97 -8.75 41.95 10.35
N ARG G 98 -9.14 41.54 9.11
CA ARG G 98 -9.93 42.40 8.21
C ARG G 98 -11.34 42.59 8.75
N GLU G 99 -11.78 43.84 8.72
CA GLU G 99 -13.08 44.30 9.19
C GLU G 99 -13.93 44.74 8.01
N PHE G 100 -15.22 44.39 8.07
CA PHE G 100 -16.22 44.70 7.06
C PHE G 100 -17.47 45.17 7.69
N ASP G 101 -18.22 46.02 6.98
CA ASP G 101 -19.53 46.39 7.44
C ASP G 101 -20.53 45.35 6.94
N ALA G 102 -21.64 45.19 7.66
CA ALA G 102 -22.65 44.22 7.26
C ALA G 102 -24.03 44.80 7.41
N LYS G 103 -24.93 44.34 6.56
CA LYS G 103 -26.34 44.74 6.57
C LYS G 103 -27.20 43.50 6.79
N LEU G 104 -28.27 43.66 7.57
CA LEU G 104 -29.19 42.57 7.82
C LEU G 104 -30.06 42.33 6.59
N ILE G 105 -29.97 41.11 6.02
CA ILE G 105 -30.77 40.71 4.86
C ILE G 105 -32.17 40.31 5.33
N GLY G 106 -32.20 39.52 6.39
CA GLY G 106 -33.43 39.04 7.00
C GLY G 106 -33.14 38.18 8.21
N SER G 107 -34.19 37.89 8.97
CA SER G 107 -34.08 37.08 10.18
C SER G 107 -35.36 36.34 10.48
N ASP G 108 -35.26 35.28 11.30
CA ASP G 108 -36.38 34.49 11.82
C ASP G 108 -36.27 34.42 13.34
N ASP G 109 -37.21 35.08 14.03
CA ASP G 109 -37.34 35.13 15.48
C ASP G 109 -37.58 33.75 16.09
N GLN G 110 -38.45 32.95 15.44
CA GLN G 110 -38.87 31.63 15.91
C GLN G 110 -37.75 30.60 15.93
N SER G 111 -36.94 30.53 14.87
CA SER G 111 -35.86 29.55 14.80
C SER G 111 -34.50 30.13 15.30
N ASP G 112 -34.38 31.47 15.40
CA ASP G 112 -33.20 32.24 15.84
C ASP G 112 -32.08 32.24 14.74
N ILE G 113 -32.48 32.42 13.49
CA ILE G 113 -31.52 32.49 12.40
C ILE G 113 -31.60 33.86 11.74
N ALA G 114 -30.44 34.46 11.50
CA ALA G 114 -30.29 35.73 10.82
C ALA G 114 -29.32 35.60 9.64
N LEU G 115 -29.57 36.38 8.60
CA LEU G 115 -28.67 36.39 7.47
C LEU G 115 -28.19 37.81 7.23
N LEU G 116 -26.86 37.95 7.13
CA LEU G 116 -26.20 39.21 6.92
C LEU G 116 -25.49 39.21 5.59
N GLN G 117 -25.27 40.41 5.05
CA GLN G 117 -24.49 40.57 3.83
C GLN G 117 -23.37 41.54 4.08
N ILE G 118 -22.14 41.06 3.84
CA ILE G 118 -20.92 41.86 3.98
C ILE G 118 -20.92 42.92 2.88
N GLN G 119 -20.69 44.17 3.27
CA GLN G 119 -20.59 45.30 2.34
C GLN G 119 -19.18 45.30 1.75
N ASN G 120 -19.09 45.26 0.41
CA ASN G 120 -17.84 45.20 -0.37
C ASN G 120 -17.02 43.96 0.02
N PRO G 121 -17.56 42.72 -0.15
CA PRO G 121 -16.76 41.52 0.17
C PRO G 121 -15.58 41.33 -0.76
N SER G 122 -14.49 40.74 -0.25
CA SER G 122 -13.25 40.51 -1.00
C SER G 122 -12.42 39.39 -0.36
N LYS G 123 -11.90 38.44 -1.19
CA LYS G 123 -11.03 37.31 -0.80
C LYS G 123 -11.56 36.59 0.48
N LEU G 124 -12.84 36.24 0.44
CA LEU G 124 -13.57 35.56 1.50
C LEU G 124 -13.53 34.04 1.28
N THR G 125 -13.61 33.29 2.38
CA THR G 125 -13.65 31.83 2.39
C THR G 125 -15.05 31.43 2.82
N GLN G 126 -15.66 30.47 2.14
CA GLN G 126 -16.99 30.02 2.52
C GLN G 126 -16.94 28.59 3.02
N ILE G 127 -17.97 28.22 3.76
CA ILE G 127 -18.06 26.92 4.36
C ILE G 127 -18.83 25.95 3.45
N ALA G 128 -18.44 24.68 3.51
CA ALA G 128 -19.17 23.60 2.86
C ALA G 128 -20.24 23.14 3.86
N ILE G 129 -21.48 22.87 3.41
CA ILE G 129 -22.56 22.46 4.32
C ILE G 129 -22.83 20.96 4.17
N ALA G 130 -22.81 20.24 5.30
CA ALA G 130 -23.09 18.81 5.37
C ALA G 130 -24.58 18.54 5.62
N ASP G 131 -25.01 17.30 5.38
CA ASP G 131 -26.37 16.87 5.60
C ASP G 131 -26.47 16.48 7.07
N SER G 132 -27.13 17.35 7.86
CA SER G 132 -27.30 17.18 9.31
C SER G 132 -28.21 16.00 9.63
N ASP G 133 -29.05 15.56 8.65
CA ASP G 133 -29.93 14.39 8.83
C ASP G 133 -29.12 13.08 8.81
N LYS G 134 -27.85 13.14 8.38
CA LYS G 134 -26.98 11.98 8.32
C LYS G 134 -26.14 11.84 9.63
N LEU G 135 -26.31 12.79 10.56
CA LEU G 135 -25.61 12.79 11.86
C LEU G 135 -26.11 11.71 12.79
N ARG G 136 -25.20 11.25 13.67
CA ARG G 136 -25.47 10.26 14.69
C ARG G 136 -24.75 10.60 15.97
N VAL G 137 -25.31 10.18 17.09
CA VAL G 137 -24.76 10.37 18.43
C VAL G 137 -23.44 9.61 18.46
N GLY G 138 -22.36 10.32 18.74
CA GLY G 138 -21.01 9.77 18.75
C GLY G 138 -20.11 10.39 17.68
N ASP G 139 -20.71 11.02 16.66
CA ASP G 139 -19.96 11.69 15.61
C ASP G 139 -19.14 12.85 16.22
N PHE G 140 -17.92 13.07 15.73
CA PHE G 140 -17.06 14.12 16.26
C PHE G 140 -17.45 15.46 15.70
N ALA G 141 -17.38 16.51 16.54
CA ALA G 141 -17.75 17.87 16.20
C ALA G 141 -16.74 18.87 16.74
N VAL G 142 -16.53 19.96 15.97
CA VAL G 142 -15.64 21.05 16.33
C VAL G 142 -16.45 22.34 16.31
N ALA G 143 -16.45 23.06 17.45
CA ALA G 143 -17.13 24.35 17.59
C ALA G 143 -16.13 25.47 17.37
N VAL G 144 -16.46 26.39 16.45
CA VAL G 144 -15.60 27.54 16.14
C VAL G 144 -16.42 28.78 16.36
N GLY G 145 -15.92 29.64 17.22
CA GLY G 145 -16.60 30.88 17.58
C GLY G 145 -15.68 31.82 18.32
N ASN G 146 -16.26 32.85 18.97
CA ASN G 146 -15.58 33.90 19.70
C ASN G 146 -16.04 34.00 21.19
N PRO G 147 -15.76 32.99 22.06
CA PRO G 147 -16.17 33.11 23.46
C PRO G 147 -15.44 34.22 24.20
N PHE G 148 -16.23 34.99 24.98
CA PHE G 148 -15.79 36.09 25.84
C PHE G 148 -14.98 37.16 25.09
N GLY G 149 -15.22 37.29 23.78
CA GLY G 149 -14.54 38.22 22.88
C GLY G 149 -13.03 38.02 22.84
N LEU G 150 -12.56 36.77 22.95
CA LEU G 150 -11.12 36.47 22.99
C LEU G 150 -10.48 36.49 21.61
N GLY G 151 -11.30 36.24 20.60
CA GLY G 151 -10.88 36.03 19.23
C GLY G 151 -11.26 34.60 18.89
N GLN G 152 -11.13 34.22 17.61
CA GLN G 152 -11.50 32.90 17.12
C GLN G 152 -10.89 31.79 17.99
N THR G 153 -11.79 30.92 18.46
CA THR G 153 -11.52 29.78 19.32
C THR G 153 -12.18 28.56 18.75
N ALA G 154 -11.42 27.45 18.71
CA ALA G 154 -11.90 26.13 18.29
C ALA G 154 -11.95 25.20 19.49
N THR G 155 -13.08 24.49 19.67
CA THR G 155 -13.21 23.51 20.76
C THR G 155 -13.74 22.24 20.14
N SER G 156 -13.36 21.09 20.68
CA SER G 156 -13.73 19.77 20.17
C SER G 156 -14.64 18.97 21.14
N GLY G 157 -15.47 18.12 20.56
CA GLY G 157 -16.37 17.25 21.31
C GLY G 157 -17.05 16.25 20.40
N ILE G 158 -18.18 15.70 20.88
CA ILE G 158 -19.00 14.74 20.11
C ILE G 158 -20.41 15.25 19.96
N VAL G 159 -21.22 14.60 19.09
CA VAL G 159 -22.65 14.82 18.98
C VAL G 159 -23.23 14.00 20.12
N SER G 160 -23.77 14.70 21.14
CA SER G 160 -24.29 14.13 22.37
C SER G 160 -25.72 13.62 22.24
N ALA G 161 -26.54 14.32 21.44
CA ALA G 161 -27.96 14.06 21.19
C ALA G 161 -28.42 14.82 19.95
N LEU G 162 -29.54 14.40 19.39
CA LEU G 162 -30.14 14.99 18.17
C LEU G 162 -31.61 15.17 18.33
N GLY G 163 -32.18 16.10 17.58
CA GLY G 163 -33.61 16.40 17.61
C GLY G 163 -34.12 16.86 18.96
N ARG G 164 -33.33 17.70 19.65
CA ARG G 164 -33.66 18.22 20.97
C ARG G 164 -34.63 19.37 20.92
N SER G 165 -35.78 19.18 21.57
CA SER G 165 -36.89 20.11 21.65
C SER G 165 -37.34 20.29 23.11
N GLY G 166 -38.35 21.16 23.30
CA GLY G 166 -38.97 21.44 24.59
C GLY G 166 -38.05 22.02 25.62
N LEU G 167 -37.07 22.81 25.19
CA LEU G 167 -36.11 23.45 26.09
C LEU G 167 -36.56 24.87 26.39
N ASN G 168 -37.62 25.33 25.69
CA ASN G 168 -38.20 26.67 25.79
C ASN G 168 -37.12 27.77 25.63
N LEU G 169 -36.25 27.56 24.62
CA LEU G 169 -35.18 28.47 24.24
C LEU G 169 -35.63 29.26 23.04
N GLU G 170 -36.22 28.53 22.09
CA GLU G 170 -36.70 29.01 20.80
C GLU G 170 -38.12 28.59 20.55
N GLY G 171 -38.77 29.28 19.61
CA GLY G 171 -40.11 28.95 19.17
C GLY G 171 -40.11 27.63 18.43
N LEU G 172 -39.12 27.45 17.56
CA LEU G 172 -38.90 26.25 16.76
C LEU G 172 -37.50 25.64 17.09
N GLU G 173 -37.51 24.41 17.65
CA GLU G 173 -36.28 23.74 18.06
C GLU G 173 -36.16 22.33 17.49
N ASN G 174 -34.95 21.99 17.02
CA ASN G 174 -34.57 20.67 16.52
C ASN G 174 -33.07 20.56 16.67
N PHE G 175 -32.59 20.99 17.85
CA PHE G 175 -31.21 21.13 18.20
C PHE G 175 -30.37 19.88 18.18
N ILE G 176 -29.11 20.07 17.75
CA ILE G 176 -28.01 19.13 17.92
C ILE G 176 -27.44 19.47 19.31
N GLN G 177 -27.16 18.46 20.13
CA GLN G 177 -26.54 18.69 21.43
C GLN G 177 -25.09 18.24 21.33
N THR G 178 -24.16 19.05 21.83
CA THR G 178 -22.74 18.70 21.78
C THR G 178 -22.06 19.01 23.09
N ASP G 179 -20.96 18.28 23.39
CA ASP G 179 -20.19 18.51 24.61
C ASP G 179 -18.90 19.36 24.31
N ALA G 180 -18.79 19.88 23.07
CA ALA G 180 -17.73 20.81 22.70
C ALA G 180 -17.96 22.08 23.49
N SER G 181 -16.93 22.62 24.18
CA SER G 181 -17.11 23.82 25.02
C SER G 181 -17.66 24.99 24.21
N ILE G 182 -18.87 25.42 24.58
CA ILE G 182 -19.58 26.50 23.97
C ILE G 182 -19.90 27.47 25.11
N ASN G 183 -19.49 28.72 24.97
CA ASN G 183 -19.64 29.76 25.98
C ASN G 183 -20.21 31.00 25.36
N ARG G 184 -20.55 32.03 26.19
CA ARG G 184 -21.05 33.32 25.73
C ARG G 184 -20.07 33.88 24.72
N GLY G 185 -20.57 34.12 23.50
CA GLY G 185 -19.77 34.62 22.38
C GLY G 185 -19.73 33.66 21.20
N ASN G 186 -19.92 32.36 21.48
CA ASN G 186 -19.95 31.31 20.48
C ASN G 186 -21.25 31.30 19.60
N SER G 187 -22.32 32.01 20.02
CA SER G 187 -23.58 32.12 19.27
C SER G 187 -23.33 32.64 17.86
N GLY G 188 -23.95 31.98 16.89
CA GLY G 188 -23.81 32.35 15.48
C GLY G 188 -22.72 31.54 14.84
N GLY G 189 -21.80 31.05 15.67
CA GLY G 189 -20.64 30.26 15.29
C GLY G 189 -20.93 28.93 14.66
N ALA G 190 -19.87 28.29 14.16
CA ALA G 190 -19.94 27.03 13.47
C ALA G 190 -19.74 25.83 14.32
N LEU G 191 -20.52 24.80 14.04
CA LEU G 191 -20.36 23.44 14.50
C LEU G 191 -20.01 22.64 13.25
N LEU G 192 -18.83 22.04 13.22
CA LEU G 192 -18.29 21.32 12.06
C LEU G 192 -18.03 19.88 12.30
N ASN G 193 -17.98 19.09 11.21
CA ASN G 193 -17.58 17.68 11.30
C ASN G 193 -16.07 17.59 11.07
N LEU G 194 -15.52 16.38 11.00
CA LEU G 194 -14.08 16.17 10.80
C LEU G 194 -13.61 16.53 9.35
N ASN G 195 -14.54 16.80 8.41
CA ASN G 195 -14.22 17.26 7.06
C ASN G 195 -14.26 18.79 7.00
N GLY G 196 -14.60 19.43 8.12
CA GLY G 196 -14.70 20.88 8.22
C GLY G 196 -15.96 21.42 7.57
N GLU G 197 -16.97 20.56 7.41
CA GLU G 197 -18.27 20.91 6.85
C GLU G 197 -19.22 21.32 7.96
N LEU G 198 -20.09 22.30 7.70
CA LEU G 198 -21.06 22.81 8.66
C LEU G 198 -22.13 21.76 8.97
N ILE G 199 -22.27 21.42 10.26
CA ILE G 199 -23.31 20.49 10.71
C ILE G 199 -24.33 21.26 11.55
N GLY G 200 -23.96 22.47 11.99
CA GLY G 200 -24.87 23.31 12.75
C GLY G 200 -24.38 24.68 13.11
N ILE G 201 -25.31 25.58 13.51
CA ILE G 201 -25.03 26.96 14.01
C ILE G 201 -25.24 26.94 15.53
N ASN G 202 -24.15 27.06 16.29
CA ASN G 202 -24.10 27.16 17.75
C ASN G 202 -24.97 28.29 18.20
N THR G 203 -25.96 27.99 19.08
CA THR G 203 -27.04 28.93 19.45
C THR G 203 -27.29 29.14 20.96
N ALA G 204 -27.32 28.06 21.75
CA ALA G 204 -27.62 28.17 23.16
C ALA G 204 -26.87 27.13 23.99
N ILE G 205 -26.85 27.32 25.30
CA ILE G 205 -26.24 26.38 26.24
C ILE G 205 -27.09 26.23 27.52
N LEU G 206 -26.91 25.10 28.23
CA LEU G 206 -27.45 24.86 29.56
C LEU G 206 -26.26 25.02 30.49
N ALA G 207 -26.29 26.04 31.34
CA ALA G 207 -25.16 26.34 32.23
C ALA G 207 -25.64 26.91 33.56
N PRO G 208 -25.54 26.14 34.67
CA PRO G 208 -26.02 26.68 35.97
C PRO G 208 -25.33 28.01 36.35
N GLY G 209 -24.02 28.09 36.14
CA GLY G 209 -23.21 29.25 36.51
C GLY G 209 -22.67 30.07 35.36
N GLY G 210 -23.48 30.23 34.33
CA GLY G 210 -23.10 31.02 33.16
C GLY G 210 -22.06 30.43 32.21
N GLY G 211 -21.17 29.57 32.68
CA GLY G 211 -20.16 28.95 31.84
C GLY G 211 -20.55 27.55 31.39
N SER G 212 -19.85 27.03 30.35
CA SER G 212 -20.00 25.70 29.77
C SER G 212 -19.76 24.56 30.78
N VAL G 213 -20.67 23.58 30.73
CA VAL G 213 -20.66 22.34 31.54
C VAL G 213 -20.78 21.13 30.58
N GLY G 214 -20.62 21.40 29.28
CA GLY G 214 -20.70 20.44 28.18
C GLY G 214 -22.07 20.16 27.61
N ILE G 215 -23.04 21.06 27.79
CA ILE G 215 -24.41 20.95 27.26
C ILE G 215 -24.66 22.16 26.36
N GLY G 216 -24.30 22.01 25.08
CA GLY G 216 -24.44 23.07 24.08
C GLY G 216 -25.39 22.67 22.98
N PHE G 217 -26.08 23.66 22.40
CA PHE G 217 -27.08 23.41 21.36
C PHE G 217 -26.78 24.19 20.10
N ALA G 218 -26.97 23.51 18.96
CA ALA G 218 -26.76 24.04 17.62
C ALA G 218 -27.99 23.82 16.74
N ILE G 219 -28.37 24.83 15.97
CA ILE G 219 -29.45 24.70 14.99
C ILE G 219 -28.87 23.82 13.88
N PRO G 220 -29.49 22.69 13.48
CA PRO G 220 -28.88 21.84 12.43
C PRO G 220 -28.71 22.57 11.09
N SER G 221 -27.61 22.25 10.36
CA SER G 221 -27.22 22.87 9.08
C SER G 221 -28.32 22.82 8.02
N ASN G 222 -29.10 21.72 7.94
CA ASN G 222 -30.20 21.60 6.96
C ASN G 222 -31.26 22.65 7.21
N MET G 223 -31.60 22.86 8.51
CA MET G 223 -32.57 23.87 8.94
C MET G 223 -32.01 25.26 8.67
N ALA G 224 -30.73 25.49 9.04
CA ALA G 224 -30.06 26.78 8.83
C ALA G 224 -29.94 27.11 7.32
N ARG G 225 -29.56 26.12 6.47
CA ARG G 225 -29.42 26.27 5.00
C ARG G 225 -30.75 26.67 4.36
N THR G 226 -31.83 25.92 4.63
CA THR G 226 -33.19 26.16 4.14
C THR G 226 -33.68 27.56 4.53
N LEU G 227 -33.56 27.94 5.81
CA LEU G 227 -33.99 29.24 6.29
C LEU G 227 -33.17 30.36 5.63
N ALA G 228 -31.84 30.15 5.48
CA ALA G 228 -30.94 31.10 4.79
C ALA G 228 -31.41 31.34 3.34
N GLN G 229 -31.78 30.25 2.61
CA GLN G 229 -32.26 30.32 1.23
C GLN G 229 -33.52 31.16 1.13
N GLN G 230 -34.45 30.97 2.06
CA GLN G 230 -35.69 31.75 2.11
C GLN G 230 -35.42 33.23 2.31
N LEU G 231 -34.37 33.56 3.09
CA LEU G 231 -34.02 34.95 3.35
C LEU G 231 -33.26 35.56 2.15
N ILE G 232 -32.45 34.75 1.41
CA ILE G 232 -31.75 35.30 0.23
C ILE G 232 -32.80 35.56 -0.89
N ASP G 233 -33.77 34.63 -1.03
CA ASP G 233 -34.82 34.67 -2.05
C ASP G 233 -35.92 35.66 -1.77
N PHE G 234 -36.38 35.77 -0.51
CA PHE G 234 -37.55 36.63 -0.22
C PHE G 234 -37.34 37.73 0.83
N GLY G 235 -36.22 37.71 1.55
CA GLY G 235 -35.95 38.70 2.60
C GLY G 235 -36.73 38.43 3.87
N GLU G 236 -37.52 37.36 3.85
CA GLU G 236 -38.34 36.86 4.97
C GLU G 236 -38.54 35.36 4.79
N ILE G 237 -38.95 34.68 5.86
CA ILE G 237 -39.20 33.25 5.82
C ILE G 237 -40.64 33.00 5.35
N LYS G 238 -40.85 31.81 4.78
CA LYS G 238 -42.13 31.30 4.31
C LYS G 238 -42.42 30.04 5.14
N ARG G 239 -43.32 30.22 6.10
CA ARG G 239 -43.75 29.21 7.06
C ARG G 239 -44.73 28.20 6.44
N GLY G 240 -44.31 26.95 6.35
CA GLY G 240 -45.17 25.89 5.84
C GLY G 240 -46.00 25.25 6.93
N LEU G 241 -47.21 24.75 6.58
CA LEU G 241 -48.03 24.02 7.54
C LEU G 241 -48.71 22.81 6.89
N LEU G 242 -48.87 21.74 7.68
CA LEU G 242 -49.56 20.50 7.30
C LEU G 242 -51.09 20.67 7.34
N GLY G 243 -51.58 21.37 8.36
CA GLY G 243 -53.00 21.55 8.65
C GLY G 243 -53.45 20.45 9.60
N ILE G 244 -52.59 20.18 10.59
CA ILE G 244 -52.70 19.15 11.61
C ILE G 244 -52.68 19.79 13.00
N LYS G 245 -53.46 19.24 13.91
CA LYS G 245 -53.49 19.60 15.33
C LYS G 245 -53.25 18.31 16.07
N GLY G 246 -52.27 18.32 16.95
CA GLY G 246 -51.91 17.10 17.66
C GLY G 246 -51.08 17.25 18.91
N THR G 247 -50.84 16.12 19.55
CA THR G 247 -50.08 15.98 20.79
C THR G 247 -48.91 15.03 20.54
N GLU G 248 -48.04 14.92 21.52
CA GLU G 248 -46.93 14.00 21.51
C GLU G 248 -47.44 12.57 21.65
N MET G 249 -46.87 11.70 20.83
CA MET G 249 -47.13 10.26 20.91
C MET G 249 -46.39 9.78 22.20
N SER G 250 -47.05 8.92 22.98
CA SER G 250 -46.47 8.42 24.22
C SER G 250 -46.50 6.91 24.28
N ALA G 251 -45.75 6.36 25.26
CA ALA G 251 -45.69 4.95 25.58
C ALA G 251 -47.09 4.45 26.04
N ASP G 252 -47.90 5.35 26.61
CA ASP G 252 -49.25 5.11 27.10
C ASP G 252 -50.21 4.87 25.94
N ILE G 253 -50.18 5.75 24.89
CA ILE G 253 -50.98 5.55 23.68
C ILE G 253 -50.52 4.23 23.01
N ALA G 254 -49.20 4.04 22.93
CA ALA G 254 -48.61 2.87 22.31
C ALA G 254 -49.05 1.55 22.96
N LYS G 255 -49.06 1.47 24.32
CA LYS G 255 -49.48 0.30 25.08
C LYS G 255 -50.99 0.03 24.88
N ALA G 256 -51.81 1.10 24.92
CA ALA G 256 -53.26 1.03 24.75
C ALA G 256 -53.68 0.42 23.42
N PHE G 257 -52.91 0.65 22.34
CA PHE G 257 -53.23 0.18 20.99
C PHE G 257 -52.27 -0.88 20.46
N ASN G 258 -51.49 -1.51 21.36
CA ASN G 258 -50.51 -2.57 21.06
C ASN G 258 -49.57 -2.19 19.87
N LEU G 259 -49.00 -0.96 19.90
CA LEU G 259 -48.12 -0.44 18.87
C LEU G 259 -46.64 -0.58 19.25
N ASP G 260 -45.75 -0.64 18.24
CA ASP G 260 -44.31 -0.85 18.43
C ASP G 260 -43.47 0.44 18.38
N VAL G 261 -44.15 1.60 18.29
CA VAL G 261 -43.55 2.93 18.24
C VAL G 261 -44.18 3.77 19.36
N GLN G 262 -43.37 4.60 20.06
CA GLN G 262 -43.87 5.42 21.17
C GLN G 262 -43.49 6.88 21.03
N ARG G 263 -42.87 7.24 19.89
CA ARG G 263 -42.43 8.60 19.61
C ARG G 263 -42.98 9.03 18.26
N GLY G 264 -43.50 10.25 18.21
CA GLY G 264 -44.09 10.83 17.02
C GLY G 264 -45.23 11.75 17.34
N ALA G 265 -46.08 12.00 16.35
CA ALA G 265 -47.21 12.89 16.49
C ALA G 265 -48.53 12.13 16.50
N PHE G 266 -49.36 12.41 17.49
CA PHE G 266 -50.69 11.85 17.60
C PHE G 266 -51.65 12.92 17.06
N VAL G 267 -52.34 12.62 15.96
CA VAL G 267 -53.20 13.60 15.30
C VAL G 267 -54.56 13.57 15.95
N SER G 268 -55.01 14.74 16.41
CA SER G 268 -56.30 14.89 17.03
C SER G 268 -57.29 15.59 16.07
N GLU G 269 -56.76 16.41 15.16
CA GLU G 269 -57.60 17.18 14.25
C GLU G 269 -56.88 17.46 12.93
N VAL G 270 -57.59 17.26 11.81
CA VAL G 270 -57.12 17.55 10.46
C VAL G 270 -57.97 18.69 9.96
N LEU G 271 -57.35 19.85 9.69
CA LEU G 271 -58.08 21.04 9.27
C LEU G 271 -58.62 20.86 7.84
N PRO G 272 -59.93 21.11 7.61
CA PRO G 272 -60.48 20.90 6.25
C PRO G 272 -59.93 21.93 5.25
N GLY G 273 -59.63 21.44 4.04
CA GLY G 273 -59.07 22.24 2.96
C GLY G 273 -57.56 22.33 2.95
N SER G 274 -56.93 21.73 3.98
CA SER G 274 -55.49 21.68 4.12
C SER G 274 -54.91 20.57 3.26
N GLY G 275 -53.59 20.60 3.06
CA GLY G 275 -52.88 19.59 2.31
C GLY G 275 -53.05 18.21 2.91
N SER G 276 -53.14 18.14 4.25
CA SER G 276 -53.32 16.91 5.04
C SER G 276 -54.73 16.33 4.85
N ALA G 277 -55.79 17.18 4.72
CA ALA G 277 -57.15 16.71 4.41
C ALA G 277 -57.19 16.14 2.97
N LYS G 278 -56.60 16.88 1.99
CA LYS G 278 -56.51 16.46 0.59
C LYS G 278 -55.71 15.17 0.44
N ALA G 279 -54.69 14.96 1.27
CA ALA G 279 -53.87 13.74 1.20
C ALA G 279 -54.48 12.55 1.95
N GLY G 280 -55.57 12.83 2.66
CA GLY G 280 -56.28 11.80 3.41
C GLY G 280 -55.73 11.48 4.80
N VAL G 281 -55.08 12.47 5.47
CA VAL G 281 -54.62 12.30 6.87
C VAL G 281 -55.88 12.36 7.73
N LYS G 282 -56.00 11.43 8.70
CA LYS G 282 -57.21 11.37 9.53
C LYS G 282 -56.89 11.51 11.02
N ALA G 283 -57.82 12.10 11.80
CA ALA G 283 -57.68 12.21 13.25
C ALA G 283 -57.51 10.79 13.85
N GLY G 284 -56.58 10.62 14.78
CA GLY G 284 -56.24 9.34 15.37
C GLY G 284 -55.00 8.72 14.76
N ASP G 285 -54.48 9.32 13.66
CA ASP G 285 -53.27 8.81 13.00
C ASP G 285 -52.03 9.14 13.83
N ILE G 286 -50.99 8.31 13.69
CA ILE G 286 -49.73 8.52 14.38
C ILE G 286 -48.63 8.72 13.34
N ILE G 287 -48.19 9.97 13.16
CA ILE G 287 -47.11 10.31 12.24
C ILE G 287 -45.80 9.85 12.90
N THR G 288 -45.14 8.89 12.26
CA THR G 288 -43.92 8.18 12.66
C THR G 288 -42.67 8.72 11.93
N SER G 289 -42.85 9.16 10.67
CA SER G 289 -41.76 9.59 9.82
C SER G 289 -42.09 10.80 9.03
N LEU G 290 -41.03 11.51 8.65
CA LEU G 290 -41.08 12.64 7.72
C LEU G 290 -39.98 12.40 6.70
N ASN G 291 -40.37 12.19 5.43
CA ASN G 291 -39.49 11.92 4.28
C ASN G 291 -38.57 10.73 4.56
N GLY G 292 -39.13 9.68 5.12
CA GLY G 292 -38.41 8.44 5.44
C GLY G 292 -37.60 8.47 6.72
N LYS G 293 -37.45 9.66 7.35
CA LYS G 293 -36.67 9.79 8.56
C LYS G 293 -37.59 9.69 9.78
N PRO G 294 -37.34 8.75 10.72
CA PRO G 294 -38.18 8.65 11.92
C PRO G 294 -38.18 9.92 12.76
N LEU G 295 -39.35 10.28 13.30
CA LEU G 295 -39.54 11.45 14.17
C LEU G 295 -39.39 11.04 15.62
N ASN G 296 -38.60 11.80 16.40
CA ASN G 296 -38.48 11.46 17.82
C ASN G 296 -39.55 12.22 18.64
N SER G 297 -40.28 13.18 18.01
CA SER G 297 -41.32 13.97 18.68
C SER G 297 -42.21 14.70 17.69
N PHE G 298 -43.34 15.22 18.21
CA PHE G 298 -44.26 16.09 17.49
C PHE G 298 -43.59 17.45 17.33
N ALA G 299 -42.83 17.89 18.33
CA ALA G 299 -42.07 19.14 18.36
C ALA G 299 -41.07 19.19 17.21
N GLU G 300 -40.41 18.03 16.89
CA GLU G 300 -39.49 17.88 15.79
C GLU G 300 -40.25 18.06 14.49
N LEU G 301 -41.44 17.40 14.39
CA LEU G 301 -42.34 17.46 13.24
C LEU G 301 -42.71 18.91 12.98
N ARG G 302 -43.20 19.60 14.03
CA ARG G 302 -43.63 21.00 14.02
C ARG G 302 -42.53 21.91 13.47
N SER G 303 -41.30 21.81 14.00
CA SER G 303 -40.15 22.64 13.59
C SER G 303 -39.68 22.32 12.14
N ARG G 304 -39.67 21.04 11.77
CA ARG G 304 -39.28 20.62 10.44
C ARG G 304 -40.27 21.11 9.37
N ILE G 305 -41.59 21.14 9.67
CA ILE G 305 -42.59 21.58 8.71
C ILE G 305 -42.52 23.09 8.57
N ALA G 306 -42.51 23.84 9.68
CA ALA G 306 -42.50 25.30 9.68
C ALA G 306 -41.28 25.89 8.97
N THR G 307 -40.22 25.08 8.90
CA THR G 307 -38.94 25.42 8.29
C THR G 307 -39.02 25.14 6.78
N THR G 308 -39.92 24.23 6.36
CA THR G 308 -40.09 23.87 4.96
C THR G 308 -41.03 24.89 4.30
N GLU G 309 -40.70 25.28 3.07
CA GLU G 309 -41.40 26.27 2.25
C GLU G 309 -42.80 25.79 1.83
N PRO G 310 -43.86 26.67 1.91
CA PRO G 310 -45.19 26.26 1.43
C PRO G 310 -45.15 25.84 -0.05
N GLY G 311 -45.89 24.79 -0.38
CA GLY G 311 -45.93 24.24 -1.72
C GLY G 311 -45.11 22.99 -1.86
N THR G 312 -44.13 22.79 -0.94
CA THR G 312 -43.25 21.62 -0.92
C THR G 312 -44.07 20.38 -0.58
N LYS G 313 -43.76 19.26 -1.24
CA LYS G 313 -44.41 17.98 -1.00
C LYS G 313 -43.56 17.19 -0.04
N VAL G 314 -44.18 16.64 1.02
CA VAL G 314 -43.50 15.85 2.04
C VAL G 314 -44.15 14.48 2.13
N LYS G 315 -43.37 13.47 2.50
CA LYS G 315 -43.88 12.11 2.69
C LYS G 315 -44.01 11.83 4.19
N LEU G 316 -45.22 11.43 4.59
CA LEU G 316 -45.59 11.19 5.98
C LEU G 316 -45.72 9.70 6.30
N GLY G 317 -44.83 9.22 7.18
CA GLY G 317 -44.85 7.87 7.73
C GLY G 317 -45.95 7.88 8.77
N LEU G 318 -46.99 7.12 8.53
CA LEU G 318 -48.23 7.16 9.29
C LEU G 318 -48.57 5.78 9.86
N LEU G 319 -49.50 5.75 10.82
CA LEU G 319 -49.96 4.50 11.45
C LEU G 319 -51.42 4.61 11.85
N ARG G 320 -52.34 4.03 11.04
CA ARG G 320 -53.77 4.05 11.40
C ARG G 320 -54.28 2.64 11.64
N ASN G 321 -54.93 2.47 12.80
CA ASN G 321 -55.45 1.25 13.37
C ASN G 321 -54.36 0.16 13.43
N GLY G 322 -53.13 0.61 13.72
CA GLY G 322 -51.95 -0.24 13.83
C GLY G 322 -51.30 -0.64 12.52
N LYS G 323 -51.83 -0.10 11.40
CA LYS G 323 -51.34 -0.44 10.06
C LYS G 323 -50.53 0.70 9.45
N PRO G 324 -49.33 0.39 8.89
CA PRO G 324 -48.49 1.45 8.27
C PRO G 324 -49.03 1.97 6.95
N LEU G 325 -48.84 3.27 6.69
CA LEU G 325 -49.21 4.01 5.48
C LEU G 325 -48.21 5.11 5.20
N GLU G 326 -48.03 5.46 3.93
CA GLU G 326 -47.20 6.58 3.50
C GLU G 326 -48.13 7.53 2.79
N VAL G 327 -48.09 8.82 3.15
CA VAL G 327 -48.97 9.82 2.57
C VAL G 327 -48.13 11.03 2.11
N GLU G 328 -48.36 11.49 0.87
CA GLU G 328 -47.67 12.66 0.32
C GLU G 328 -48.56 13.87 0.55
N VAL G 329 -48.03 14.90 1.22
CA VAL G 329 -48.76 16.11 1.59
C VAL G 329 -48.09 17.33 0.97
N THR G 330 -48.90 18.23 0.40
CA THR G 330 -48.42 19.51 -0.13
C THR G 330 -48.64 20.53 0.97
N LEU G 331 -47.57 21.23 1.34
CA LEU G 331 -47.63 22.18 2.44
C LEU G 331 -48.33 23.46 2.06
N ASP G 332 -49.15 23.95 3.00
CA ASP G 332 -49.88 25.21 2.90
C ASP G 332 -49.03 26.31 3.51
N THR G 333 -49.55 27.54 3.56
CA THR G 333 -48.86 28.67 4.19
C THR G 333 -49.48 28.88 5.57
N SER G 334 -48.68 29.39 6.52
CA SER G 334 -49.11 29.66 7.89
C SER G 334 -49.48 31.15 8.06
N PRO H 11 -5.24 -3.05 21.27
CA PRO H 11 -5.94 -2.85 19.98
C PRO H 11 -6.78 -1.55 19.97
N LEU H 12 -7.31 -1.16 21.14
CA LEU H 12 -8.12 0.06 21.26
C LEU H 12 -7.23 1.31 21.28
N PRO H 13 -7.62 2.38 20.56
CA PRO H 13 -6.82 3.63 20.64
C PRO H 13 -6.82 4.20 22.06
N SER H 14 -5.67 4.71 22.53
CA SER H 14 -5.50 5.21 23.90
C SER H 14 -4.30 6.14 24.04
N LEU H 15 -4.35 7.07 25.02
CA LEU H 15 -3.27 7.98 25.38
C LEU H 15 -2.38 7.38 26.48
N ALA H 16 -2.85 6.26 27.09
CA ALA H 16 -2.22 5.51 28.18
C ALA H 16 -0.80 5.00 27.82
N PRO H 17 -0.57 4.46 26.59
CA PRO H 17 0.80 4.04 26.23
C PRO H 17 1.83 5.19 26.34
N MET H 18 1.47 6.43 25.91
CA MET H 18 2.48 7.48 26.06
C MET H 18 2.45 8.12 27.47
N LEU H 19 1.30 8.14 28.15
CA LEU H 19 1.21 8.76 29.46
C LEU H 19 1.97 7.93 30.49
N GLU H 20 2.02 6.61 30.33
CA GLU H 20 2.77 5.69 31.21
C GLU H 20 4.25 6.09 31.34
N LYS H 21 4.87 6.45 30.20
CA LYS H 21 6.26 6.89 30.12
C LYS H 21 6.49 8.33 30.62
N VAL H 22 5.51 9.18 30.47
CA VAL H 22 5.69 10.60 30.64
C VAL H 22 5.16 11.18 31.97
N LEU H 23 4.05 10.65 32.55
CA LEU H 23 3.43 11.12 33.80
C LEU H 23 4.43 11.26 35.02
N PRO H 24 5.46 10.38 35.23
CA PRO H 24 6.34 10.59 36.42
C PRO H 24 7.12 11.91 36.40
N ALA H 25 7.26 12.56 35.20
CA ALA H 25 7.93 13.87 35.02
C ALA H 25 7.05 15.05 35.55
N VAL H 26 5.71 14.84 35.68
CA VAL H 26 4.79 15.89 36.20
C VAL H 26 4.64 15.66 37.71
N VAL H 27 4.82 16.73 38.47
CA VAL H 27 4.88 16.64 39.93
C VAL H 27 3.88 17.59 40.60
N SER H 28 3.54 17.24 41.83
CA SER H 28 2.69 18.01 42.72
C SER H 28 3.63 18.92 43.51
N VAL H 29 3.28 20.20 43.61
CA VAL H 29 4.14 21.16 44.29
C VAL H 29 3.40 21.69 45.52
N ARG H 30 3.92 21.33 46.69
CA ARG H 30 3.33 21.70 47.97
C ARG H 30 4.14 22.83 48.56
N VAL H 31 3.43 23.86 48.99
CA VAL H 31 4.05 25.07 49.49
C VAL H 31 3.48 25.45 50.89
N GLU H 32 4.36 25.91 51.77
CA GLU H 32 4.06 26.41 53.12
C GLU H 32 4.71 27.77 53.30
N GLY H 33 3.95 28.73 53.81
CA GLY H 33 4.47 30.07 54.04
C GLY H 33 3.72 30.88 55.07
N THR H 34 3.64 32.21 54.84
CA THR H 34 2.95 33.17 55.70
C THR H 34 1.88 33.91 54.88
N GLN H 59 0.03 35.01 59.05
CA GLN H 59 -0.66 33.76 59.34
C GLN H 59 -0.17 32.62 58.42
N PRO H 60 0.13 31.40 58.95
CA PRO H 60 0.61 30.31 58.08
C PRO H 60 -0.43 29.78 57.10
N PHE H 61 0.03 29.35 55.91
CA PHE H 61 -0.82 28.82 54.84
C PHE H 61 -0.18 27.60 54.16
N GLU H 62 -1.01 26.81 53.45
CA GLU H 62 -0.62 25.64 52.68
C GLU H 62 -1.22 25.75 51.28
N GLY H 63 -0.34 25.87 50.28
CA GLY H 63 -0.70 26.00 48.87
C GLY H 63 -0.36 24.76 48.06
N LEU H 64 -1.09 24.53 46.96
CA LEU H 64 -0.86 23.38 46.12
C LEU H 64 -1.03 23.69 44.64
N GLY H 65 -0.05 23.23 43.86
CA GLY H 65 0.03 23.34 42.42
C GLY H 65 0.81 22.19 41.82
N SER H 66 1.30 22.38 40.61
CA SER H 66 2.07 21.36 39.93
C SER H 66 3.45 21.88 39.43
N GLY H 67 4.14 21.00 38.73
CA GLY H 67 5.45 21.27 38.20
C GLY H 67 5.84 20.22 37.20
N VAL H 68 6.88 20.53 36.42
CA VAL H 68 7.39 19.64 35.39
C VAL H 68 8.91 19.49 35.56
N ILE H 69 9.39 18.22 35.65
CA ILE H 69 10.82 17.93 35.74
C ILE H 69 11.40 18.14 34.35
N ILE H 70 12.25 19.15 34.25
CA ILE H 70 12.86 19.60 33.01
C ILE H 70 14.30 18.99 32.87
N ASN H 71 14.95 18.67 34.02
CA ASN H 71 16.28 18.05 34.13
C ASN H 71 16.30 17.06 35.29
N ALA H 72 16.23 15.75 34.99
CA ALA H 72 16.20 14.65 35.96
C ALA H 72 17.48 14.58 36.80
N SER H 73 18.68 14.78 36.20
CA SER H 73 19.99 14.73 36.87
C SER H 73 20.17 15.85 37.91
N LYS H 74 19.85 17.10 37.54
CA LYS H 74 19.98 18.26 38.42
C LYS H 74 18.76 18.48 39.31
N GLY H 75 17.65 17.81 38.97
CA GLY H 75 16.36 17.94 39.67
C GLY H 75 15.69 19.27 39.44
N TYR H 76 15.82 19.82 38.21
CA TYR H 76 15.23 21.11 37.84
C TYR H 76 13.74 20.96 37.49
N VAL H 77 12.90 21.67 38.25
CA VAL H 77 11.44 21.65 38.10
C VAL H 77 10.93 23.04 37.69
N LEU H 78 10.18 23.08 36.58
CA LEU H 78 9.47 24.26 36.08
C LEU H 78 8.08 24.34 36.70
N THR H 79 7.66 25.53 37.09
CA THR H 79 6.34 25.80 37.67
C THR H 79 6.01 27.29 37.45
N ASN H 80 4.84 27.76 37.97
CA ASN H 80 4.44 29.15 37.88
C ASN H 80 4.92 29.88 39.09
N ASN H 81 5.28 31.13 38.92
CA ASN H 81 5.73 31.99 39.99
C ASN H 81 4.62 32.13 41.05
N HIS H 82 3.34 32.28 40.62
CA HIS H 82 2.20 32.43 41.57
C HIS H 82 1.99 31.18 42.47
N VAL H 83 2.51 30.02 42.10
CA VAL H 83 2.46 28.79 42.89
C VAL H 83 3.42 28.94 44.09
N ILE H 84 4.57 29.55 43.86
CA ILE H 84 5.71 29.67 44.74
C ILE H 84 5.85 31.04 45.44
N ASN H 85 5.14 32.05 44.97
CA ASN H 85 5.16 33.45 45.40
C ASN H 85 5.47 33.72 46.89
N GLN H 86 4.71 33.13 47.83
CA GLN H 86 4.91 33.45 49.26
C GLN H 86 5.52 32.28 50.06
N ALA H 87 6.08 31.28 49.35
CA ALA H 87 6.62 30.06 49.94
C ALA H 87 7.86 30.26 50.81
N GLN H 88 7.87 29.57 51.95
CA GLN H 88 8.96 29.50 52.92
C GLN H 88 9.54 28.09 52.87
N LYS H 89 8.66 27.10 52.59
CA LYS H 89 9.00 25.70 52.42
C LYS H 89 8.31 25.19 51.15
N ILE H 90 9.07 24.51 50.28
CA ILE H 90 8.59 23.93 49.03
C ILE H 90 8.95 22.47 49.02
N SER H 91 7.93 21.61 48.82
CA SER H 91 8.09 20.16 48.68
C SER H 91 7.49 19.69 47.37
N ILE H 92 8.09 18.68 46.76
CA ILE H 92 7.66 18.10 45.50
C ILE H 92 7.20 16.69 45.79
N GLN H 93 6.08 16.27 45.19
CA GLN H 93 5.63 14.91 45.33
C GLN H 93 5.51 14.25 43.96
N LEU H 94 6.12 13.07 43.82
CA LEU H 94 6.05 12.30 42.57
C LEU H 94 4.78 11.46 42.58
N ASN H 95 4.33 10.97 41.40
CA ASN H 95 3.11 10.18 41.29
C ASN H 95 3.25 8.79 41.97
N ASP H 96 4.48 8.37 42.37
CA ASP H 96 4.75 7.10 43.06
C ASP H 96 4.69 7.28 44.59
N GLY H 97 4.57 8.53 45.03
CA GLY H 97 4.47 8.87 46.45
C GLY H 97 5.72 9.47 47.05
N ARG H 98 6.85 9.45 46.32
CA ARG H 98 8.12 10.00 46.82
C ARG H 98 8.04 11.51 46.97
N GLU H 99 8.49 11.99 48.14
CA GLU H 99 8.54 13.41 48.50
C GLU H 99 9.99 13.88 48.56
N PHE H 100 10.22 15.11 48.09
CA PHE H 100 11.51 15.78 48.04
C PHE H 100 11.39 17.20 48.45
N ASP H 101 12.47 17.77 49.01
CA ASP H 101 12.49 19.19 49.29
C ASP H 101 12.98 19.90 48.05
N ALA H 102 12.58 21.18 47.88
CA ALA H 102 13.00 21.93 46.72
C ALA H 102 13.30 23.33 47.11
N LYS H 103 14.29 23.91 46.44
CA LYS H 103 14.74 25.28 46.65
C LYS H 103 14.50 26.09 45.39
N LEU H 104 14.07 27.34 45.57
CA LEU H 104 13.82 28.25 44.46
C LEU H 104 15.16 28.70 43.85
N ILE H 105 15.35 28.39 42.55
CA ILE H 105 16.54 28.77 41.80
C ILE H 105 16.38 30.22 41.34
N GLY H 106 15.18 30.54 40.84
CA GLY H 106 14.83 31.87 40.36
C GLY H 106 13.42 31.90 39.84
N SER H 107 12.91 33.12 39.60
CA SER H 107 11.57 33.35 39.11
C SER H 107 11.45 34.63 38.31
N ASP H 108 10.39 34.71 37.48
CA ASP H 108 10.04 35.88 36.69
C ASP H 108 8.56 36.20 36.94
N ASP H 109 8.31 37.34 37.61
CA ASP H 109 6.98 37.87 37.93
C ASP H 109 6.17 38.19 36.67
N GLN H 110 6.82 38.79 35.66
CA GLN H 110 6.18 39.26 34.44
C GLN H 110 5.65 38.15 33.55
N SER H 111 6.39 37.04 33.40
CA SER H 111 5.95 35.94 32.56
C SER H 111 5.28 34.81 33.36
N ASP H 112 5.45 34.79 34.70
CA ASP H 112 4.91 33.84 35.69
C ASP H 112 5.61 32.48 35.61
N ILE H 113 6.95 32.51 35.50
CA ILE H 113 7.72 31.26 35.49
C ILE H 113 8.69 31.28 36.66
N ALA H 114 8.82 30.16 37.36
CA ALA H 114 9.74 29.95 38.46
C ALA H 114 10.41 28.60 38.25
N LEU H 115 11.69 28.51 38.62
CA LEU H 115 12.46 27.30 38.50
C LEU H 115 12.90 26.86 39.87
N LEU H 116 12.68 25.58 40.17
CA LEU H 116 13.03 24.95 41.42
C LEU H 116 14.07 23.86 41.22
N GLN H 117 14.79 23.54 42.29
CA GLN H 117 15.77 22.46 42.27
C GLN H 117 15.48 21.52 43.40
N ILE H 118 15.25 20.25 43.06
CA ILE H 118 14.99 19.18 44.01
C ILE H 118 16.26 18.92 44.78
N GLN H 119 16.17 18.88 46.12
CA GLN H 119 17.28 18.58 47.01
C GLN H 119 17.43 17.07 47.06
N ASN H 120 18.65 16.59 46.70
CA ASN H 120 19.06 15.19 46.62
C ASN H 120 18.13 14.41 45.66
N PRO H 121 18.10 14.79 44.36
CA PRO H 121 17.26 14.07 43.39
C PRO H 121 17.74 12.65 43.17
N SER H 122 16.83 11.73 42.85
CA SER H 122 17.11 10.31 42.64
C SER H 122 16.02 9.65 41.79
N LYS H 123 16.43 8.86 40.77
CA LYS H 123 15.57 8.08 39.87
C LYS H 123 14.36 8.91 39.36
N LEU H 124 14.65 10.11 38.85
CA LEU H 124 13.70 11.07 38.32
C LEU H 124 13.50 10.89 36.81
N THR H 125 12.29 11.25 36.34
CA THR H 125 11.92 11.21 34.93
C THR H 125 11.81 12.65 34.46
N GLN H 126 12.39 12.97 33.30
CA GLN H 126 12.31 14.33 32.80
C GLN H 126 11.47 14.36 31.54
N ILE H 127 10.97 15.54 31.23
CA ILE H 127 10.15 15.76 30.08
C ILE H 127 10.96 16.19 28.87
N ALA H 128 10.54 15.72 27.68
CA ALA H 128 11.08 16.17 26.41
C ALA H 128 10.31 17.46 26.03
N ILE H 129 11.01 18.48 25.50
CA ILE H 129 10.36 19.75 25.14
C ILE H 129 10.21 19.87 23.62
N ALA H 130 8.98 20.16 23.16
CA ALA H 130 8.65 20.34 21.74
C ALA H 130 8.75 21.83 21.34
N ASP H 131 8.85 22.11 20.03
CA ASP H 131 8.91 23.47 19.50
C ASP H 131 7.47 23.99 19.42
N SER H 132 7.10 24.89 20.35
CA SER H 132 5.77 25.46 20.47
C SER H 132 5.44 26.38 19.27
N ASP H 133 6.46 26.89 18.54
CA ASP H 133 6.22 27.72 17.35
C ASP H 133 5.72 26.86 16.16
N LYS H 134 5.83 25.52 16.26
CA LYS H 134 5.36 24.59 15.23
C LYS H 134 3.91 24.12 15.52
N LEU H 135 3.30 24.60 16.61
CA LEU H 135 1.93 24.27 16.98
C LEU H 135 0.91 24.92 16.06
N ARG H 136 -0.24 24.26 15.93
CA ARG H 136 -1.37 24.77 15.14
C ARG H 136 -2.66 24.51 15.87
N VAL H 137 -3.65 25.37 15.64
CA VAL H 137 -5.00 25.23 16.17
C VAL H 137 -5.57 23.91 15.60
N GLY H 138 -5.96 23.00 16.48
CA GLY H 138 -6.49 21.69 16.12
C GLY H 138 -5.61 20.57 16.62
N ASP H 139 -4.34 20.88 16.95
CA ASP H 139 -3.42 19.89 17.49
C ASP H 139 -3.94 19.37 18.84
N PHE H 140 -3.78 18.07 19.11
CA PHE H 140 -4.27 17.48 20.35
C PHE H 140 -3.33 17.79 21.48
N ALA H 141 -3.91 18.04 22.67
CA ALA H 141 -3.15 18.38 23.87
C ALA H 141 -3.66 17.63 25.09
N VAL H 142 -2.76 17.29 26.00
CA VAL H 142 -3.07 16.62 27.27
C VAL H 142 -2.54 17.51 28.39
N ALA H 143 -3.41 17.90 29.32
CA ALA H 143 -3.03 18.68 30.49
C ALA H 143 -2.82 17.72 31.67
N VAL H 144 -1.67 17.81 32.33
CA VAL H 144 -1.33 16.99 33.51
C VAL H 144 -1.02 17.94 34.66
N GLY H 145 -1.72 17.74 35.77
CA GLY H 145 -1.60 18.57 36.95
C GLY H 145 -2.33 17.99 38.14
N ASN H 146 -2.43 18.78 39.22
CA ASN H 146 -3.05 18.45 40.50
C ASN H 146 -4.29 19.31 40.79
N PRO H 147 -5.40 19.30 39.99
CA PRO H 147 -6.56 20.17 40.33
C PRO H 147 -7.19 19.80 41.66
N PHE H 148 -7.53 20.84 42.47
CA PHE H 148 -8.17 20.75 43.79
C PHE H 148 -7.40 19.81 44.79
N GLY H 149 -6.07 19.80 44.71
CA GLY H 149 -5.22 18.94 45.52
C GLY H 149 -5.65 17.48 45.46
N LEU H 150 -6.26 17.07 44.34
CA LEU H 150 -6.80 15.72 44.18
C LEU H 150 -5.73 14.65 43.97
N GLY H 151 -4.61 15.04 43.41
CA GLY H 151 -3.57 14.12 43.00
C GLY H 151 -3.46 14.24 41.51
N GLN H 152 -2.49 13.53 40.90
CA GLN H 152 -2.24 13.66 39.47
C GLN H 152 -3.43 13.27 38.61
N THR H 153 -3.80 14.22 37.78
CA THR H 153 -4.93 14.17 36.87
C THR H 153 -4.47 14.55 35.48
N ALA H 154 -4.90 13.75 34.49
CA ALA H 154 -4.66 14.00 33.08
C ALA H 154 -5.98 14.36 32.40
N THR H 155 -6.04 15.46 31.65
CA THR H 155 -7.25 15.87 30.93
C THR H 155 -6.85 16.09 29.50
N SER H 156 -7.74 15.84 28.57
CA SER H 156 -7.49 15.90 27.13
C SER H 156 -8.34 16.96 26.44
N GLY H 157 -7.78 17.55 25.38
CA GLY H 157 -8.42 18.56 24.55
C GLY H 157 -7.62 18.85 23.30
N ILE H 158 -7.86 20.01 22.72
CA ILE H 158 -7.15 20.49 21.51
C ILE H 158 -6.48 21.85 21.80
N VAL H 159 -5.61 22.30 20.86
CA VAL H 159 -5.06 23.65 20.87
C VAL H 159 -6.15 24.48 20.24
N SER H 160 -6.78 25.33 21.05
CA SER H 160 -7.92 26.17 20.68
C SER H 160 -7.54 27.46 19.98
N ALA H 161 -6.40 28.05 20.39
CA ALA H 161 -5.84 29.29 19.88
C ALA H 161 -4.39 29.41 20.26
N LEU H 162 -3.67 30.33 19.59
CA LEU H 162 -2.23 30.57 19.84
C LEU H 162 -1.93 32.06 19.88
N GLY H 163 -0.89 32.41 20.63
CA GLY H 163 -0.42 33.78 20.77
C GLY H 163 -1.48 34.70 21.30
N ARG H 164 -2.14 34.28 22.38
CA ARG H 164 -3.19 35.02 23.08
C ARG H 164 -2.60 36.01 24.08
N SER H 165 -2.96 37.28 23.89
CA SER H 165 -2.57 38.43 24.71
C SER H 165 -3.78 39.28 25.13
N GLY H 166 -3.52 40.35 25.88
CA GLY H 166 -4.53 41.31 26.34
C GLY H 166 -5.59 40.74 27.26
N LEU H 167 -5.20 39.73 28.04
CA LEU H 167 -6.10 39.08 28.98
C LEU H 167 -5.90 39.66 30.38
N ASN H 168 -4.86 40.52 30.54
CA ASN H 168 -4.49 41.18 31.79
C ASN H 168 -4.32 40.13 32.93
N LEU H 169 -3.64 39.03 32.60
CA LEU H 169 -3.34 37.94 33.53
C LEU H 169 -1.91 38.05 33.98
N GLU H 170 -1.03 38.31 33.00
CA GLU H 170 0.41 38.43 33.16
C GLU H 170 0.92 39.71 32.54
N GLY H 171 2.14 40.09 32.93
CA GLY H 171 2.85 41.24 32.37
C GLY H 171 3.22 40.95 30.93
N LEU H 172 3.68 39.71 30.66
CA LEU H 172 4.06 39.19 29.34
C LEU H 172 3.24 37.94 29.04
N GLU H 173 2.40 38.03 27.98
CA GLU H 173 1.48 36.98 27.56
C GLU H 173 1.62 36.62 26.10
N ASN H 174 1.77 35.33 25.82
CA ASN H 174 1.80 34.75 24.47
C ASN H 174 1.23 33.35 24.60
N PHE H 175 0.09 33.28 25.25
CA PHE H 175 -0.56 32.04 25.63
C PHE H 175 -1.10 31.16 24.53
N ILE H 176 -0.95 29.85 24.77
CA ILE H 176 -1.61 28.76 24.08
C ILE H 176 -2.97 28.64 24.77
N GLN H 177 -4.05 28.57 24.01
CA GLN H 177 -5.36 28.37 24.60
C GLN H 177 -5.79 26.92 24.34
N THR H 178 -6.32 26.24 25.34
CA THR H 178 -6.73 24.83 25.20
C THR H 178 -8.08 24.60 25.87
N ASP H 179 -8.82 23.58 25.38
CA ASP H 179 -10.12 23.23 25.95
C ASP H 179 -9.98 22.01 26.88
N ALA H 180 -8.74 21.56 27.15
CA ALA H 180 -8.46 20.53 28.14
C ALA H 180 -8.82 21.12 29.50
N SER H 181 -9.61 20.41 30.31
CA SER H 181 -10.06 20.88 31.62
C SER H 181 -8.84 21.23 32.50
N ILE H 182 -8.72 22.53 32.81
CA ILE H 182 -7.70 23.11 33.65
C ILE H 182 -8.46 23.83 34.76
N ASN H 183 -8.14 23.50 36.00
CA ASN H 183 -8.79 24.03 37.19
C ASN H 183 -7.76 24.48 38.19
N ARG H 184 -8.17 25.11 39.28
CA ARG H 184 -7.28 25.56 40.36
C ARG H 184 -6.47 24.34 40.85
N GLY H 185 -5.15 24.43 40.79
CA GLY H 185 -4.28 23.33 41.16
C GLY H 185 -3.50 22.80 39.97
N ASN H 186 -3.92 23.16 38.74
CA ASN H 186 -3.24 22.76 37.50
C ASN H 186 -2.03 23.66 37.16
N SER H 187 -1.98 24.84 37.79
CA SER H 187 -0.97 25.87 37.67
C SER H 187 0.44 25.35 37.91
N GLY H 188 1.28 25.50 36.89
CA GLY H 188 2.66 25.02 36.87
C GLY H 188 2.82 23.67 36.19
N GLY H 189 1.70 23.00 35.97
CA GLY H 189 1.65 21.69 35.34
C GLY H 189 1.94 21.69 33.85
N ALA H 190 1.92 20.50 33.28
CA ALA H 190 2.25 20.25 31.89
C ALA H 190 1.09 20.27 30.92
N LEU H 191 1.35 20.88 29.76
CA LEU H 191 0.54 20.79 28.56
C LEU H 191 1.41 20.00 27.55
N LEU H 192 0.94 18.81 27.14
CA LEU H 192 1.68 17.89 26.29
C LEU H 192 1.05 17.61 24.96
N ASN H 193 1.87 17.20 23.97
CA ASN H 193 1.37 16.74 22.68
C ASN H 193 1.14 15.23 22.76
N LEU H 194 0.77 14.60 21.63
CA LEU H 194 0.51 13.14 21.58
C LEU H 194 1.79 12.29 21.71
N ASN H 195 2.97 12.90 21.68
CA ASN H 195 4.26 12.21 21.90
C ASN H 195 4.70 12.35 23.36
N GLY H 196 3.92 13.08 24.14
CA GLY H 196 4.20 13.33 25.55
C GLY H 196 5.26 14.37 25.77
N GLU H 197 5.49 15.22 24.75
CA GLU H 197 6.47 16.31 24.79
C GLU H 197 5.77 17.58 25.26
N LEU H 198 6.49 18.38 26.06
CA LEU H 198 5.98 19.64 26.62
C LEU H 198 5.76 20.67 25.54
N ILE H 199 4.53 21.18 25.47
CA ILE H 199 4.17 22.24 24.52
C ILE H 199 3.85 23.51 25.29
N GLY H 200 3.71 23.38 26.63
CA GLY H 200 3.45 24.51 27.50
C GLY H 200 3.30 24.18 28.97
N ILE H 201 3.22 25.23 29.79
CA ILE H 201 3.03 25.15 31.24
C ILE H 201 1.67 25.79 31.50
N ASN H 202 0.71 24.99 32.04
CA ASN H 202 -0.65 25.43 32.36
C ASN H 202 -0.59 26.52 33.43
N THR H 203 -1.15 27.72 33.14
CA THR H 203 -0.99 28.90 33.99
C THR H 203 -2.27 29.56 34.50
N ALA H 204 -3.26 29.78 33.63
CA ALA H 204 -4.46 30.51 33.97
C ALA H 204 -5.68 29.99 33.25
N ILE H 205 -6.87 30.44 33.66
CA ILE H 205 -8.14 30.07 33.02
C ILE H 205 -9.13 31.23 33.02
N LEU H 206 -10.10 31.21 32.09
CA LEU H 206 -11.26 32.10 32.05
C LEU H 206 -12.41 31.29 32.55
N ALA H 207 -12.97 31.67 33.70
CA ALA H 207 -14.03 30.91 34.34
C ALA H 207 -15.00 31.81 35.08
N PRO H 208 -16.25 31.96 34.57
CA PRO H 208 -17.25 32.78 35.27
C PRO H 208 -17.45 32.40 36.75
N GLY H 209 -17.50 31.10 37.03
CA GLY H 209 -17.72 30.62 38.40
C GLY H 209 -16.63 29.80 39.04
N GLY H 210 -15.37 30.20 38.81
CA GLY H 210 -14.21 29.55 39.41
C GLY H 210 -13.85 28.14 38.97
N GLY H 211 -14.63 27.57 38.04
CA GLY H 211 -14.35 26.26 37.48
C GLY H 211 -14.19 26.31 35.98
N SER H 212 -13.46 25.34 35.42
CA SER H 212 -13.22 25.19 33.98
C SER H 212 -14.50 25.18 33.15
N VAL H 213 -14.47 25.97 32.06
CA VAL H 213 -15.52 26.09 31.03
C VAL H 213 -14.88 25.78 29.66
N GLY H 214 -13.66 25.25 29.68
CA GLY H 214 -12.87 24.93 28.49
C GLY H 214 -12.03 26.06 27.89
N ILE H 215 -11.68 27.07 28.67
CA ILE H 215 -10.84 28.20 28.25
C ILE H 215 -9.63 28.27 29.19
N GLY H 216 -8.59 27.50 28.87
CA GLY H 216 -7.38 27.44 29.66
C GLY H 216 -6.21 28.06 28.93
N PHE H 217 -5.21 28.54 29.65
CA PHE H 217 -4.05 29.18 29.04
C PHE H 217 -2.79 28.59 29.55
N ALA H 218 -1.88 28.31 28.59
CA ALA H 218 -0.55 27.81 28.94
C ALA H 218 0.55 28.74 28.38
N ILE H 219 1.62 28.90 29.13
CA ILE H 219 2.83 29.61 28.67
C ILE H 219 3.49 28.67 27.63
N PRO H 220 3.78 29.10 26.39
CA PRO H 220 4.39 28.16 25.43
C PRO H 220 5.77 27.64 25.88
N SER H 221 6.06 26.35 25.58
CA SER H 221 7.30 25.63 25.95
C SER H 221 8.57 26.39 25.56
N ASN H 222 8.60 27.03 24.36
CA ASN H 222 9.77 27.78 23.89
C ASN H 222 10.07 28.94 24.84
N MET H 223 9.01 29.67 25.26
CA MET H 223 9.11 30.77 26.21
C MET H 223 9.55 30.24 27.58
N ALA H 224 8.91 29.15 28.05
CA ALA H 224 9.24 28.53 29.33
C ALA H 224 10.69 28.00 29.36
N ARG H 225 11.15 27.32 28.27
CA ARG H 225 12.49 26.74 28.11
C ARG H 225 13.57 27.84 28.20
N THR H 226 13.41 28.92 27.40
CA THR H 226 14.32 30.07 27.35
C THR H 226 14.44 30.72 28.73
N LEU H 227 13.30 31.02 29.38
CA LEU H 227 13.29 31.66 30.69
C LEU H 227 13.98 30.77 31.73
N ALA H 228 13.69 29.46 31.71
CA ALA H 228 14.32 28.48 32.60
C ALA H 228 15.84 28.47 32.41
N GLN H 229 16.36 28.50 31.13
CA GLN H 229 17.80 28.55 30.84
C GLN H 229 18.46 29.77 31.45
N GLN H 230 17.79 30.94 31.35
CA GLN H 230 18.30 32.18 31.92
C GLN H 230 18.39 32.06 33.45
N LEU H 231 17.43 31.36 34.09
CA LEU H 231 17.42 31.17 35.54
C LEU H 231 18.49 30.11 35.94
N ILE H 232 18.78 29.08 35.12
CA ILE H 232 19.83 28.11 35.48
C ILE H 232 21.21 28.81 35.34
N ASP H 233 21.38 29.63 34.27
CA ASP H 233 22.61 30.36 33.93
C ASP H 233 22.89 31.57 34.80
N PHE H 234 21.86 32.36 35.21
CA PHE H 234 22.09 33.60 35.95
C PHE H 234 21.32 33.74 37.27
N GLY H 235 20.34 32.87 37.52
CA GLY H 235 19.51 32.95 38.73
C GLY H 235 18.53 34.11 38.71
N GLU H 236 18.44 34.76 37.53
CA GLU H 236 17.56 35.88 37.21
C GLU H 236 17.39 35.93 35.69
N ILE H 237 16.33 36.59 35.24
CA ILE H 237 16.05 36.75 33.82
C ILE H 237 16.79 38.00 33.31
N LYS H 238 17.05 37.99 31.98
CA LYS H 238 17.67 39.06 31.24
C LYS H 238 16.66 39.49 30.20
N ARG H 239 15.97 40.60 30.50
CA ARG H 239 14.88 41.20 29.72
C ARG H 239 15.40 42.00 28.52
N GLY H 240 15.09 41.54 27.30
CA GLY H 240 15.50 42.23 26.08
C GLY H 240 14.58 43.30 25.56
N LEU H 241 15.12 44.33 24.90
CA LEU H 241 14.25 45.34 24.33
C LEU H 241 14.74 45.79 22.97
N LEU H 242 13.79 46.10 22.08
CA LEU H 242 14.02 46.62 20.74
C LEU H 242 14.42 48.11 20.76
N GLY H 243 13.73 48.89 21.59
CA GLY H 243 13.87 50.35 21.68
C GLY H 243 12.83 50.98 20.78
N ILE H 244 11.64 50.40 20.81
CA ILE H 244 10.47 50.76 20.01
C ILE H 244 9.32 51.13 20.93
N LYS H 245 8.54 52.14 20.50
CA LYS H 245 7.31 52.55 21.12
C LYS H 245 6.25 52.47 20.04
N GLY H 246 5.17 51.79 20.34
CA GLY H 246 4.10 51.64 19.37
C GLY H 246 2.78 51.19 19.91
N THR H 247 1.83 51.08 18.98
CA THR H 247 0.46 50.64 19.22
C THR H 247 0.18 49.40 18.38
N GLU H 248 -1.01 48.84 18.56
CA GLU H 248 -1.48 47.72 17.78
C GLU H 248 -1.85 48.18 16.39
N MET H 249 -1.44 47.40 15.42
CA MET H 249 -1.79 47.62 14.03
C MET H 249 -3.28 47.23 13.91
N SER H 250 -4.06 48.01 13.17
CA SER H 250 -5.50 47.75 12.99
C SER H 250 -5.87 47.77 11.53
N ALA H 251 -7.10 47.31 11.22
CA ALA H 251 -7.70 47.31 9.90
C ALA H 251 -7.89 48.75 9.41
N ASP H 252 -8.03 49.69 10.37
CA ASP H 252 -8.26 51.11 10.13
C ASP H 252 -6.98 51.76 9.61
N ILE H 253 -5.82 51.46 10.23
CA ILE H 253 -4.52 51.95 9.75
C ILE H 253 -4.30 51.35 8.35
N ALA H 254 -4.52 50.03 8.21
CA ALA H 254 -4.36 49.29 6.95
C ALA H 254 -5.20 49.90 5.82
N LYS H 255 -6.49 50.22 6.04
CA LYS H 255 -7.38 50.83 5.04
C LYS H 255 -6.88 52.23 4.62
N ALA H 256 -6.48 53.05 5.61
CA ALA H 256 -5.97 54.40 5.39
C ALA H 256 -4.74 54.43 4.49
N PHE H 257 -3.87 53.40 4.55
CA PHE H 257 -2.63 53.35 3.78
C PHE H 257 -2.60 52.26 2.71
N ASN H 258 -3.79 51.72 2.36
CA ASN H 258 -4.01 50.69 1.34
C ASN H 258 -3.01 49.49 1.51
N LEU H 259 -2.94 48.96 2.75
CA LEU H 259 -2.07 47.83 3.12
C LEU H 259 -2.83 46.51 3.18
N ASP H 260 -2.11 45.38 2.97
CA ASP H 260 -2.68 44.03 2.94
C ASP H 260 -2.50 43.25 4.27
N VAL H 261 -2.01 43.94 5.32
CA VAL H 261 -1.81 43.37 6.66
C VAL H 261 -2.53 44.26 7.67
N GLN H 262 -3.20 43.65 8.68
CA GLN H 262 -3.94 44.42 9.68
C GLN H 262 -3.60 44.02 11.12
N ARG H 263 -2.61 43.13 11.28
CA ARG H 263 -2.14 42.66 12.59
C ARG H 263 -0.63 42.84 12.69
N GLY H 264 -0.20 43.26 13.87
CA GLY H 264 1.20 43.51 14.19
C GLY H 264 1.41 44.79 14.94
N ALA H 265 2.62 45.38 14.82
CA ALA H 265 2.99 46.58 15.56
C ALA H 265 3.15 47.81 14.68
N PHE H 266 2.49 48.88 15.07
CA PHE H 266 2.61 50.16 14.42
C PHE H 266 3.64 50.98 15.21
N VAL H 267 4.79 51.30 14.62
CA VAL H 267 5.88 52.00 15.33
C VAL H 267 5.61 53.50 15.30
N SER H 268 5.58 54.10 16.48
CA SER H 268 5.36 55.53 16.60
C SER H 268 6.66 56.25 16.96
N GLU H 269 7.57 55.53 17.64
CA GLU H 269 8.81 56.11 18.12
C GLU H 269 9.92 55.08 18.20
N VAL H 270 11.10 55.45 17.69
CA VAL H 270 12.32 54.64 17.75
C VAL H 270 13.26 55.38 18.71
N LEU H 271 13.60 54.76 19.85
CA LEU H 271 14.44 55.40 20.85
C LEU H 271 15.88 55.54 20.35
N PRO H 272 16.49 56.73 20.48
CA PRO H 272 17.85 56.91 19.95
C PRO H 272 18.91 56.15 20.75
N GLY H 273 19.83 55.53 20.03
CA GLY H 273 20.91 54.72 20.57
C GLY H 273 20.54 53.25 20.75
N SER H 274 19.28 52.91 20.43
CA SER H 274 18.77 51.56 20.56
C SER H 274 19.18 50.74 19.34
N GLY H 275 19.09 49.42 19.48
CA GLY H 275 19.41 48.48 18.41
C GLY H 275 18.51 48.67 17.21
N SER H 276 17.30 49.23 17.44
CA SER H 276 16.30 49.51 16.40
C SER H 276 16.69 50.77 15.60
N ALA H 277 17.25 51.79 16.30
CA ALA H 277 17.75 53.01 15.63
C ALA H 277 18.91 52.60 14.71
N LYS H 278 19.94 51.93 15.31
CA LYS H 278 21.15 51.41 14.62
C LYS H 278 20.80 50.52 13.42
N ALA H 279 19.72 49.74 13.51
CA ALA H 279 19.30 48.83 12.45
C ALA H 279 18.59 49.56 11.31
N GLY H 280 18.12 50.78 11.61
CA GLY H 280 17.37 51.60 10.66
C GLY H 280 15.86 51.46 10.72
N VAL H 281 15.30 51.10 11.92
CA VAL H 281 13.84 51.02 12.11
C VAL H 281 13.36 52.46 12.22
N LYS H 282 12.28 52.80 11.51
CA LYS H 282 11.79 54.17 11.49
C LYS H 282 10.34 54.27 11.97
N ALA H 283 9.99 55.40 12.62
CA ALA H 283 8.62 55.66 13.04
C ALA H 283 7.68 55.61 11.81
N GLY H 284 6.52 54.95 11.97
CA GLY H 284 5.56 54.76 10.89
C GLY H 284 5.67 53.39 10.27
N ASP H 285 6.70 52.60 10.67
CA ASP H 285 6.89 51.23 10.17
C ASP H 285 5.87 50.30 10.79
N ILE H 286 5.55 49.22 10.08
CA ILE H 286 4.62 48.22 10.57
C ILE H 286 5.33 46.88 10.66
N ILE H 287 5.66 46.46 11.90
CA ILE H 287 6.33 45.19 12.15
C ILE H 287 5.29 44.09 11.98
N THR H 288 5.51 43.24 10.99
CA THR H 288 4.63 42.13 10.53
C THR H 288 5.14 40.74 11.02
N SER H 289 6.45 40.58 11.13
CA SER H 289 7.07 39.32 11.49
C SER H 289 8.20 39.48 12.46
N LEU H 290 8.48 38.38 13.15
CA LEU H 290 9.60 38.20 14.05
C LEU H 290 10.21 36.86 13.71
N ASN H 291 11.46 36.87 13.22
CA ASN H 291 12.22 35.70 12.80
C ASN H 291 11.41 34.84 11.81
N GLY H 292 10.80 35.51 10.84
CA GLY H 292 10.01 34.86 9.79
C GLY H 292 8.60 34.45 10.18
N LYS H 293 8.28 34.46 11.50
CA LYS H 293 6.96 34.05 12.00
C LYS H 293 6.05 35.27 12.12
N PRO H 294 4.87 35.26 11.43
CA PRO H 294 3.96 36.43 11.49
C PRO H 294 3.48 36.72 12.90
N LEU H 295 3.35 38.02 13.21
CA LEU H 295 2.87 38.51 14.50
C LEU H 295 1.39 38.77 14.46
N ASN H 296 0.64 38.27 15.45
CA ASN H 296 -0.81 38.53 15.47
C ASN H 296 -1.10 39.78 16.28
N SER H 297 -0.09 40.31 17.01
CA SER H 297 -0.24 41.53 17.80
C SER H 297 1.11 42.17 18.17
N PHE H 298 1.04 43.42 18.64
CA PHE H 298 2.16 44.15 19.21
C PHE H 298 2.52 43.52 20.58
N ALA H 299 1.49 43.08 21.32
CA ALA H 299 1.61 42.42 22.62
C ALA H 299 2.43 41.14 22.51
N GLU H 300 2.25 40.38 21.39
CA GLU H 300 2.99 39.15 21.07
C GLU H 300 4.46 39.51 20.86
N LEU H 301 4.71 40.58 20.06
CA LEU H 301 6.05 41.12 19.81
C LEU H 301 6.70 41.51 21.14
N ARG H 302 5.98 42.24 22.03
CA ARG H 302 6.44 42.69 23.34
C ARG H 302 6.96 41.52 24.18
N SER H 303 6.11 40.49 24.35
CA SER H 303 6.37 39.27 25.14
C SER H 303 7.51 38.45 24.55
N ARG H 304 7.56 38.36 23.23
CA ARG H 304 8.61 37.61 22.56
C ARG H 304 9.98 38.34 22.69
N ILE H 305 10.00 39.67 22.52
CA ILE H 305 11.23 40.41 22.63
C ILE H 305 11.74 40.40 24.08
N ALA H 306 10.87 40.65 25.06
CA ALA H 306 11.24 40.67 26.48
C ALA H 306 11.79 39.33 27.01
N THR H 307 11.36 38.21 26.41
CA THR H 307 11.75 36.83 26.77
C THR H 307 13.13 36.46 26.16
N THR H 308 13.52 37.17 25.11
CA THR H 308 14.78 36.96 24.41
C THR H 308 15.87 37.74 25.17
N GLU H 309 17.03 37.10 25.32
CA GLU H 309 18.20 37.64 26.02
C GLU H 309 18.81 38.90 25.32
N PRO H 310 19.16 39.98 26.07
CA PRO H 310 19.85 41.12 25.43
C PRO H 310 21.13 40.68 24.72
N GLY H 311 21.38 41.28 23.56
CA GLY H 311 22.53 40.94 22.72
C GLY H 311 22.17 40.03 21.56
N THR H 312 21.02 39.33 21.68
CA THR H 312 20.50 38.45 20.63
C THR H 312 20.04 39.29 19.43
N LYS H 313 20.30 38.77 18.23
CA LYS H 313 19.89 39.40 17.00
C LYS H 313 18.57 38.80 16.56
N VAL H 314 17.62 39.64 16.15
CA VAL H 314 16.31 39.21 15.70
C VAL H 314 16.06 39.78 14.33
N LYS H 315 15.26 39.07 13.51
CA LYS H 315 14.90 39.54 12.18
C LYS H 315 13.46 40.06 12.22
N LEU H 316 13.29 41.32 11.80
CA LEU H 316 12.04 42.03 11.82
C LEU H 316 11.42 42.17 10.43
N GLY H 317 10.26 41.54 10.24
CA GLY H 317 9.45 41.65 9.05
C GLY H 317 8.76 42.99 9.18
N LEU H 318 9.08 43.89 8.27
CA LEU H 318 8.68 45.29 8.34
C LEU H 318 7.93 45.73 7.09
N LEU H 319 7.27 46.89 7.16
CA LEU H 319 6.52 47.45 6.03
C LEU H 319 6.53 48.99 6.04
N ARG H 320 7.39 49.61 5.21
CA ARG H 320 7.43 51.06 5.15
C ARG H 320 7.03 51.56 3.77
N ASN H 321 6.07 52.49 3.78
CA ASN H 321 5.40 53.09 2.62
C ASN H 321 4.79 52.01 1.72
N GLY H 322 4.30 50.93 2.36
CA GLY H 322 3.69 49.78 1.71
C GLY H 322 4.68 48.78 1.11
N LYS H 323 5.99 49.00 1.34
CA LYS H 323 7.04 48.15 0.79
C LYS H 323 7.67 47.25 1.84
N PRO H 324 7.83 45.94 1.56
CA PRO H 324 8.42 45.02 2.55
C PRO H 324 9.92 45.19 2.72
N LEU H 325 10.41 45.00 3.96
CA LEU H 325 11.80 45.04 4.36
C LEU H 325 12.05 44.06 5.48
N GLU H 326 13.26 43.52 5.55
CA GLU H 326 13.70 42.66 6.64
C GLU H 326 14.85 43.38 7.32
N VAL H 327 14.77 43.55 8.64
CA VAL H 327 15.77 44.29 9.39
C VAL H 327 16.27 43.43 10.55
N GLU H 328 17.60 43.33 10.71
CA GLU H 328 18.22 42.57 11.78
C GLU H 328 18.53 43.55 12.93
N VAL H 329 17.97 43.30 14.11
CA VAL H 329 18.13 44.18 15.27
C VAL H 329 18.83 43.43 16.40
N THR H 330 19.80 44.09 17.04
CA THR H 330 20.47 43.54 18.22
C THR H 330 19.73 44.08 19.44
N LEU H 331 19.28 43.17 20.31
CA LEU H 331 18.50 43.55 21.48
C LEU H 331 19.33 44.20 22.56
N ASP H 332 18.76 45.26 23.16
CA ASP H 332 19.34 45.98 24.29
C ASP H 332 18.81 45.36 25.57
N THR H 333 19.17 45.92 26.73
CA THR H 333 18.69 45.46 28.03
C THR H 333 17.57 46.41 28.48
N SER H 334 16.59 45.88 29.23
CA SER H 334 15.45 46.63 29.78
C SER H 334 15.72 47.08 31.25
N PRO I 11 -16.16 5.98 6.66
CA PRO I 11 -14.76 6.41 6.47
C PRO I 11 -14.30 7.39 7.56
N LEU I 12 -15.20 8.31 8.01
CA LEU I 12 -14.85 9.24 9.08
C LEU I 12 -14.79 8.53 10.45
N PRO I 13 -13.76 8.79 11.30
CA PRO I 13 -13.78 8.18 12.65
C PRO I 13 -14.97 8.73 13.46
N SER I 14 -15.63 7.85 14.22
CA SER I 14 -16.84 8.16 14.97
C SER I 14 -17.09 7.16 16.09
N LEU I 15 -17.77 7.60 17.15
CA LEU I 15 -18.19 6.76 18.27
C LEU I 15 -19.60 6.17 18.02
N ALA I 16 -20.29 6.70 17.00
CA ALA I 16 -21.63 6.34 16.55
C ALA I 16 -21.82 4.83 16.27
N PRO I 17 -20.95 4.14 15.50
CA PRO I 17 -21.17 2.69 15.29
C PRO I 17 -21.26 1.87 16.59
N MET I 18 -20.39 2.15 17.60
CA MET I 18 -20.48 1.37 18.85
C MET I 18 -21.62 1.87 19.75
N LEU I 19 -21.91 3.22 19.77
CA LEU I 19 -22.96 3.80 20.59
C LEU I 19 -24.32 3.23 20.17
N GLU I 20 -24.56 3.14 18.84
CA GLU I 20 -25.77 2.61 18.23
C GLU I 20 -26.27 1.33 18.91
N LYS I 21 -25.35 0.38 19.14
CA LYS I 21 -25.56 -0.96 19.73
C LYS I 21 -25.79 -0.96 21.25
N VAL I 22 -25.16 -0.04 21.94
CA VAL I 22 -25.01 0.00 23.39
C VAL I 22 -25.95 1.00 24.12
N LEU I 23 -26.30 2.13 23.49
CA LEU I 23 -27.17 3.17 24.03
C LEU I 23 -28.53 2.62 24.56
N PRO I 24 -29.21 1.62 23.93
CA PRO I 24 -30.48 1.11 24.51
C PRO I 24 -30.35 0.50 25.92
N ALA I 25 -29.14 0.07 26.34
CA ALA I 25 -28.93 -0.51 27.67
C ALA I 25 -28.83 0.57 28.75
N VAL I 26 -28.82 1.86 28.36
CA VAL I 26 -28.69 2.96 29.32
C VAL I 26 -30.05 3.62 29.42
N VAL I 27 -30.56 3.65 30.65
CA VAL I 27 -31.93 4.11 30.95
C VAL I 27 -31.99 5.35 31.84
N SER I 28 -33.17 5.99 31.83
CA SER I 28 -33.51 7.13 32.68
C SER I 28 -34.24 6.59 33.90
N VAL I 29 -33.87 7.08 35.07
CA VAL I 29 -34.51 6.64 36.30
C VAL I 29 -35.28 7.85 36.89
N ARG I 30 -36.61 7.73 36.91
CA ARG I 30 -37.51 8.76 37.42
C ARG I 30 -38.04 8.28 38.76
N VAL I 31 -37.94 9.12 39.76
CA VAL I 31 -38.29 8.78 41.13
C VAL I 31 -39.32 9.79 41.71
N GLU I 32 -40.28 9.27 42.48
CA GLU I 32 -41.32 10.02 43.20
C GLU I 32 -41.32 9.58 44.66
N GLY I 33 -41.31 10.53 45.57
CA GLY I 33 -41.32 10.21 46.99
C GLY I 33 -41.85 11.31 47.89
N THR I 34 -41.28 11.40 49.12
CA THR I 34 -41.61 12.39 50.14
C THR I 34 -40.36 13.18 50.53
N GLN I 59 -43.24 16.41 52.23
CA GLN I 59 -43.67 17.05 50.99
C GLN I 59 -43.26 16.20 49.76
N PRO I 60 -44.18 15.98 48.76
CA PRO I 60 -43.81 15.18 47.58
C PRO I 60 -42.73 15.82 46.68
N PHE I 61 -41.90 14.97 46.06
CA PHE I 61 -40.80 15.38 45.18
C PHE I 61 -40.69 14.45 43.96
N GLU I 62 -40.02 14.96 42.91
CA GLU I 62 -39.72 14.25 41.67
C GLU I 62 -38.22 14.38 41.38
N GLY I 63 -37.52 13.26 41.41
CA GLY I 63 -36.09 13.17 41.15
C GLY I 63 -35.75 12.47 39.85
N LEU I 64 -34.58 12.84 39.24
CA LEU I 64 -34.12 12.24 37.97
C LEU I 64 -32.64 11.90 37.95
N GLY I 65 -32.38 10.68 37.54
CA GLY I 65 -31.04 10.14 37.38
C GLY I 65 -31.00 9.20 36.20
N SER I 66 -30.00 8.34 36.17
CA SER I 66 -29.80 7.36 35.10
C SER I 66 -29.60 5.98 35.68
N GLY I 67 -29.55 4.98 34.81
CA GLY I 67 -29.32 3.60 35.20
C GLY I 67 -28.75 2.78 34.06
N VAL I 68 -28.26 1.57 34.37
CA VAL I 68 -27.67 0.68 33.37
C VAL I 68 -28.29 -0.72 33.48
N ILE I 69 -28.83 -1.26 32.34
CA ILE I 69 -29.41 -2.61 32.30
C ILE I 69 -28.25 -3.59 32.31
N ILE I 70 -28.16 -4.32 33.39
CA ILE I 70 -27.11 -5.27 33.66
C ILE I 70 -27.58 -6.70 33.30
N ASN I 71 -28.91 -6.97 33.36
CA ASN I 71 -29.55 -8.25 33.00
C ASN I 71 -30.87 -7.98 32.29
N ALA I 72 -30.89 -8.14 30.96
CA ALA I 72 -32.04 -7.93 30.08
C ALA I 72 -33.24 -8.88 30.40
N SER I 73 -32.96 -10.18 30.68
CA SER I 73 -33.97 -11.21 30.97
C SER I 73 -34.74 -10.90 32.28
N LYS I 74 -34.01 -10.59 33.35
CA LYS I 74 -34.60 -10.33 34.66
C LYS I 74 -34.99 -8.85 34.86
N GLY I 75 -34.49 -7.98 33.98
CA GLY I 75 -34.75 -6.54 34.06
C GLY I 75 -33.99 -5.87 35.18
N TYR I 76 -32.74 -6.35 35.44
CA TYR I 76 -31.89 -5.80 36.51
C TYR I 76 -31.16 -4.52 36.06
N VAL I 77 -31.45 -3.41 36.76
CA VAL I 77 -30.86 -2.10 36.49
C VAL I 77 -29.98 -1.64 37.68
N LEU I 78 -28.70 -1.33 37.36
CA LEU I 78 -27.73 -0.74 38.29
C LEU I 78 -27.89 0.78 38.31
N THR I 79 -27.89 1.36 39.50
CA THR I 79 -27.99 2.80 39.71
C THR I 79 -27.31 3.19 41.02
N ASN I 80 -27.40 4.46 41.39
CA ASN I 80 -26.84 4.94 42.64
C ASN I 80 -27.90 4.89 43.72
N ASN I 81 -27.44 4.57 44.91
CA ASN I 81 -28.33 4.55 46.05
C ASN I 81 -28.95 5.96 46.26
N HIS I 82 -28.14 7.03 46.14
CA HIS I 82 -28.61 8.40 46.33
C HIS I 82 -29.69 8.84 45.31
N VAL I 83 -29.82 8.13 44.17
CA VAL I 83 -30.85 8.42 43.16
C VAL I 83 -32.20 7.92 43.67
N ILE I 84 -32.18 6.79 44.35
CA ILE I 84 -33.30 5.99 44.81
C ILE I 84 -33.65 6.15 46.31
N ASN I 85 -32.74 6.75 47.09
CA ASN I 85 -32.80 6.94 48.54
C ASN I 85 -34.20 7.15 49.17
N GLN I 86 -34.98 8.14 48.71
CA GLN I 86 -36.28 8.43 49.34
C GLN I 86 -37.49 8.05 48.45
N ALA I 87 -37.26 7.21 47.43
CA ALA I 87 -38.26 6.82 46.44
C ALA I 87 -39.39 5.95 46.99
N GLN I 88 -40.61 6.28 46.56
CA GLN I 88 -41.84 5.56 46.84
C GLN I 88 -42.34 4.92 45.55
N LYS I 89 -42.04 5.58 44.42
CA LYS I 89 -42.33 5.12 43.05
C LYS I 89 -41.08 5.33 42.20
N ILE I 90 -40.68 4.29 41.45
CA ILE I 90 -39.52 4.30 40.57
C ILE I 90 -39.96 3.85 39.19
N SER I 91 -39.67 4.68 38.18
CA SER I 91 -39.95 4.37 36.78
C SER I 91 -38.66 4.46 35.96
N ILE I 92 -38.56 3.59 34.93
CA ILE I 92 -37.43 3.54 34.01
C ILE I 92 -37.93 3.96 32.63
N GLN I 93 -37.15 4.75 31.89
CA GLN I 93 -37.50 5.11 30.53
C GLN I 93 -36.37 4.72 29.61
N LEU I 94 -36.69 3.98 28.53
CA LEU I 94 -35.72 3.54 27.53
C LEU I 94 -35.55 4.64 26.50
N ASN I 95 -34.45 4.61 25.71
CA ASN I 95 -34.19 5.65 24.71
C ASN I 95 -35.16 5.59 23.51
N ASP I 96 -36.01 4.55 23.43
CA ASP I 96 -37.03 4.39 22.38
C ASP I 96 -38.38 4.99 22.84
N GLY I 97 -38.45 5.37 24.11
CA GLY I 97 -39.66 5.96 24.70
C GLY I 97 -40.45 5.05 25.60
N ARG I 98 -40.13 3.76 25.65
CA ARG I 98 -40.84 2.80 26.51
C ARG I 98 -40.59 3.07 27.99
N GLU I 99 -41.67 3.07 28.77
CA GLU I 99 -41.67 3.31 30.22
C GLU I 99 -42.03 2.02 30.97
N PHE I 100 -41.37 1.78 32.09
CA PHE I 100 -41.56 0.60 32.94
C PHE I 100 -41.53 0.99 34.38
N ASP I 101 -42.21 0.21 35.21
CA ASP I 101 -42.13 0.40 36.65
C ASP I 101 -40.97 -0.40 37.18
N ALA I 102 -40.39 0.02 38.30
CA ALA I 102 -39.26 -0.67 38.88
C ALA I 102 -39.40 -0.78 40.38
N LYS I 103 -38.85 -1.85 40.94
CA LYS I 103 -38.83 -2.09 42.38
C LYS I 103 -37.39 -2.22 42.86
N LEU I 104 -37.11 -1.71 44.04
CA LEU I 104 -35.77 -1.79 44.62
C LEU I 104 -35.51 -3.21 45.10
N ILE I 105 -34.46 -3.84 44.55
CA ILE I 105 -34.06 -5.21 44.94
C ILE I 105 -33.21 -5.11 46.21
N GLY I 106 -32.29 -4.16 46.21
CA GLY I 106 -31.37 -3.92 47.31
C GLY I 106 -30.44 -2.77 47.02
N SER I 107 -29.75 -2.30 48.05
CA SER I 107 -28.84 -1.17 47.95
C SER I 107 -27.72 -1.25 48.98
N ASP I 108 -26.64 -0.50 48.74
CA ASP I 108 -25.52 -0.34 49.65
C ASP I 108 -25.24 1.14 49.82
N ASP I 109 -25.49 1.65 51.03
CA ASP I 109 -25.28 3.05 51.45
C ASP I 109 -23.79 3.44 51.38
N GLN I 110 -22.91 2.53 51.81
CA GLN I 110 -21.47 2.75 51.89
C GLN I 110 -20.79 2.94 50.53
N SER I 111 -21.14 2.10 49.54
CA SER I 111 -20.53 2.21 48.22
C SER I 111 -21.38 3.03 47.23
N ASP I 112 -22.67 3.30 47.56
CA ASP I 112 -23.67 4.07 46.78
C ASP I 112 -24.13 3.28 45.53
N ILE I 113 -24.37 1.99 45.69
CA ILE I 113 -24.88 1.18 44.61
C ILE I 113 -26.27 0.66 45.00
N ALA I 114 -27.20 0.77 44.05
CA ALA I 114 -28.55 0.26 44.21
C ALA I 114 -28.87 -0.63 43.03
N LEU I 115 -29.71 -1.65 43.23
CA LEU I 115 -30.12 -2.56 42.18
C LEU I 115 -31.66 -2.57 42.11
N LEU I 116 -32.17 -2.33 40.91
CA LEU I 116 -33.59 -2.28 40.63
C LEU I 116 -33.99 -3.41 39.71
N GLN I 117 -35.27 -3.78 39.77
CA GLN I 117 -35.82 -4.76 38.88
C GLN I 117 -37.02 -4.16 38.16
N ILE I 118 -36.96 -4.20 36.82
CA ILE I 118 -38.02 -3.70 35.96
C ILE I 118 -39.19 -4.67 36.09
N GLN I 119 -40.39 -4.11 36.30
CA GLN I 119 -41.62 -4.88 36.40
C GLN I 119 -42.10 -5.16 34.98
N ASN I 120 -42.25 -6.47 34.67
CA ASN I 120 -42.65 -7.02 33.36
C ASN I 120 -41.71 -6.50 32.24
N PRO I 121 -40.39 -6.88 32.33
CA PRO I 121 -39.43 -6.46 31.29
C PRO I 121 -39.73 -7.13 29.96
N SER I 122 -39.40 -6.47 28.85
CA SER I 122 -39.64 -6.97 27.48
C SER I 122 -38.70 -6.29 26.49
N LYS I 123 -38.08 -7.08 25.58
CA LYS I 123 -37.17 -6.65 24.49
C LYS I 123 -36.11 -5.60 24.98
N LEU I 124 -35.43 -5.97 26.06
CA LEU I 124 -34.40 -5.17 26.71
C LEU I 124 -33.00 -5.51 26.18
N THR I 125 -32.11 -4.51 26.20
CA THR I 125 -30.71 -4.63 25.82
C THR I 125 -29.90 -4.53 27.11
N GLN I 126 -28.90 -5.38 27.27
CA GLN I 126 -28.06 -5.34 28.45
C GLN I 126 -26.66 -4.92 28.08
N ILE I 127 -25.90 -4.48 29.07
CA ILE I 127 -24.56 -4.00 28.86
C ILE I 127 -23.55 -5.11 29.11
N ALA I 128 -22.45 -5.07 28.36
CA ALA I 128 -21.29 -5.93 28.57
C ALA I 128 -20.42 -5.24 29.63
N ILE I 129 -19.86 -6.00 30.58
CA ILE I 129 -19.05 -5.39 31.65
C ILE I 129 -17.57 -5.71 31.41
N ALA I 130 -16.72 -4.65 31.39
CA ALA I 130 -15.28 -4.76 31.23
C ALA I 130 -14.56 -4.89 32.58
N ASP I 131 -13.29 -5.37 32.55
CA ASP I 131 -12.46 -5.49 33.74
C ASP I 131 -11.85 -4.11 34.02
N SER I 132 -12.40 -3.41 35.04
CA SER I 132 -11.97 -2.06 35.43
C SER I 132 -10.53 -2.05 35.98
N ASP I 133 -10.03 -3.20 36.46
CA ASP I 133 -8.64 -3.31 36.93
C ASP I 133 -7.63 -3.26 35.78
N LYS I 134 -8.10 -3.42 34.53
CA LYS I 134 -7.23 -3.37 33.34
C LYS I 134 -7.20 -1.94 32.74
N LEU I 135 -7.90 -0.99 33.36
CA LEU I 135 -7.92 0.41 32.92
C LEU I 135 -6.61 1.12 33.21
N ARG I 136 -6.31 2.14 32.41
CA ARG I 136 -5.12 2.99 32.56
C ARG I 136 -5.47 4.44 32.28
N VAL I 137 -4.74 5.35 32.93
CA VAL I 137 -4.89 6.80 32.72
C VAL I 137 -4.53 7.07 31.27
N GLY I 138 -5.45 7.70 30.54
CA GLY I 138 -5.30 7.99 29.12
C GLY I 138 -6.30 7.24 28.26
N ASP I 139 -6.87 6.12 28.79
CA ASP I 139 -7.87 5.30 28.11
C ASP I 139 -9.11 6.17 27.86
N PHE I 140 -9.71 6.04 26.68
CA PHE I 140 -10.87 6.84 26.33
C PHE I 140 -12.13 6.30 27.00
N ALA I 141 -13.03 7.23 27.42
CA ALA I 141 -14.28 6.91 28.10
C ALA I 141 -15.43 7.72 27.57
N VAL I 142 -16.62 7.10 27.53
CA VAL I 142 -17.88 7.75 27.11
C VAL I 142 -18.88 7.64 28.24
N ALA I 143 -19.39 8.79 28.70
CA ALA I 143 -20.41 8.89 29.75
C ALA I 143 -21.77 9.00 29.10
N VAL I 144 -22.69 8.13 29.53
CA VAL I 144 -24.07 8.09 29.03
C VAL I 144 -24.98 8.20 30.22
N GLY I 145 -25.89 9.16 30.14
CA GLY I 145 -26.82 9.48 31.20
C GLY I 145 -27.87 10.47 30.76
N ASN I 146 -28.44 11.16 31.76
CA ASN I 146 -29.56 12.08 31.64
C ASN I 146 -29.34 13.42 32.34
N PRO I 147 -28.30 14.22 31.99
CA PRO I 147 -28.12 15.52 32.67
C PRO I 147 -29.30 16.44 32.46
N PHE I 148 -29.73 17.09 33.59
CA PHE I 148 -30.84 18.05 33.69
C PHE I 148 -32.16 17.50 33.14
N GLY I 149 -32.29 16.18 33.19
CA GLY I 149 -33.45 15.44 32.69
C GLY I 149 -33.76 15.76 31.25
N LEU I 150 -32.71 15.95 30.42
CA LEU I 150 -32.85 16.31 29.00
C LEU I 150 -33.21 15.14 28.13
N GLY I 151 -32.79 13.98 28.54
CA GLY I 151 -32.93 12.76 27.78
C GLY I 151 -31.52 12.22 27.65
N GLN I 152 -31.39 11.03 27.04
CA GLN I 152 -30.12 10.36 26.86
C GLN I 152 -29.12 11.29 26.18
N THR I 153 -27.96 11.44 26.84
CA THR I 153 -26.85 12.27 26.45
C THR I 153 -25.58 11.47 26.58
N ALA I 154 -24.75 11.50 25.55
CA ALA I 154 -23.43 10.88 25.51
C ALA I 154 -22.35 11.99 25.52
N THR I 155 -21.35 11.86 26.39
CA THR I 155 -20.24 12.80 26.45
C THR I 155 -18.96 11.98 26.44
N SER I 156 -17.89 12.51 25.89
CA SER I 156 -16.61 11.83 25.71
C SER I 156 -15.45 12.51 26.47
N GLY I 157 -14.51 11.69 26.91
CA GLY I 157 -13.33 12.13 27.63
C GLY I 157 -12.33 11.02 27.79
N ILE I 158 -11.43 11.17 28.76
CA ILE I 158 -10.41 10.17 29.06
C ILE I 158 -10.55 9.72 30.51
N VAL I 159 -9.89 8.59 30.83
CA VAL I 159 -9.75 8.15 32.21
C VAL I 159 -8.63 9.10 32.70
N SER I 160 -8.95 9.98 33.66
CA SER I 160 -8.07 11.00 34.23
C SER I 160 -7.19 10.50 35.38
N ALA I 161 -7.75 9.60 36.20
CA ALA I 161 -7.10 9.02 37.38
C ALA I 161 -7.85 7.74 37.78
N LEU I 162 -7.21 6.91 38.62
CA LEU I 162 -7.77 5.64 39.11
C LEU I 162 -7.51 5.46 40.58
N GLY I 163 -8.35 4.67 41.26
CA GLY I 163 -8.22 4.38 42.69
C GLY I 163 -8.33 5.61 43.57
N ARG I 164 -9.24 6.53 43.23
CA ARG I 164 -9.44 7.78 43.96
C ARG I 164 -10.27 7.59 45.22
N SER I 165 -9.66 7.94 46.38
CA SER I 165 -10.22 7.84 47.72
C SER I 165 -10.06 9.17 48.47
N GLY I 166 -10.59 9.22 49.71
CA GLY I 166 -10.49 10.36 50.61
C GLY I 166 -11.16 11.63 50.12
N LEU I 167 -12.25 11.48 49.37
CA LEU I 167 -12.98 12.62 48.84
C LEU I 167 -14.19 12.92 49.75
N ASN I 168 -14.43 12.04 50.75
CA ASN I 168 -15.53 12.12 51.72
C ASN I 168 -16.90 12.27 51.00
N LEU I 169 -17.06 11.49 49.93
CA LEU I 169 -18.27 11.45 49.12
C LEU I 169 -19.09 10.23 49.52
N GLU I 170 -18.36 9.10 49.64
CA GLU I 170 -18.87 7.79 49.99
C GLU I 170 -18.12 7.18 51.16
N GLY I 171 -18.72 6.16 51.78
CA GLY I 171 -18.08 5.38 52.83
C GLY I 171 -16.95 4.56 52.26
N LEU I 172 -17.19 3.95 51.08
CA LEU I 172 -16.22 3.15 50.33
C LEU I 172 -16.02 3.76 48.97
N GLU I 173 -14.76 4.18 48.71
CA GLU I 173 -14.37 4.84 47.49
C GLU I 173 -13.16 4.17 46.84
N ASN I 174 -13.24 3.95 45.54
CA ASN I 174 -12.17 3.45 44.70
C ASN I 174 -12.47 3.95 43.29
N PHE I 175 -12.82 5.24 43.20
CA PHE I 175 -13.28 5.93 42.03
C PHE I 175 -12.33 6.02 40.85
N ILE I 176 -12.93 5.92 39.66
CA ILE I 176 -12.34 6.23 38.37
C ILE I 176 -12.63 7.71 38.22
N GLN I 177 -11.63 8.50 37.81
CA GLN I 177 -11.85 9.92 37.58
C GLN I 177 -11.85 10.15 36.07
N THR I 178 -12.79 10.94 35.55
CA THR I 178 -12.90 11.18 34.11
C THR I 178 -13.19 12.62 33.81
N ASP I 179 -12.78 13.10 32.62
CA ASP I 179 -13.04 14.49 32.22
C ASP I 179 -14.24 14.55 31.24
N ALA I 180 -14.91 13.42 31.03
CA ALA I 180 -16.16 13.40 30.27
C ALA I 180 -17.19 14.23 31.07
N SER I 181 -17.93 15.14 30.42
CA SER I 181 -18.92 16.00 31.10
C SER I 181 -19.99 15.17 31.79
N ILE I 182 -20.00 15.27 33.12
CA ILE I 182 -20.94 14.59 34.02
C ILE I 182 -21.58 15.71 34.85
N ASN I 183 -22.91 15.75 34.84
CA ASN I 183 -23.71 16.78 35.51
C ASN I 183 -24.82 16.13 36.31
N ARG I 184 -25.61 16.92 37.05
CA ARG I 184 -26.77 16.41 37.81
C ARG I 184 -27.75 15.74 36.83
N GLY I 185 -28.09 14.49 37.15
CA GLY I 185 -28.94 13.63 36.31
C GLY I 185 -28.14 12.47 35.75
N ASN I 186 -26.81 12.65 35.60
CA ASN I 186 -25.88 11.64 35.09
C ASN I 186 -25.63 10.49 36.05
N SER I 187 -25.95 10.71 37.33
CA SER I 187 -25.79 9.79 38.46
C SER I 187 -26.57 8.48 38.25
N GLY I 188 -25.87 7.36 38.38
CA GLY I 188 -26.39 6.02 38.17
C GLY I 188 -26.08 5.53 36.77
N GLY I 189 -25.71 6.47 35.90
CA GLY I 189 -25.40 6.28 34.49
C GLY I 189 -24.17 5.45 34.16
N ALA I 190 -23.93 5.24 32.87
CA ALA I 190 -22.80 4.44 32.38
C ALA I 190 -21.57 5.24 32.00
N LEU I 191 -20.42 4.69 32.36
CA LEU I 191 -19.09 5.06 31.90
C LEU I 191 -18.63 3.88 31.08
N LEU I 192 -18.42 4.10 29.79
CA LEU I 192 -18.05 3.04 28.84
C LEU I 192 -16.69 3.22 28.22
N ASN I 193 -16.11 2.11 27.72
CA ASN I 193 -14.88 2.15 26.94
C ASN I 193 -15.25 2.28 25.47
N LEU I 194 -14.26 2.23 24.57
CA LEU I 194 -14.50 2.39 23.13
C LEU I 194 -15.22 1.19 22.48
N ASN I 195 -15.36 0.06 23.21
CA ASN I 195 -16.11 -1.13 22.77
C ASN I 195 -17.55 -1.07 23.29
N GLY I 196 -17.88 -0.03 24.06
CA GLY I 196 -19.21 0.13 24.63
C GLY I 196 -19.45 -0.77 25.83
N GLU I 197 -18.37 -1.22 26.48
CA GLU I 197 -18.43 -2.06 27.67
C GLU I 197 -18.36 -1.18 28.90
N LEU I 198 -19.13 -1.54 29.95
CA LEU I 198 -19.19 -0.79 31.21
C LEU I 198 -17.85 -0.82 31.94
N ILE I 199 -17.32 0.36 32.24
CA ILE I 199 -16.07 0.46 33.00
C ILE I 199 -16.38 1.10 34.35
N GLY I 200 -17.58 1.69 34.48
CA GLY I 200 -18.01 2.28 35.73
C GLY I 200 -19.38 2.91 35.73
N ILE I 201 -19.86 3.30 36.93
CA ILE I 201 -21.18 3.93 37.07
C ILE I 201 -20.92 5.32 37.62
N ASN I 202 -21.23 6.34 36.80
CA ASN I 202 -21.10 7.77 37.09
C ASN I 202 -21.83 8.05 38.36
N THR I 203 -21.13 8.61 39.36
CA THR I 203 -21.63 8.72 40.72
C THR I 203 -21.56 10.14 41.32
N ALA I 204 -20.44 10.83 41.16
CA ALA I 204 -20.25 12.14 41.79
C ALA I 204 -19.37 13.02 40.95
N ILE I 205 -19.34 14.32 41.27
CA ILE I 205 -18.48 15.30 40.58
C ILE I 205 -17.90 16.33 41.57
N LEU I 206 -16.78 16.97 41.19
CA LEU I 206 -16.18 18.11 41.89
C LEU I 206 -16.53 19.30 41.05
N ALA I 207 -17.33 20.21 41.58
CA ALA I 207 -17.83 21.34 40.81
C ALA I 207 -18.03 22.57 41.69
N PRO I 208 -17.21 23.64 41.54
CA PRO I 208 -17.41 24.84 42.35
C PRO I 208 -18.83 25.44 42.25
N GLY I 209 -19.39 25.45 41.06
CA GLY I 209 -20.72 26.02 40.86
C GLY I 209 -21.85 25.08 40.46
N GLY I 210 -21.81 23.84 40.92
CA GLY I 210 -22.85 22.85 40.62
C GLY I 210 -22.87 22.26 39.23
N GLY I 211 -21.97 22.73 38.35
CA GLY I 211 -21.83 22.21 37.00
C GLY I 211 -20.45 21.67 36.71
N SER I 212 -20.35 20.79 35.70
CA SER I 212 -19.09 20.14 35.25
C SER I 212 -17.96 21.11 34.88
N VAL I 213 -16.80 20.76 35.44
CA VAL I 213 -15.52 21.39 35.23
C VAL I 213 -14.53 20.29 34.76
N GLY I 214 -15.04 19.08 34.49
CA GLY I 214 -14.22 17.95 34.04
C GLY I 214 -13.57 17.09 35.10
N ILE I 215 -14.11 17.08 36.32
CA ILE I 215 -13.67 16.24 37.44
C ILE I 215 -14.87 15.39 37.88
N GLY I 216 -15.06 14.26 37.22
CA GLY I 216 -16.17 13.34 37.48
C GLY I 216 -15.68 12.01 38.04
N PHE I 217 -16.51 11.37 38.86
CA PHE I 217 -16.15 10.11 39.52
C PHE I 217 -17.17 9.03 39.25
N ALA I 218 -16.65 7.83 38.98
CA ALA I 218 -17.43 6.63 38.70
C ALA I 218 -17.00 5.50 39.61
N ILE I 219 -17.99 4.77 40.19
CA ILE I 219 -17.71 3.52 40.91
C ILE I 219 -17.17 2.51 39.85
N PRO I 220 -15.97 1.89 40.00
CA PRO I 220 -15.50 0.94 38.96
C PRO I 220 -16.41 -0.26 38.75
N SER I 221 -16.54 -0.72 37.49
CA SER I 221 -17.42 -1.82 37.06
C SER I 221 -17.21 -3.12 37.87
N ASN I 222 -15.96 -3.47 38.23
CA ASN I 222 -15.67 -4.67 39.03
C ASN I 222 -16.35 -4.59 40.40
N MET I 223 -16.26 -3.41 41.04
CA MET I 223 -16.89 -3.13 42.31
C MET I 223 -18.42 -3.15 42.16
N ALA I 224 -18.95 -2.48 41.14
CA ALA I 224 -20.37 -2.42 40.84
C ALA I 224 -20.95 -3.81 40.53
N ARG I 225 -20.24 -4.62 39.71
CA ARG I 225 -20.65 -5.98 39.32
C ARG I 225 -20.79 -6.90 40.55
N THR I 226 -19.73 -6.95 41.39
CA THR I 226 -19.65 -7.75 42.62
C THR I 226 -20.78 -7.38 43.59
N LEU I 227 -20.97 -6.08 43.84
CA LEU I 227 -22.01 -5.60 44.74
C LEU I 227 -23.40 -5.97 44.21
N ALA I 228 -23.61 -5.81 42.86
CA ALA I 228 -24.86 -6.19 42.18
C ALA I 228 -25.16 -7.69 42.38
N GLN I 229 -24.14 -8.58 42.24
CA GLN I 229 -24.31 -10.02 42.43
C GLN I 229 -24.78 -10.35 43.84
N GLN I 230 -24.19 -9.68 44.85
CA GLN I 230 -24.61 -9.88 46.22
C GLN I 230 -26.07 -9.47 46.38
N LEU I 231 -26.47 -8.35 45.77
CA LEU I 231 -27.83 -7.89 45.88
C LEU I 231 -28.84 -8.84 45.15
N ILE I 232 -28.43 -9.47 44.02
CA ILE I 232 -29.34 -10.39 43.31
C ILE I 232 -29.48 -11.70 44.12
N ASP I 233 -28.39 -12.24 44.68
CA ASP I 233 -28.41 -13.49 45.42
C ASP I 233 -28.98 -13.39 46.84
N PHE I 234 -28.73 -12.28 47.56
CA PHE I 234 -29.11 -12.18 48.97
C PHE I 234 -30.04 -10.99 49.31
N GLY I 235 -30.22 -10.04 48.38
CA GLY I 235 -31.06 -8.86 48.62
C GLY I 235 -30.38 -7.84 49.51
N GLU I 236 -29.14 -8.14 49.90
CA GLU I 236 -28.27 -7.34 50.75
C GLU I 236 -26.81 -7.68 50.43
N ILE I 237 -25.89 -6.79 50.76
CA ILE I 237 -24.48 -7.09 50.48
C ILE I 237 -23.86 -7.92 51.63
N LYS I 238 -22.70 -8.53 51.36
CA LYS I 238 -21.94 -9.29 52.35
C LYS I 238 -20.55 -8.65 52.45
N ARG I 239 -20.33 -7.94 53.57
CA ARG I 239 -19.12 -7.19 53.87
C ARG I 239 -17.98 -8.10 54.36
N GLY I 240 -16.91 -8.19 53.59
CA GLY I 240 -15.75 -8.98 53.96
C GLY I 240 -14.73 -8.18 54.75
N LEU I 241 -13.96 -8.87 55.63
CA LEU I 241 -12.89 -8.19 56.36
C LEU I 241 -11.66 -9.07 56.50
N LEU I 242 -10.48 -8.43 56.50
CA LEU I 242 -9.18 -9.06 56.70
C LEU I 242 -8.91 -9.37 58.17
N GLY I 243 -9.26 -8.43 59.05
CA GLY I 243 -9.01 -8.48 60.49
C GLY I 243 -7.71 -7.75 60.80
N ILE I 244 -7.53 -6.62 60.13
CA ILE I 244 -6.37 -5.76 60.14
C ILE I 244 -6.77 -4.35 60.63
N LYS I 245 -5.89 -3.72 61.40
CA LYS I 245 -6.01 -2.35 61.82
C LYS I 245 -4.74 -1.67 61.35
N GLY I 246 -4.90 -0.57 60.64
CA GLY I 246 -3.75 0.13 60.08
C GLY I 246 -3.97 1.55 59.62
N THR I 247 -2.87 2.15 59.17
CA THR I 247 -2.82 3.51 58.67
C THR I 247 -2.26 3.50 57.25
N GLU I 248 -2.25 4.68 56.63
CA GLU I 248 -1.70 4.87 55.32
C GLU I 248 -0.17 4.78 55.38
N MET I 249 0.40 4.08 54.40
CA MET I 249 1.81 4.01 54.19
C MET I 249 2.23 5.37 53.59
N SER I 250 3.34 5.94 54.08
CA SER I 250 3.82 7.23 53.62
C SER I 250 5.29 7.18 53.25
N ALA I 251 5.77 8.25 52.59
CA ALA I 251 7.17 8.46 52.21
C ALA I 251 8.05 8.56 53.47
N ASP I 252 7.44 9.01 54.57
CA ASP I 252 8.05 9.20 55.88
C ASP I 252 8.37 7.85 56.52
N ILE I 253 7.39 6.90 56.53
CA ILE I 253 7.62 5.54 57.02
C ILE I 253 8.71 4.90 56.15
N ALA I 254 8.58 5.02 54.81
CA ALA I 254 9.50 4.47 53.81
C ALA I 254 10.94 4.94 54.06
N LYS I 255 11.16 6.25 54.29
CA LYS I 255 12.50 6.82 54.54
C LYS I 255 13.10 6.27 55.85
N ALA I 256 12.28 6.21 56.91
CA ALA I 256 12.66 5.71 58.22
C ALA I 256 13.16 4.26 58.19
N PHE I 257 12.60 3.41 57.30
CA PHE I 257 12.95 1.98 57.20
C PHE I 257 13.63 1.60 55.91
N ASN I 258 14.16 2.58 55.16
CA ASN I 258 14.92 2.43 53.91
C ASN I 258 14.16 1.52 52.91
N LEU I 259 12.86 1.81 52.70
CA LEU I 259 12.00 1.05 51.80
C LEU I 259 11.84 1.74 50.46
N ASP I 260 11.57 0.97 49.38
CA ASP I 260 11.41 1.46 48.02
C ASP I 260 9.93 1.60 47.60
N VAL I 261 9.00 1.50 48.56
CA VAL I 261 7.56 1.67 48.34
C VAL I 261 7.05 2.71 49.35
N GLN I 262 6.15 3.61 48.93
CA GLN I 262 5.62 4.66 49.81
C GLN I 262 4.10 4.71 49.81
N ARG I 263 3.45 3.80 49.08
CA ARG I 263 1.98 3.72 49.03
C ARG I 263 1.51 2.32 49.41
N GLY I 264 0.45 2.25 50.19
CA GLY I 264 -0.14 1.00 50.66
C GLY I 264 -0.66 1.11 52.07
N ALA I 265 -0.74 -0.04 52.76
CA ALA I 265 -1.24 -0.12 54.14
C ALA I 265 -0.16 -0.50 55.13
N PHE I 266 -0.03 0.27 56.18
CA PHE I 266 0.87 0.00 57.28
C PHE I 266 0.05 -0.71 58.38
N VAL I 267 0.36 -1.99 58.67
CA VAL I 267 -0.40 -2.78 59.65
C VAL I 267 0.11 -2.48 61.06
N SER I 268 -0.80 -2.06 61.94
CA SER I 268 -0.48 -1.77 63.32
C SER I 268 -0.99 -2.88 64.24
N GLU I 269 -2.05 -3.57 63.82
CA GLU I 269 -2.69 -4.60 64.64
C GLU I 269 -3.37 -5.67 63.77
N VAL I 270 -3.15 -6.94 64.13
CA VAL I 270 -3.77 -8.10 63.49
C VAL I 270 -4.71 -8.70 64.54
N LEU I 271 -6.02 -8.68 64.25
CA LEU I 271 -7.02 -9.18 65.20
C LEU I 271 -6.92 -10.71 65.35
N PRO I 272 -6.89 -11.23 66.60
CA PRO I 272 -6.74 -12.69 66.78
C PRO I 272 -7.99 -13.44 66.35
N GLY I 273 -7.79 -14.56 65.67
CA GLY I 273 -8.88 -15.41 65.17
C GLY I 273 -9.33 -15.04 63.77
N SER I 274 -8.79 -13.95 63.22
CA SER I 274 -9.10 -13.46 61.89
C SER I 274 -8.33 -14.24 60.82
N GLY I 275 -8.74 -14.07 59.58
CA GLY I 275 -8.11 -14.72 58.44
C GLY I 275 -6.66 -14.31 58.34
N SER I 276 -6.38 -13.02 58.64
CA SER I 276 -5.05 -12.42 58.59
C SER I 276 -4.13 -13.01 59.67
N ALA I 277 -4.68 -13.29 60.87
CA ALA I 277 -3.96 -13.95 61.98
C ALA I 277 -3.55 -15.38 61.54
N LYS I 278 -4.54 -16.17 61.03
CA LYS I 278 -4.37 -17.54 60.54
C LYS I 278 -3.39 -17.63 59.36
N ALA I 279 -3.37 -16.61 58.49
CA ALA I 279 -2.48 -16.56 57.32
C ALA I 279 -1.06 -16.15 57.68
N GLY I 280 -0.88 -15.60 58.88
CA GLY I 280 0.42 -15.17 59.38
C GLY I 280 0.84 -13.74 59.10
N VAL I 281 -0.12 -12.80 58.85
CA VAL I 281 0.26 -11.39 58.61
C VAL I 281 0.43 -10.79 60.01
N LYS I 282 1.55 -10.06 60.20
CA LYS I 282 2.01 -9.52 61.48
C LYS I 282 2.03 -7.99 61.53
N ALA I 283 1.82 -7.40 62.73
CA ALA I 283 1.90 -5.95 62.93
C ALA I 283 3.29 -5.45 62.47
N GLY I 284 3.30 -4.31 61.77
CA GLY I 284 4.51 -3.72 61.19
C GLY I 284 4.66 -4.06 59.71
N ASP I 285 3.80 -4.97 59.18
CA ASP I 285 3.84 -5.34 57.77
C ASP I 285 3.29 -4.22 56.91
N ILE I 286 3.75 -4.16 55.65
CA ILE I 286 3.29 -3.15 54.71
C ILE I 286 2.63 -3.88 53.54
N ILE I 287 1.28 -3.82 53.49
CA ILE I 287 0.52 -4.43 52.38
C ILE I 287 0.68 -3.52 51.16
N THR I 288 1.31 -4.06 50.12
CA THR I 288 1.70 -3.39 48.87
C THR I 288 0.75 -3.76 47.70
N SER I 289 0.23 -4.99 47.71
CA SER I 289 -0.61 -5.51 46.64
C SER I 289 -1.78 -6.28 47.14
N LEU I 290 -2.80 -6.34 46.29
CA LEU I 290 -3.99 -7.15 46.46
C LEU I 290 -4.22 -7.89 45.15
N ASN I 291 -4.11 -9.23 45.19
CA ASN I 291 -4.25 -10.14 44.04
C ASN I 291 -3.33 -9.72 42.88
N GLY I 292 -2.08 -9.39 43.23
CA GLY I 292 -1.05 -8.98 42.29
C GLY I 292 -1.12 -7.55 41.79
N LYS I 293 -2.21 -6.83 42.12
CA LYS I 293 -2.38 -5.44 41.68
C LYS I 293 -1.88 -4.49 42.79
N PRO I 294 -0.93 -3.57 42.46
CA PRO I 294 -0.42 -2.64 43.49
C PRO I 294 -1.51 -1.73 44.06
N LEU I 295 -1.42 -1.47 45.37
CA LEU I 295 -2.34 -0.61 46.08
C LEU I 295 -1.80 0.81 46.15
N ASN I 296 -2.63 1.82 45.84
CA ASN I 296 -2.14 3.18 45.91
C ASN I 296 -2.44 3.77 47.30
N SER I 297 -3.24 3.05 48.12
CA SER I 297 -3.61 3.48 49.48
C SER I 297 -4.20 2.36 50.33
N PHE I 298 -4.30 2.62 51.64
CA PHE I 298 -4.97 1.76 52.60
C PHE I 298 -6.49 1.86 52.36
N ALA I 299 -6.97 3.07 52.00
CA ALA I 299 -8.37 3.36 51.67
C ALA I 299 -8.85 2.51 50.48
N GLU I 300 -7.98 2.28 49.49
CA GLU I 300 -8.24 1.42 48.33
C GLU I 300 -8.39 -0.02 48.82
N LEU I 301 -7.45 -0.47 49.68
CA LEU I 301 -7.45 -1.80 50.29
C LEU I 301 -8.75 -2.03 51.07
N ARG I 302 -9.13 -1.05 51.90
CA ARG I 302 -10.33 -1.07 52.71
C ARG I 302 -11.57 -1.23 51.83
N SER I 303 -11.70 -0.41 50.79
CA SER I 303 -12.85 -0.41 49.88
C SER I 303 -12.92 -1.68 49.01
N ARG I 304 -11.78 -2.28 48.63
CA ARG I 304 -11.70 -3.49 47.81
C ARG I 304 -12.05 -4.75 48.61
N ILE I 305 -11.64 -4.82 49.89
CA ILE I 305 -11.94 -5.98 50.75
C ILE I 305 -13.41 -5.96 51.18
N ALA I 306 -13.90 -4.80 51.66
CA ALA I 306 -15.28 -4.61 52.10
C ALA I 306 -16.29 -5.03 51.01
N THR I 307 -15.89 -4.82 49.74
CA THR I 307 -16.66 -5.12 48.54
C THR I 307 -16.59 -6.59 48.21
N THR I 308 -15.53 -7.30 48.65
CA THR I 308 -15.36 -8.73 48.39
C THR I 308 -16.15 -9.53 49.45
N GLU I 309 -16.82 -10.60 49.02
CA GLU I 309 -17.67 -11.47 49.80
C GLU I 309 -16.89 -12.26 50.88
N PRO I 310 -17.40 -12.37 52.14
CA PRO I 310 -16.72 -13.20 53.15
C PRO I 310 -16.58 -14.65 52.68
N GLY I 311 -15.42 -15.25 52.97
CA GLY I 311 -15.09 -16.60 52.56
C GLY I 311 -14.16 -16.63 51.36
N THR I 312 -14.11 -15.52 50.59
CA THR I 312 -13.23 -15.38 49.43
C THR I 312 -11.78 -15.34 49.89
N LYS I 313 -10.90 -15.99 49.11
CA LYS I 313 -9.46 -15.99 49.37
C LYS I 313 -8.81 -14.90 48.53
N VAL I 314 -7.95 -14.09 49.16
CA VAL I 314 -7.23 -12.99 48.51
C VAL I 314 -5.74 -13.16 48.73
N LYS I 315 -4.93 -12.68 47.78
CA LYS I 315 -3.48 -12.73 47.88
C LYS I 315 -2.96 -11.34 48.23
N LEU I 316 -2.19 -11.27 49.33
CA LEU I 316 -1.65 -10.05 49.88
C LEU I 316 -0.16 -9.88 49.61
N GLY I 317 0.18 -8.86 48.82
CA GLY I 317 1.54 -8.44 48.56
C GLY I 317 1.98 -7.69 49.80
N LEU I 318 2.94 -8.27 50.49
CA LEU I 318 3.39 -7.82 51.80
C LEU I 318 4.87 -7.46 51.81
N LEU I 319 5.32 -6.77 52.87
CA LEU I 319 6.73 -6.38 53.02
C LEU I 319 7.11 -6.33 54.51
N ARG I 320 7.82 -7.38 55.00
CA ARG I 320 8.26 -7.38 56.39
C ARG I 320 9.78 -7.39 56.46
N ASN I 321 10.31 -6.44 57.24
CA ASN I 321 11.73 -6.15 57.45
C ASN I 321 12.43 -5.87 56.10
N GLY I 322 11.66 -5.27 55.17
CA GLY I 322 12.12 -4.91 53.84
C GLY I 322 12.13 -6.04 52.85
N LYS I 323 11.62 -7.22 53.26
CA LYS I 323 11.61 -8.41 52.41
C LYS I 323 10.19 -8.74 51.91
N PRO I 324 10.05 -9.03 50.59
CA PRO I 324 8.72 -9.33 50.04
C PRO I 324 8.18 -10.70 50.42
N LEU I 325 6.85 -10.79 50.59
CA LEU I 325 6.08 -11.99 50.92
C LEU I 325 4.71 -11.92 50.27
N GLU I 326 4.15 -13.08 49.93
CA GLU I 326 2.79 -13.21 49.39
C GLU I 326 2.03 -14.07 50.38
N VAL I 327 0.87 -13.61 50.82
CA VAL I 327 0.09 -14.31 51.83
C VAL I 327 -1.35 -14.45 51.34
N GLU I 328 -1.91 -15.66 51.43
CA GLU I 328 -3.31 -15.94 51.03
C GLU I 328 -4.18 -15.85 52.29
N VAL I 329 -5.19 -14.98 52.26
CA VAL I 329 -6.07 -14.73 53.40
C VAL I 329 -7.51 -15.05 53.01
N THR I 330 -8.24 -15.74 53.91
CA THR I 330 -9.65 -16.04 53.74
C THR I 330 -10.41 -14.95 54.49
N LEU I 331 -11.32 -14.27 53.78
CA LEU I 331 -12.04 -13.15 54.36
C LEU I 331 -13.10 -13.58 55.34
N ASP I 332 -13.19 -12.85 56.43
CA ASP I 332 -14.18 -13.04 57.48
C ASP I 332 -15.39 -12.13 57.16
N THR I 333 -16.40 -12.11 58.04
CA THR I 333 -17.58 -11.26 57.89
C THR I 333 -17.41 -10.04 58.81
N SER I 334 -17.97 -8.89 58.41
CA SER I 334 -17.92 -7.64 59.17
C SER I 334 -19.21 -7.42 59.97
N PRO J 11 13.58 -5.21 -3.78
CA PRO J 11 13.22 -4.80 -2.41
C PRO J 11 14.39 -4.09 -1.71
N LEU J 12 15.65 -4.54 -1.93
CA LEU J 12 16.83 -3.83 -1.39
C LEU J 12 17.11 -2.58 -2.25
N PRO J 13 17.38 -1.40 -1.64
CA PRO J 13 17.73 -0.21 -2.46
C PRO J 13 19.01 -0.48 -3.26
N SER J 14 19.02 -0.08 -4.55
CA SER J 14 20.14 -0.33 -5.45
C SER J 14 20.13 0.60 -6.66
N LEU J 15 21.32 0.85 -7.25
CA LEU J 15 21.46 1.66 -8.47
C LEU J 15 21.47 0.75 -9.68
N ALA J 16 21.55 -0.58 -9.44
CA ALA J 16 21.62 -1.65 -10.45
C ALA J 16 20.44 -1.64 -11.45
N PRO J 17 19.15 -1.48 -11.04
CA PRO J 17 18.07 -1.41 -12.03
C PRO J 17 18.27 -0.28 -13.06
N MET J 18 18.75 0.96 -12.67
CA MET J 18 18.93 1.96 -13.74
C MET J 18 20.25 1.77 -14.47
N LEU J 19 21.29 1.30 -13.76
CA LEU J 19 22.59 1.14 -14.40
C LEU J 19 22.53 0.13 -15.49
N GLU J 20 21.74 -0.94 -15.29
CA GLU J 20 21.49 -2.02 -16.26
C GLU J 20 21.11 -1.46 -17.67
N LYS J 21 20.20 -0.47 -17.70
CA LYS J 21 19.68 0.16 -18.92
C LYS J 21 20.66 1.15 -19.56
N VAL J 22 21.43 1.82 -18.73
CA VAL J 22 22.28 2.97 -19.05
C VAL J 22 23.72 2.58 -19.39
N LEU J 23 24.35 1.67 -18.59
CA LEU J 23 25.76 1.27 -18.76
C LEU J 23 26.19 1.01 -20.25
N PRO J 24 25.38 0.35 -21.14
CA PRO J 24 25.84 0.13 -22.54
C PRO J 24 26.13 1.41 -23.34
N ALA J 25 25.64 2.59 -22.86
CA ALA J 25 25.90 3.88 -23.52
C ALA J 25 27.33 4.36 -23.26
N VAL J 26 27.93 3.95 -22.12
CA VAL J 26 29.30 4.36 -21.79
C VAL J 26 30.25 3.33 -22.36
N VAL J 27 31.23 3.86 -23.08
CA VAL J 27 32.22 3.11 -23.85
C VAL J 27 33.63 3.35 -23.34
N SER J 28 34.53 2.58 -23.89
CA SER J 28 35.94 2.66 -23.66
C SER J 28 36.56 3.22 -24.96
N VAL J 29 37.45 4.20 -24.86
CA VAL J 29 38.05 4.79 -26.05
C VAL J 29 39.53 4.45 -26.01
N ARG J 30 39.98 3.69 -27.01
CA ARG J 30 41.35 3.23 -27.16
C ARG J 30 41.98 4.04 -28.29
N VAL J 31 43.14 4.59 -28.01
CA VAL J 31 43.85 5.47 -28.93
C VAL J 31 45.29 4.98 -29.19
N GLU J 32 45.73 5.12 -30.45
CA GLU J 32 47.08 4.79 -30.93
C GLU J 32 47.61 5.97 -31.72
N GLY J 33 48.84 6.38 -31.45
CA GLY J 33 49.43 7.52 -32.15
C GLY J 33 50.93 7.56 -32.12
N THR J 34 51.49 8.80 -32.09
CA THR J 34 52.92 9.08 -32.04
C THR J 34 53.24 9.93 -30.80
N GLN J 59 57.66 8.52 -31.36
CA GLN J 59 57.56 7.18 -30.77
C GLN J 59 56.07 6.75 -30.62
N PRO J 60 55.69 5.51 -31.04
CA PRO J 60 54.28 5.09 -30.91
C PRO J 60 53.82 4.91 -29.45
N PHE J 61 52.52 5.20 -29.21
CA PHE J 61 51.90 5.10 -27.89
C PHE J 61 50.48 4.51 -27.96
N GLU J 62 49.99 4.02 -26.80
CA GLU J 62 48.65 3.50 -26.61
C GLU J 62 48.00 4.17 -25.40
N GLY J 63 46.94 4.93 -25.66
CA GLY J 63 46.18 5.64 -24.64
C GLY J 63 44.80 5.04 -24.40
N LEU J 64 44.28 5.21 -23.16
CA LEU J 64 42.97 4.68 -22.83
C LEU J 64 42.16 5.62 -21.98
N GLY J 65 40.91 5.79 -22.39
CA GLY J 65 39.93 6.62 -21.71
C GLY J 65 38.52 6.12 -21.91
N SER J 66 37.59 7.01 -21.68
CA SER J 66 36.19 6.70 -21.80
C SER J 66 35.49 7.70 -22.74
N GLY J 67 34.22 7.42 -23.01
CA GLY J 67 33.35 8.16 -23.92
C GLY J 67 31.90 7.83 -23.66
N VAL J 68 30.99 8.67 -24.18
CA VAL J 68 29.54 8.51 -24.00
C VAL J 68 28.82 8.59 -25.37
N ILE J 69 27.99 7.56 -25.69
CA ILE J 69 27.18 7.54 -26.94
C ILE J 69 26.04 8.52 -26.73
N ILE J 70 26.09 9.59 -27.53
CA ILE J 70 25.17 10.71 -27.45
C ILE J 70 24.04 10.53 -28.53
N ASN J 71 24.37 9.81 -29.64
CA ASN J 71 23.46 9.47 -30.73
C ASN J 71 23.82 8.07 -31.25
N ALA J 72 22.92 7.13 -30.97
CA ALA J 72 23.02 5.71 -31.33
C ALA J 72 22.97 5.46 -32.86
N SER J 73 22.06 6.15 -33.61
CA SER J 73 21.90 6.00 -35.06
C SER J 73 23.15 6.44 -35.84
N LYS J 74 23.71 7.63 -35.53
CA LYS J 74 24.86 8.17 -36.23
C LYS J 74 26.21 7.71 -35.60
N GLY J 75 26.19 7.16 -34.39
CA GLY J 75 27.40 6.72 -33.73
C GLY J 75 28.20 7.87 -33.11
N TYR J 76 27.49 8.90 -32.65
CA TYR J 76 28.11 10.07 -32.05
C TYR J 76 28.56 9.81 -30.60
N VAL J 77 29.89 9.84 -30.38
CA VAL J 77 30.50 9.63 -29.06
C VAL J 77 31.21 10.90 -28.56
N LEU J 78 30.78 11.37 -27.37
CA LEU J 78 31.37 12.49 -26.65
C LEU J 78 32.54 11.97 -25.83
N THR J 79 33.69 12.65 -25.92
CA THR J 79 34.88 12.32 -25.14
C THR J 79 35.62 13.62 -24.77
N ASN J 80 36.82 13.51 -24.16
CA ASN J 80 37.66 14.67 -23.86
C ASN J 80 38.65 14.83 -24.99
N ASN J 81 39.06 16.07 -25.26
CA ASN J 81 40.05 16.36 -26.29
C ASN J 81 41.40 15.73 -25.91
N HIS J 82 41.80 15.81 -24.61
CA HIS J 82 43.09 15.27 -24.14
C HIS J 82 43.20 13.73 -24.29
N VAL J 83 42.05 13.03 -24.43
CA VAL J 83 42.00 11.58 -24.65
C VAL J 83 42.44 11.27 -26.08
N ILE J 84 42.03 12.14 -27.01
CA ILE J 84 42.17 12.00 -28.45
C ILE J 84 43.28 12.84 -29.09
N ASN J 85 43.85 13.80 -28.35
CA ASN J 85 44.86 14.78 -28.76
C ASN J 85 45.87 14.33 -29.83
N GLN J 86 46.61 13.24 -29.62
CA GLN J 86 47.66 12.84 -30.58
C GLN J 86 47.30 11.55 -31.35
N ALA J 87 46.02 11.16 -31.33
CA ALA J 87 45.52 9.92 -31.94
C ALA J 87 45.63 9.88 -33.46
N GLN J 88 46.07 8.72 -33.97
CA GLN J 88 46.18 8.36 -35.39
C GLN J 88 45.16 7.29 -35.69
N LYS J 89 44.86 6.46 -34.68
CA LYS J 89 43.84 5.41 -34.71
C LYS J 89 43.01 5.50 -33.42
N ILE J 90 41.68 5.49 -33.57
CA ILE J 90 40.73 5.54 -32.46
C ILE J 90 39.77 4.37 -32.59
N SER J 91 39.65 3.57 -31.51
CA SER J 91 38.73 2.44 -31.42
C SER J 91 37.86 2.61 -30.19
N ILE J 92 36.60 2.16 -30.29
CA ILE J 92 35.63 2.20 -29.22
C ILE J 92 35.31 0.75 -28.82
N GLN J 93 35.19 0.49 -27.53
CA GLN J 93 34.79 -0.84 -27.06
C GLN J 93 33.56 -0.71 -26.19
N LEU J 94 32.54 -1.50 -26.49
CA LEU J 94 31.29 -1.52 -25.73
C LEU J 94 31.45 -2.46 -24.56
N ASN J 95 30.57 -2.34 -23.54
CA ASN J 95 30.65 -3.18 -22.34
C ASN J 95 30.28 -4.68 -22.65
N ASP J 96 29.76 -4.99 -23.86
CA ASP J 96 29.44 -6.35 -24.30
C ASP J 96 30.63 -7.02 -25.03
N GLY J 97 31.66 -6.23 -25.30
CA GLY J 97 32.87 -6.70 -25.96
C GLY J 97 33.04 -6.27 -27.39
N ARG J 98 31.99 -5.67 -27.99
CA ARG J 98 32.05 -5.23 -29.39
C ARG J 98 32.99 -4.06 -29.57
N GLU J 99 33.84 -4.17 -30.60
CA GLU J 99 34.83 -3.16 -30.98
C GLU J 99 34.45 -2.50 -32.29
N PHE J 100 34.66 -1.17 -32.38
CA PHE J 100 34.36 -0.35 -33.54
C PHE J 100 35.46 0.65 -33.81
N ASP J 101 35.62 1.05 -35.06
CA ASP J 101 36.56 2.10 -35.37
C ASP J 101 35.85 3.43 -35.25
N ALA J 102 36.61 4.49 -34.98
CA ALA J 102 36.02 5.81 -34.82
C ALA J 102 36.85 6.88 -35.48
N LYS J 103 36.19 7.92 -35.96
CA LYS J 103 36.82 9.06 -36.61
C LYS J 103 36.51 10.34 -35.83
N LEU J 104 37.51 11.21 -35.72
CA LEU J 104 37.33 12.48 -35.03
C LEU J 104 36.49 13.42 -35.87
N ILE J 105 35.33 13.84 -35.36
CA ILE J 105 34.44 14.77 -36.04
C ILE J 105 34.98 16.19 -35.83
N GLY J 106 35.34 16.49 -34.59
CA GLY J 106 35.88 17.78 -34.19
C GLY J 106 36.19 17.81 -32.72
N SER J 107 36.92 18.84 -32.31
CA SER J 107 37.33 19.03 -30.92
C SER J 107 37.50 20.49 -30.57
N ASP J 108 37.45 20.79 -29.27
CA ASP J 108 37.67 22.11 -28.71
C ASP J 108 38.71 22.01 -27.61
N ASP J 109 39.89 22.58 -27.85
CA ASP J 109 41.04 22.61 -26.94
C ASP J 109 40.71 23.36 -25.65
N GLN J 110 39.98 24.49 -25.77
CA GLN J 110 39.66 25.39 -24.66
C GLN J 110 38.73 24.76 -23.62
N SER J 111 37.69 24.04 -24.07
CA SER J 111 36.75 23.43 -23.13
C SER J 111 37.09 21.96 -22.84
N ASP J 112 37.94 21.31 -23.69
CA ASP J 112 38.41 19.90 -23.62
C ASP J 112 37.30 18.92 -24.02
N ILE J 113 36.56 19.25 -25.08
CA ILE J 113 35.51 18.39 -25.59
C ILE J 113 35.85 17.98 -27.00
N ALA J 114 35.66 16.69 -27.28
CA ALA J 114 35.89 16.10 -28.59
C ALA J 114 34.67 15.27 -28.95
N LEU J 115 34.39 15.20 -30.25
CA LEU J 115 33.28 14.40 -30.73
C LEU J 115 33.80 13.41 -31.75
N LEU J 116 33.42 12.15 -31.56
CA LEU J 116 33.81 11.05 -32.44
C LEU J 116 32.61 10.44 -33.11
N GLN J 117 32.84 9.79 -34.25
CA GLN J 117 31.80 9.05 -34.94
C GLN J 117 32.24 7.63 -35.16
N ILE J 118 31.43 6.68 -34.66
CA ILE J 118 31.66 5.24 -34.81
C ILE J 118 31.45 4.89 -36.27
N GLN J 119 32.42 4.18 -36.86
CA GLN J 119 32.36 3.68 -38.23
C GLN J 119 31.53 2.39 -38.23
N ASN J 120 30.47 2.39 -39.05
CA ASN J 120 29.47 1.32 -39.23
C ASN J 120 28.81 0.97 -37.87
N PRO J 121 28.11 1.95 -37.23
CA PRO J 121 27.46 1.66 -35.94
C PRO J 121 26.32 0.66 -36.09
N SER J 122 26.03 -0.11 -35.03
CA SER J 122 25.00 -1.13 -35.03
C SER J 122 24.55 -1.47 -33.59
N LYS J 123 23.23 -1.56 -33.35
CA LYS J 123 22.60 -1.90 -32.06
C LYS J 123 23.26 -1.17 -30.86
N LEU J 124 23.40 0.15 -30.99
CA LEU J 124 23.99 1.03 -30.01
C LEU J 124 22.92 1.60 -29.07
N THR J 125 23.34 1.91 -27.84
CA THR J 125 22.51 2.51 -26.80
C THR J 125 23.02 3.93 -26.61
N GLN J 126 22.10 4.90 -26.53
CA GLN J 126 22.50 6.27 -26.34
C GLN J 126 22.04 6.76 -24.98
N ILE J 127 22.68 7.81 -24.50
CA ILE J 127 22.40 8.37 -23.20
C ILE J 127 21.36 9.50 -23.31
N ALA J 128 20.54 9.63 -22.27
CA ALA J 128 19.60 10.74 -22.12
C ALA J 128 20.39 11.87 -21.43
N ILE J 129 20.23 13.12 -21.87
CA ILE J 129 20.97 14.24 -21.28
C ILE J 129 20.06 15.07 -20.37
N ALA J 130 20.49 15.28 -19.12
CA ALA J 130 19.76 16.08 -18.13
C ALA J 130 20.19 17.54 -18.18
N ASP J 131 19.38 18.42 -17.58
CA ASP J 131 19.66 19.83 -17.49
C ASP J 131 20.58 20.03 -16.28
N SER J 132 21.88 20.27 -16.57
CA SER J 132 22.91 20.45 -15.55
C SER J 132 22.69 21.75 -14.75
N ASP J 133 21.92 22.71 -15.29
CA ASP J 133 21.59 23.95 -14.57
C ASP J 133 20.58 23.69 -13.43
N LYS J 134 19.95 22.52 -13.42
CA LYS J 134 18.97 22.16 -12.39
C LYS J 134 19.65 21.36 -11.24
N LEU J 135 20.99 21.17 -11.33
CA LEU J 135 21.77 20.45 -10.32
C LEU J 135 21.96 21.26 -9.07
N ARG J 136 22.11 20.59 -7.95
CA ARG J 136 22.37 21.19 -6.66
C ARG J 136 23.37 20.36 -5.87
N VAL J 137 24.14 21.04 -5.01
CA VAL J 137 25.11 20.42 -4.12
C VAL J 137 24.30 19.49 -3.18
N GLY J 138 24.63 18.19 -3.22
CA GLY J 138 23.96 17.16 -2.43
C GLY J 138 23.28 16.13 -3.30
N ASP J 139 23.06 16.46 -4.59
CA ASP J 139 22.45 15.52 -5.53
C ASP J 139 23.39 14.34 -5.74
N PHE J 140 22.82 13.14 -5.87
CA PHE J 140 23.63 11.94 -6.04
C PHE J 140 24.11 11.81 -7.47
N ALA J 141 25.33 11.31 -7.63
CA ALA J 141 25.95 11.13 -8.94
C ALA J 141 26.66 9.79 -9.04
N VAL J 142 26.67 9.21 -10.26
CA VAL J 142 27.35 7.97 -10.55
C VAL J 142 28.30 8.21 -11.71
N ALA J 143 29.61 7.94 -11.49
CA ALA J 143 30.67 8.06 -12.48
C ALA J 143 30.87 6.72 -13.15
N VAL J 144 30.87 6.70 -14.48
CA VAL J 144 31.07 5.51 -15.27
C VAL J 144 32.24 5.80 -16.21
N GLY J 145 33.20 4.88 -16.24
CA GLY J 145 34.39 5.03 -17.01
C GLY J 145 35.28 3.82 -16.93
N ASN J 146 36.55 4.01 -17.37
CA ASN J 146 37.59 2.97 -17.51
C ASN J 146 38.84 3.28 -16.71
N PRO J 147 38.78 3.35 -15.36
CA PRO J 147 40.02 3.67 -14.62
C PRO J 147 41.04 2.57 -14.74
N PHE J 148 42.31 2.98 -15.01
CA PHE J 148 43.51 2.12 -15.12
C PHE J 148 43.32 0.99 -16.19
N GLY J 149 42.42 1.23 -17.16
CA GLY J 149 42.09 0.32 -18.24
C GLY J 149 41.55 -1.01 -17.75
N LEU J 150 40.81 -0.99 -16.63
CA LEU J 150 40.29 -2.23 -16.04
C LEU J 150 39.09 -2.81 -16.78
N GLY J 151 38.37 -1.92 -17.45
CA GLY J 151 37.10 -2.21 -18.08
C GLY J 151 36.08 -1.33 -17.41
N GLN J 152 34.82 -1.39 -17.85
CA GLN J 152 33.79 -0.53 -17.31
C GLN J 152 33.62 -0.63 -15.78
N THR J 153 33.68 0.54 -15.14
CA THR J 153 33.59 0.71 -13.70
C THR J 153 32.59 1.80 -13.37
N ALA J 154 31.75 1.57 -12.39
CA ALA J 154 30.79 2.54 -11.87
C ALA J 154 31.16 2.92 -10.42
N THR J 155 31.20 4.22 -10.12
CA THR J 155 31.50 4.67 -8.76
C THR J 155 30.45 5.67 -8.39
N SER J 156 30.10 5.76 -7.12
CA SER J 156 29.02 6.60 -6.63
C SER J 156 29.50 7.69 -5.64
N GLY J 157 28.82 8.83 -5.66
CA GLY J 157 29.11 9.96 -4.80
C GLY J 157 28.02 11.01 -4.88
N ILE J 158 28.34 12.23 -4.48
CA ILE J 158 27.41 13.38 -4.52
C ILE J 158 28.00 14.49 -5.37
N VAL J 159 27.15 15.51 -5.67
CA VAL J 159 27.59 16.75 -6.31
C VAL J 159 28.13 17.56 -5.13
N SER J 160 29.46 17.76 -5.13
CA SER J 160 30.21 18.44 -4.07
C SER J 160 30.21 19.98 -4.21
N ALA J 161 30.22 20.46 -5.45
CA ALA J 161 30.25 21.86 -5.84
C ALA J 161 29.86 22.03 -7.31
N LEU J 162 29.50 23.26 -7.69
CA LEU J 162 29.09 23.61 -9.04
C LEU J 162 29.74 24.91 -9.46
N GLY J 163 29.88 25.11 -10.78
CA GLY J 163 30.45 26.32 -11.33
C GLY J 163 31.88 26.60 -10.92
N ARG J 164 32.71 25.54 -10.85
CA ARG J 164 34.10 25.59 -10.43
C ARG J 164 34.99 26.04 -11.57
N SER J 165 35.72 27.16 -11.31
CA SER J 165 36.63 27.82 -12.25
C SER J 165 37.96 28.12 -11.55
N GLY J 166 38.93 28.70 -12.29
CA GLY J 166 40.23 29.09 -11.78
C GLY J 166 41.09 27.95 -11.27
N LEU J 167 40.94 26.77 -11.88
CA LEU J 167 41.73 25.60 -11.49
C LEU J 167 42.93 25.44 -12.43
N ASN J 168 43.00 26.30 -13.48
CA ASN J 168 44.06 26.31 -14.50
C ASN J 168 44.25 24.93 -15.12
N LEU J 169 43.12 24.26 -15.39
CA LEU J 169 43.08 22.94 -16.01
C LEU J 169 42.76 23.12 -17.49
N GLU J 170 41.75 23.95 -17.74
CA GLU J 170 41.20 24.25 -19.05
C GLU J 170 41.14 25.75 -19.29
N GLY J 171 41.00 26.13 -20.56
CA GLY J 171 40.81 27.51 -20.96
C GLY J 171 39.45 28.00 -20.50
N LEU J 172 38.42 27.14 -20.65
CA LEU J 172 37.02 27.39 -20.26
C LEU J 172 36.59 26.33 -19.27
N GLU J 173 36.25 26.79 -18.04
CA GLU J 173 35.87 25.94 -16.93
C GLU J 173 34.58 26.40 -16.29
N ASN J 174 33.70 25.45 -16.04
CA ASN J 174 32.43 25.61 -15.32
C ASN J 174 32.07 24.25 -14.75
N PHE J 175 33.09 23.64 -14.15
CA PHE J 175 33.08 22.29 -13.64
C PHE J 175 32.09 21.96 -12.54
N ILE J 176 31.56 20.73 -12.66
CA ILE J 176 30.81 20.04 -11.62
C ILE J 176 31.88 19.35 -10.79
N GLN J 177 31.82 19.49 -9.43
CA GLN J 177 32.78 18.81 -8.56
C GLN J 177 32.05 17.63 -7.87
N THR J 178 32.68 16.44 -7.85
CA THR J 178 32.05 15.27 -7.26
C THR J 178 33.05 14.48 -6.42
N ASP J 179 32.55 13.72 -5.44
CA ASP J 179 33.38 12.86 -4.60
C ASP J 179 33.31 11.40 -5.07
N ALA J 180 32.64 11.14 -6.22
CA ALA J 180 32.63 9.81 -6.85
C ALA J 180 34.06 9.51 -7.30
N SER J 181 34.60 8.33 -6.98
CA SER J 181 35.99 7.98 -7.33
C SER J 181 36.22 8.06 -8.83
N ILE J 182 37.06 9.00 -9.22
CA ILE J 182 37.46 9.28 -10.58
C ILE J 182 38.98 9.20 -10.60
N ASN J 183 39.51 8.34 -11.48
CA ASN J 183 40.93 8.07 -11.58
C ASN J 183 41.35 8.16 -13.02
N ARG J 184 42.67 8.02 -13.29
CA ARG J 184 43.21 8.03 -14.66
C ARG J 184 42.54 6.92 -15.46
N GLY J 185 41.95 7.29 -16.59
CA GLY J 185 41.23 6.36 -17.46
C GLY J 185 39.73 6.62 -17.47
N ASN J 186 39.23 7.41 -16.49
CA ASN J 186 37.83 7.83 -16.39
C ASN J 186 37.46 8.95 -17.36
N SER J 187 38.45 9.76 -17.80
CA SER J 187 38.32 10.93 -18.70
C SER J 187 37.49 10.64 -19.93
N GLY J 188 36.55 11.53 -20.18
CA GLY J 188 35.61 11.41 -21.29
C GLY J 188 34.37 10.62 -20.91
N GLY J 189 34.44 9.98 -19.74
CA GLY J 189 33.37 9.14 -19.20
C GLY J 189 32.21 9.96 -18.70
N ALA J 190 31.13 9.24 -18.35
CA ALA J 190 29.88 9.79 -17.89
C ALA J 190 29.77 9.98 -16.40
N LEU J 191 29.21 11.13 -16.02
CA LEU J 191 28.73 11.44 -14.69
C LEU J 191 27.21 11.48 -14.87
N LEU J 192 26.45 10.65 -14.12
CA LEU J 192 25.00 10.46 -14.24
C LEU J 192 24.25 10.75 -12.99
N ASN J 193 22.95 11.05 -13.13
CA ASN J 193 22.07 11.23 -11.96
C ASN J 193 21.42 9.88 -11.64
N LEU J 194 20.49 9.84 -10.67
CA LEU J 194 19.82 8.59 -10.26
C LEU J 194 18.83 8.06 -11.33
N ASN J 195 18.53 8.83 -12.39
CA ASN J 195 17.69 8.40 -13.52
C ASN J 195 18.56 7.88 -14.66
N GLY J 196 19.88 7.92 -14.48
CA GLY J 196 20.83 7.46 -15.48
C GLY J 196 21.00 8.43 -16.63
N GLU J 197 20.66 9.71 -16.38
CA GLU J 197 20.79 10.79 -17.35
C GLU J 197 22.13 11.48 -17.17
N LEU J 198 22.76 11.87 -18.29
CA LEU J 198 24.05 12.55 -18.30
C LEU J 198 23.97 13.93 -17.64
N ILE J 199 24.79 14.15 -16.62
CA ILE J 199 24.88 15.44 -15.95
C ILE J 199 26.25 16.06 -16.21
N GLY J 200 27.21 15.27 -16.70
CA GLY J 200 28.56 15.75 -17.00
C GLY J 200 29.53 14.78 -17.67
N ILE J 201 30.67 15.32 -18.20
CA ILE J 201 31.74 14.53 -18.81
C ILE J 201 32.92 14.59 -17.87
N ASN J 202 33.23 13.48 -17.17
CA ASN J 202 34.37 13.44 -16.24
C ASN J 202 35.64 13.81 -17.00
N THR J 203 36.39 14.82 -16.49
CA THR J 203 37.51 15.44 -17.19
C THR J 203 38.83 15.53 -16.43
N ALA J 204 38.79 15.90 -15.14
CA ALA J 204 40.01 16.09 -14.37
C ALA J 204 39.81 15.77 -12.90
N ILE J 205 40.90 15.67 -12.16
CA ILE J 205 40.87 15.44 -10.72
C ILE J 205 41.97 16.24 -10.00
N LEU J 206 41.76 16.49 -8.69
CA LEU J 206 42.74 17.06 -7.79
C LEU J 206 43.23 15.92 -6.97
N ALA J 207 44.49 15.53 -7.16
CA ALA J 207 45.07 14.36 -6.49
C ALA J 207 46.55 14.57 -6.16
N PRO J 208 46.90 14.74 -4.86
CA PRO J 208 48.32 14.91 -4.50
C PRO J 208 49.22 13.76 -4.99
N GLY J 209 48.75 12.50 -4.93
CA GLY J 209 49.53 11.36 -5.36
C GLY J 209 49.05 10.58 -6.57
N GLY J 210 48.46 11.28 -7.55
CA GLY J 210 47.95 10.68 -8.78
C GLY J 210 46.72 9.77 -8.70
N GLY J 211 46.19 9.58 -7.49
CA GLY J 211 44.99 8.79 -7.24
C GLY J 211 43.89 9.59 -6.58
N SER J 212 42.64 9.16 -6.79
CA SER J 212 41.44 9.82 -6.27
C SER J 212 41.46 9.99 -4.75
N VAL J 213 41.09 11.23 -4.33
CA VAL J 213 40.98 11.70 -2.96
C VAL J 213 39.58 12.26 -2.76
N GLY J 214 38.72 12.04 -3.77
CA GLY J 214 37.35 12.53 -3.76
C GLY J 214 37.11 13.95 -4.26
N ILE J 215 38.05 14.51 -5.04
CA ILE J 215 37.93 15.86 -5.65
C ILE J 215 38.07 15.65 -7.16
N GLY J 216 36.94 15.52 -7.84
CA GLY J 216 36.86 15.26 -9.28
C GLY J 216 36.03 16.29 -10.01
N PHE J 217 36.32 16.48 -11.29
CA PHE J 217 35.66 17.52 -12.07
C PHE J 217 35.08 17.00 -13.35
N ALA J 218 33.82 17.41 -13.60
CA ALA J 218 33.10 17.04 -14.83
C ALA J 218 32.62 18.31 -15.58
N ILE J 219 32.81 18.32 -16.92
CA ILE J 219 32.27 19.37 -17.78
C ILE J 219 30.75 19.20 -17.71
N PRO J 220 29.95 20.21 -17.32
CA PRO J 220 28.48 20.01 -17.24
C PRO J 220 27.84 19.62 -18.59
N SER J 221 26.81 18.78 -18.53
CA SER J 221 26.10 18.23 -19.69
C SER J 221 25.58 19.31 -20.66
N ASN J 222 25.08 20.44 -20.13
CA ASN J 222 24.57 21.54 -20.97
C ASN J 222 25.68 22.12 -21.83
N MET J 223 26.87 22.31 -21.25
CA MET J 223 28.06 22.79 -21.94
C MET J 223 28.52 21.76 -22.96
N ALA J 224 28.59 20.47 -22.55
CA ALA J 224 29.00 19.37 -23.42
C ALA J 224 28.03 19.19 -24.61
N ARG J 225 26.69 19.25 -24.36
CA ARG J 225 25.63 19.11 -25.37
C ARG J 225 25.73 20.21 -26.44
N THR J 226 25.80 21.49 -26.00
CA THR J 226 25.91 22.67 -26.87
C THR J 226 27.12 22.56 -27.79
N LEU J 227 28.30 22.23 -27.24
CA LEU J 227 29.53 22.08 -28.02
C LEU J 227 29.47 20.87 -28.96
N ALA J 228 28.60 19.86 -28.65
CA ALA J 228 28.47 18.68 -29.51
C ALA J 228 27.80 19.08 -30.82
N GLN J 229 26.61 19.76 -30.74
CA GLN J 229 25.89 20.22 -31.93
C GLN J 229 26.81 20.99 -32.89
N GLN J 230 27.55 21.99 -32.37
CA GLN J 230 28.48 22.83 -33.13
C GLN J 230 29.54 22.02 -33.88
N LEU J 231 30.07 20.96 -33.26
CA LEU J 231 31.08 20.12 -33.90
C LEU J 231 30.46 19.22 -35.00
N ILE J 232 29.25 18.69 -34.80
CA ILE J 232 28.65 17.85 -35.85
C ILE J 232 28.30 18.78 -37.05
N ASP J 233 27.81 20.01 -36.75
CA ASP J 233 27.40 21.04 -37.71
C ASP J 233 28.52 21.62 -38.52
N PHE J 234 29.54 22.15 -37.86
CA PHE J 234 30.59 22.89 -38.54
C PHE J 234 31.96 22.23 -38.50
N GLY J 235 32.11 21.15 -37.73
CA GLY J 235 33.39 20.48 -37.58
C GLY J 235 34.35 21.24 -36.69
N GLU J 236 33.89 22.37 -36.14
CA GLU J 236 34.58 23.30 -35.26
C GLU J 236 33.55 24.06 -34.43
N ILE J 237 33.96 24.61 -33.29
CA ILE J 237 33.02 25.37 -32.45
C ILE J 237 32.99 26.85 -32.90
N LYS J 238 31.90 27.53 -32.58
CA LYS J 238 31.67 28.93 -32.88
C LYS J 238 31.62 29.69 -31.56
N ARG J 239 32.69 30.45 -31.31
CA ARG J 239 32.91 31.18 -30.06
C ARG J 239 32.12 32.49 -30.03
N GLY J 240 31.19 32.57 -29.09
CA GLY J 240 30.39 33.79 -28.92
C GLY J 240 31.04 34.77 -27.97
N LEU J 241 30.77 36.08 -28.15
CA LEU J 241 31.27 37.10 -27.23
C LEU J 241 30.25 38.18 -26.98
N LEU J 242 30.24 38.71 -25.74
CA LEU J 242 29.38 39.81 -25.32
C LEU J 242 29.92 41.17 -25.82
N GLY J 243 31.24 41.36 -25.73
CA GLY J 243 31.93 42.60 -26.04
C GLY J 243 32.09 43.40 -24.77
N ILE J 244 32.41 42.68 -23.68
CA ILE J 244 32.58 43.17 -22.33
C ILE J 244 34.00 42.88 -21.84
N LYS J 245 34.55 43.79 -21.05
CA LYS J 245 35.83 43.64 -20.37
C LYS J 245 35.54 43.86 -18.93
N GLY J 246 35.93 42.91 -18.11
CA GLY J 246 35.67 43.00 -16.69
C GLY J 246 36.54 42.15 -15.79
N THR J 247 36.29 42.32 -14.51
CA THR J 247 36.97 41.65 -13.41
C THR J 247 35.91 40.92 -12.58
N GLU J 248 36.38 40.17 -11.60
CA GLU J 248 35.52 39.49 -10.67
C GLU J 248 34.92 40.47 -9.69
N MET J 249 33.64 40.26 -9.37
CA MET J 249 32.95 41.04 -8.35
C MET J 249 33.54 40.59 -7.01
N SER J 250 33.59 41.48 -6.02
CA SER J 250 34.14 41.08 -4.72
C SER J 250 33.36 41.67 -3.59
N ALA J 251 33.54 41.05 -2.40
CA ALA J 251 32.98 41.49 -1.13
C ALA J 251 33.33 42.98 -0.94
N ASP J 252 34.53 43.36 -1.37
CA ASP J 252 35.12 44.70 -1.31
C ASP J 252 34.38 45.69 -2.24
N ILE J 253 34.17 45.36 -3.55
CA ILE J 253 33.37 46.21 -4.42
C ILE J 253 31.97 46.31 -3.83
N ALA J 254 31.45 45.18 -3.27
CA ALA J 254 30.11 45.14 -2.69
C ALA J 254 29.97 46.08 -1.47
N LYS J 255 30.84 46.00 -0.44
CA LYS J 255 30.79 46.86 0.76
C LYS J 255 30.88 48.35 0.41
N ALA J 256 31.64 48.65 -0.67
CA ALA J 256 31.89 49.98 -1.18
C ALA J 256 30.64 50.66 -1.73
N PHE J 257 29.69 49.89 -2.30
CA PHE J 257 28.48 50.46 -2.91
C PHE J 257 27.16 49.96 -2.28
N ASN J 258 27.23 49.51 -1.02
CA ASN J 258 26.12 48.97 -0.19
C ASN J 258 25.22 47.99 -0.99
N LEU J 259 25.85 47.02 -1.70
CA LEU J 259 25.20 46.00 -2.51
C LEU J 259 25.09 44.69 -1.75
N ASP J 260 24.04 43.89 -2.06
CA ASP J 260 23.77 42.60 -1.38
C ASP J 260 24.27 41.38 -2.17
N VAL J 261 24.96 41.62 -3.30
CA VAL J 261 25.56 40.58 -4.13
C VAL J 261 27.10 40.80 -4.14
N GLN J 262 27.89 39.71 -4.01
CA GLN J 262 29.37 39.82 -3.97
C GLN J 262 30.05 38.86 -4.99
N ARG J 263 29.24 38.35 -5.94
CA ARG J 263 29.66 37.41 -6.98
C ARG J 263 28.97 37.75 -8.28
N GLY J 264 29.75 37.69 -9.35
CA GLY J 264 29.32 37.99 -10.70
C GLY J 264 30.44 38.71 -11.43
N ALA J 265 30.10 39.51 -12.46
CA ALA J 265 31.04 40.23 -13.29
C ALA J 265 30.96 41.76 -13.14
N PHE J 266 32.11 42.37 -12.80
CA PHE J 266 32.20 43.81 -12.69
C PHE J 266 32.66 44.32 -14.05
N VAL J 267 31.82 45.08 -14.76
CA VAL J 267 32.13 45.58 -16.10
C VAL J 267 32.96 46.83 -16.01
N SER J 268 34.13 46.79 -16.65
CA SER J 268 35.04 47.94 -16.68
C SER J 268 35.00 48.63 -18.03
N GLU J 269 34.67 47.88 -19.10
CA GLU J 269 34.67 48.40 -20.46
C GLU J 269 33.65 47.66 -21.34
N VAL J 270 32.89 48.42 -22.12
CA VAL J 270 31.93 47.89 -23.10
C VAL J 270 32.48 48.26 -24.48
N LEU J 271 32.82 47.26 -25.28
CA LEU J 271 33.43 47.49 -26.59
C LEU J 271 32.40 48.10 -27.57
N PRO J 272 32.77 49.20 -28.29
CA PRO J 272 31.81 49.83 -29.21
C PRO J 272 31.52 48.95 -30.42
N GLY J 273 30.24 48.91 -30.79
CA GLY J 273 29.72 48.13 -31.91
C GLY J 273 29.34 46.71 -31.56
N SER J 274 29.57 46.33 -30.29
CA SER J 274 29.26 44.99 -29.78
C SER J 274 27.77 44.89 -29.42
N GLY J 275 27.29 43.66 -29.24
CA GLY J 275 25.93 43.37 -28.84
C GLY J 275 25.60 44.01 -27.51
N SER J 276 26.60 44.07 -26.60
CA SER J 276 26.47 44.65 -25.26
C SER J 276 26.30 46.16 -25.33
N ALA J 277 27.01 46.81 -26.25
CA ALA J 277 26.89 48.25 -26.47
C ALA J 277 25.47 48.56 -27.00
N LYS J 278 25.06 47.85 -28.10
CA LYS J 278 23.74 47.97 -28.72
C LYS J 278 22.62 47.75 -27.72
N ALA J 279 22.79 46.78 -26.80
CA ALA J 279 21.80 46.45 -25.77
C ALA J 279 21.75 47.50 -24.64
N GLY J 280 22.78 48.31 -24.53
CA GLY J 280 22.85 49.35 -23.51
C GLY J 280 23.52 49.01 -22.20
N VAL J 281 24.58 48.16 -22.26
CA VAL J 281 25.40 47.81 -21.10
C VAL J 281 26.36 48.98 -20.89
N LYS J 282 26.66 49.31 -19.63
CA LYS J 282 27.56 50.40 -19.32
C LYS J 282 28.65 49.98 -18.35
N ALA J 283 29.86 50.59 -18.48
CA ALA J 283 30.97 50.36 -17.57
C ALA J 283 30.51 50.68 -16.14
N GLY J 284 30.88 49.83 -15.19
CA GLY J 284 30.48 49.97 -13.79
C GLY J 284 29.29 49.08 -13.43
N ASP J 285 28.68 48.42 -14.45
CA ASP J 285 27.57 47.50 -14.23
C ASP J 285 28.06 46.21 -13.59
N ILE J 286 27.19 45.55 -12.83
CA ILE J 286 27.51 44.27 -12.20
C ILE J 286 26.56 43.22 -12.73
N ILE J 287 27.06 42.36 -13.64
CA ILE J 287 26.30 41.25 -14.21
C ILE J 287 26.17 40.19 -13.11
N THR J 288 24.93 39.96 -12.67
CA THR J 288 24.51 39.07 -11.59
C THR J 288 23.95 37.74 -12.12
N SER J 289 23.30 37.78 -13.29
CA SER J 289 22.62 36.62 -13.85
C SER J 289 22.83 36.48 -15.32
N LEU J 290 22.66 35.24 -15.79
CA LEU J 290 22.66 34.88 -17.18
C LEU J 290 21.45 33.99 -17.37
N ASN J 291 20.48 34.45 -18.18
CA ASN J 291 19.22 33.79 -18.50
C ASN J 291 18.46 33.38 -17.21
N GLY J 292 18.41 34.31 -16.24
CA GLY J 292 17.73 34.11 -14.97
C GLY J 292 18.50 33.33 -13.92
N LYS J 293 19.60 32.69 -14.32
CA LYS J 293 20.41 31.89 -13.40
C LYS J 293 21.54 32.74 -12.80
N PRO J 294 21.63 32.82 -11.45
CA PRO J 294 22.72 33.61 -10.83
C PRO J 294 24.11 33.11 -11.19
N LEU J 295 25.04 34.05 -11.41
CA LEU J 295 26.44 33.77 -11.71
C LEU J 295 27.26 33.75 -10.43
N ASN J 296 28.11 32.71 -10.23
CA ASN J 296 28.94 32.69 -9.04
C ASN J 296 30.30 33.37 -9.34
N SER J 297 30.58 33.67 -10.62
CA SER J 297 31.82 34.33 -11.01
C SER J 297 31.75 34.92 -12.43
N PHE J 298 32.74 35.77 -12.74
CA PHE J 298 32.98 36.32 -14.08
C PHE J 298 33.50 35.18 -14.98
N ALA J 299 34.32 34.28 -14.40
CA ALA J 299 34.90 33.10 -15.04
C ALA J 299 33.81 32.18 -15.56
N GLU J 300 32.70 32.04 -14.82
CA GLU J 300 31.52 31.25 -15.18
C GLU J 300 30.85 31.91 -16.38
N LEU J 301 30.60 33.24 -16.30
CA LEU J 301 30.03 34.03 -17.39
C LEU J 301 30.89 33.84 -18.63
N ARG J 302 32.21 34.11 -18.51
CA ARG J 302 33.15 33.95 -19.61
C ARG J 302 32.97 32.59 -20.31
N SER J 303 33.05 31.49 -19.55
CA SER J 303 32.95 30.14 -20.11
C SER J 303 31.57 29.86 -20.69
N ARG J 304 30.48 30.31 -20.05
CA ARG J 304 29.11 30.13 -20.54
C ARG J 304 28.83 30.92 -21.83
N ILE J 305 29.48 32.08 -22.02
CA ILE J 305 29.29 32.90 -23.21
C ILE J 305 30.10 32.32 -24.38
N ALA J 306 31.34 31.91 -24.14
CA ALA J 306 32.21 31.33 -25.18
C ALA J 306 31.72 29.97 -25.72
N THR J 307 30.83 29.31 -24.96
CA THR J 307 30.21 28.02 -25.23
C THR J 307 28.98 28.24 -26.12
N THR J 308 28.34 29.42 -25.97
CA THR J 308 27.14 29.80 -26.71
C THR J 308 27.54 30.32 -28.11
N GLU J 309 26.76 29.90 -29.14
CA GLU J 309 26.94 30.22 -30.55
C GLU J 309 26.70 31.71 -30.87
N PRO J 310 27.56 32.37 -31.70
CA PRO J 310 27.28 33.77 -32.08
C PRO J 310 25.93 33.92 -32.75
N GLY J 311 25.23 35.00 -32.43
CA GLY J 311 23.90 35.27 -32.94
C GLY J 311 22.82 34.96 -31.92
N THR J 312 23.14 34.10 -30.93
CA THR J 312 22.22 33.72 -29.86
C THR J 312 21.94 34.92 -28.95
N LYS J 313 20.69 35.05 -28.51
CA LYS J 313 20.26 36.11 -27.62
C LYS J 313 20.28 35.60 -26.20
N VAL J 314 20.88 36.37 -25.28
CA VAL J 314 20.99 36.01 -23.86
C VAL J 314 20.41 37.14 -23.02
N LYS J 315 19.88 36.80 -21.84
CA LYS J 315 19.33 37.79 -20.92
C LYS J 315 20.32 37.98 -19.78
N LEU J 316 20.71 39.24 -19.56
CA LEU J 316 21.70 39.65 -18.56
C LEU J 316 21.09 40.32 -17.34
N GLY J 317 21.22 39.66 -16.20
CA GLY J 317 20.82 40.18 -14.89
C GLY J 317 21.91 41.16 -14.50
N LEU J 318 21.54 42.42 -14.42
CA LEU J 318 22.46 43.54 -14.25
C LEU J 318 22.15 44.37 -13.00
N LEU J 319 23.09 45.21 -12.57
CA LEU J 319 22.92 46.05 -11.39
C LEU J 319 23.67 47.37 -11.56
N ARG J 320 22.96 48.47 -11.91
CA ARG J 320 23.62 49.77 -12.04
C ARG J 320 23.08 50.74 -11.02
N ASN J 321 24.04 51.31 -10.25
CA ASN J 321 23.87 52.23 -9.13
C ASN J 321 22.94 51.62 -8.06
N GLY J 322 23.12 50.30 -7.88
CA GLY J 322 22.39 49.47 -6.92
C GLY J 322 20.99 49.07 -7.36
N LYS J 323 20.60 49.42 -8.60
CA LYS J 323 19.26 49.15 -9.12
C LYS J 323 19.27 48.02 -10.15
N PRO J 324 18.35 47.03 -10.00
CA PRO J 324 18.31 45.91 -10.95
C PRO J 324 17.78 46.28 -12.33
N LEU J 325 18.32 45.62 -13.37
CA LEU J 325 17.96 45.72 -14.80
C LEU J 325 18.15 44.39 -15.48
N GLU J 326 17.36 44.13 -16.53
CA GLU J 326 17.47 42.93 -17.37
C GLU J 326 17.75 43.43 -18.78
N VAL J 327 18.79 42.91 -19.43
CA VAL J 327 19.16 43.37 -20.75
C VAL J 327 19.32 42.14 -21.69
N GLU J 328 18.74 42.21 -22.90
CA GLU J 328 18.86 41.13 -23.89
C GLU J 328 20.00 41.49 -24.83
N VAL J 329 21.00 40.59 -24.95
CA VAL J 329 22.19 40.83 -25.76
C VAL J 329 22.30 39.76 -26.84
N THR J 330 22.61 40.17 -28.07
CA THR J 330 22.86 39.27 -29.18
C THR J 330 24.37 39.08 -29.25
N LEU J 331 24.81 37.82 -29.21
CA LEU J 331 26.22 37.50 -29.17
C LEU J 331 26.89 37.71 -30.51
N ASP J 332 28.11 38.27 -30.44
CA ASP J 332 28.98 38.49 -31.59
C ASP J 332 29.89 37.28 -31.75
N THR J 333 30.82 37.31 -32.72
CA THR J 333 31.77 36.23 -32.94
C THR J 333 33.11 36.67 -32.35
N SER J 334 33.92 35.70 -31.87
CA SER J 334 35.23 35.95 -31.27
C SER J 334 36.35 35.70 -32.29
N PRO K 11 14.12 7.68 12.75
CA PRO K 11 13.41 8.11 11.53
C PRO K 11 14.35 8.30 10.34
N LEU K 12 15.60 8.75 10.61
CA LEU K 12 16.60 8.99 9.56
C LEU K 12 17.14 7.67 9.00
N PRO K 13 17.30 7.56 7.65
CA PRO K 13 17.92 6.35 7.08
C PRO K 13 19.33 6.14 7.62
N SER K 14 19.68 4.88 7.88
CA SER K 14 20.97 4.48 8.46
C SER K 14 21.28 3.00 8.19
N LEU K 15 22.57 2.66 8.17
CA LEU K 15 23.06 1.29 8.01
C LEU K 15 23.26 0.64 9.37
N ALA K 16 23.20 1.48 10.46
CA ALA K 16 23.41 1.11 11.85
C ALA K 16 22.48 -0.02 12.34
N PRO K 17 21.14 -0.03 12.05
CA PRO K 17 20.31 -1.17 12.51
C PRO K 17 20.82 -2.54 12.02
N MET K 18 21.25 -2.67 10.77
CA MET K 18 21.74 -3.97 10.30
C MET K 18 23.23 -4.22 10.72
N LEU K 19 24.05 -3.15 10.86
CA LEU K 19 25.43 -3.34 11.23
C LEU K 19 25.57 -3.76 12.69
N GLU K 20 24.64 -3.29 13.55
CA GLU K 20 24.55 -3.61 14.98
C GLU K 20 24.56 -5.12 15.22
N LYS K 21 23.79 -5.86 14.38
CA LYS K 21 23.62 -7.31 14.43
C LYS K 21 24.82 -8.10 13.90
N VAL K 22 25.40 -7.59 12.82
CA VAL K 22 26.39 -8.23 11.96
C VAL K 22 27.86 -7.92 12.30
N LEU K 23 28.20 -6.68 12.71
CA LEU K 23 29.58 -6.32 13.05
C LEU K 23 30.31 -7.36 13.97
N PRO K 24 29.69 -7.93 15.05
CA PRO K 24 30.41 -8.91 15.88
C PRO K 24 30.99 -10.14 15.13
N ALA K 25 30.46 -10.49 13.92
CA ALA K 25 30.94 -11.59 13.10
C ALA K 25 32.34 -11.31 12.49
N VAL K 26 32.64 -10.03 12.23
CA VAL K 26 33.88 -9.59 11.60
C VAL K 26 34.90 -9.37 12.68
N VAL K 27 36.07 -10.01 12.52
CA VAL K 27 37.15 -10.01 13.51
C VAL K 27 38.46 -9.42 12.96
N SER K 28 39.35 -9.10 13.90
CA SER K 28 40.70 -8.62 13.68
C SER K 28 41.64 -9.84 13.80
N VAL K 29 42.59 -9.91 12.87
CA VAL K 29 43.49 -11.05 12.84
C VAL K 29 44.91 -10.54 13.12
N ARG K 30 45.45 -10.97 14.25
CA ARG K 30 46.79 -10.60 14.68
C ARG K 30 47.70 -11.81 14.47
N VAL K 31 48.81 -11.59 13.78
CA VAL K 31 49.75 -12.64 13.41
C VAL K 31 51.17 -12.28 13.85
N GLU K 32 51.91 -13.30 14.32
CA GLU K 32 53.31 -13.23 14.74
C GLU K 32 54.08 -14.35 14.08
N GLY K 33 55.23 -14.03 13.53
CA GLY K 33 56.06 -15.04 12.87
C GLY K 33 57.52 -14.66 12.74
N THR K 34 58.14 -15.14 11.64
CA THR K 34 59.53 -14.90 11.27
C THR K 34 59.59 -14.26 9.88
N GLN K 59 63.85 -12.86 10.91
CA GLN K 59 63.58 -11.74 11.81
C GLN K 59 62.08 -11.76 12.25
N PRO K 60 61.75 -11.55 13.55
CA PRO K 60 60.33 -11.55 13.97
C PRO K 60 59.51 -10.38 13.39
N PHE K 61 58.21 -10.65 13.15
CA PHE K 61 57.28 -9.66 12.60
C PHE K 61 55.89 -9.79 13.24
N GLU K 62 55.10 -8.70 13.11
CA GLU K 62 53.72 -8.60 13.58
C GLU K 62 52.85 -8.09 12.43
N GLY K 63 51.92 -8.93 12.00
CA GLY K 63 50.98 -8.62 10.93
C GLY K 63 49.56 -8.43 11.44
N LEU K 64 48.77 -7.60 10.73
CA LEU K 64 47.39 -7.35 11.12
C LEU K 64 46.48 -7.31 9.91
N GLY K 65 45.45 -8.14 9.96
CA GLY K 65 44.44 -8.25 8.92
C GLY K 65 43.07 -8.39 9.53
N SER K 66 42.12 -8.83 8.74
CA SER K 66 40.79 -9.06 9.27
C SER K 66 40.33 -10.49 8.93
N GLY K 67 39.19 -10.86 9.48
CA GLY K 67 38.56 -12.15 9.27
C GLY K 67 37.06 -12.08 9.45
N VAL K 68 36.38 -13.16 9.02
CA VAL K 68 34.92 -13.27 9.08
C VAL K 68 34.56 -14.61 9.72
N ILE K 69 33.74 -14.59 10.81
CA ILE K 69 33.26 -15.81 11.46
C ILE K 69 32.18 -16.39 10.57
N ILE K 70 32.48 -17.55 10.01
CA ILE K 70 31.66 -18.25 9.06
C ILE K 70 30.81 -19.36 9.79
N ASN K 71 31.33 -19.88 10.91
CA ASN K 71 30.68 -20.88 11.78
C ASN K 71 30.97 -20.56 13.25
N ALA K 72 29.99 -20.01 13.96
CA ALA K 72 30.07 -19.62 15.37
C ALA K 72 30.34 -20.82 16.32
N SER K 73 29.68 -21.98 16.09
CA SER K 73 29.82 -23.21 16.89
C SER K 73 31.24 -23.79 16.83
N LYS K 74 31.79 -23.95 15.61
CA LYS K 74 33.13 -24.53 15.40
C LYS K 74 34.25 -23.49 15.49
N GLY K 75 33.88 -22.20 15.44
CA GLY K 75 34.83 -21.09 15.49
C GLY K 75 35.61 -20.96 14.20
N TYR K 76 34.95 -21.22 13.05
CA TYR K 76 35.58 -21.15 11.73
C TYR K 76 35.62 -19.70 11.22
N VAL K 77 36.85 -19.21 10.97
CA VAL K 77 37.11 -17.85 10.50
C VAL K 77 37.76 -17.88 9.12
N LEU K 78 37.13 -17.19 8.17
CA LEU K 78 37.63 -16.98 6.83
C LEU K 78 38.53 -15.75 6.81
N THR K 79 39.69 -15.88 6.21
CA THR K 79 40.60 -14.75 6.00
C THR K 79 41.26 -14.98 4.66
N ASN K 80 42.33 -14.19 4.40
CA ASN K 80 43.22 -14.24 3.25
C ASN K 80 44.45 -15.06 3.60
N ASN K 81 45.03 -15.68 2.59
CA ASN K 81 46.23 -16.46 2.80
C ASN K 81 47.42 -15.53 3.08
N HIS K 82 47.54 -14.40 2.35
CA HIS K 82 48.65 -13.45 2.53
C HIS K 82 48.68 -12.81 3.96
N VAL K 83 47.55 -12.86 4.70
CA VAL K 83 47.47 -12.34 6.08
C VAL K 83 48.19 -13.32 7.02
N ILE K 84 48.05 -14.61 6.72
CA ILE K 84 48.46 -15.75 7.52
C ILE K 84 49.76 -16.44 7.05
N ASN K 85 50.22 -16.11 5.83
CA ASN K 85 51.34 -16.70 5.12
C ASN K 85 52.52 -17.23 5.98
N GLN K 86 53.13 -16.38 6.81
CA GLN K 86 54.32 -16.80 7.57
C GLN K 86 54.06 -16.89 9.09
N ALA K 87 52.77 -17.00 9.48
CA ALA K 87 52.35 -16.99 10.89
C ALA K 87 52.79 -18.20 11.68
N GLN K 88 53.27 -17.95 12.91
CA GLN K 88 53.67 -18.94 13.91
C GLN K 88 52.66 -18.90 15.04
N LYS K 89 52.11 -17.70 15.31
CA LYS K 89 51.05 -17.44 16.29
C LYS K 89 49.97 -16.61 15.63
N ILE K 90 48.70 -17.04 15.75
CA ILE K 90 47.52 -16.35 15.20
C ILE K 90 46.53 -16.11 16.32
N SER K 91 46.12 -14.85 16.50
CA SER K 91 45.13 -14.44 17.50
C SER K 91 44.01 -13.66 16.82
N ILE K 92 42.79 -13.85 17.31
CA ILE K 92 41.59 -13.21 16.79
C ILE K 92 41.07 -12.26 17.86
N GLN K 93 40.64 -11.05 17.46
CA GLN K 93 40.05 -10.13 18.42
C GLN K 93 38.66 -9.76 17.96
N LEU K 94 37.69 -9.88 18.86
CA LEU K 94 36.28 -9.53 18.59
C LEU K 94 36.10 -8.04 18.85
N ASN K 95 35.03 -7.44 18.29
CA ASN K 95 34.79 -6.00 18.44
C ASN K 95 34.42 -5.60 19.91
N ASP K 96 34.16 -6.59 20.79
CA ASP K 96 33.84 -6.39 22.22
C ASP K 96 35.12 -6.42 23.08
N GLY K 97 36.24 -6.77 22.45
CA GLY K 97 37.55 -6.82 23.11
C GLY K 97 38.06 -8.20 23.42
N ARG K 98 37.20 -9.25 23.28
CA ARG K 98 37.59 -10.64 23.55
C ARG K 98 38.64 -11.14 22.57
N GLU K 99 39.71 -11.74 23.10
CA GLU K 99 40.83 -12.32 22.34
C GLU K 99 40.79 -13.85 22.42
N PHE K 100 41.10 -14.49 21.31
CA PHE K 100 41.14 -15.95 21.17
C PHE K 100 42.35 -16.37 20.38
N ASP K 101 42.83 -17.58 20.63
CA ASP K 101 43.89 -18.12 19.80
C ASP K 101 43.24 -18.80 18.60
N ALA K 102 43.99 -18.92 17.51
CA ALA K 102 43.47 -19.56 16.31
C ALA K 102 44.52 -20.45 15.68
N LYS K 103 44.05 -21.51 15.02
CA LYS K 103 44.90 -22.48 14.33
C LYS K 103 44.51 -22.52 12.88
N LEU K 104 45.51 -22.61 11.99
CA LEU K 104 45.27 -22.69 10.56
C LEU K 104 44.72 -24.07 10.21
N ILE K 105 43.49 -24.11 9.65
CA ILE K 105 42.85 -25.35 9.21
C ILE K 105 43.39 -25.71 7.82
N GLY K 106 43.49 -24.72 6.94
CA GLY K 106 44.00 -24.90 5.60
C GLY K 106 44.01 -23.59 4.84
N SER K 107 44.68 -23.57 3.69
CA SER K 107 44.79 -22.38 2.85
C SER K 107 44.98 -22.72 1.37
N ASP K 108 44.69 -21.74 0.49
CA ASP K 108 44.88 -21.84 -0.95
C ASP K 108 45.66 -20.62 -1.41
N ASP K 109 46.90 -20.83 -1.85
CA ASP K 109 47.81 -19.82 -2.38
C ASP K 109 47.28 -19.16 -3.65
N GLN K 110 46.69 -19.96 -4.55
CA GLN K 110 46.21 -19.53 -5.86
C GLN K 110 45.01 -18.58 -5.79
N SER K 111 44.04 -18.86 -4.90
CA SER K 111 42.87 -17.99 -4.77
C SER K 111 43.00 -16.95 -3.63
N ASP K 112 43.97 -17.15 -2.69
CA ASP K 112 44.29 -16.32 -1.53
C ASP K 112 43.21 -16.45 -0.41
N ILE K 113 42.77 -17.69 -0.16
CA ILE K 113 41.81 -17.95 0.91
C ILE K 113 42.44 -18.85 1.94
N ALA K 114 42.23 -18.53 3.21
CA ALA K 114 42.70 -19.32 4.36
C ALA K 114 41.54 -19.53 5.31
N LEU K 115 41.52 -20.66 5.99
CA LEU K 115 40.50 -20.95 7.00
C LEU K 115 41.17 -21.21 8.33
N LEU K 116 40.69 -20.51 9.36
CA LEU K 116 41.17 -20.63 10.73
C LEU K 116 40.11 -21.19 11.65
N GLN K 117 40.54 -21.79 12.76
CA GLN K 117 39.64 -22.28 13.79
C GLN K 117 40.03 -21.66 15.13
N ILE K 118 39.08 -20.96 15.73
CA ILE K 118 39.22 -20.34 17.04
C ILE K 118 39.32 -21.46 18.08
N GLN K 119 40.35 -21.36 18.95
CA GLN K 119 40.58 -22.28 20.04
C GLN K 119 39.66 -21.89 21.20
N ASN K 120 38.81 -22.84 21.63
CA ASN K 120 37.81 -22.70 22.68
C ASN K 120 36.83 -21.54 22.36
N PRO K 121 36.07 -21.63 21.23
CA PRO K 121 35.11 -20.57 20.91
C PRO K 121 33.96 -20.49 21.90
N SER K 122 33.41 -19.28 22.12
CA SER K 122 32.33 -19.05 23.06
C SER K 122 31.56 -17.78 22.68
N LYS K 123 30.18 -17.85 22.68
CA LYS K 123 29.25 -16.74 22.42
C LYS K 123 29.68 -15.92 21.18
N LEU K 124 29.93 -16.62 20.08
CA LEU K 124 30.36 -16.07 18.81
C LEU K 124 29.17 -15.77 17.90
N THR K 125 29.34 -14.77 17.02
CA THR K 125 28.35 -14.37 16.03
C THR K 125 28.88 -14.78 14.67
N GLN K 126 28.04 -15.40 13.85
CA GLN K 126 28.48 -15.80 12.52
C GLN K 126 27.77 -14.96 11.46
N ILE K 127 28.36 -14.94 10.28
CA ILE K 127 27.83 -14.21 9.16
C ILE K 127 26.96 -15.09 8.28
N ALA K 128 25.90 -14.51 7.71
CA ALA K 128 25.05 -15.15 6.71
C ALA K 128 25.72 -14.93 5.37
N ILE K 129 25.74 -15.95 4.49
CA ILE K 129 26.41 -15.83 3.21
C ILE K 129 25.37 -15.68 2.08
N ALA K 130 25.53 -14.62 1.26
CA ALA K 130 24.68 -14.34 0.11
C ALA K 130 25.24 -15.00 -1.16
N ASP K 131 24.38 -15.14 -2.18
CA ASP K 131 24.74 -15.67 -3.48
C ASP K 131 25.37 -14.55 -4.28
N SER K 132 26.71 -14.59 -4.43
CA SER K 132 27.48 -13.58 -5.15
C SER K 132 27.16 -13.55 -6.65
N ASP K 133 26.60 -14.65 -7.19
CA ASP K 133 26.20 -14.72 -8.60
C ASP K 133 24.93 -13.87 -8.87
N LYS K 134 24.21 -13.48 -7.80
CA LYS K 134 23.01 -12.65 -7.89
C LYS K 134 23.34 -11.12 -7.80
N LEU K 135 24.62 -10.78 -7.62
CA LEU K 135 25.09 -9.40 -7.55
C LEU K 135 25.03 -8.69 -8.90
N ARG K 136 24.85 -7.37 -8.85
CA ARG K 136 24.83 -6.50 -10.03
C ARG K 136 25.55 -5.21 -9.76
N VAL K 137 26.15 -4.64 -10.80
CA VAL K 137 26.84 -3.35 -10.75
C VAL K 137 25.81 -2.28 -10.32
N GLY K 138 26.06 -1.63 -9.19
CA GLY K 138 25.16 -0.63 -8.64
C GLY K 138 24.61 -1.01 -7.28
N ASP K 139 24.70 -2.31 -6.94
CA ASP K 139 24.29 -2.81 -5.63
C ASP K 139 25.16 -2.17 -4.55
N PHE K 140 24.56 -1.84 -3.41
CA PHE K 140 25.30 -1.23 -2.31
C PHE K 140 26.11 -2.28 -1.52
N ALA K 141 27.31 -1.89 -1.08
CA ALA K 141 28.21 -2.76 -0.33
C ALA K 141 28.84 -2.03 0.83
N VAL K 142 29.05 -2.75 1.94
CA VAL K 142 29.69 -2.25 3.15
C VAL K 142 30.91 -3.12 3.42
N ALA K 143 32.06 -2.45 3.63
CA ALA K 143 33.32 -3.11 3.88
C ALA K 143 33.65 -3.00 5.33
N VAL K 144 33.94 -4.11 5.94
CA VAL K 144 34.33 -4.14 7.34
C VAL K 144 35.71 -4.83 7.45
N GLY K 145 36.61 -4.16 8.16
CA GLY K 145 37.97 -4.59 8.39
C GLY K 145 38.71 -3.75 9.41
N ASN K 146 40.04 -3.94 9.45
CA ASN K 146 40.95 -3.27 10.37
C ASN K 146 42.04 -2.49 9.64
N PRO K 147 41.70 -1.43 8.86
CA PRO K 147 42.75 -0.69 8.16
C PRO K 147 43.69 0.00 9.14
N PHE K 148 45.02 -0.14 8.84
CA PHE K 148 46.12 0.45 9.59
C PHE K 148 46.10 0.08 11.11
N GLY K 149 45.46 -1.03 11.44
CA GLY K 149 45.31 -1.54 12.80
C GLY K 149 44.57 -0.62 13.74
N LEU K 150 43.61 0.13 13.22
CA LEU K 150 42.87 1.14 14.00
C LEU K 150 41.82 0.53 14.92
N GLY K 151 41.33 -0.64 14.51
CA GLY K 151 40.25 -1.34 15.16
C GLY K 151 39.23 -1.49 14.08
N GLN K 152 38.11 -2.16 14.37
CA GLN K 152 37.05 -2.41 13.41
C GLN K 152 36.60 -1.12 12.79
N THR K 153 36.49 -1.12 11.47
CA THR K 153 36.09 0.02 10.65
C THR K 153 35.11 -0.46 9.60
N ALA K 154 34.01 0.28 9.40
CA ALA K 154 33.00 0.04 8.36
C ALA K 154 33.06 1.16 7.32
N THR K 155 33.12 0.80 6.03
CA THR K 155 33.14 1.79 4.95
C THR K 155 32.09 1.37 3.95
N SER K 156 31.46 2.32 3.28
CA SER K 156 30.36 2.10 2.36
C SER K 156 30.68 2.51 0.91
N GLY K 157 30.07 1.82 -0.03
CA GLY K 157 30.22 2.06 -1.46
C GLY K 157 29.24 1.23 -2.28
N ILE K 158 29.56 1.03 -3.56
CA ILE K 158 28.74 0.24 -4.48
C ILE K 158 29.57 -0.89 -5.09
N VAL K 159 28.89 -1.83 -5.78
CA VAL K 159 29.53 -2.86 -6.59
C VAL K 159 29.84 -2.13 -7.89
N SER K 160 31.12 -1.92 -8.14
CA SER K 160 31.64 -1.16 -9.29
C SER K 160 31.76 -2.00 -10.55
N ALA K 161 32.12 -3.29 -10.40
CA ALA K 161 32.33 -4.26 -11.46
C ALA K 161 32.31 -5.67 -10.89
N LEU K 162 32.14 -6.66 -11.78
CA LEU K 162 32.09 -8.08 -11.42
C LEU K 162 32.92 -8.91 -12.41
N GLY K 163 33.42 -10.08 -11.95
CA GLY K 163 34.19 -11.02 -12.78
C GLY K 163 35.54 -10.49 -13.21
N ARG K 164 36.14 -9.67 -12.35
CA ARG K 164 37.43 -9.03 -12.64
C ARG K 164 38.59 -10.01 -12.49
N SER K 165 39.28 -10.19 -13.61
CA SER K 165 40.39 -11.13 -13.78
C SER K 165 41.44 -10.50 -14.68
N GLY K 166 42.70 -10.95 -14.57
CA GLY K 166 43.82 -10.48 -15.39
C GLY K 166 44.54 -9.29 -14.81
N LEU K 167 44.56 -9.22 -13.49
CA LEU K 167 45.17 -8.13 -12.71
C LEU K 167 46.52 -8.56 -12.15
N ASN K 168 46.88 -9.84 -12.36
CA ASN K 168 48.14 -10.47 -11.90
C ASN K 168 48.38 -10.21 -10.38
N LEU K 169 47.32 -10.37 -9.61
CA LEU K 169 47.30 -10.23 -8.16
C LEU K 169 47.33 -11.61 -7.53
N GLU K 170 46.48 -12.50 -8.08
CA GLU K 170 46.27 -13.87 -7.66
C GLU K 170 46.42 -14.82 -8.82
N GLY K 171 46.62 -16.10 -8.52
CA GLY K 171 46.69 -17.15 -9.52
C GLY K 171 45.32 -17.36 -10.15
N LEU K 172 44.26 -17.33 -9.31
CA LEU K 172 42.85 -17.45 -9.69
C LEU K 172 42.10 -16.23 -9.24
N GLU K 173 41.56 -15.47 -10.20
CA GLU K 173 40.82 -14.21 -9.96
C GLU K 173 39.43 -14.20 -10.63
N ASN K 174 38.41 -13.88 -9.83
CA ASN K 174 37.02 -13.65 -10.25
C ASN K 174 36.45 -12.57 -9.32
N PHE K 175 37.21 -11.49 -9.16
CA PHE K 175 36.98 -10.41 -8.22
C PHE K 175 35.73 -9.57 -8.40
N ILE K 176 35.14 -9.18 -7.24
CA ILE K 176 34.12 -8.14 -7.14
C ILE K 176 34.92 -6.82 -7.03
N GLN K 177 34.53 -5.76 -7.76
CA GLN K 177 35.23 -4.49 -7.61
C GLN K 177 34.30 -3.53 -6.86
N THR K 178 34.82 -2.81 -5.87
CA THR K 178 33.99 -1.90 -5.09
C THR K 178 34.71 -0.58 -4.84
N ASP K 179 33.94 0.50 -4.62
CA ASP K 179 34.51 1.82 -4.33
C ASP K 179 34.46 2.13 -2.82
N ALA K 180 34.07 1.12 -2.00
CA ALA K 180 34.14 1.22 -0.54
C ALA K 180 35.60 1.29 -0.17
N SER K 181 36.00 2.25 0.70
CA SER K 181 37.41 2.44 1.07
C SER K 181 37.97 1.20 1.71
N ILE K 182 38.96 0.60 1.05
CA ILE K 182 39.67 -0.59 1.46
C ILE K 182 41.13 -0.21 1.46
N ASN K 183 41.77 -0.43 2.58
CA ASN K 183 43.17 -0.05 2.79
C ASN K 183 43.93 -1.21 3.37
N ARG K 184 45.26 -1.06 3.51
CA ARG K 184 46.11 -2.06 4.13
C ARG K 184 45.58 -2.37 5.53
N GLY K 185 45.33 -3.66 5.74
CA GLY K 185 44.78 -4.19 6.98
C GLY K 185 43.34 -4.61 6.81
N ASN K 186 42.67 -4.18 5.70
CA ASN K 186 41.27 -4.51 5.40
C ASN K 186 41.13 -5.96 4.88
N SER K 187 42.26 -6.59 4.47
CA SER K 187 42.39 -7.94 3.90
C SER K 187 41.80 -9.04 4.79
N GLY K 188 41.04 -9.93 4.17
CA GLY K 188 40.39 -11.06 4.84
C GLY K 188 39.06 -10.73 5.49
N GLY K 189 38.73 -9.43 5.49
CA GLY K 189 37.51 -8.86 6.03
C GLY K 189 36.30 -8.94 5.10
N ALA K 190 35.15 -8.58 5.66
CA ALA K 190 33.84 -8.71 5.03
C ALA K 190 33.42 -7.62 4.06
N LEU K 191 32.87 -8.10 2.91
CA LEU K 191 32.15 -7.30 1.95
C LEU K 191 30.68 -7.72 2.14
N LEU K 192 29.85 -6.77 2.60
CA LEU K 192 28.46 -7.09 2.93
C LEU K 192 27.45 -6.37 2.06
N ASN K 193 26.26 -6.96 1.92
CA ASN K 193 25.16 -6.28 1.24
C ASN K 193 24.36 -5.51 2.32
N LEU K 194 23.25 -4.88 1.93
CA LEU K 194 22.44 -4.10 2.87
C LEU K 194 21.68 -4.97 3.91
N ASN K 195 21.68 -6.31 3.74
CA ASN K 195 21.07 -7.25 4.71
C ASN K 195 22.14 -7.76 5.69
N GLY K 196 23.38 -7.31 5.50
CA GLY K 196 24.50 -7.71 6.34
C GLY K 196 24.99 -9.11 6.03
N GLU K 197 24.70 -9.58 4.82
CA GLU K 197 25.11 -10.89 4.33
C GLU K 197 26.41 -10.75 3.58
N LEU K 198 27.30 -11.74 3.71
CA LEU K 198 28.61 -11.75 3.06
C LEU K 198 28.45 -11.89 1.57
N ILE K 199 28.98 -10.91 0.84
CA ILE K 199 28.99 -10.93 -0.61
C ILE K 199 30.45 -11.11 -1.10
N GLY K 200 31.43 -11.00 -0.19
CA GLY K 200 32.84 -11.17 -0.54
C GLY K 200 33.84 -10.97 0.58
N ILE K 201 35.10 -11.38 0.34
CA ILE K 201 36.22 -11.26 1.29
C ILE K 201 37.21 -10.30 0.69
N ASN K 202 37.30 -9.09 1.28
CA ASN K 202 38.17 -7.98 0.87
C ASN K 202 39.59 -8.49 0.77
N THR K 203 40.23 -8.35 -0.40
CA THR K 203 41.53 -9.00 -0.69
C THR K 203 42.68 -8.12 -1.23
N ALA K 204 42.43 -7.27 -2.23
CA ALA K 204 43.44 -6.45 -2.91
C ALA K 204 42.85 -5.12 -3.30
N ILE K 205 43.72 -4.16 -3.68
CA ILE K 205 43.36 -2.81 -4.13
C ILE K 205 44.32 -2.35 -5.23
N LEU K 206 43.88 -1.41 -6.07
CA LEU K 206 44.69 -0.69 -7.06
C LEU K 206 44.90 0.67 -6.46
N ALA K 207 46.15 0.99 -6.12
CA ALA K 207 46.47 2.24 -5.45
C ALA K 207 47.83 2.76 -5.89
N PRO K 208 47.88 3.87 -6.67
CA PRO K 208 49.18 4.43 -7.08
C PRO K 208 50.14 4.73 -5.91
N GLY K 209 49.60 5.26 -4.80
CA GLY K 209 50.40 5.61 -3.63
C GLY K 209 50.15 4.84 -2.35
N GLY K 210 49.82 3.54 -2.45
CA GLY K 210 49.57 2.70 -1.29
C GLY K 210 48.30 2.93 -0.47
N GLY K 211 47.49 3.91 -0.86
CA GLY K 211 46.22 4.19 -0.21
C GLY K 211 45.05 4.10 -1.17
N SER K 212 43.84 3.78 -0.64
CA SER K 212 42.59 3.66 -1.38
C SER K 212 42.27 4.89 -2.24
N VAL K 213 41.91 4.61 -3.51
CA VAL K 213 41.50 5.55 -4.54
C VAL K 213 40.11 5.13 -5.06
N GLY K 214 39.47 4.17 -4.37
CA GLY K 214 38.17 3.63 -4.69
C GLY K 214 38.14 2.46 -5.67
N ILE K 215 39.25 1.72 -5.83
CA ILE K 215 39.38 0.54 -6.68
C ILE K 215 39.83 -0.63 -5.80
N GLY K 216 38.89 -1.29 -5.16
CA GLY K 216 39.16 -2.42 -4.26
C GLY K 216 38.61 -3.74 -4.78
N PHE K 217 39.25 -4.84 -4.42
CA PHE K 217 38.86 -6.17 -4.87
C PHE K 217 38.60 -7.12 -3.71
N ALA K 218 37.57 -7.98 -3.86
CA ALA K 218 37.13 -9.01 -2.92
C ALA K 218 36.83 -10.32 -3.61
N ILE K 219 37.24 -11.44 -2.98
CA ILE K 219 36.92 -12.78 -3.50
C ILE K 219 35.42 -12.94 -3.33
N PRO K 220 34.70 -13.33 -4.40
CA PRO K 220 33.22 -13.46 -4.26
C PRO K 220 32.84 -14.58 -3.28
N SER K 221 31.86 -14.30 -2.39
CA SER K 221 31.36 -15.17 -1.33
C SER K 221 31.10 -16.61 -1.75
N ASN K 222 30.60 -16.89 -2.99
CA ASN K 222 30.37 -18.25 -3.49
C ASN K 222 31.69 -19.01 -3.63
N MET K 223 32.72 -18.34 -4.17
CA MET K 223 34.06 -18.89 -4.30
C MET K 223 34.68 -19.10 -2.90
N ALA K 224 34.56 -18.11 -1.99
CA ALA K 224 35.07 -18.22 -0.63
C ALA K 224 34.41 -19.36 0.16
N ARG K 225 33.05 -19.50 0.05
CA ARG K 225 32.24 -20.54 0.72
C ARG K 225 32.66 -21.96 0.27
N THR K 226 32.74 -22.18 -1.05
CA THR K 226 33.16 -23.44 -1.66
C THR K 226 34.58 -23.83 -1.21
N LEU K 227 35.54 -22.89 -1.31
CA LEU K 227 36.93 -23.16 -0.93
C LEU K 227 37.01 -23.49 0.57
N ALA K 228 36.30 -22.74 1.42
CA ALA K 228 36.24 -22.99 2.88
C ALA K 228 35.72 -24.41 3.19
N GLN K 229 34.68 -24.89 2.44
CA GLN K 229 34.12 -26.22 2.66
C GLN K 229 35.15 -27.29 2.36
N GLN K 230 35.98 -27.09 1.31
CA GLN K 230 37.05 -28.02 0.94
C GLN K 230 38.16 -28.04 1.99
N LEU K 231 38.31 -26.94 2.74
CA LEU K 231 39.33 -26.87 3.77
C LEU K 231 38.82 -27.51 5.06
N ILE K 232 37.50 -27.44 5.32
CA ILE K 232 36.88 -28.07 6.50
C ILE K 232 36.94 -29.61 6.29
N ASP K 233 36.47 -30.05 5.12
CA ASP K 233 36.38 -31.44 4.70
C ASP K 233 37.74 -32.12 4.46
N PHE K 234 38.70 -31.48 3.75
CA PHE K 234 39.97 -32.15 3.41
C PHE K 234 41.26 -31.54 4.01
N GLY K 235 41.21 -30.30 4.51
CA GLY K 235 42.38 -29.60 5.06
C GLY K 235 43.22 -28.93 3.97
N GLU K 236 42.91 -29.25 2.70
CA GLU K 236 43.50 -28.73 1.47
C GLU K 236 42.41 -28.59 0.43
N ILE K 237 42.68 -27.84 -0.63
CA ILE K 237 41.76 -27.65 -1.74
C ILE K 237 41.97 -28.76 -2.77
N LYS K 238 40.92 -29.03 -3.55
CA LYS K 238 40.90 -29.99 -4.63
C LYS K 238 40.60 -29.20 -5.92
N ARG K 239 41.62 -29.06 -6.75
CA ARG K 239 41.62 -28.29 -8.00
C ARG K 239 41.01 -29.09 -9.15
N GLY K 240 39.91 -28.59 -9.71
CA GLY K 240 39.20 -29.23 -10.81
C GLY K 240 39.63 -28.76 -12.17
N LEU K 241 39.51 -29.62 -13.22
CA LEU K 241 39.82 -29.19 -14.58
C LEU K 241 38.86 -29.77 -15.61
N LEU K 242 38.58 -28.99 -16.67
CA LEU K 242 37.73 -29.40 -17.79
C LEU K 242 38.45 -30.34 -18.76
N GLY K 243 39.73 -30.03 -19.04
CA GLY K 243 40.55 -30.73 -20.01
C GLY K 243 40.48 -29.99 -21.34
N ILE K 244 40.50 -28.67 -21.24
CA ILE K 244 40.36 -27.71 -22.33
C ILE K 244 41.59 -26.81 -22.37
N LYS K 245 42.01 -26.46 -23.58
CA LYS K 245 43.07 -25.51 -23.85
C LYS K 245 42.44 -24.46 -24.74
N GLY K 246 42.55 -23.22 -24.31
CA GLY K 246 41.95 -22.14 -25.08
C GLY K 246 42.50 -20.76 -24.82
N THR K 247 41.96 -19.81 -25.60
CA THR K 247 42.27 -18.39 -25.53
C THR K 247 40.99 -17.61 -25.25
N GLU K 248 41.14 -16.32 -25.06
CA GLU K 248 40.02 -15.41 -24.88
C GLU K 248 39.27 -15.23 -26.18
N MET K 249 37.95 -15.29 -26.08
CA MET K 249 37.06 -15.02 -27.20
C MET K 249 37.14 -13.50 -27.45
N SER K 250 37.19 -13.08 -28.71
CA SER K 250 37.29 -11.68 -29.06
C SER K 250 36.23 -11.26 -30.07
N ALA K 251 36.08 -9.93 -30.26
CA ALA K 251 35.20 -9.32 -31.24
C ALA K 251 35.65 -9.67 -32.65
N ASP K 252 36.96 -9.97 -32.79
CA ASP K 252 37.61 -10.32 -34.05
C ASP K 252 37.21 -11.72 -34.49
N ILE K 253 37.22 -12.71 -33.55
CA ILE K 253 36.74 -14.08 -33.84
C ILE K 253 35.26 -13.99 -34.19
N ALA K 254 34.47 -13.27 -33.36
CA ALA K 254 33.04 -13.07 -33.52
C ALA K 254 32.68 -12.48 -34.90
N LYS K 255 33.39 -11.44 -35.37
CA LYS K 255 33.16 -10.81 -36.68
C LYS K 255 33.44 -11.79 -37.83
N ALA K 256 34.57 -12.51 -37.73
CA ALA K 256 35.02 -13.48 -38.72
C ALA K 256 33.99 -14.62 -38.95
N PHE K 257 33.24 -15.02 -37.90
CA PHE K 257 32.28 -16.13 -37.97
C PHE K 257 30.84 -15.68 -37.80
N ASN K 258 30.56 -14.38 -37.97
CA ASN K 258 29.23 -13.77 -37.89
C ASN K 258 28.47 -14.15 -36.60
N LEU K 259 29.14 -14.09 -35.44
CA LEU K 259 28.59 -14.47 -34.14
C LEU K 259 28.10 -13.26 -33.34
N ASP K 260 27.13 -13.47 -32.43
CA ASP K 260 26.51 -12.42 -31.61
C ASP K 260 27.07 -12.36 -30.18
N VAL K 261 28.17 -13.09 -29.92
CA VAL K 261 28.86 -13.11 -28.62
C VAL K 261 30.34 -12.81 -28.86
N GLN K 262 30.97 -12.00 -27.99
CA GLN K 262 32.39 -11.63 -28.17
C GLN K 262 33.21 -11.84 -26.90
N ARG K 263 32.61 -12.41 -25.86
CA ARG K 263 33.26 -12.72 -24.60
C ARG K 263 33.00 -14.20 -24.24
N GLY K 264 34.03 -14.85 -23.73
CA GLY K 264 33.97 -16.26 -23.33
C GLY K 264 35.30 -16.94 -23.55
N ALA K 265 35.26 -18.24 -23.83
CA ALA K 265 36.43 -19.05 -24.10
C ALA K 265 36.40 -19.65 -25.49
N PHE K 266 37.48 -19.46 -26.23
CA PHE K 266 37.66 -20.05 -27.54
C PHE K 266 38.49 -21.33 -27.34
N VAL K 267 37.88 -22.50 -27.61
CA VAL K 267 38.55 -23.80 -27.41
C VAL K 267 39.42 -24.12 -28.59
N SER K 268 40.70 -24.34 -28.33
CA SER K 268 41.67 -24.68 -29.37
C SER K 268 42.01 -26.17 -29.30
N GLU K 269 41.89 -26.76 -28.09
CA GLU K 269 42.26 -28.17 -27.91
C GLU K 269 41.46 -28.78 -26.78
N VAL K 270 40.97 -30.01 -27.01
CA VAL K 270 40.25 -30.82 -26.01
C VAL K 270 41.15 -32.02 -25.71
N LEU K 271 41.61 -32.13 -24.47
CA LEU K 271 42.52 -33.20 -24.08
C LEU K 271 41.81 -34.56 -24.08
N PRO K 272 42.38 -35.60 -24.74
CA PRO K 272 41.67 -36.90 -24.81
C PRO K 272 41.63 -37.60 -23.46
N GLY K 273 40.47 -38.19 -23.16
CA GLY K 273 40.23 -38.88 -21.90
C GLY K 273 39.70 -37.99 -20.79
N SER K 274 39.60 -36.67 -21.07
CA SER K 274 39.09 -35.68 -20.13
C SER K 274 37.55 -35.70 -20.14
N GLY K 275 36.96 -35.07 -19.12
CA GLY K 275 35.52 -34.94 -19.00
C GLY K 275 34.93 -34.22 -20.19
N SER K 276 35.67 -33.23 -20.74
CA SER K 276 35.28 -32.42 -21.90
C SER K 276 35.25 -33.26 -23.18
N ALA K 277 36.21 -34.17 -23.33
CA ALA K 277 36.29 -35.11 -24.46
C ALA K 277 35.06 -36.05 -24.43
N LYS K 278 34.83 -36.70 -23.25
CA LYS K 278 33.70 -37.61 -22.98
C LYS K 278 32.34 -36.92 -23.18
N ALA K 279 32.24 -35.64 -22.80
CA ALA K 279 31.00 -34.86 -22.94
C ALA K 279 30.74 -34.42 -24.37
N GLY K 280 31.75 -34.47 -25.24
CA GLY K 280 31.61 -34.06 -26.63
C GLY K 280 32.02 -32.62 -26.94
N VAL K 281 32.88 -32.02 -26.09
CA VAL K 281 33.39 -30.67 -26.37
C VAL K 281 34.45 -30.85 -27.48
N LYS K 282 34.49 -29.90 -28.47
CA LYS K 282 35.43 -29.95 -29.61
C LYS K 282 36.20 -28.64 -29.79
N ALA K 283 37.45 -28.75 -30.30
CA ALA K 283 38.24 -27.60 -30.71
C ALA K 283 37.40 -26.75 -31.67
N GLY K 284 37.45 -25.42 -31.49
CA GLY K 284 36.73 -24.43 -32.29
C GLY K 284 35.46 -23.96 -31.61
N ASP K 285 35.04 -24.64 -30.52
CA ASP K 285 33.83 -24.27 -29.78
C ASP K 285 34.07 -22.99 -28.97
N ILE K 286 32.98 -22.25 -28.71
CA ILE K 286 33.05 -21.03 -27.93
C ILE K 286 32.17 -21.21 -26.71
N ILE K 287 32.81 -21.38 -25.54
CA ILE K 287 32.09 -21.52 -24.27
C ILE K 287 31.61 -20.10 -23.86
N THR K 288 30.27 -19.94 -23.74
CA THR K 288 29.63 -18.67 -23.39
C THR K 288 29.05 -18.67 -21.98
N SER K 289 28.77 -19.86 -21.42
CA SER K 289 28.12 -20.02 -20.13
C SER K 289 28.66 -21.13 -19.28
N LEU K 290 28.52 -20.94 -17.99
CA LEU K 290 28.84 -21.93 -17.00
C LEU K 290 27.67 -21.96 -16.06
N ASN K 291 26.98 -23.11 -15.97
CA ASN K 291 25.81 -23.36 -15.13
C ASN K 291 24.73 -22.30 -15.35
N GLY K 292 24.47 -21.95 -16.60
CA GLY K 292 23.47 -20.95 -16.98
C GLY K 292 23.88 -19.50 -16.85
N LYS K 293 25.04 -19.24 -16.21
CA LYS K 293 25.51 -17.87 -16.04
C LYS K 293 26.52 -17.51 -17.16
N PRO K 294 26.27 -16.41 -17.92
CA PRO K 294 27.22 -16.02 -18.99
C PRO K 294 28.61 -15.68 -18.45
N LEU K 295 29.63 -16.04 -19.23
CA LEU K 295 31.04 -15.81 -18.91
C LEU K 295 31.52 -14.53 -19.58
N ASN K 296 32.20 -13.66 -18.80
CA ASN K 296 32.72 -12.43 -19.39
C ASN K 296 34.17 -12.64 -19.90
N SER K 297 34.79 -13.79 -19.58
CA SER K 297 36.14 -14.13 -20.03
C SER K 297 36.46 -15.63 -19.87
N PHE K 298 37.58 -16.05 -20.50
CA PHE K 298 38.15 -17.38 -20.36
C PHE K 298 38.77 -17.49 -18.96
N ALA K 299 39.35 -16.37 -18.48
CA ALA K 299 39.96 -16.26 -17.15
C ALA K 299 38.94 -16.51 -16.04
N GLU K 300 37.68 -16.06 -16.24
CA GLU K 300 36.57 -16.28 -15.33
C GLU K 300 36.24 -17.79 -15.30
N LEU K 301 36.18 -18.41 -16.50
CA LEU K 301 35.95 -19.83 -16.66
C LEU K 301 37.04 -20.65 -15.93
N ARG K 302 38.33 -20.29 -16.11
CA ARG K 302 39.50 -20.89 -15.45
C ARG K 302 39.34 -20.91 -13.90
N SER K 303 39.13 -19.74 -13.27
CA SER K 303 38.98 -19.55 -11.82
C SER K 303 37.72 -20.21 -11.23
N ARG K 304 36.61 -20.28 -11.99
CA ARG K 304 35.42 -20.96 -11.52
C ARG K 304 35.64 -22.47 -11.56
N ILE K 305 36.28 -22.99 -12.64
CA ILE K 305 36.54 -24.44 -12.77
C ILE K 305 37.54 -24.90 -11.72
N ALA K 306 38.73 -24.28 -11.66
CA ALA K 306 39.78 -24.60 -10.71
C ALA K 306 39.29 -24.57 -9.27
N THR K 307 38.33 -23.69 -8.97
CA THR K 307 37.73 -23.45 -7.65
C THR K 307 36.65 -24.49 -7.32
N THR K 308 36.21 -25.25 -8.33
CA THR K 308 35.20 -26.32 -8.20
C THR K 308 35.94 -27.66 -8.01
N GLU K 309 35.41 -28.48 -7.13
CA GLU K 309 35.94 -29.80 -6.73
C GLU K 309 35.92 -30.83 -7.89
N PRO K 310 37.01 -31.62 -8.11
CA PRO K 310 36.97 -32.68 -9.14
C PRO K 310 35.83 -33.67 -8.87
N GLY K 311 35.18 -34.10 -9.93
CA GLY K 311 34.05 -35.02 -9.83
C GLY K 311 32.72 -34.30 -9.99
N THR K 312 32.71 -32.97 -9.75
CA THR K 312 31.55 -32.12 -9.88
C THR K 312 31.16 -32.02 -11.34
N LYS K 313 29.85 -32.05 -11.60
CA LYS K 313 29.31 -31.91 -12.93
C LYS K 313 28.92 -30.45 -13.13
N VAL K 314 29.35 -29.87 -14.27
CA VAL K 314 29.06 -28.49 -14.65
C VAL K 314 28.34 -28.48 -15.99
N LYS K 315 27.48 -27.47 -16.20
CA LYS K 315 26.76 -27.31 -17.46
C LYS K 315 27.46 -26.21 -18.25
N LEU K 316 27.89 -26.61 -19.44
CA LEU K 316 28.66 -25.79 -20.36
C LEU K 316 27.85 -25.32 -21.53
N GLY K 317 27.42 -24.07 -21.46
CA GLY K 317 26.78 -23.32 -22.53
C GLY K 317 27.86 -23.05 -23.57
N LEU K 318 27.62 -23.51 -24.77
CA LEU K 318 28.54 -23.57 -25.88
C LEU K 318 27.93 -23.07 -27.16
N LEU K 319 28.78 -22.72 -28.11
CA LEU K 319 28.36 -22.26 -29.43
C LEU K 319 29.29 -22.90 -30.48
N ARG K 320 28.75 -23.88 -31.23
CA ARG K 320 29.43 -24.67 -32.28
C ARG K 320 28.88 -24.31 -33.65
N ASN K 321 29.77 -23.79 -34.56
CA ASN K 321 29.45 -23.32 -35.91
C ASN K 321 28.25 -22.35 -35.88
N GLY K 322 28.22 -21.52 -34.84
CA GLY K 322 27.18 -20.51 -34.62
C GLY K 322 25.90 -21.05 -34.02
N LYS K 323 25.88 -22.35 -33.65
CA LYS K 323 24.70 -23.00 -33.09
C LYS K 323 24.87 -23.29 -31.59
N PRO K 324 23.85 -22.92 -30.77
CA PRO K 324 23.91 -23.17 -29.32
C PRO K 324 23.82 -24.63 -28.92
N LEU K 325 24.53 -25.01 -27.86
CA LEU K 325 24.55 -26.34 -27.23
C LEU K 325 24.78 -26.21 -25.72
N GLU K 326 24.20 -27.12 -24.94
CA GLU K 326 24.43 -27.25 -23.51
C GLU K 326 25.03 -28.62 -23.29
N VAL K 327 26.15 -28.70 -22.59
CA VAL K 327 26.87 -29.96 -22.38
C VAL K 327 27.20 -30.10 -20.88
N GLU K 328 26.97 -31.28 -20.33
CA GLU K 328 27.28 -31.56 -18.93
C GLU K 328 28.67 -32.23 -18.87
N VAL K 329 29.61 -31.62 -18.15
CA VAL K 329 30.98 -32.08 -18.05
C VAL K 329 31.30 -32.44 -16.61
N THR K 330 31.95 -33.60 -16.41
CA THR K 330 32.43 -34.04 -15.10
C THR K 330 33.88 -33.59 -14.99
N LEU K 331 34.19 -32.85 -13.94
CA LEU K 331 35.51 -32.30 -13.74
C LEU K 331 36.50 -33.36 -13.31
N ASP K 332 37.69 -33.28 -13.91
CA ASP K 332 38.84 -34.12 -13.59
C ASP K 332 39.65 -33.43 -12.50
N THR K 333 40.79 -34.02 -12.12
CA THR K 333 41.71 -33.44 -11.12
C THR K 333 42.87 -32.79 -11.86
N SER K 334 43.43 -31.70 -11.31
CA SER K 334 44.56 -30.97 -11.87
C SER K 334 45.87 -31.39 -11.20
N PRO L 11 11.18 14.42 -6.64
CA PRO L 11 10.93 12.99 -6.35
C PRO L 11 12.22 12.21 -6.10
N LEU L 12 13.35 12.63 -6.73
CA LEU L 12 14.63 11.94 -6.58
C LEU L 12 15.25 12.19 -5.20
N PRO L 13 15.79 11.13 -4.54
CA PRO L 13 16.47 11.36 -3.24
C PRO L 13 17.73 12.21 -3.47
N SER L 14 17.99 13.12 -2.52
CA SER L 14 19.08 14.08 -2.60
C SER L 14 19.41 14.68 -1.25
N LEU L 15 20.67 15.12 -1.04
CA LEU L 15 21.05 15.78 0.21
C LEU L 15 20.91 17.29 0.06
N ALA L 16 20.66 17.77 -1.18
CA ALA L 16 20.48 19.18 -1.54
C ALA L 16 19.37 19.92 -0.69
N PRO L 17 18.15 19.36 -0.48
CA PRO L 17 17.17 20.08 0.35
C PRO L 17 17.71 20.42 1.74
N MET L 18 18.43 19.48 2.39
CA MET L 18 18.98 19.78 3.72
C MET L 18 20.24 20.66 3.60
N LEU L 19 21.07 20.44 2.56
CA LEU L 19 22.31 21.21 2.41
C LEU L 19 22.03 22.72 2.16
N GLU L 20 20.97 23.09 1.38
CA GLU L 20 20.57 24.48 1.11
C GLU L 20 20.36 25.31 2.39
N LYS L 21 19.84 24.70 3.45
CA LYS L 21 19.53 25.40 4.70
C LYS L 21 20.72 25.59 5.65
N VAL L 22 21.64 24.68 5.56
CA VAL L 22 22.72 24.49 6.50
C VAL L 22 24.12 24.89 5.97
N LEU L 23 24.40 24.80 4.64
CA LEU L 23 25.69 25.18 4.04
C LEU L 23 26.17 26.61 4.46
N PRO L 24 25.27 27.66 4.55
CA PRO L 24 25.74 28.99 5.01
C PRO L 24 26.38 29.00 6.41
N ALA L 25 26.06 27.99 7.24
CA ALA L 25 26.62 27.85 8.58
C ALA L 25 28.12 27.45 8.59
N VAL L 26 28.62 26.84 7.48
CA VAL L 26 30.01 26.39 7.37
C VAL L 26 30.82 27.45 6.59
N VAL L 27 31.90 27.93 7.20
CA VAL L 27 32.73 29.01 6.63
C VAL L 27 34.15 28.55 6.30
N SER L 28 34.84 29.37 5.50
CA SER L 28 36.22 29.23 5.11
C SER L 28 37.07 30.13 6.04
N VAL L 29 38.15 29.58 6.63
CA VAL L 29 39.00 30.32 7.56
C VAL L 29 40.37 30.56 6.90
N ARG L 30 40.68 31.82 6.64
CA ARG L 30 41.93 32.26 6.01
C ARG L 30 42.80 32.89 7.10
N VAL L 31 44.04 32.44 7.16
CA VAL L 31 44.98 32.83 8.21
C VAL L 31 46.30 33.37 7.58
N GLU L 32 46.85 34.42 8.20
CA GLU L 32 48.13 35.06 7.85
C GLU L 32 48.96 35.19 9.11
N GLY L 33 50.23 34.80 9.04
CA GLY L 33 51.12 34.89 10.20
C GLY L 33 52.60 34.89 9.87
N THR L 34 53.39 34.27 10.79
CA THR L 34 54.85 34.11 10.70
C THR L 34 55.27 32.62 10.74
N GLN L 59 59.31 33.92 8.88
CA GLN L 59 58.89 34.04 7.49
C GLN L 59 57.34 34.07 7.37
N PRO L 60 56.76 35.01 6.58
CA PRO L 60 55.28 35.07 6.45
C PRO L 60 54.67 33.88 5.71
N PHE L 61 53.43 33.52 6.10
CA PHE L 61 52.67 32.41 5.53
C PHE L 61 51.17 32.73 5.40
N GLU L 62 50.48 31.96 4.53
CA GLU L 62 49.03 32.02 4.31
C GLU L 62 48.48 30.60 4.44
N GLY L 63 47.63 30.41 5.46
CA GLY L 63 46.98 29.13 5.75
C GLY L 63 45.49 29.12 5.46
N LEU L 64 44.95 27.95 5.11
CA LEU L 64 43.53 27.83 4.80
C LEU L 64 42.92 26.58 5.40
N GLY L 65 41.75 26.79 5.97
CA GLY L 65 40.93 25.79 6.63
C GLY L 65 39.46 26.18 6.59
N SER L 66 38.67 25.49 7.43
CA SER L 66 37.24 25.73 7.55
C SER L 66 36.86 26.03 9.00
N GLY L 67 35.62 26.43 9.19
CA GLY L 67 35.02 26.70 10.50
C GLY L 67 33.51 26.57 10.46
N VAL L 68 32.88 26.52 11.63
CA VAL L 68 31.42 26.37 11.76
C VAL L 68 30.83 27.48 12.67
N ILE L 69 29.82 28.23 12.15
CA ILE L 69 29.13 29.26 12.93
C ILE L 69 28.22 28.53 13.94
N ILE L 70 28.57 28.70 15.21
CA ILE L 70 27.93 28.08 16.34
C ILE L 70 26.92 29.07 17.00
N ASN L 71 27.18 30.40 16.86
CA ASN L 71 26.31 31.50 17.34
C ASN L 71 26.29 32.65 16.32
N ALA L 72 25.19 32.78 15.57
CA ALA L 72 24.98 33.79 14.53
C ALA L 72 24.97 35.24 15.08
N SER L 73 24.36 35.47 16.27
CA SER L 73 24.26 36.80 16.91
C SER L 73 25.63 37.34 17.34
N LYS L 74 26.40 36.52 18.03
CA LYS L 74 27.73 36.90 18.53
C LYS L 74 28.85 36.68 17.49
N GLY L 75 28.56 35.93 16.43
CA GLY L 75 29.52 35.60 15.38
C GLY L 75 30.57 34.61 15.85
N TYR L 76 30.17 33.64 16.71
CA TYR L 76 31.07 32.62 17.27
C TYR L 76 31.29 31.45 16.28
N VAL L 77 32.57 31.26 15.90
CA VAL L 77 32.99 30.25 14.93
C VAL L 77 33.92 29.23 15.59
N LEU L 78 33.54 27.94 15.49
CA LEU L 78 34.32 26.79 15.95
C LEU L 78 35.25 26.36 14.83
N THR L 79 36.51 26.09 15.16
CA THR L 79 37.48 25.59 14.17
C THR L 79 38.54 24.77 14.94
N ASN L 80 39.64 24.42 14.27
CA ASN L 80 40.72 23.70 14.92
C ASN L 80 41.73 24.68 15.46
N ASN L 81 42.40 24.27 16.55
CA ASN L 81 43.50 25.07 17.08
C ASN L 81 44.67 25.10 16.06
N HIS L 82 44.99 23.94 15.41
CA HIS L 82 46.09 23.85 14.44
C HIS L 82 45.87 24.73 13.18
N VAL L 83 44.62 25.14 12.91
CA VAL L 83 44.29 26.03 11.78
C VAL L 83 44.73 27.45 12.12
N ILE L 84 44.55 27.82 13.40
CA ILE L 84 44.74 29.16 13.97
C ILE L 84 46.04 29.37 14.74
N ASN L 85 46.76 28.28 15.05
CA ASN L 85 48.00 28.22 15.83
C ASN L 85 48.96 29.44 15.71
N GLN L 86 49.42 29.77 14.49
CA GLN L 86 50.41 30.84 14.35
C GLN L 86 49.83 32.12 13.71
N ALA L 87 48.49 32.24 13.68
CA ALA L 87 47.80 33.35 13.04
C ALA L 87 48.01 34.69 13.71
N GLN L 88 48.24 35.71 12.87
CA GLN L 88 48.39 37.11 13.25
C GLN L 88 47.15 37.85 12.73
N LYS L 89 46.62 37.38 11.60
CA LYS L 89 45.39 37.87 10.97
C LYS L 89 44.50 36.69 10.58
N ILE L 90 43.20 36.75 10.96
CA ILE L 90 42.20 35.72 10.68
C ILE L 90 41.02 36.36 9.97
N SER L 91 40.65 35.79 8.82
CA SER L 91 39.48 36.21 8.03
C SER L 91 38.58 35.01 7.77
N ILE L 92 37.26 35.27 7.73
CA ILE L 92 36.23 34.26 7.49
C ILE L 92 35.54 34.60 6.18
N GLN L 93 35.26 33.59 5.35
CA GLN L 93 34.52 33.81 4.11
C GLN L 93 33.29 32.93 4.09
N LEU L 94 32.12 33.54 3.81
CA LEU L 94 30.83 32.84 3.72
C LEU L 94 30.67 32.31 2.31
N ASN L 95 29.75 31.35 2.11
CA ASN L 95 29.53 30.73 0.79
C ASN L 95 28.88 31.70 -0.21
N ASP L 96 28.43 32.89 0.23
CA ASP L 96 27.84 33.92 -0.64
C ASP L 96 28.93 34.92 -1.13
N GLY L 97 30.14 34.79 -0.56
CA GLY L 97 31.26 35.63 -0.92
C GLY L 97 31.62 36.68 0.11
N ARG L 98 30.79 36.88 1.15
CA ARG L 98 31.04 37.88 2.18
C ARG L 98 32.22 37.51 3.05
N GLU L 99 33.10 38.49 3.27
CA GLU L 99 34.33 38.36 4.06
C GLU L 99 34.22 39.16 5.36
N PHE L 100 34.73 38.60 6.44
CA PHE L 100 34.74 39.21 7.77
C PHE L 100 36.05 39.02 8.45
N ASP L 101 36.40 39.94 9.35
CA ASP L 101 37.59 39.74 10.16
C ASP L 101 37.19 38.94 11.39
N ALA L 102 38.14 38.22 11.97
CA ALA L 102 37.86 37.41 13.14
C ALA L 102 38.96 37.53 14.16
N LYS L 103 38.59 37.40 15.44
CA LYS L 103 39.53 37.45 16.54
C LYS L 103 39.43 36.14 17.33
N LEU L 104 40.58 35.65 17.80
CA LEU L 104 40.60 34.43 18.60
C LEU L 104 40.07 34.72 20.01
N ILE L 105 39.00 34.00 20.40
CA ILE L 105 38.38 34.12 21.73
C ILE L 105 39.19 33.26 22.71
N GLY L 106 39.52 32.06 22.29
CA GLY L 106 40.27 31.10 23.09
C GLY L 106 40.50 29.82 22.34
N SER L 107 41.37 28.97 22.86
CA SER L 107 41.72 27.70 22.23
C SER L 107 42.17 26.68 23.27
N ASP L 108 42.11 25.39 22.88
CA ASP L 108 42.60 24.26 23.66
C ASP L 108 43.55 23.44 22.80
N ASP L 109 44.84 23.44 23.15
CA ASP L 109 45.92 22.72 22.50
C ASP L 109 45.71 21.21 22.57
N GLN L 110 45.29 20.71 23.74
CA GLN L 110 45.13 19.29 24.01
C GLN L 110 44.01 18.62 23.19
N SER L 111 42.85 19.30 23.04
CA SER L 111 41.73 18.72 22.30
C SER L 111 41.69 19.19 20.84
N ASP L 112 42.43 20.29 20.50
CA ASP L 112 42.54 20.93 19.17
C ASP L 112 41.26 21.70 18.80
N ILE L 113 40.69 22.42 19.76
CA ILE L 113 39.51 23.24 19.48
C ILE L 113 39.85 24.70 19.74
N ALA L 114 39.45 25.57 18.83
CA ALA L 114 39.64 27.00 18.94
C ALA L 114 38.34 27.70 18.61
N LEU L 115 38.04 28.78 19.35
CA LEU L 115 36.83 29.56 19.14
C LEU L 115 37.19 30.96 18.67
N LEU L 116 36.55 31.39 17.59
CA LEU L 116 36.74 32.69 16.98
C LEU L 116 35.47 33.52 17.08
N GLN L 117 35.62 34.86 17.00
CA GLN L 117 34.52 35.78 16.96
C GLN L 117 34.65 36.68 15.75
N ILE L 118 33.61 36.66 14.91
CA ILE L 118 33.51 37.50 13.72
C ILE L 118 33.33 38.94 14.17
N GLN L 119 34.15 39.85 13.61
CA GLN L 119 34.09 41.28 13.87
C GLN L 119 32.98 41.87 12.99
N ASN L 120 32.02 42.55 13.64
CA ASN L 120 30.82 43.16 13.04
C ASN L 120 30.01 42.11 12.27
N PRO L 121 29.51 41.04 12.97
CA PRO L 121 28.71 40.01 12.26
C PRO L 121 27.38 40.59 11.78
N SER L 122 26.84 40.06 10.68
CA SER L 122 25.59 40.52 10.06
C SER L 122 25.00 39.41 9.18
N LYS L 123 23.67 39.17 9.32
CA LYS L 123 22.88 38.20 8.53
C LYS L 123 23.61 36.81 8.44
N LEU L 124 24.02 36.29 9.59
CA LEU L 124 24.71 35.03 9.72
C LEU L 124 23.74 33.86 9.98
N THR L 125 24.13 32.65 9.54
CA THR L 125 23.39 31.41 9.75
C THR L 125 24.20 30.58 10.73
N GLN L 126 23.54 30.00 11.74
CA GLN L 126 24.25 29.16 12.69
C GLN L 126 23.82 27.70 12.51
N ILE L 127 24.64 26.80 13.00
CA ILE L 127 24.38 25.38 12.93
C ILE L 127 23.63 24.89 14.18
N ALA L 128 22.79 23.86 13.98
CA ALA L 128 22.14 23.14 15.07
C ALA L 128 23.11 22.05 15.52
N ILE L 129 23.25 21.81 16.82
CA ILE L 129 24.17 20.80 17.33
C ILE L 129 23.42 19.53 17.80
N ALA L 130 23.82 18.35 17.27
CA ALA L 130 23.24 17.06 17.62
C ALA L 130 24.00 16.40 18.78
N ASP L 131 23.37 15.39 19.39
CA ASP L 131 23.97 14.60 20.48
C ASP L 131 24.83 13.50 19.83
N SER L 132 26.16 13.73 19.87
CA SER L 132 27.14 12.82 19.27
C SER L 132 27.19 11.46 20.03
N ASP L 133 26.71 11.42 21.29
CA ASP L 133 26.65 10.18 22.07
C ASP L 133 25.54 9.24 21.56
N LYS L 134 24.62 9.75 20.71
CA LYS L 134 23.55 8.95 20.15
C LYS L 134 23.95 8.36 18.77
N LEU L 135 25.18 8.65 18.31
CA LEU L 135 25.68 8.18 17.01
C LEU L 135 25.99 6.69 17.03
N ARG L 136 25.88 6.07 15.85
CA ARG L 136 26.19 4.67 15.67
C ARG L 136 26.93 4.44 14.37
N VAL L 137 27.78 3.43 14.34
CA VAL L 137 28.51 3.01 13.16
C VAL L 137 27.46 2.61 12.10
N GLY L 138 27.51 3.26 10.93
CA GLY L 138 26.56 3.05 9.85
C GLY L 138 25.71 4.27 9.56
N ASP L 139 25.61 5.21 10.53
CA ASP L 139 24.87 6.47 10.35
C ASP L 139 25.53 7.29 9.25
N PHE L 140 24.71 7.95 8.44
CA PHE L 140 25.22 8.73 7.32
C PHE L 140 25.78 10.08 7.78
N ALA L 141 26.87 10.52 7.14
CA ALA L 141 27.54 11.77 7.47
C ALA L 141 27.92 12.54 6.22
N VAL L 142 27.87 13.88 6.32
CA VAL L 142 28.25 14.84 5.28
C VAL L 142 29.32 15.76 5.86
N ALA L 143 30.49 15.73 5.22
CA ALA L 143 31.63 16.56 5.60
C ALA L 143 31.58 17.86 4.80
N VAL L 144 31.63 19.00 5.49
CA VAL L 144 31.59 20.26 4.75
C VAL L 144 32.82 21.11 5.09
N GLY L 145 33.55 21.48 4.06
CA GLY L 145 34.77 22.24 4.25
C GLY L 145 35.34 22.81 2.98
N ASN L 146 36.59 23.29 3.06
CA ASN L 146 37.33 23.95 1.98
C ASN L 146 38.60 23.16 1.60
N PRO L 147 38.53 21.90 1.10
CA PRO L 147 39.78 21.21 0.75
C PRO L 147 40.53 21.91 -0.39
N PHE L 148 41.87 22.02 -0.22
CA PHE L 148 42.83 22.61 -1.17
C PHE L 148 42.47 24.06 -1.62
N GLY L 149 41.73 24.75 -0.76
CA GLY L 149 41.26 26.12 -0.96
C GLY L 149 40.38 26.29 -2.18
N LEU L 150 39.58 25.25 -2.51
CA LEU L 150 38.76 25.29 -3.72
C LEU L 150 37.48 26.11 -3.56
N GLY L 151 37.04 26.23 -2.33
CA GLY L 151 35.78 26.80 -1.95
C GLY L 151 35.01 25.69 -1.26
N GLN L 152 33.85 26.02 -0.68
CA GLN L 152 33.00 25.10 0.07
C GLN L 152 32.62 23.89 -0.79
N THR L 153 32.99 22.72 -0.27
CA THR L 153 32.84 21.39 -0.84
C THR L 153 32.13 20.51 0.15
N ALA L 154 31.16 19.73 -0.33
CA ALA L 154 30.42 18.77 0.48
C ALA L 154 30.77 17.35 0.03
N THR L 155 31.13 16.47 0.98
CA THR L 155 31.44 15.07 0.65
C THR L 155 30.60 14.20 1.57
N SER L 156 30.21 13.03 1.09
CA SER L 156 29.31 12.12 1.79
C SER L 156 29.98 10.79 2.14
N GLY L 157 29.54 10.21 3.26
CA GLY L 157 30.01 8.92 3.73
C GLY L 157 29.19 8.41 4.89
N ILE L 158 29.80 7.53 5.70
CA ILE L 158 29.14 6.96 6.90
C ILE L 158 30.01 7.19 8.12
N VAL L 159 29.44 6.91 9.32
CA VAL L 159 30.20 6.87 10.56
C VAL L 159 30.83 5.49 10.55
N SER L 160 32.17 5.45 10.42
CA SER L 160 32.97 4.25 10.29
C SER L 160 33.32 3.61 11.64
N ALA L 161 33.56 4.45 12.66
CA ALA L 161 33.94 4.09 14.01
C ALA L 161 33.71 5.24 14.97
N LEU L 162 33.66 4.93 16.28
CA LEU L 162 33.43 5.92 17.34
C LEU L 162 34.36 5.67 18.49
N GLY L 163 34.66 6.74 19.24
CA GLY L 163 35.52 6.70 20.41
C GLY L 163 36.94 6.32 20.10
N ARG L 164 37.46 6.79 18.97
CA ARG L 164 38.80 6.48 18.50
C ARG L 164 39.86 7.28 19.23
N SER L 165 40.81 6.53 19.82
CA SER L 165 41.92 7.02 20.63
C SER L 165 43.24 6.41 20.16
N GLY L 166 44.31 6.76 20.88
CA GLY L 166 45.66 6.25 20.68
C GLY L 166 46.22 6.41 19.28
N LEU L 167 45.85 7.50 18.61
CA LEU L 167 46.31 7.79 17.25
C LEU L 167 47.51 8.75 17.31
N ASN L 168 47.85 9.24 18.52
CA ASN L 168 48.95 10.18 18.80
C ASN L 168 48.83 11.42 17.90
N LEU L 169 47.61 11.92 17.74
CA LEU L 169 47.29 13.11 16.95
C LEU L 169 47.12 14.29 17.88
N GLU L 170 46.33 14.04 18.95
CA GLU L 170 45.97 14.98 19.97
C GLU L 170 46.28 14.47 21.36
N GLY L 171 46.31 15.39 22.33
CA GLY L 171 46.48 15.07 23.74
C GLY L 171 45.24 14.36 24.25
N LEU L 172 44.05 14.85 23.85
CA LEU L 172 42.75 14.29 24.20
C LEU L 172 42.01 13.92 22.93
N GLU L 173 41.71 12.63 22.78
CA GLU L 173 41.05 12.06 21.59
C GLU L 173 39.84 11.21 21.96
N ASN L 174 38.76 11.40 21.23
CA ASN L 174 37.53 10.63 21.33
C ASN L 174 36.83 10.78 19.99
N PHE L 175 37.63 10.61 18.93
CA PHE L 175 37.27 10.81 17.54
C PHE L 175 36.19 9.94 16.97
N ILE L 176 35.39 10.56 16.10
CA ILE L 176 34.45 9.94 15.19
C ILE L 176 35.28 9.64 13.97
N GLN L 177 35.17 8.43 13.41
CA GLN L 177 35.89 8.10 12.18
C GLN L 177 34.86 8.04 11.05
N THR L 178 35.20 8.63 9.89
CA THR L 178 34.26 8.67 8.75
C THR L 178 34.99 8.38 7.44
N ASP L 179 34.26 7.86 6.44
CA ASP L 179 34.83 7.59 5.12
C ASP L 179 34.47 8.71 4.13
N ALA L 180 33.84 9.79 4.61
CA ALA L 180 33.58 10.97 3.80
C ALA L 180 34.93 11.59 3.47
N SER L 181 35.19 11.90 2.19
CA SER L 181 36.48 12.48 1.77
C SER L 181 36.80 13.79 2.54
N ILE L 182 37.84 13.73 3.35
CA ILE L 182 38.36 14.81 4.15
C ILE L 182 39.84 14.95 3.73
N ASN L 183 40.19 16.15 3.29
CA ASN L 183 41.52 16.48 2.79
C ASN L 183 42.05 17.73 3.46
N ARG L 184 43.32 18.11 3.17
CA ARG L 184 43.91 19.34 3.70
C ARG L 184 43.03 20.51 3.30
N GLY L 185 42.60 21.28 4.29
CA GLY L 185 41.69 22.42 4.12
C GLY L 185 40.32 22.16 4.71
N ASN L 186 39.99 20.88 5.05
CA ASN L 186 38.70 20.48 5.67
C ASN L 186 38.70 20.67 7.20
N SER L 187 39.92 20.78 7.79
CA SER L 187 40.16 20.96 9.24
C SER L 187 39.40 22.19 9.77
N GLY L 188 38.67 21.98 10.88
CA GLY L 188 37.81 22.98 11.49
C GLY L 188 36.41 22.97 10.89
N GLY L 189 36.25 22.31 9.73
CA GLY L 189 34.99 22.13 9.04
C GLY L 189 34.00 21.26 9.79
N ALA L 190 32.81 21.11 9.21
CA ALA L 190 31.67 20.44 9.83
C ALA L 190 31.44 19.04 9.37
N LEU L 191 31.14 18.18 10.34
CA LEU L 191 30.65 16.86 10.03
C LEU L 191 29.16 16.89 10.43
N LEU L 192 28.29 16.73 9.43
CA LEU L 192 26.84 16.81 9.65
C LEU L 192 26.13 15.45 9.55
N ASN L 193 24.92 15.34 10.18
CA ASN L 193 24.04 14.20 9.99
C ASN L 193 23.09 14.54 8.84
N LEU L 194 22.11 13.68 8.54
CA LEU L 194 21.15 13.88 7.44
C LEU L 194 20.11 15.01 7.73
N ASN L 195 20.10 15.55 8.98
CA ASN L 195 19.26 16.68 9.35
C ASN L 195 20.05 17.99 9.25
N GLY L 196 21.32 17.88 8.92
CA GLY L 196 22.21 19.02 8.82
C GLY L 196 22.68 19.53 10.16
N GLU L 197 22.61 18.68 11.19
CA GLU L 197 23.05 19.02 12.53
C GLU L 197 24.50 18.57 12.73
N LEU L 198 25.27 19.38 13.44
CA LEU L 198 26.67 19.12 13.74
C LEU L 198 26.85 17.89 14.63
N ILE L 199 27.51 16.86 14.09
CA ILE L 199 27.83 15.64 14.84
C ILE L 199 29.31 15.67 15.22
N GLY L 200 30.09 16.47 14.52
CA GLY L 200 31.51 16.61 14.82
C GLY L 200 32.20 17.71 14.05
N ILE L 201 33.47 17.97 14.42
CA ILE L 201 34.35 18.97 13.77
C ILE L 201 35.49 18.21 13.11
N ASN L 202 35.63 18.31 11.76
CA ASN L 202 36.69 17.64 11.01
C ASN L 202 38.04 18.16 11.48
N THR L 203 38.91 17.25 11.97
CA THR L 203 40.19 17.64 12.58
C THR L 203 41.43 16.98 11.90
N ALA L 204 41.43 15.64 11.67
CA ALA L 204 42.60 14.95 11.17
C ALA L 204 42.26 13.83 10.22
N ILE L 205 43.27 13.31 9.51
CA ILE L 205 43.11 12.16 8.60
C ILE L 205 44.31 11.21 8.68
N LEU L 206 44.11 9.95 8.28
CA LEU L 206 45.17 8.95 8.08
C LEU L 206 45.32 8.85 6.59
N ALA L 207 46.47 9.23 6.06
CA ALA L 207 46.72 9.25 4.63
C ALA L 207 48.19 8.94 4.32
N PRO L 208 48.48 7.76 3.75
CA PRO L 208 49.87 7.43 3.37
C PRO L 208 50.54 8.49 2.44
N GLY L 209 49.79 9.04 1.48
CA GLY L 209 50.35 10.03 0.57
C GLY L 209 49.77 11.44 0.63
N GLY L 210 49.39 11.90 1.83
CA GLY L 210 48.85 13.25 2.02
C GLY L 210 47.43 13.53 1.51
N GLY L 211 46.79 12.54 0.85
CA GLY L 211 45.43 12.65 0.35
C GLY L 211 44.51 11.62 0.97
N SER L 212 43.21 11.92 1.03
CA SER L 212 42.16 11.06 1.58
C SER L 212 42.14 9.64 0.98
N VAL L 213 42.05 8.66 1.89
CA VAL L 213 41.94 7.23 1.61
C VAL L 213 40.67 6.70 2.32
N GLY L 214 39.84 7.62 2.83
CA GLY L 214 38.59 7.31 3.52
C GLY L 214 38.71 7.04 5.02
N ILE L 215 39.76 7.56 5.67
CA ILE L 215 40.00 7.45 7.11
C ILE L 215 40.15 8.88 7.65
N GLY L 216 39.03 9.47 8.04
CA GLY L 216 38.97 10.82 8.56
C GLY L 216 38.51 10.83 9.99
N PHE L 217 38.98 11.81 10.76
CA PHE L 217 38.62 11.94 12.17
C PHE L 217 38.01 13.30 12.49
N ALA L 218 36.96 13.25 13.32
CA ALA L 218 36.25 14.41 13.81
C ALA L 218 36.15 14.42 15.32
N ILE L 219 36.35 15.63 15.91
CA ILE L 219 36.12 15.82 17.35
C ILE L 219 34.60 15.75 17.51
N PRO L 220 34.03 14.87 18.36
CA PRO L 220 32.54 14.83 18.47
C PRO L 220 31.93 16.14 18.95
N SER L 221 30.75 16.49 18.40
CA SER L 221 30.00 17.73 18.69
C SER L 221 29.75 17.99 20.19
N ASN L 222 29.49 16.94 21.01
CA ASN L 222 29.31 17.11 22.46
C ASN L 222 30.58 17.64 23.12
N MET L 223 31.74 17.08 22.75
CA MET L 223 33.05 17.54 23.21
C MET L 223 33.33 18.95 22.69
N ALA L 224 33.07 19.17 21.39
CA ALA L 224 33.23 20.45 20.70
C ALA L 224 32.41 21.57 21.35
N ARG L 225 31.11 21.29 21.67
CA ARG L 225 30.12 22.19 22.28
C ARG L 225 30.56 22.60 23.68
N THR L 226 30.88 21.63 24.54
CA THR L 226 31.32 21.83 25.93
C THR L 226 32.56 22.73 26.01
N LEU L 227 33.57 22.48 25.17
CA LEU L 227 34.79 23.27 25.14
C LEU L 227 34.46 24.67 24.63
N ALA L 228 33.65 24.78 23.55
CA ALA L 228 33.20 26.07 23.02
C ALA L 228 32.51 26.89 24.15
N GLN L 229 31.75 26.24 25.06
CA GLN L 229 31.14 26.92 26.21
C GLN L 229 32.20 27.45 27.18
N GLN L 230 33.20 26.58 27.54
CA GLN L 230 34.32 26.92 28.44
C GLN L 230 35.05 28.16 27.94
N LEU L 231 35.22 28.26 26.62
CA LEU L 231 35.94 29.37 26.01
C LEU L 231 35.09 30.65 25.93
N ILE L 232 33.74 30.57 25.75
CA ILE L 232 32.91 31.80 25.71
C ILE L 232 32.83 32.36 27.15
N ASP L 233 32.74 31.48 28.15
CA ASP L 233 32.57 31.81 29.56
C ASP L 233 33.84 32.31 30.27
N PHE L 234 35.02 31.71 29.97
CA PHE L 234 36.26 32.04 30.70
C PHE L 234 37.46 32.43 29.83
N GLY L 235 37.32 32.29 28.51
CA GLY L 235 38.41 32.60 27.58
C GLY L 235 39.50 31.54 27.59
N GLU L 236 39.28 30.47 28.36
CA GLU L 236 40.15 29.32 28.54
C GLU L 236 39.29 28.13 28.99
N ILE L 237 39.78 26.91 28.80
CA ILE L 237 39.06 25.71 29.25
C ILE L 237 39.30 25.48 30.75
N LYS L 238 38.50 24.61 31.36
CA LYS L 238 38.63 24.19 32.75
C LYS L 238 38.70 22.66 32.77
N ARG L 239 39.89 22.12 33.04
CA ARG L 239 40.19 20.69 33.00
C ARG L 239 39.77 19.98 34.28
N GLY L 240 38.82 19.07 34.14
CA GLY L 240 38.38 18.27 35.26
C GLY L 240 39.27 17.05 35.50
N LEU L 241 39.23 16.50 36.73
CA LEU L 241 39.91 15.25 37.03
C LEU L 241 39.17 14.46 38.10
N LEU L 242 39.21 13.12 37.97
CA LEU L 242 38.62 12.16 38.89
C LEU L 242 39.51 11.98 40.13
N GLY L 243 40.81 11.88 39.92
CA GLY L 243 41.82 11.60 40.95
C GLY L 243 42.09 10.11 40.95
N ILE L 244 42.18 9.56 39.74
CA ILE L 244 42.36 8.15 39.41
C ILE L 244 43.63 7.95 38.61
N LYS L 245 44.33 6.86 38.87
CA LYS L 245 45.50 6.42 38.12
C LYS L 245 45.18 5.01 37.68
N GLY L 246 45.31 4.77 36.39
CA GLY L 246 44.99 3.46 35.85
C GLY L 246 45.56 3.14 34.49
N THR L 247 45.25 1.93 34.05
CA THR L 247 45.66 1.34 32.77
C THR L 247 44.41 0.92 32.02
N GLU L 248 44.59 0.50 30.78
CA GLU L 248 43.53 -0.02 29.95
C GLU L 248 43.13 -1.38 30.44
N MET L 249 41.83 -1.59 30.50
CA MET L 249 41.25 -2.87 30.82
C MET L 249 41.48 -3.77 29.60
N SER L 250 41.88 -5.02 29.82
CA SER L 250 42.13 -5.97 28.74
C SER L 250 41.36 -7.30 28.93
N ALA L 251 41.34 -8.12 27.87
CA ALA L 251 40.76 -9.46 27.85
C ALA L 251 41.53 -10.36 28.81
N ASP L 252 42.81 -10.03 29.04
CA ASP L 252 43.74 -10.76 29.92
C ASP L 252 43.35 -10.56 31.38
N ILE L 253 43.08 -9.29 31.80
CA ILE L 253 42.60 -8.99 33.16
C ILE L 253 41.25 -9.70 33.33
N ALA L 254 40.34 -9.53 32.35
CA ALA L 254 39.00 -10.13 32.34
C ALA L 254 39.04 -11.65 32.53
N LYS L 255 39.93 -12.37 31.80
CA LYS L 255 40.06 -13.84 31.90
C LYS L 255 40.55 -14.27 33.29
N ALA L 256 41.57 -13.56 33.81
CA ALA L 256 42.16 -13.80 35.13
C ALA L 256 41.12 -13.71 36.28
N PHE L 257 40.11 -12.81 36.15
CA PHE L 257 39.11 -12.59 37.19
C PHE L 257 37.69 -13.01 36.78
N ASN L 258 37.57 -13.83 35.72
CA ASN L 258 36.33 -14.38 35.17
C ASN L 258 35.24 -13.28 35.00
N LEU L 259 35.61 -12.16 34.35
CA LEU L 259 34.73 -11.02 34.10
C LEU L 259 34.17 -11.05 32.68
N ASP L 260 33.00 -10.43 32.48
CA ASP L 260 32.27 -10.39 31.21
C ASP L 260 32.46 -9.05 30.44
N VAL L 261 33.40 -8.22 30.91
CA VAL L 261 33.76 -6.94 30.28
C VAL L 261 35.28 -6.94 30.05
N GLN L 262 35.75 -6.43 28.91
CA GLN L 262 37.18 -6.42 28.58
C GLN L 262 37.66 -5.03 28.13
N ARG L 263 36.77 -4.04 28.16
CA ARG L 263 37.10 -2.67 27.77
C ARG L 263 36.70 -1.72 28.88
N GLY L 264 37.61 -0.78 29.15
CA GLY L 264 37.39 0.23 30.17
C GLY L 264 38.66 0.67 30.87
N ALA L 265 38.52 1.10 32.13
CA ALA L 265 39.65 1.54 32.94
C ALA L 265 39.87 0.63 34.11
N PHE L 266 41.10 0.17 34.27
CA PHE L 266 41.53 -0.62 35.41
C PHE L 266 42.19 0.34 36.39
N VAL L 267 41.58 0.53 37.58
CA VAL L 267 42.08 1.49 38.58
C VAL L 267 43.19 0.86 39.38
N SER L 268 44.35 1.51 39.39
CA SER L 268 45.51 1.05 40.15
C SER L 268 45.72 1.91 41.39
N GLU L 269 45.27 3.17 41.35
CA GLU L 269 45.50 4.11 42.44
C GLU L 269 44.40 5.17 42.48
N VAL L 270 43.88 5.42 43.68
CA VAL L 270 42.89 6.48 43.95
C VAL L 270 43.61 7.52 44.79
N LEU L 271 43.76 8.74 44.26
CA LEU L 271 44.49 9.80 44.96
C LEU L 271 43.70 10.28 46.20
N PRO L 272 44.34 10.36 47.39
CA PRO L 272 43.58 10.76 48.60
C PRO L 272 43.19 12.23 48.56
N GLY L 273 41.95 12.51 48.98
CA GLY L 273 41.38 13.86 48.98
C GLY L 273 40.65 14.23 47.71
N SER L 274 40.72 13.35 46.70
CA SER L 274 40.07 13.54 45.40
C SER L 274 38.59 13.18 45.50
N GLY L 275 37.82 13.58 44.49
CA GLY L 275 36.39 13.28 44.39
C GLY L 275 36.14 11.79 44.37
N SER L 276 37.04 11.03 43.74
CA SER L 276 36.99 9.56 43.63
C SER L 276 37.22 8.88 44.98
N ALA L 277 38.12 9.48 45.80
CA ALA L 277 38.46 9.02 47.15
C ALA L 277 37.22 9.16 48.06
N LYS L 278 36.59 10.37 48.03
CA LYS L 278 35.37 10.76 48.74
C LYS L 278 34.15 9.94 48.28
N ALA L 279 34.11 9.62 46.98
CA ALA L 279 33.04 8.86 46.33
C ALA L 279 33.10 7.36 46.63
N GLY L 280 34.23 6.89 47.16
CA GLY L 280 34.46 5.49 47.51
C GLY L 280 35.05 4.61 46.43
N VAL L 281 35.73 5.22 45.42
CA VAL L 281 36.38 4.45 44.34
C VAL L 281 37.61 3.79 44.95
N LYS L 282 37.83 2.51 44.64
CA LYS L 282 38.97 1.76 45.21
C LYS L 282 39.90 1.15 44.13
N ALA L 283 41.20 0.96 44.47
CA ALA L 283 42.18 0.27 43.62
C ALA L 283 41.64 -1.12 43.26
N GLY L 284 41.84 -1.50 42.01
CA GLY L 284 41.36 -2.78 41.51
C GLY L 284 39.99 -2.72 40.88
N ASP L 285 39.31 -1.54 40.96
CA ASP L 285 38.00 -1.35 40.34
C ASP L 285 38.14 -1.25 38.82
N ILE L 286 37.08 -1.62 38.10
CA ILE L 286 37.06 -1.53 36.65
C ILE L 286 35.92 -0.61 36.24
N ILE L 287 36.27 0.62 35.82
CA ILE L 287 35.30 1.60 35.35
C ILE L 287 34.83 1.18 33.97
N THR L 288 33.55 0.84 33.86
CA THR L 288 32.84 0.32 32.69
C THR L 288 32.00 1.39 31.97
N SER L 289 31.47 2.35 32.72
CA SER L 289 30.57 3.38 32.19
C SER L 289 30.85 4.73 32.74
N LEU L 290 30.43 5.74 31.98
CA LEU L 290 30.44 7.15 32.36
C LEU L 290 29.08 7.69 31.98
N ASN L 291 28.29 8.10 33.01
CA ASN L 291 26.94 8.64 32.89
C ASN L 291 26.04 7.70 32.07
N GLY L 292 26.11 6.41 32.38
CA GLY L 292 25.31 5.38 31.74
C GLY L 292 25.79 4.92 30.38
N LYS L 293 26.77 5.61 29.80
CA LYS L 293 27.30 5.23 28.48
C LYS L 293 28.54 4.34 28.66
N PRO L 294 28.55 3.10 28.07
CA PRO L 294 29.73 2.23 28.19
C PRO L 294 31.00 2.84 27.59
N LEU L 295 32.13 2.62 28.27
CA LEU L 295 33.44 3.10 27.85
C LEU L 295 34.15 2.04 27.03
N ASN L 296 34.68 2.42 25.85
CA ASN L 296 35.42 1.45 25.05
C ASN L 296 36.92 1.48 25.44
N SER L 297 37.36 2.49 26.25
CA SER L 297 38.75 2.58 26.73
C SER L 297 38.94 3.56 27.89
N PHE L 298 40.11 3.43 28.56
CA PHE L 298 40.56 4.34 29.60
C PHE L 298 40.86 5.71 28.98
N ALA L 299 41.37 5.72 27.73
CA ALA L 299 41.69 6.91 26.94
C ALA L 299 40.43 7.73 26.68
N GLU L 300 39.28 7.05 26.44
CA GLU L 300 37.97 7.68 26.25
C GLU L 300 37.54 8.36 27.55
N LEU L 301 37.72 7.63 28.68
CA LEU L 301 37.42 8.11 30.03
C LEU L 301 38.26 9.35 30.34
N ARG L 302 39.57 9.28 30.08
CA ARG L 302 40.55 10.34 30.24
C ARG L 302 40.15 11.62 29.46
N SER L 303 39.78 11.50 28.17
CA SER L 303 39.41 12.63 27.30
C SER L 303 38.06 13.27 27.70
N ARG L 304 37.05 12.45 28.05
CA ARG L 304 35.72 12.89 28.47
C ARG L 304 35.77 13.65 29.83
N ILE L 305 36.50 13.12 30.83
CA ILE L 305 36.67 13.75 32.15
C ILE L 305 37.49 15.04 32.04
N ALA L 306 38.51 15.08 31.17
CA ALA L 306 39.33 16.30 30.99
C ALA L 306 38.53 17.44 30.31
N THR L 307 37.52 17.08 29.52
CA THR L 307 36.65 17.98 28.75
C THR L 307 35.51 18.50 29.65
N THR L 308 35.18 17.76 30.72
CA THR L 308 34.13 18.14 31.66
C THR L 308 34.70 19.14 32.69
N GLU L 309 33.91 20.16 33.02
CA GLU L 309 34.25 21.24 33.94
C GLU L 309 34.42 20.77 35.41
N PRO L 310 35.47 21.22 36.14
CA PRO L 310 35.60 20.86 37.56
C PRO L 310 34.37 21.29 38.36
N GLY L 311 33.95 20.44 39.30
CA GLY L 311 32.76 20.68 40.11
C GLY L 311 31.56 19.88 39.64
N THR L 312 31.59 19.45 38.36
CA THR L 312 30.52 18.64 37.76
C THR L 312 30.49 17.26 38.42
N LYS L 313 29.27 16.75 38.64
CA LYS L 313 29.08 15.41 39.19
C LYS L 313 28.86 14.43 38.04
N VAL L 314 29.59 13.31 38.08
CA VAL L 314 29.52 12.26 37.04
C VAL L 314 29.17 10.92 37.69
N LYS L 315 28.50 10.04 36.94
CA LYS L 315 28.15 8.72 37.42
C LYS L 315 29.08 7.70 36.77
N LEU L 316 29.76 6.90 37.61
CA LEU L 316 30.74 5.90 37.22
C LEU L 316 30.21 4.48 37.33
N GLY L 317 30.10 3.82 36.19
CA GLY L 317 29.76 2.40 36.08
C GLY L 317 31.01 1.64 36.46
N LEU L 318 30.96 0.93 37.57
CA LEU L 318 32.11 0.31 38.20
C LEU L 318 31.92 -1.20 38.35
N LEU L 319 33.00 -1.92 38.66
CA LEU L 319 32.96 -3.38 38.84
C LEU L 319 34.01 -3.82 39.86
N ARG L 320 33.60 -4.09 41.11
CA ARG L 320 34.55 -4.57 42.12
C ARG L 320 34.16 -5.97 42.60
N ASN L 321 35.16 -6.86 42.56
CA ASN L 321 35.11 -8.29 42.86
C ASN L 321 34.03 -8.97 41.98
N GLY L 322 33.90 -8.46 40.75
CA GLY L 322 32.96 -8.95 39.75
C GLY L 322 31.55 -8.46 39.92
N LYS L 323 31.31 -7.57 40.90
CA LYS L 323 29.97 -7.07 41.21
C LYS L 323 29.79 -5.62 40.75
N PRO L 324 28.66 -5.31 40.07
CA PRO L 324 28.42 -3.94 39.58
C PRO L 324 28.07 -2.95 40.69
N LEU L 325 28.52 -1.70 40.51
CA LEU L 325 28.28 -0.53 41.38
C LEU L 325 28.19 0.73 40.56
N GLU L 326 27.43 1.71 41.02
CA GLU L 326 27.31 3.03 40.40
C GLU L 326 27.78 4.02 41.44
N VAL L 327 28.73 4.88 41.08
CA VAL L 327 29.32 5.82 42.02
C VAL L 327 29.26 7.23 41.43
N GLU L 328 28.78 8.20 42.23
CA GLU L 328 28.72 9.60 41.83
C GLU L 328 29.98 10.31 42.32
N VAL L 329 30.72 10.94 41.38
CA VAL L 329 31.99 11.59 41.69
C VAL L 329 31.89 13.07 41.31
N THR L 330 32.38 13.96 42.19
CA THR L 330 32.48 15.39 41.93
C THR L 330 33.88 15.64 41.42
N LEU L 331 33.99 16.25 40.23
CA LEU L 331 35.27 16.47 39.59
C LEU L 331 36.08 17.57 40.24
N ASP L 332 37.38 17.32 40.39
CA ASP L 332 38.36 18.27 40.90
C ASP L 332 38.95 19.04 39.72
N THR L 333 39.92 19.92 39.97
CA THR L 333 40.59 20.67 38.91
C THR L 333 41.95 20.01 38.66
N SER L 334 42.45 20.08 37.40
CA SER L 334 43.74 19.53 36.99
C SER L 334 44.85 20.60 37.02
N UNK M 1 15.38 -49.15 33.58
CA UNK M 1 16.82 -49.38 33.73
C UNK M 1 17.68 -48.29 33.03
N UNK M 2 18.96 -48.13 33.48
CA UNK M 2 19.92 -47.16 32.95
C UNK M 2 20.49 -47.61 31.61
N UNK M 3 20.32 -46.77 30.58
CA UNK M 3 20.86 -47.04 29.26
C UNK M 3 22.16 -46.26 29.06
N UNK M 4 23.08 -46.80 28.25
CA UNK M 4 24.34 -46.13 27.95
C UNK M 4 24.13 -45.04 26.89
N UNK M 5 24.78 -43.88 27.09
CA UNK M 5 24.75 -42.72 26.21
C UNK M 5 26.16 -42.14 26.10
N UNK N 1 0.51 -54.20 -23.94
CA UNK N 1 0.06 -54.47 -25.31
C UNK N 1 -0.47 -53.19 -25.98
N UNK N 2 -0.65 -53.20 -27.34
CA UNK N 2 -1.13 -52.05 -28.12
C UNK N 2 -2.63 -51.82 -27.97
N UNK N 3 -3.02 -50.67 -27.44
CA UNK N 3 -4.42 -50.30 -27.32
C UNK N 3 -4.76 -49.31 -28.45
N UNK N 4 -6.02 -49.37 -28.94
CA UNK N 4 -6.49 -48.45 -29.95
C UNK N 4 -6.87 -47.11 -29.32
N UNK N 5 -6.49 -45.99 -29.97
CA UNK N 5 -6.79 -44.64 -29.53
C UNK N 5 -7.41 -43.82 -30.70
N UNK O 1 -40.97 -38.70 15.60
CA UNK O 1 -41.72 -38.40 16.83
C UNK O 1 -41.33 -37.01 17.41
N UNK O 2 -42.25 -36.41 18.22
CA UNK O 2 -42.08 -35.11 18.84
C UNK O 2 -41.13 -35.18 20.03
N UNK O 3 -40.04 -34.39 19.98
CA UNK O 3 -39.10 -34.30 21.09
C UNK O 3 -39.36 -33.01 21.85
N UNK O 4 -39.20 -33.03 23.18
CA UNK O 4 -39.38 -31.83 23.99
C UNK O 4 -38.10 -31.00 23.95
N UNK O 5 -38.25 -29.67 23.83
CA UNK O 5 -37.16 -28.70 23.80
C UNK O 5 -37.46 -27.54 24.74
N UNK P 1 -12.54 45.24 -36.43
CA UNK P 1 -13.01 46.40 -35.66
C UNK P 1 -13.07 46.11 -34.13
N UNK P 2 -13.14 47.17 -33.29
CA UNK P 2 -13.20 47.07 -31.82
C UNK P 2 -14.57 46.66 -31.35
N UNK P 3 -14.63 45.55 -30.61
CA UNK P 3 -15.89 45.05 -30.03
C UNK P 3 -15.99 45.50 -28.56
N UNK P 4 -17.23 45.71 -28.08
CA UNK P 4 -17.49 46.10 -26.69
C UNK P 4 -17.36 44.86 -25.77
N UNK P 5 -16.74 45.06 -24.59
CA UNK P 5 -16.55 44.03 -23.58
C UNK P 5 -16.99 44.53 -22.19
N UNK Q 1 -52.81 -1.07 -32.59
CA UNK Q 1 -51.60 -1.61 -33.20
C UNK Q 1 -50.98 -2.75 -32.34
N UNK Q 2 -51.68 -3.93 -32.27
CA UNK Q 2 -51.25 -5.10 -31.51
C UNK Q 2 -50.52 -6.10 -32.37
N UNK Q 3 -49.26 -6.39 -32.02
CA UNK Q 3 -48.45 -7.36 -32.74
C UNK Q 3 -48.46 -8.68 -31.99
N UNK Q 4 -48.42 -9.80 -32.73
CA UNK Q 4 -48.36 -11.14 -32.16
C UNK Q 4 -46.93 -11.45 -31.68
N UNK Q 5 -46.83 -12.08 -30.50
CA UNK Q 5 -45.58 -12.49 -29.87
C UNK Q 5 -45.71 -13.93 -29.35
N UNK R 1 1.40 -6.56 -64.18
CA UNK R 1 2.83 -6.59 -64.51
C UNK R 1 3.73 -6.39 -63.26
N UNK R 2 4.99 -6.92 -63.33
CA UNK R 2 6.00 -6.84 -62.28
C UNK R 2 6.58 -5.43 -62.11
N UNK R 3 6.59 -4.95 -60.87
CA UNK R 3 7.15 -3.64 -60.54
C UNK R 3 8.59 -3.80 -59.99
N UNK R 4 9.44 -2.81 -60.26
CA UNK R 4 10.82 -2.79 -59.81
C UNK R 4 10.90 -2.39 -58.34
N UNK R 5 11.82 -3.04 -57.60
CA UNK R 5 12.09 -2.76 -56.17
C UNK R 5 13.61 -2.57 -55.92
N UNK S 1 -51.85 20.34 25.73
CA UNK S 1 -52.79 20.82 24.72
C UNK S 1 -52.27 20.56 23.28
N UNK S 2 -53.21 20.49 22.29
CA UNK S 2 -52.90 20.25 20.87
C UNK S 2 -52.33 21.51 20.20
N UNK S 3 -51.15 21.36 19.60
CA UNK S 3 -50.51 22.44 18.89
C UNK S 3 -50.75 22.27 17.36
N UNK S 4 -50.83 23.39 16.63
CA UNK S 4 -50.97 23.35 15.17
C UNK S 4 -49.60 23.11 14.53
N UNK S 5 -49.56 22.25 13.49
CA UNK S 5 -48.35 21.93 12.74
C UNK S 5 -48.61 22.05 11.22
N UNK T 1 -2.64 53.63 23.81
CA UNK T 1 -1.39 54.34 24.09
C UNK T 1 -0.15 53.53 23.61
N UNK T 2 1.02 54.21 23.48
CA UNK T 2 2.28 53.59 23.04
C UNK T 2 2.93 52.79 24.16
N UNK T 3 3.13 51.49 23.92
CA UNK T 3 3.82 50.62 24.88
C UNK T 3 5.26 50.40 24.42
N UNK T 4 6.19 50.24 25.37
CA UNK T 4 7.59 49.99 25.08
C UNK T 4 7.80 48.50 24.72
N UNK T 5 8.66 48.24 23.73
CA UNK T 5 9.02 46.90 23.27
C UNK T 5 10.54 46.78 23.09
N UNK U 1 -5.48 8.14 61.97
CA UNK U 1 -5.97 7.13 62.92
C UNK U 1 -6.08 5.73 62.26
N UNK U 2 -6.14 4.64 63.09
CA UNK U 2 -6.25 3.25 62.64
C UNK U 2 -7.67 2.94 62.19
N UNK U 3 -7.81 2.52 60.93
CA UNK U 3 -9.09 2.10 60.40
C UNK U 3 -9.12 0.58 60.35
N UNK U 4 -10.30 -0.03 60.55
CA UNK U 4 -10.43 -1.47 60.49
C UNK U 4 -10.52 -1.95 59.03
N UNK U 5 -9.89 -3.09 58.74
CA UNK U 5 -9.86 -3.73 57.43
C UNK U 5 -10.11 -5.24 57.57
N UNK V 1 42.25 42.69 -13.61
CA UNK V 1 43.20 42.45 -14.71
C UNK V 1 42.57 42.78 -16.08
N UNK V 2 41.24 42.55 -16.18
CA UNK V 2 40.27 42.67 -17.30
C UNK V 2 40.41 41.59 -18.35
N UNK V 3 39.48 40.64 -18.33
CA UNK V 3 39.43 39.63 -19.37
C UNK V 3 38.24 39.96 -20.27
N UNK V 4 38.36 39.65 -21.57
CA UNK V 4 37.29 39.84 -22.52
C UNK V 4 36.27 38.71 -22.42
N UNK V 5 34.99 39.04 -22.53
CA UNK V 5 33.87 38.09 -22.51
C UNK V 5 32.86 38.44 -23.60
N UNK W 1 49.84 -17.72 -25.69
CA UNK W 1 49.64 -19.17 -25.70
C UNK W 1 48.32 -19.58 -25.02
N UNK W 2 47.79 -20.78 -25.39
CA UNK W 2 46.55 -21.36 -24.84
C UNK W 2 46.78 -21.89 -23.45
N UNK W 3 45.97 -21.41 -22.48
CA UNK W 3 46.04 -21.85 -21.09
C UNK W 3 45.08 -23.00 -20.82
N UNK W 4 45.47 -23.90 -19.91
CA UNK W 4 44.70 -25.06 -19.49
C UNK W 4 43.53 -24.65 -18.59
N UNK W 5 42.38 -25.29 -18.79
CA UNK W 5 41.16 -25.11 -18.03
C UNK W 5 40.54 -26.47 -17.70
N UNK X 1 52.28 2.24 31.08
CA UNK X 1 52.21 2.84 32.42
C UNK X 1 50.83 3.50 32.69
N UNK X 2 50.49 3.69 33.99
CA UNK X 2 49.24 4.28 34.44
C UNK X 2 49.20 5.79 34.23
N UNK X 3 48.18 6.25 33.51
CA UNK X 3 47.98 7.68 33.26
C UNK X 3 46.95 8.23 34.24
N UNK X 4 47.06 9.53 34.58
CA UNK X 4 46.11 10.20 35.46
C UNK X 4 44.81 10.52 34.71
N UNK X 5 43.66 10.32 35.40
CA UNK X 5 42.31 10.59 34.89
C UNK X 5 41.49 11.36 35.91
N UNK Y 1 -3.97 -46.43 21.60
CA UNK Y 1 -2.65 -46.87 21.14
C UNK Y 1 -2.78 -47.88 19.96
N UNK Y 2 -2.44 -47.40 18.74
CA UNK Y 2 -2.54 -48.14 17.47
C UNK Y 2 -1.25 -48.93 17.12
N UNK Y 3 -1.17 -49.44 15.85
CA UNK Y 3 -0.03 -50.21 15.33
C UNK Y 3 0.98 -49.29 14.65
N UNK Y 4 2.27 -49.49 15.00
CA UNK Y 4 3.43 -48.76 14.51
C UNK Y 4 3.91 -49.38 13.16
N UNK Y 5 3.51 -48.75 12.03
CA UNK Y 5 3.82 -49.18 10.65
C UNK Y 5 4.91 -48.29 9.99
N UNK Y 6 5.95 -48.92 9.43
CA UNK Y 6 7.02 -48.24 8.69
C UNK Y 6 6.56 -48.19 7.24
N UNK Y 7 6.04 -47.01 6.82
CA UNK Y 7 5.50 -46.70 5.48
C UNK Y 7 6.33 -47.39 4.34
#